data_9HHY
#
_entry.id   9HHY
#
_cell.length_a   93.785
_cell.length_b   115.550
_cell.length_c   195.241
_cell.angle_alpha   90.00
_cell.angle_beta   92.34
_cell.angle_gamma   90.00
#
_symmetry.space_group_name_H-M   'P 1 21 1'
#
loop_
_entity.id
_entity.type
_entity.pdbx_description
1 polymer '2-methylisocitrate lyase'
2 non-polymer 'ISOCITRIC ACID'
3 non-polymer 1,2-ETHANEDIOL
4 non-polymer 'MAGNESIUM ION'
5 non-polymer 'CHLORIDE ION'
6 non-polymer DI(HYDROXYETHYL)ETHER
7 non-polymer 'TRIETHYLENE GLYCOL'
8 water water
#
_entity_poly.entity_id   1
_entity_poly.type   'polypeptide(L)'
_entity_poly.pdbx_seq_one_letter_code
;MHHHHHHSSGVDLGTENLYFQSMSPGKLFRQAVANEHPLQIVGAINAYCALLAENVGFKAIYLSGGGVANTLGLPDLGIT
DLHDVLEDARRITAATHLPLLVDIDTGFGGAFTIARAIKEMERAQVAAVHMEDQVAQKRCGHRPGKELVNTNEMVDRIKA
AVDVKSNDFVLIARTDAYAVEGLKATIDRACTYVEAGADMIFAEALENINDYPTFCKAVKVPVLANMTEFGKTPLYTAAQ
LADHGVKMVLYPRSADRAMSKAALAVYEDIKKHGVQTASLPFMQTREALYEVLNYHAYEDKLNQLFKRKEDD
;
_entity_poly.pdbx_strand_id   A,B,C,D,E,F,G,H,I,J,K,L
#
loop_
_chem_comp.id
_chem_comp.type
_chem_comp.name
_chem_comp.formula
CL non-polymer 'CHLORIDE ION' 'Cl -1'
EDO non-polymer 1,2-ETHANEDIOL 'C2 H6 O2'
ICT non-polymer 'ISOCITRIC ACID' 'C6 H8 O7'
MG non-polymer 'MAGNESIUM ION' 'Mg 2'
PEG non-polymer DI(HYDROXYETHYL)ETHER 'C4 H10 O3'
PGE non-polymer 'TRIETHYLENE GLYCOL' 'C6 H14 O4'
#
# COMPACT_ATOMS: atom_id res chain seq x y z
N TYR A 19 1.65 65.66 -40.95
CA TYR A 19 0.44 65.02 -41.59
C TYR A 19 -0.66 64.82 -40.54
N PHE A 20 -1.84 65.39 -40.83
CA PHE A 20 -2.85 65.68 -39.81
C PHE A 20 -3.95 64.62 -39.79
N GLN A 21 -4.33 64.22 -38.56
CA GLN A 21 -5.07 63.01 -38.29
C GLN A 21 -6.42 63.25 -37.62
N SER A 22 -7.16 64.31 -37.96
CA SER A 22 -8.55 64.38 -37.55
C SER A 22 -9.47 63.58 -38.48
N MET A 23 -8.93 62.94 -39.52
CA MET A 23 -9.74 62.22 -40.50
C MET A 23 -9.77 60.73 -40.16
N SER A 24 -10.94 60.09 -40.37
CA SER A 24 -11.10 58.68 -40.12
C SER A 24 -10.29 57.84 -41.13
N PRO A 25 -9.87 56.59 -40.79
CA PRO A 25 -9.04 55.82 -41.71
C PRO A 25 -9.75 55.61 -43.06
N GLY A 26 -11.05 55.34 -43.01
CA GLY A 26 -11.86 55.17 -44.22
C GLY A 26 -11.81 56.40 -45.12
N LYS A 27 -11.87 57.58 -44.50
CA LYS A 27 -11.85 58.84 -45.23
C LYS A 27 -10.49 59.04 -45.89
N LEU A 28 -9.42 58.73 -45.14
CA LEU A 28 -8.06 58.86 -45.68
C LEU A 28 -7.91 57.96 -46.92
N PHE A 29 -8.54 56.79 -46.89
CA PHE A 29 -8.40 55.86 -48.00
C PHE A 29 -9.17 56.39 -49.21
N ARG A 30 -10.41 56.85 -48.99
CA ARG A 30 -11.24 57.40 -50.05
C ARG A 30 -10.55 58.60 -50.70
N GLN A 31 -9.87 59.41 -49.88
CA GLN A 31 -9.19 60.59 -50.34
C GLN A 31 -7.97 60.22 -51.17
N ALA A 32 -7.29 59.14 -50.77
CA ALA A 32 -6.12 58.68 -51.50
C ALA A 32 -6.54 58.13 -52.88
N VAL A 33 -7.67 57.42 -52.92
CA VAL A 33 -8.22 56.91 -54.17
C VAL A 33 -8.57 58.08 -55.10
N ALA A 34 -9.11 59.17 -54.54
CA ALA A 34 -9.58 60.27 -55.36
C ALA A 34 -8.42 61.12 -55.89
N ASN A 35 -7.41 61.38 -55.06
CA ASN A 35 -6.36 62.34 -55.35
C ASN A 35 -5.20 61.73 -56.13
N GLU A 36 -5.09 60.39 -56.12
CA GLU A 36 -4.01 59.73 -56.84
C GLU A 36 -4.55 59.19 -58.16
N HIS A 37 -3.66 59.03 -59.15
CA HIS A 37 -4.09 58.64 -60.47
C HIS A 37 -3.06 57.69 -61.10
N PRO A 38 -3.15 56.37 -60.84
CA PRO A 38 -4.07 55.80 -59.87
C PRO A 38 -3.38 55.63 -58.51
N LEU A 39 -4.15 55.22 -57.50
CA LEU A 39 -3.57 54.94 -56.18
C LEU A 39 -2.86 53.60 -56.22
N GLN A 40 -1.55 53.63 -55.98
CA GLN A 40 -0.78 52.41 -55.81
C GLN A 40 -0.89 51.97 -54.35
N ILE A 41 -1.37 50.74 -54.13
CA ILE A 41 -1.44 50.14 -52.79
C ILE A 41 -0.44 48.98 -52.72
N VAL A 42 0.57 49.12 -51.84
CA VAL A 42 1.61 48.10 -51.73
C VAL A 42 1.39 47.22 -50.50
N GLY A 43 1.59 45.91 -50.69
CA GLY A 43 1.53 44.96 -49.58
C GLY A 43 2.70 45.15 -48.61
N ALA A 44 2.39 44.99 -47.32
CA ALA A 44 3.38 44.93 -46.25
C ALA A 44 2.99 43.79 -45.32
N ILE A 45 3.94 42.92 -44.96
CA ILE A 45 3.59 41.75 -44.17
C ILE A 45 3.65 42.09 -42.68
N ASN A 46 4.40 43.15 -42.33
CA ASN A 46 4.58 43.53 -40.95
C ASN A 46 4.72 45.04 -40.84
N ALA A 47 4.77 45.54 -39.60
CA ALA A 47 4.79 46.98 -39.34
C ALA A 47 6.03 47.63 -39.94
N TYR A 48 7.18 46.95 -39.85
CA TYR A 48 8.41 47.55 -40.34
C TYR A 48 8.35 47.76 -41.85
N CYS A 49 7.77 46.80 -42.56
CA CYS A 49 7.60 46.95 -44.01
C CYS A 49 6.67 48.12 -44.31
N ALA A 50 5.62 48.26 -43.48
CA ALA A 50 4.70 49.36 -43.65
C ALA A 50 5.46 50.67 -43.49
N LEU A 51 6.45 50.70 -42.59
CA LEU A 51 7.20 51.92 -42.37
C LEU A 51 8.06 52.22 -43.59
N LEU A 52 8.67 51.18 -44.17
CA LEU A 52 9.48 51.33 -45.37
C LEU A 52 8.62 51.92 -46.49
N ALA A 53 7.43 51.36 -46.70
CA ALA A 53 6.52 51.83 -47.74
C ALA A 53 6.17 53.31 -47.52
N GLU A 54 5.93 53.68 -46.26
CA GLU A 54 5.55 55.04 -45.91
C GLU A 54 6.69 56.00 -46.26
N ASN A 55 7.91 55.59 -45.92
CA ASN A 55 9.13 56.34 -46.15
C ASN A 55 9.33 56.59 -47.65
N VAL A 56 8.91 55.63 -48.47
CA VAL A 56 9.11 55.71 -49.91
C VAL A 56 8.04 56.62 -50.52
N GLY A 57 6.90 56.78 -49.83
CA GLY A 57 5.93 57.79 -50.18
C GLY A 57 4.59 57.25 -50.68
N PHE A 58 4.31 55.97 -50.43
CA PHE A 58 3.02 55.41 -50.78
C PHE A 58 1.92 56.00 -49.90
N LYS A 59 0.70 56.02 -50.41
CA LYS A 59 -0.39 56.73 -49.76
C LYS A 59 -1.34 55.73 -49.12
N ALA A 60 -1.13 54.44 -49.40
CA ALA A 60 -1.97 53.37 -48.88
C ALA A 60 -1.20 52.05 -48.87
N ILE A 61 -1.50 51.19 -47.88
CA ILE A 61 -0.81 49.92 -47.73
C ILE A 61 -1.82 48.78 -47.63
N TYR A 62 -1.32 47.55 -47.72
CA TYR A 62 -2.18 46.38 -47.87
C TYR A 62 -1.67 45.21 -47.02
N LEU A 63 -2.61 44.54 -46.37
CA LEU A 63 -2.32 43.30 -45.67
C LEU A 63 -2.90 42.14 -46.46
N SER A 64 -1.99 41.33 -47.01
CA SER A 64 -2.36 40.22 -47.87
C SER A 64 -2.79 39.02 -47.03
N GLY A 65 -3.95 38.46 -47.37
CA GLY A 65 -4.43 37.26 -46.69
C GLY A 65 -3.51 36.08 -46.91
N GLY A 66 -3.04 35.92 -48.16
CA GLY A 66 -2.07 34.90 -48.50
C GLY A 66 -0.78 35.12 -47.72
N GLY A 67 -0.38 36.40 -47.59
CA GLY A 67 0.75 36.80 -46.79
C GLY A 67 0.59 36.38 -45.34
N VAL A 68 -0.62 36.56 -44.80
CA VAL A 68 -0.85 36.26 -43.41
C VAL A 68 -0.64 34.76 -43.19
N ALA A 69 -1.24 33.95 -44.06
CA ALA A 69 -1.12 32.50 -43.97
C ALA A 69 0.33 32.07 -44.20
N ASN A 70 0.91 32.52 -45.33
CA ASN A 70 2.24 32.07 -45.73
C ASN A 70 3.27 32.42 -44.65
N THR A 71 3.14 33.60 -44.02
CA THR A 71 4.10 34.02 -43.03
C THR A 71 4.05 33.12 -41.80
N LEU A 72 2.90 32.47 -41.57
CA LEU A 72 2.75 31.54 -40.47
C LEU A 72 3.23 30.16 -40.90
N GLY A 73 3.56 30.01 -42.19
CA GLY A 73 3.97 28.74 -42.75
C GLY A 73 2.76 27.89 -43.14
N LEU A 74 1.62 28.55 -43.41
CA LEU A 74 0.42 27.86 -43.82
C LEU A 74 0.08 28.21 -45.27
N PRO A 75 -0.56 27.29 -46.02
CA PRO A 75 -1.03 27.59 -47.38
C PRO A 75 -2.23 28.53 -47.37
N ASP A 76 -2.42 29.24 -48.49
CA ASP A 76 -3.50 30.20 -48.65
C ASP A 76 -4.79 29.46 -49.03
N LEU A 77 -5.38 28.80 -48.04
CA LEU A 77 -6.48 27.88 -48.29
C LEU A 77 -7.60 28.10 -47.27
N GLY A 78 -7.73 29.34 -46.77
CA GLY A 78 -8.83 29.71 -45.89
C GLY A 78 -8.76 29.03 -44.52
N ILE A 79 -7.56 28.60 -44.11
CA ILE A 79 -7.30 28.02 -42.80
C ILE A 79 -7.32 29.13 -41.76
N THR A 80 -6.79 30.31 -42.13
CA THR A 80 -6.69 31.45 -41.24
C THR A 80 -8.08 31.97 -40.88
N ASP A 81 -8.18 32.62 -39.72
CA ASP A 81 -9.43 33.13 -39.19
C ASP A 81 -9.29 34.63 -38.90
N LEU A 82 -10.36 35.24 -38.43
CA LEU A 82 -10.37 36.69 -38.17
C LEU A 82 -9.17 37.07 -37.32
N HIS A 83 -8.81 36.22 -36.33
CA HIS A 83 -7.78 36.60 -35.38
C HIS A 83 -6.39 36.62 -36.01
N ASP A 84 -6.13 35.70 -36.94
CA ASP A 84 -4.84 35.68 -37.61
C ASP A 84 -4.64 37.00 -38.33
N VAL A 85 -5.69 37.46 -39.02
CA VAL A 85 -5.60 38.66 -39.86
C VAL A 85 -5.61 39.89 -38.96
N LEU A 86 -6.50 39.88 -37.97
CA LEU A 86 -6.71 41.03 -37.10
C LEU A 86 -5.42 41.37 -36.36
N GLU A 87 -4.71 40.34 -35.88
CA GLU A 87 -3.49 40.52 -35.12
C GLU A 87 -2.42 41.20 -36.00
N ASP A 88 -2.30 40.75 -37.26
CA ASP A 88 -1.33 41.32 -38.18
C ASP A 88 -1.71 42.77 -38.49
N ALA A 89 -3.01 43.03 -38.68
CA ALA A 89 -3.47 44.36 -39.00
C ALA A 89 -3.20 45.32 -37.85
N ARG A 90 -3.48 44.89 -36.61
CA ARG A 90 -3.31 45.75 -35.45
C ARG A 90 -1.86 46.21 -35.35
N ARG A 91 -0.93 45.27 -35.54
CA ARG A 91 0.50 45.54 -35.44
C ARG A 91 0.88 46.65 -36.43
N ILE A 92 0.30 46.59 -37.63
CA ILE A 92 0.61 47.58 -38.66
C ILE A 92 0.01 48.94 -38.27
N THR A 93 -1.30 48.98 -38.00
CA THR A 93 -1.96 50.26 -37.75
C THR A 93 -1.41 50.93 -36.49
N ALA A 94 -0.77 50.18 -35.61
CA ALA A 94 -0.17 50.77 -34.42
C ALA A 94 1.04 51.63 -34.80
N ALA A 95 1.64 51.32 -35.96
CA ALA A 95 2.93 51.92 -36.30
C ALA A 95 2.78 53.04 -37.32
N THR A 96 1.61 53.13 -37.99
CA THR A 96 1.42 54.11 -39.05
C THR A 96 -0.07 54.42 -39.22
N HIS A 97 -0.38 55.69 -39.57
CA HIS A 97 -1.75 56.11 -39.85
C HIS A 97 -2.08 55.94 -41.33
N LEU A 98 -1.09 55.53 -42.12
CA LEU A 98 -1.27 55.31 -43.55
C LEU A 98 -2.43 54.34 -43.76
N PRO A 99 -3.47 54.70 -44.54
CA PRO A 99 -4.67 53.88 -44.63
C PRO A 99 -4.34 52.47 -45.08
N LEU A 100 -4.90 51.47 -44.41
CA LEU A 100 -4.56 50.07 -44.65
C LEU A 100 -5.78 49.34 -45.20
N LEU A 101 -5.54 48.61 -46.30
CA LEU A 101 -6.55 47.75 -46.90
C LEU A 101 -6.23 46.32 -46.45
N VAL A 102 -7.26 45.63 -45.93
CA VAL A 102 -7.05 44.32 -45.33
C VAL A 102 -7.90 43.30 -46.08
N ASP A 103 -7.23 42.19 -46.45
CA ASP A 103 -7.85 41.04 -47.08
C ASP A 103 -8.62 40.25 -46.01
N ILE A 104 -9.95 40.12 -46.17
CA ILE A 104 -10.73 39.32 -45.22
C ILE A 104 -11.37 38.13 -45.92
N ASP A 105 -10.77 37.68 -47.04
CA ASP A 105 -11.19 36.45 -47.70
C ASP A 105 -12.69 36.51 -47.99
N THR A 106 -13.43 35.56 -47.41
CA THR A 106 -14.85 35.43 -47.67
C THR A 106 -15.65 35.86 -46.44
N GLY A 107 -14.95 36.41 -45.43
CA GLY A 107 -15.60 36.95 -44.25
C GLY A 107 -15.55 36.03 -43.03
N PHE A 108 -14.89 34.88 -43.17
CA PHE A 108 -14.52 33.99 -42.08
C PHE A 108 -15.72 33.18 -41.57
N GLY A 109 -16.90 33.40 -42.13
CA GLY A 109 -18.07 32.61 -41.75
C GLY A 109 -19.37 33.24 -42.26
N GLY A 110 -20.45 33.00 -41.53
CA GLY A 110 -21.76 33.52 -41.87
C GLY A 110 -21.92 35.00 -41.56
N ALA A 111 -23.17 35.47 -41.66
CA ALA A 111 -23.51 36.87 -41.53
C ALA A 111 -22.98 37.45 -40.22
N PHE A 112 -22.97 36.65 -39.15
CA PHE A 112 -22.61 37.19 -37.85
C PHE A 112 -21.11 37.36 -37.73
N THR A 113 -20.37 36.40 -38.30
CA THR A 113 -18.92 36.45 -38.36
C THR A 113 -18.48 37.65 -39.18
N ILE A 114 -19.17 37.89 -40.31
CA ILE A 114 -18.84 38.99 -41.18
C ILE A 114 -19.00 40.31 -40.42
N ALA A 115 -20.12 40.42 -39.71
CA ALA A 115 -20.39 41.60 -38.90
C ALA A 115 -19.25 41.81 -37.89
N ARG A 116 -18.82 40.72 -37.25
CA ARG A 116 -17.75 40.79 -36.26
C ARG A 116 -16.45 41.24 -36.92
N ALA A 117 -16.18 40.67 -38.10
CA ALA A 117 -14.97 41.00 -38.84
C ALA A 117 -14.93 42.50 -39.12
N ILE A 118 -16.06 43.04 -39.59
CA ILE A 118 -16.13 44.45 -39.95
C ILE A 118 -15.89 45.30 -38.71
N LYS A 119 -16.61 44.99 -37.62
CA LYS A 119 -16.54 45.79 -36.40
C LYS A 119 -15.10 45.78 -35.87
N GLU A 120 -14.50 44.59 -35.88
CA GLU A 120 -13.18 44.41 -35.31
C GLU A 120 -12.12 45.13 -36.15
N MET A 121 -12.31 45.10 -37.47
CA MET A 121 -11.36 45.75 -38.36
C MET A 121 -11.42 47.26 -38.14
N GLU A 122 -12.65 47.78 -38.00
CA GLU A 122 -12.81 49.20 -37.71
C GLU A 122 -12.10 49.55 -36.40
N ARG A 123 -12.30 48.70 -35.38
CA ARG A 123 -11.72 48.94 -34.07
C ARG A 123 -10.19 48.90 -34.14
N ALA A 124 -9.66 48.18 -35.14
CA ALA A 124 -8.21 48.07 -35.28
C ALA A 124 -7.65 49.19 -36.15
N GLN A 125 -8.49 50.18 -36.48
CA GLN A 125 -8.06 51.41 -37.17
C GLN A 125 -7.72 51.12 -38.63
N VAL A 126 -8.34 50.07 -39.18
CA VAL A 126 -8.20 49.68 -40.57
C VAL A 126 -9.06 50.61 -41.43
N ALA A 127 -8.57 50.89 -42.65
CA ALA A 127 -9.23 51.83 -43.55
C ALA A 127 -10.27 51.15 -44.42
N ALA A 128 -9.97 49.92 -44.88
CA ALA A 128 -10.81 49.24 -45.86
C ALA A 128 -10.54 47.75 -45.83
N VAL A 129 -11.54 46.96 -46.24
CA VAL A 129 -11.37 45.53 -46.40
C VAL A 129 -11.85 45.12 -47.79
N HIS A 130 -11.40 43.94 -48.24
CA HIS A 130 -11.96 43.30 -49.41
C HIS A 130 -12.45 41.90 -49.07
N MET A 131 -13.66 41.63 -49.55
CA MET A 131 -14.36 40.38 -49.31
C MET A 131 -14.81 39.85 -50.68
N GLU A 132 -14.72 38.52 -50.88
CA GLU A 132 -14.82 37.94 -52.21
C GLU A 132 -15.96 36.91 -52.26
N ASP A 133 -16.29 36.46 -53.48
CA ASP A 133 -17.48 35.66 -53.75
C ASP A 133 -17.15 34.18 -53.93
N GLN A 134 -16.02 33.74 -53.38
CA GLN A 134 -15.69 32.32 -53.39
C GLN A 134 -16.46 31.60 -52.29
N VAL A 135 -16.41 30.26 -52.31
CA VAL A 135 -16.94 29.44 -51.23
C VAL A 135 -15.97 29.50 -50.05
N ALA A 136 -16.40 28.98 -48.90
CA ALA A 136 -15.65 29.04 -47.65
C ALA A 136 -14.19 28.60 -47.82
N GLN A 137 -13.97 27.39 -48.35
CA GLN A 137 -12.63 26.87 -48.52
C GLN A 137 -12.01 27.44 -49.80
N LYS A 138 -11.54 28.69 -49.70
CA LYS A 138 -11.12 29.52 -50.81
C LYS A 138 -9.67 29.24 -51.19
N ARG A 139 -9.22 29.84 -52.29
CA ARG A 139 -7.85 29.70 -52.78
C ARG A 139 -7.44 31.00 -53.46
N CYS A 140 -6.14 31.12 -53.73
CA CYS A 140 -5.53 32.18 -54.51
C CYS A 140 -6.35 32.42 -55.78
N GLY A 141 -6.57 33.70 -56.11
CA GLY A 141 -7.45 34.09 -57.21
C GLY A 141 -6.88 33.83 -58.60
N HIS A 142 -5.59 33.45 -58.67
CA HIS A 142 -4.87 33.21 -59.91
C HIS A 142 -4.59 31.71 -60.09
N ARG A 143 -5.16 30.88 -59.21
CA ARG A 143 -5.06 29.42 -59.29
C ARG A 143 -6.27 28.85 -60.01
N PRO A 144 -6.17 27.64 -60.63
CA PRO A 144 -7.35 26.95 -61.17
C PRO A 144 -8.13 26.19 -60.09
N GLY A 145 -9.43 25.95 -60.36
CA GLY A 145 -10.30 25.13 -59.53
C GLY A 145 -11.06 25.92 -58.45
N LYS A 146 -11.28 27.22 -58.71
CA LYS A 146 -11.98 28.11 -57.79
C LYS A 146 -13.48 27.82 -57.85
N GLU A 147 -14.15 27.91 -56.70
CA GLU A 147 -15.60 27.75 -56.68
C GLU A 147 -16.26 28.98 -56.09
N LEU A 148 -17.33 29.45 -56.74
CA LEU A 148 -18.01 30.68 -56.33
C LEU A 148 -19.34 30.36 -55.66
N VAL A 149 -19.79 31.27 -54.79
CA VAL A 149 -21.16 31.27 -54.31
C VAL A 149 -22.01 32.00 -55.36
N ASN A 150 -23.33 31.75 -55.37
CA ASN A 150 -24.18 32.43 -56.34
C ASN A 150 -24.28 33.91 -55.96
N THR A 151 -24.83 34.72 -56.87
CA THR A 151 -24.91 36.16 -56.66
C THR A 151 -25.64 36.49 -55.37
N ASN A 152 -26.67 35.70 -55.05
CA ASN A 152 -27.52 35.97 -53.88
C ASN A 152 -26.73 35.84 -52.59
N GLU A 153 -25.91 34.78 -52.49
CA GLU A 153 -25.15 34.48 -51.28
C GLU A 153 -24.12 35.59 -51.03
N MET A 154 -23.57 36.17 -52.10
CA MET A 154 -22.57 37.22 -51.97
C MET A 154 -23.25 38.51 -51.54
N VAL A 155 -24.46 38.75 -52.04
CA VAL A 155 -25.23 39.92 -51.66
C VAL A 155 -25.50 39.86 -50.15
N ASP A 156 -25.87 38.67 -49.67
CA ASP A 156 -26.02 38.39 -48.25
C ASP A 156 -24.77 38.78 -47.48
N ARG A 157 -23.60 38.37 -47.97
CA ARG A 157 -22.35 38.70 -47.32
C ARG A 157 -22.20 40.22 -47.23
N ILE A 158 -22.51 40.90 -48.35
CA ILE A 158 -22.30 42.33 -48.42
C ILE A 158 -23.25 43.04 -47.47
N LYS A 159 -24.50 42.54 -47.37
CA LYS A 159 -25.51 43.15 -46.51
C LYS A 159 -25.05 43.07 -45.07
N ALA A 160 -24.58 41.89 -44.65
CA ALA A 160 -24.09 41.66 -43.29
C ALA A 160 -22.99 42.67 -42.97
N ALA A 161 -22.13 42.96 -43.95
CA ALA A 161 -21.02 43.87 -43.71
C ALA A 161 -21.50 45.32 -43.66
N VAL A 162 -22.37 45.72 -44.60
CA VAL A 162 -22.72 47.13 -44.70
C VAL A 162 -23.62 47.53 -43.53
N ASP A 163 -24.42 46.57 -43.04
CA ASP A 163 -25.36 46.80 -41.95
C ASP A 163 -24.66 47.28 -40.69
N VAL A 164 -23.36 47.01 -40.54
CA VAL A 164 -22.69 47.32 -39.28
C VAL A 164 -21.54 48.28 -39.52
N LYS A 165 -21.22 48.60 -40.77
CA LYS A 165 -20.03 49.40 -40.99
C LYS A 165 -20.37 50.89 -40.89
N SER A 166 -19.38 51.69 -40.45
CA SER A 166 -19.47 53.14 -40.52
C SER A 166 -19.50 53.59 -41.97
N ASN A 167 -19.80 54.88 -42.18
CA ASN A 167 -19.98 55.41 -43.52
C ASN A 167 -18.62 55.46 -44.24
N ASP A 168 -17.61 56.01 -43.54
CA ASP A 168 -16.31 56.30 -44.12
C ASP A 168 -15.57 55.01 -44.47
N PHE A 169 -15.83 53.94 -43.70
CA PHE A 169 -15.10 52.69 -43.85
C PHE A 169 -15.42 52.07 -45.21
N VAL A 170 -14.38 51.60 -45.89
CA VAL A 170 -14.51 51.18 -47.29
C VAL A 170 -14.63 49.66 -47.39
N LEU A 171 -15.76 49.20 -47.94
CA LEU A 171 -15.96 47.79 -48.27
C LEU A 171 -15.73 47.59 -49.77
N ILE A 172 -14.68 46.85 -50.10
CA ILE A 172 -14.37 46.51 -51.49
C ILE A 172 -14.86 45.09 -51.76
N ALA A 173 -15.88 44.95 -52.62
CA ALA A 173 -16.32 43.62 -53.03
C ALA A 173 -15.41 43.11 -54.15
N ARG A 174 -14.89 41.90 -53.94
CA ARG A 174 -13.99 41.26 -54.88
C ARG A 174 -14.74 40.14 -55.60
N THR A 175 -14.64 40.13 -56.93
CA THR A 175 -15.23 39.03 -57.68
C THR A 175 -14.13 38.21 -58.37
N ASP A 176 -14.24 36.90 -58.20
CA ASP A 176 -13.27 35.94 -58.68
C ASP A 176 -13.90 35.17 -59.86
N ALA A 177 -14.81 35.84 -60.57
CA ALA A 177 -15.78 35.16 -61.43
C ALA A 177 -15.32 35.09 -62.88
N TYR A 178 -14.38 35.96 -63.27
CA TYR A 178 -13.95 36.08 -64.65
C TYR A 178 -13.49 34.74 -65.23
N ALA A 179 -12.60 34.06 -64.51
CA ALA A 179 -11.97 32.83 -64.97
C ALA A 179 -12.98 31.68 -65.05
N VAL A 180 -14.14 31.82 -64.40
CA VAL A 180 -15.07 30.71 -64.28
C VAL A 180 -16.30 30.95 -65.17
N GLU A 181 -16.75 32.21 -65.27
CA GLU A 181 -18.07 32.52 -65.82
C GLU A 181 -17.97 33.55 -66.94
N GLY A 182 -16.80 34.17 -67.07
CA GLY A 182 -16.53 35.09 -68.16
C GLY A 182 -16.98 36.52 -67.87
N LEU A 183 -16.51 37.44 -68.71
CA LEU A 183 -16.54 38.87 -68.47
C LEU A 183 -17.95 39.38 -68.20
N LYS A 184 -18.92 38.93 -69.02
CA LYS A 184 -20.26 39.49 -68.95
C LYS A 184 -20.88 39.17 -67.61
N ALA A 185 -20.78 37.89 -67.17
CA ALA A 185 -21.37 37.42 -65.94
C ALA A 185 -20.71 38.07 -64.73
N THR A 186 -19.41 38.41 -64.88
CA THR A 186 -18.60 39.03 -63.85
C THR A 186 -19.06 40.48 -63.63
N ILE A 187 -19.36 41.18 -64.74
CA ILE A 187 -19.82 42.56 -64.67
C ILE A 187 -21.19 42.60 -63.99
N ASP A 188 -22.00 41.57 -64.26
CA ASP A 188 -23.34 41.49 -63.71
C ASP A 188 -23.25 41.40 -62.18
N ARG A 189 -22.43 40.46 -61.72
CA ARG A 189 -22.14 40.26 -60.31
C ARG A 189 -21.68 41.58 -59.67
N ALA A 190 -20.65 42.20 -60.25
CA ALA A 190 -20.07 43.41 -59.69
C ALA A 190 -21.14 44.49 -59.51
N CYS A 191 -22.07 44.54 -60.45
CA CYS A 191 -23.07 45.61 -60.46
C CYS A 191 -24.10 45.38 -59.36
N THR A 192 -24.54 44.13 -59.22
CA THR A 192 -25.39 43.70 -58.12
C THR A 192 -24.69 44.00 -56.78
N TYR A 193 -23.36 43.78 -56.72
CA TYR A 193 -22.60 43.95 -55.50
C TYR A 193 -22.58 45.43 -55.08
N VAL A 194 -22.42 46.32 -56.08
CA VAL A 194 -22.40 47.75 -55.81
C VAL A 194 -23.79 48.15 -55.30
N GLU A 195 -24.81 47.55 -55.89
CA GLU A 195 -26.20 47.81 -55.56
C GLU A 195 -26.45 47.42 -54.11
N ALA A 196 -25.85 46.30 -53.68
CA ALA A 196 -26.06 45.76 -52.35
C ALA A 196 -25.32 46.58 -51.28
N GLY A 197 -24.38 47.45 -51.70
CA GLY A 197 -23.77 48.39 -50.77
C GLY A 197 -22.24 48.49 -50.87
N ALA A 198 -21.62 47.70 -51.77
CA ALA A 198 -20.17 47.75 -51.93
C ALA A 198 -19.73 49.15 -52.35
N ASP A 199 -18.61 49.62 -51.80
CA ASP A 199 -18.12 50.96 -52.07
C ASP A 199 -17.23 50.98 -53.32
N MET A 200 -16.46 49.90 -53.49
CA MET A 200 -15.48 49.78 -54.57
C MET A 200 -15.44 48.31 -55.02
N ILE A 201 -14.82 48.05 -56.18
CA ILE A 201 -14.77 46.70 -56.73
C ILE A 201 -13.34 46.26 -57.02
N PHE A 202 -13.06 45.01 -56.65
CA PHE A 202 -11.79 44.35 -56.87
C PHE A 202 -12.02 43.31 -57.98
N ALA A 203 -11.55 43.66 -59.18
CA ALA A 203 -11.70 42.82 -60.36
C ALA A 203 -10.52 41.87 -60.47
N GLU A 204 -10.73 40.65 -59.93
CA GLU A 204 -9.61 39.72 -59.75
C GLU A 204 -9.29 39.03 -61.07
N ALA A 205 -8.00 39.13 -61.46
CA ALA A 205 -7.40 38.27 -62.47
C ALA A 205 -8.03 38.46 -63.84
N LEU A 206 -8.34 39.72 -64.20
CA LEU A 206 -8.58 40.06 -65.59
C LEU A 206 -7.26 39.92 -66.33
N GLU A 207 -7.28 39.10 -67.39
CA GLU A 207 -6.10 38.65 -68.09
C GLU A 207 -5.66 39.64 -69.16
N ASN A 208 -6.57 40.55 -69.55
CA ASN A 208 -6.30 41.46 -70.64
C ASN A 208 -6.73 42.86 -70.28
N ILE A 209 -5.84 43.84 -70.53
CA ILE A 209 -6.09 45.21 -70.14
C ILE A 209 -7.30 45.80 -70.87
N ASN A 210 -7.77 45.12 -71.91
CA ASN A 210 -8.86 45.67 -72.72
C ASN A 210 -10.20 45.36 -72.05
N ASP A 211 -10.17 44.49 -71.04
CA ASP A 211 -11.35 44.15 -70.26
C ASP A 211 -11.75 45.33 -69.34
N TYR A 212 -10.75 46.12 -68.89
CA TYR A 212 -10.97 47.06 -67.80
C TYR A 212 -11.92 48.18 -68.19
N PRO A 213 -11.75 48.87 -69.34
CA PRO A 213 -12.56 50.06 -69.65
C PRO A 213 -14.06 49.79 -69.66
N THR A 214 -14.44 48.58 -70.12
CA THR A 214 -15.84 48.17 -70.16
C THR A 214 -16.32 47.80 -68.76
N PHE A 215 -15.42 47.19 -67.96
CA PHE A 215 -15.74 46.79 -66.60
C PHE A 215 -15.92 48.06 -65.73
N CYS A 216 -14.97 48.99 -65.83
CA CYS A 216 -14.96 50.19 -65.02
C CYS A 216 -16.16 51.08 -65.31
N LYS A 217 -16.57 51.14 -66.58
CA LYS A 217 -17.68 51.99 -67.00
C LYS A 217 -18.99 51.43 -66.44
N ALA A 218 -19.13 50.09 -66.46
CA ALA A 218 -20.34 49.41 -66.04
C ALA A 218 -20.56 49.51 -64.52
N VAL A 219 -19.49 49.43 -63.73
CA VAL A 219 -19.66 49.30 -62.29
C VAL A 219 -19.64 50.70 -61.63
N LYS A 220 -19.03 51.69 -62.30
CA LYS A 220 -19.11 53.09 -61.92
C LYS A 220 -18.22 53.44 -60.72
N VAL A 221 -18.25 52.60 -59.68
CA VAL A 221 -17.45 52.83 -58.47
C VAL A 221 -15.98 52.56 -58.78
N PRO A 222 -15.02 53.10 -57.99
CA PRO A 222 -13.60 52.83 -58.20
C PRO A 222 -13.26 51.34 -58.28
N VAL A 223 -12.35 51.00 -59.19
CA VAL A 223 -11.98 49.62 -59.44
C VAL A 223 -10.51 49.42 -59.11
N LEU A 224 -10.23 48.28 -58.47
CA LEU A 224 -8.87 47.88 -58.13
C LEU A 224 -8.41 46.80 -59.10
N ALA A 225 -7.20 46.96 -59.62
CA ALA A 225 -6.57 45.92 -60.42
C ALA A 225 -5.43 45.32 -59.61
N ASN A 226 -5.35 43.98 -59.64
CA ASN A 226 -4.43 43.23 -58.82
C ASN A 226 -3.22 42.81 -59.68
N MET A 227 -2.13 43.57 -59.56
CA MET A 227 -0.90 43.34 -60.30
C MET A 227 0.02 42.42 -59.49
N THR A 228 -0.41 41.17 -59.31
CA THR A 228 0.43 40.19 -58.64
C THR A 228 1.29 39.48 -59.67
N GLU A 229 2.50 39.08 -59.27
CA GLU A 229 3.45 38.39 -60.13
C GLU A 229 3.12 36.90 -60.18
N PHE A 230 3.60 36.23 -61.24
CA PHE A 230 3.53 34.78 -61.36
C PHE A 230 2.09 34.31 -61.25
N GLY A 231 1.17 35.09 -61.82
CA GLY A 231 -0.23 34.71 -61.89
C GLY A 231 -0.69 34.66 -63.36
N LYS A 232 -1.97 34.99 -63.57
CA LYS A 232 -2.58 34.88 -64.89
C LYS A 232 -2.59 36.25 -65.57
N THR A 233 -2.02 37.26 -64.89
CA THR A 233 -2.07 38.61 -65.43
C THR A 233 -0.68 39.06 -65.87
N PRO A 234 -0.57 39.75 -67.02
CA PRO A 234 0.65 40.49 -67.35
C PRO A 234 0.78 41.66 -66.39
N LEU A 235 2.02 42.12 -66.20
CA LEU A 235 2.28 43.29 -65.38
C LEU A 235 2.21 44.54 -66.24
N TYR A 236 1.05 45.19 -66.24
CA TYR A 236 0.91 46.53 -66.84
C TYR A 236 1.40 47.61 -65.87
N THR A 237 1.57 48.83 -66.38
CA THR A 237 2.00 49.96 -65.56
C THR A 237 0.78 50.63 -64.93
N ALA A 238 1.06 51.47 -63.92
CA ALA A 238 0.03 52.24 -63.24
C ALA A 238 -0.68 53.12 -64.26
N ALA A 239 0.13 53.84 -65.05
CA ALA A 239 -0.36 54.75 -66.08
C ALA A 239 -1.31 54.03 -67.05
N GLN A 240 -0.89 52.86 -67.53
CA GLN A 240 -1.67 52.08 -68.47
C GLN A 240 -3.02 51.75 -67.85
N LEU A 241 -2.98 51.28 -66.59
CA LEU A 241 -4.18 50.81 -65.93
C LEU A 241 -5.13 51.98 -65.66
N ALA A 242 -4.55 53.15 -65.33
CA ALA A 242 -5.32 54.35 -65.14
C ALA A 242 -6.06 54.73 -66.43
N ASP A 243 -5.34 54.65 -67.57
CA ASP A 243 -5.88 55.00 -68.88
C ASP A 243 -7.04 54.08 -69.26
N HIS A 244 -7.08 52.89 -68.66
CA HIS A 244 -8.13 51.91 -68.95
C HIS A 244 -9.24 51.95 -67.91
N GLY A 245 -9.17 52.96 -67.02
CA GLY A 245 -10.27 53.33 -66.13
C GLY A 245 -10.12 52.80 -64.69
N VAL A 246 -8.95 52.24 -64.38
CA VAL A 246 -8.68 51.64 -63.09
C VAL A 246 -8.25 52.74 -62.11
N LYS A 247 -8.72 52.68 -60.86
CA LYS A 247 -8.48 53.71 -59.86
C LYS A 247 -7.47 53.28 -58.79
N MET A 248 -7.36 51.96 -58.55
CA MET A 248 -6.39 51.44 -57.60
C MET A 248 -5.59 50.30 -58.23
N VAL A 249 -4.28 50.31 -57.95
CA VAL A 249 -3.42 49.21 -58.39
C VAL A 249 -2.75 48.59 -57.17
N LEU A 250 -2.93 47.27 -57.01
CA LEU A 250 -2.47 46.53 -55.85
C LEU A 250 -1.21 45.75 -56.19
N TYR A 251 -0.23 45.81 -55.29
CA TYR A 251 1.03 45.06 -55.38
C TYR A 251 1.10 44.16 -54.15
N PRO A 252 0.32 43.07 -54.12
CA PRO A 252 0.04 42.34 -52.87
C PRO A 252 1.23 41.69 -52.17
N ARG A 253 2.18 41.13 -52.93
CA ARG A 253 3.21 40.31 -52.30
C ARG A 253 4.60 40.71 -52.77
N SER A 254 4.69 41.77 -53.58
CA SER A 254 5.91 42.08 -54.32
C SER A 254 7.13 42.14 -53.38
N ALA A 255 7.03 42.90 -52.30
CA ALA A 255 8.14 43.07 -51.38
C ALA A 255 8.46 41.74 -50.68
N ASP A 256 7.40 41.04 -50.29
CA ASP A 256 7.53 39.80 -49.53
C ASP A 256 8.37 38.79 -50.33
N ARG A 257 8.11 38.70 -51.63
CA ARG A 257 8.79 37.76 -52.51
C ARG A 257 10.28 38.06 -52.57
N ALA A 258 10.62 39.34 -52.63
CA ALA A 258 12.01 39.76 -52.65
C ALA A 258 12.67 39.47 -51.30
N MET A 259 11.91 39.72 -50.21
CA MET A 259 12.39 39.47 -48.87
C MET A 259 12.78 38.01 -48.70
N SER A 260 11.94 37.11 -49.21
CA SER A 260 12.16 35.69 -49.02
C SER A 260 13.44 35.24 -49.74
N LYS A 261 13.60 35.69 -51.00
CA LYS A 261 14.80 35.38 -51.75
C LYS A 261 16.04 35.86 -51.01
N ALA A 262 16.00 37.10 -50.52
CA ALA A 262 17.13 37.70 -49.81
C ALA A 262 17.49 36.89 -48.58
N ALA A 263 16.45 36.47 -47.83
CA ALA A 263 16.64 35.73 -46.60
C ALA A 263 17.28 34.37 -46.89
N LEU A 264 16.74 33.67 -47.88
CA LEU A 264 17.24 32.36 -48.26
C LEU A 264 18.73 32.47 -48.62
N ALA A 265 19.07 33.51 -49.36
CA ALA A 265 20.44 33.73 -49.80
C ALA A 265 21.39 33.92 -48.60
N VAL A 266 20.96 34.72 -47.62
CA VAL A 266 21.76 34.91 -46.42
C VAL A 266 21.99 33.56 -45.74
N TYR A 267 20.94 32.74 -45.68
CA TYR A 267 21.03 31.48 -44.96
C TYR A 267 21.99 30.54 -45.69
N GLU A 268 21.88 30.48 -47.02
CA GLU A 268 22.78 29.68 -47.84
C GLU A 268 24.21 30.12 -47.62
N ASP A 269 24.43 31.45 -47.63
CA ASP A 269 25.75 32.04 -47.46
C ASP A 269 26.37 31.57 -46.14
N ILE A 270 25.62 31.71 -45.03
CA ILE A 270 26.08 31.35 -43.70
C ILE A 270 26.38 29.84 -43.64
N LYS A 271 25.57 29.04 -44.35
CA LYS A 271 25.70 27.60 -44.31
C LYS A 271 26.97 27.17 -45.03
N LYS A 272 27.19 27.74 -46.22
CA LYS A 272 28.27 27.33 -47.10
C LYS A 272 29.62 27.84 -46.59
N HIS A 273 29.67 29.10 -46.15
CA HIS A 273 30.94 29.77 -45.94
C HIS A 273 31.29 29.90 -44.45
N GLY A 274 30.37 29.51 -43.55
CA GLY A 274 30.61 29.59 -42.11
C GLY A 274 30.69 31.01 -41.56
N VAL A 275 30.23 31.99 -42.37
CA VAL A 275 30.30 33.41 -42.05
C VAL A 275 29.47 34.18 -43.08
N GLN A 276 29.05 35.40 -42.73
CA GLN A 276 28.07 36.13 -43.53
C GLN A 276 28.69 37.25 -44.35
N THR A 277 30.04 37.23 -44.49
CA THR A 277 30.77 38.31 -45.12
C THR A 277 30.16 38.63 -46.50
N ALA A 278 29.91 37.59 -47.29
CA ALA A 278 29.43 37.75 -48.65
C ALA A 278 28.06 38.43 -48.68
N SER A 279 27.32 38.36 -47.58
CA SER A 279 25.96 38.88 -47.51
C SER A 279 25.94 40.36 -47.13
N LEU A 280 27.00 40.85 -46.47
CA LEU A 280 27.03 42.20 -45.93
C LEU A 280 26.51 43.23 -46.94
N PRO A 281 26.96 43.24 -48.21
CA PRO A 281 26.51 44.24 -49.17
C PRO A 281 25.01 44.22 -49.44
N PHE A 282 24.36 43.12 -49.05
CA PHE A 282 22.95 42.92 -49.35
C PHE A 282 22.07 43.22 -48.14
N MET A 283 22.68 43.75 -47.07
CA MET A 283 22.00 44.04 -45.83
C MET A 283 21.76 45.54 -45.69
N GLN A 284 20.56 45.92 -45.22
CA GLN A 284 20.32 47.29 -44.78
C GLN A 284 21.24 47.59 -43.60
N THR A 285 21.79 48.80 -43.55
CA THR A 285 22.74 49.12 -42.50
C THR A 285 22.01 49.41 -41.20
N ARG A 286 22.74 49.21 -40.08
CA ARG A 286 22.26 49.54 -38.76
C ARG A 286 21.70 50.97 -38.73
N GLU A 287 22.39 51.89 -39.42
CA GLU A 287 22.07 53.30 -39.33
C GLU A 287 20.78 53.58 -40.09
N ALA A 288 20.57 52.91 -41.23
CA ALA A 288 19.36 53.09 -42.00
C ALA A 288 18.15 52.57 -41.22
N LEU A 289 18.37 51.45 -40.51
CA LEU A 289 17.36 50.85 -39.64
C LEU A 289 16.99 51.84 -38.55
N TYR A 290 18.01 52.39 -37.87
CA TYR A 290 17.81 53.40 -36.84
C TYR A 290 17.02 54.58 -37.39
N GLU A 291 17.30 54.96 -38.64
CA GLU A 291 16.61 56.07 -39.27
C GLU A 291 15.13 55.77 -39.40
N VAL A 292 14.78 54.58 -39.89
CA VAL A 292 13.38 54.25 -40.11
C VAL A 292 12.62 54.21 -38.79
N LEU A 293 13.30 53.79 -37.70
CA LEU A 293 12.66 53.57 -36.41
C LEU A 293 12.64 54.85 -35.57
N ASN A 294 13.50 55.83 -35.90
CA ASN A 294 13.74 57.00 -35.07
C ASN A 294 14.50 56.60 -33.80
N TYR A 295 15.36 55.58 -33.91
CA TYR A 295 15.99 54.95 -32.76
C TYR A 295 16.77 55.95 -31.93
N HIS A 296 17.49 56.88 -32.59
CA HIS A 296 18.39 57.77 -31.89
C HIS A 296 17.64 58.69 -30.93
N ALA A 297 16.45 59.18 -31.34
CA ALA A 297 15.62 60.04 -30.52
C ALA A 297 15.27 59.38 -29.18
N TYR A 298 15.18 58.04 -29.19
CA TYR A 298 14.80 57.31 -27.99
C TYR A 298 16.03 57.05 -27.10
N GLU A 299 17.14 56.61 -27.70
CA GLU A 299 18.31 56.22 -26.92
C GLU A 299 18.97 57.46 -26.31
N ASP A 300 18.81 58.61 -26.97
CA ASP A 300 19.35 59.88 -26.48
C ASP A 300 18.60 60.29 -25.22
N LYS A 301 17.26 60.17 -25.25
CA LYS A 301 16.39 60.48 -24.12
C LYS A 301 16.71 59.55 -22.94
N LEU A 302 17.18 58.32 -23.26
CA LEU A 302 17.47 57.29 -22.28
C LEU A 302 18.79 57.58 -21.56
N ASN A 303 19.75 58.20 -22.26
CA ASN A 303 21.04 58.56 -21.70
C ASN A 303 20.93 59.80 -20.83
N GLN A 304 19.99 60.70 -21.17
CA GLN A 304 19.72 61.91 -20.39
C GLN A 304 19.02 61.56 -19.07
N LEU A 305 18.28 60.45 -19.06
CA LEU A 305 17.60 59.94 -17.87
C LEU A 305 18.59 59.23 -16.94
N PHE A 306 19.61 58.58 -17.51
CA PHE A 306 20.62 57.85 -16.77
C PHE A 306 21.69 58.79 -16.20
N LYS A 307 21.73 60.04 -16.68
CA LYS A 307 22.71 61.05 -16.30
C LYS A 307 22.25 61.85 -15.07
N ARG A 308 21.19 61.37 -14.40
CA ARG A 308 20.80 61.84 -13.08
C ARG A 308 21.06 60.76 -12.02
N LYS A 309 20.60 59.52 -12.29
CA LYS A 309 20.73 58.40 -11.37
C LYS A 309 22.20 58.02 -11.22
N GLN B 21 -23.66 58.15 -30.46
CA GLN B 21 -22.64 57.20 -30.99
C GLN B 21 -21.33 57.92 -31.34
N SER B 22 -21.43 59.07 -32.02
CA SER B 22 -20.28 59.77 -32.57
C SER B 22 -19.52 60.60 -31.53
N MET B 23 -19.84 60.40 -30.24
CA MET B 23 -19.05 60.92 -29.14
C MET B 23 -17.98 59.93 -28.67
N SER B 24 -16.77 60.46 -28.42
CA SER B 24 -15.60 59.63 -28.11
C SER B 24 -15.75 58.97 -26.74
N PRO B 25 -15.09 57.82 -26.48
CA PRO B 25 -15.23 57.16 -25.17
C PRO B 25 -14.85 58.09 -24.02
N GLY B 26 -13.76 58.86 -24.19
CA GLY B 26 -13.32 59.83 -23.21
C GLY B 26 -14.40 60.85 -22.87
N LYS B 27 -15.10 61.32 -23.91
CA LYS B 27 -16.15 62.32 -23.76
C LYS B 27 -17.32 61.72 -23.00
N LEU B 28 -17.69 60.47 -23.33
CA LEU B 28 -18.78 59.79 -22.65
C LEU B 28 -18.46 59.67 -21.16
N PHE B 29 -17.19 59.44 -20.82
CA PHE B 29 -16.82 59.27 -19.43
C PHE B 29 -16.91 60.62 -18.70
N ARG B 30 -16.37 61.67 -19.33
CA ARG B 30 -16.40 63.01 -18.75
C ARG B 30 -17.86 63.45 -18.52
N GLN B 31 -18.74 63.09 -19.46
CA GLN B 31 -20.14 63.47 -19.40
C GLN B 31 -20.84 62.70 -18.28
N ALA B 32 -20.44 61.44 -18.07
CA ALA B 32 -21.03 60.64 -17.00
C ALA B 32 -20.60 61.19 -15.64
N VAL B 33 -19.35 61.61 -15.53
CA VAL B 33 -18.85 62.24 -14.31
C VAL B 33 -19.63 63.52 -14.02
N ALA B 34 -19.96 64.30 -15.05
CA ALA B 34 -20.59 65.59 -14.85
C ALA B 34 -22.08 65.45 -14.50
N ASN B 35 -22.78 64.51 -15.15
CA ASN B 35 -24.24 64.42 -15.07
C ASN B 35 -24.69 63.56 -13.89
N GLU B 36 -23.80 62.72 -13.35
CA GLU B 36 -24.17 61.86 -12.24
C GLU B 36 -23.66 62.47 -10.95
N HIS B 37 -24.31 62.12 -9.83
CA HIS B 37 -23.94 62.74 -8.57
C HIS B 37 -24.08 61.72 -7.43
N PRO B 38 -23.05 60.87 -7.19
CA PRO B 38 -21.83 60.85 -7.99
C PRO B 38 -21.94 59.73 -9.03
N LEU B 39 -20.94 59.65 -9.92
CA LEU B 39 -20.89 58.54 -10.86
C LEU B 39 -20.39 57.29 -10.14
N GLN B 40 -21.24 56.26 -10.11
CA GLN B 40 -20.84 54.95 -9.63
C GLN B 40 -20.19 54.19 -10.79
N ILE B 41 -18.94 53.75 -10.57
CA ILE B 41 -18.20 52.94 -11.54
C ILE B 41 -18.03 51.54 -10.96
N VAL B 42 -18.63 50.53 -11.61
CA VAL B 42 -18.58 49.16 -11.11
C VAL B 42 -17.59 48.32 -11.91
N GLY B 43 -16.81 47.51 -11.19
CA GLY B 43 -15.89 46.56 -11.81
C GLY B 43 -16.63 45.44 -12.54
N ALA B 44 -16.08 45.04 -13.69
CA ALA B 44 -16.54 43.88 -14.44
C ALA B 44 -15.29 43.13 -14.92
N ILE B 45 -15.25 41.81 -14.75
CA ILE B 45 -14.05 41.07 -15.08
C ILE B 45 -14.09 40.63 -16.53
N ASN B 46 -15.30 40.59 -17.12
CA ASN B 46 -15.44 40.11 -18.49
C ASN B 46 -16.59 40.85 -19.17
N ALA B 47 -16.77 40.61 -20.47
CA ALA B 47 -17.74 41.33 -21.28
C ALA B 47 -19.17 41.07 -20.76
N TYR B 48 -19.45 39.83 -20.38
CA TYR B 48 -20.80 39.50 -19.95
C TYR B 48 -21.17 40.27 -18.68
N CYS B 49 -20.22 40.39 -17.75
CA CYS B 49 -20.45 41.16 -16.54
C CYS B 49 -20.70 42.63 -16.90
N ALA B 50 -19.95 43.14 -17.88
CA ALA B 50 -20.14 44.49 -18.33
C ALA B 50 -21.56 44.66 -18.85
N LEU B 51 -22.09 43.62 -19.50
CA LEU B 51 -23.45 43.69 -20.04
C LEU B 51 -24.45 43.73 -18.90
N LEU B 52 -24.22 42.91 -17.87
CA LEU B 52 -25.08 42.89 -16.70
C LEU B 52 -25.13 44.28 -16.07
N ALA B 53 -23.96 44.90 -15.89
CA ALA B 53 -23.88 46.23 -15.29
C ALA B 53 -24.66 47.24 -16.11
N GLU B 54 -24.55 47.13 -17.45
CA GLU B 54 -25.22 48.05 -18.35
C GLU B 54 -26.73 47.91 -18.20
N ASN B 55 -27.20 46.67 -18.12
CA ASN B 55 -28.60 46.30 -17.99
C ASN B 55 -29.17 46.88 -16.69
N VAL B 56 -28.34 46.96 -15.65
CA VAL B 56 -28.78 47.42 -14.34
C VAL B 56 -28.83 48.96 -14.35
N GLY B 57 -28.06 49.59 -15.23
CA GLY B 57 -28.23 51.01 -15.49
C GLY B 57 -27.01 51.87 -15.15
N PHE B 58 -25.85 51.24 -14.88
CA PHE B 58 -24.67 52.00 -14.57
C PHE B 58 -24.17 52.76 -15.81
N LYS B 59 -23.47 53.87 -15.59
CA LYS B 59 -23.11 54.75 -16.66
C LYS B 59 -21.63 54.60 -17.01
N ALA B 60 -20.89 53.86 -16.16
CA ALA B 60 -19.47 53.60 -16.39
C ALA B 60 -19.06 52.26 -15.78
N ILE B 61 -18.07 51.60 -16.38
CA ILE B 61 -17.58 50.33 -15.88
C ILE B 61 -16.07 50.37 -15.71
N TYR B 62 -15.52 49.35 -15.05
CA TYR B 62 -14.14 49.35 -14.62
C TYR B 62 -13.50 47.98 -14.82
N LEU B 63 -12.25 48.01 -15.32
CA LEU B 63 -11.44 46.82 -15.39
C LEU B 63 -10.36 46.87 -14.32
N SER B 64 -10.49 45.98 -13.34
CA SER B 64 -9.60 45.94 -12.18
C SER B 64 -8.31 45.21 -12.55
N GLY B 65 -7.18 45.84 -12.25
CA GLY B 65 -5.86 45.25 -12.44
C GLY B 65 -5.71 43.95 -11.65
N GLY B 66 -6.13 44.02 -10.38
CA GLY B 66 -6.13 42.86 -9.51
C GLY B 66 -7.03 41.77 -10.06
N GLY B 67 -8.19 42.19 -10.59
CA GLY B 67 -9.12 41.31 -11.26
C GLY B 67 -8.47 40.59 -12.44
N VAL B 68 -7.66 41.35 -13.21
CA VAL B 68 -7.06 40.76 -14.39
C VAL B 68 -6.12 39.65 -13.96
N ALA B 69 -5.27 39.95 -12.96
CA ALA B 69 -4.32 38.98 -12.46
C ALA B 69 -5.06 37.80 -11.81
N ASN B 70 -5.96 38.10 -10.86
CA ASN B 70 -6.62 37.07 -10.08
C ASN B 70 -7.40 36.12 -11.00
N THR B 71 -8.03 36.64 -12.05
CA THR B 71 -8.83 35.80 -12.93
C THR B 71 -7.93 34.79 -13.67
N LEU B 72 -6.65 35.15 -13.83
CA LEU B 72 -5.70 34.26 -14.49
C LEU B 72 -5.09 33.31 -13.46
N GLY B 73 -5.44 33.52 -12.18
CA GLY B 73 -4.91 32.72 -11.11
C GLY B 73 -3.57 33.24 -10.60
N LEU B 74 -3.31 34.54 -10.84
CA LEU B 74 -2.07 35.17 -10.42
C LEU B 74 -2.34 36.20 -9.33
N PRO B 75 -1.40 36.41 -8.39
CA PRO B 75 -1.53 37.48 -7.38
C PRO B 75 -1.36 38.87 -7.98
N ASP B 76 -1.91 39.87 -7.31
CA ASP B 76 -1.91 41.27 -7.76
C ASP B 76 -0.58 41.91 -7.35
N LEU B 77 0.47 41.53 -8.10
CA LEU B 77 1.83 41.89 -7.69
C LEU B 77 2.62 42.49 -8.84
N GLY B 78 1.92 43.09 -9.81
CA GLY B 78 2.54 43.71 -10.98
C GLY B 78 3.22 42.70 -11.91
N ILE B 79 2.78 41.43 -11.85
CA ILE B 79 3.25 40.37 -12.72
C ILE B 79 2.69 40.58 -14.14
N THR B 80 1.44 41.04 -14.21
CA THR B 80 0.74 41.24 -15.48
C THR B 80 1.40 42.37 -16.26
N ASP B 81 1.21 42.36 -17.58
CA ASP B 81 1.76 43.38 -18.46
C ASP B 81 0.63 44.03 -19.27
N LEU B 82 0.99 45.00 -20.12
CA LEU B 82 0.02 45.73 -20.91
C LEU B 82 -0.90 44.76 -21.65
N HIS B 83 -0.37 43.63 -22.13
CA HIS B 83 -1.17 42.74 -22.98
C HIS B 83 -2.23 42.00 -22.19
N ASP B 84 -1.91 41.61 -20.95
CA ASP B 84 -2.88 40.94 -20.10
C ASP B 84 -4.10 41.86 -19.93
N VAL B 85 -3.85 43.15 -19.66
CA VAL B 85 -4.90 44.09 -19.37
C VAL B 85 -5.62 44.48 -20.67
N LEU B 86 -4.83 44.73 -21.71
CA LEU B 86 -5.36 45.19 -22.98
C LEU B 86 -6.33 44.19 -23.56
N GLU B 87 -5.99 42.90 -23.46
CA GLU B 87 -6.82 41.84 -24.00
C GLU B 87 -8.18 41.81 -23.28
N ASP B 88 -8.16 41.96 -21.96
CA ASP B 88 -9.39 41.97 -21.18
C ASP B 88 -10.22 43.20 -21.53
N ALA B 89 -9.55 44.35 -21.70
CA ALA B 89 -10.25 45.59 -22.03
C ALA B 89 -10.92 45.47 -23.40
N ARG B 90 -10.20 44.94 -24.39
CA ARG B 90 -10.74 44.85 -25.74
C ARG B 90 -12.02 44.04 -25.74
N ARG B 91 -12.01 42.90 -25.03
CA ARG B 91 -13.15 42.00 -24.96
C ARG B 91 -14.37 42.76 -24.45
N ILE B 92 -14.16 43.62 -23.46
CA ILE B 92 -15.25 44.38 -22.87
C ILE B 92 -15.75 45.42 -23.87
N THR B 93 -14.85 46.28 -24.37
CA THR B 93 -15.28 47.39 -25.22
C THR B 93 -15.91 46.88 -26.53
N ALA B 94 -15.63 45.63 -26.90
CA ALA B 94 -16.25 45.07 -28.09
C ALA B 94 -17.75 44.86 -27.87
N ALA B 95 -18.15 44.72 -26.61
CA ALA B 95 -19.50 44.28 -26.30
C ALA B 95 -20.38 45.43 -25.86
N THR B 96 -19.77 46.58 -25.50
CA THR B 96 -20.53 47.72 -24.98
C THR B 96 -19.77 49.01 -25.20
N HIS B 97 -20.51 50.10 -25.45
CA HIS B 97 -19.94 51.43 -25.62
C HIS B 97 -19.91 52.17 -24.29
N LEU B 98 -20.44 51.53 -23.22
CA LEU B 98 -20.42 52.10 -21.89
C LEU B 98 -18.97 52.45 -21.53
N PRO B 99 -18.67 53.72 -21.17
CA PRO B 99 -17.28 54.14 -20.97
C PRO B 99 -16.59 53.25 -19.94
N LEU B 100 -15.36 52.81 -20.26
CA LEU B 100 -14.62 51.88 -19.42
C LEU B 100 -13.39 52.56 -18.84
N LEU B 101 -13.22 52.43 -17.52
CA LEU B 101 -12.02 52.87 -16.83
C LEU B 101 -11.12 51.65 -16.62
N VAL B 102 -9.84 51.78 -17.00
CA VAL B 102 -8.93 50.66 -16.96
C VAL B 102 -7.76 50.98 -16.02
N ASP B 103 -7.49 50.02 -15.12
CA ASP B 103 -6.36 50.05 -14.20
C ASP B 103 -5.09 49.70 -14.97
N ILE B 104 -4.13 50.64 -15.03
CA ILE B 104 -2.85 50.36 -15.69
C ILE B 104 -1.69 50.42 -14.70
N ASP B 105 -1.98 50.20 -13.40
CA ASP B 105 -0.96 50.08 -12.37
C ASP B 105 -0.04 51.30 -12.42
N THR B 106 1.25 51.05 -12.67
CA THR B 106 2.24 52.12 -12.66
C THR B 106 2.71 52.40 -14.09
N GLY B 107 2.03 51.81 -15.08
CA GLY B 107 2.28 52.08 -16.48
C GLY B 107 3.10 51.00 -17.18
N PHE B 108 3.43 49.92 -16.45
CA PHE B 108 4.04 48.72 -17.02
C PHE B 108 5.51 48.89 -17.36
N GLY B 109 6.05 50.09 -17.15
CA GLY B 109 7.47 50.33 -17.38
C GLY B 109 7.77 51.84 -17.42
N GLY B 110 8.82 52.17 -18.17
CA GLY B 110 9.27 53.56 -18.29
C GLY B 110 8.39 54.37 -19.23
N ALA B 111 8.89 55.56 -19.56
CA ALA B 111 8.17 56.55 -20.33
C ALA B 111 7.66 55.96 -21.64
N PHE B 112 8.43 55.05 -22.26
CA PHE B 112 8.05 54.58 -23.59
C PHE B 112 6.90 53.58 -23.49
N THR B 113 6.99 52.72 -22.45
CA THR B 113 5.95 51.75 -22.16
C THR B 113 4.64 52.47 -21.83
N ILE B 114 4.74 53.54 -21.05
CA ILE B 114 3.56 54.31 -20.66
C ILE B 114 2.89 54.87 -21.91
N ALA B 115 3.70 55.45 -22.80
CA ALA B 115 3.19 55.99 -24.05
C ALA B 115 2.47 54.88 -24.83
N ARG B 116 3.06 53.68 -24.88
CA ARG B 116 2.47 52.57 -25.59
C ARG B 116 1.14 52.19 -24.94
N ALA B 117 1.15 52.13 -23.61
CA ALA B 117 -0.04 51.77 -22.86
C ALA B 117 -1.19 52.72 -23.20
N ILE B 118 -0.89 54.01 -23.21
CA ILE B 118 -1.91 55.02 -23.49
C ILE B 118 -2.46 54.83 -24.91
N LYS B 119 -1.54 54.73 -25.89
CA LYS B 119 -1.94 54.62 -27.29
C LYS B 119 -2.80 53.38 -27.48
N GLU B 120 -2.38 52.27 -26.87
CA GLU B 120 -3.05 51.00 -27.05
C GLU B 120 -4.43 51.02 -26.41
N MET B 121 -4.51 51.65 -25.24
CA MET B 121 -5.78 51.72 -24.53
C MET B 121 -6.77 52.54 -25.37
N GLU B 122 -6.29 53.65 -25.93
CA GLU B 122 -7.14 54.46 -26.79
C GLU B 122 -7.62 53.62 -27.97
N ARG B 123 -6.69 52.86 -28.57
CA ARG B 123 -7.01 52.04 -29.73
C ARG B 123 -8.04 50.98 -29.37
N ALA B 124 -8.08 50.60 -28.08
CA ALA B 124 -9.01 49.57 -27.63
C ALA B 124 -10.35 50.18 -27.22
N GLN B 125 -10.55 51.48 -27.49
CA GLN B 125 -11.83 52.15 -27.30
C GLN B 125 -12.13 52.34 -25.82
N VAL B 126 -11.06 52.40 -25.01
CA VAL B 126 -11.14 52.62 -23.58
C VAL B 126 -11.39 54.11 -23.33
N ALA B 127 -12.15 54.41 -22.27
CA ALA B 127 -12.55 55.78 -21.97
C ALA B 127 -11.52 56.49 -21.09
N ALA B 128 -10.93 55.75 -20.13
CA ALA B 128 -10.06 56.36 -19.14
C ALA B 128 -9.15 55.30 -18.52
N VAL B 129 -7.98 55.74 -18.02
CA VAL B 129 -7.10 54.87 -17.28
C VAL B 129 -6.73 55.52 -15.94
N HIS B 130 -6.27 54.71 -15.00
CA HIS B 130 -5.65 55.22 -13.79
C HIS B 130 -4.25 54.64 -13.64
N MET B 131 -3.32 55.53 -13.32
CA MET B 131 -1.92 55.22 -13.13
C MET B 131 -1.51 55.81 -11.79
N GLU B 132 -0.66 55.07 -11.04
CA GLU B 132 -0.42 55.39 -9.64
C GLU B 132 1.06 55.65 -9.37
N ASP B 133 1.35 56.15 -8.16
CA ASP B 133 2.67 56.68 -7.80
C ASP B 133 3.46 55.67 -6.96
N GLN B 134 3.11 54.38 -7.05
CA GLN B 134 3.91 53.37 -6.36
C GLN B 134 5.15 53.05 -7.18
N VAL B 135 6.09 52.31 -6.57
CA VAL B 135 7.26 51.80 -7.28
C VAL B 135 6.81 50.63 -8.16
N ALA B 136 7.71 50.18 -9.05
CA ALA B 136 7.41 49.19 -10.08
C ALA B 136 6.69 47.95 -9.52
N GLN B 137 7.29 47.30 -8.50
CA GLN B 137 6.71 46.09 -7.95
C GLN B 137 5.60 46.45 -6.95
N LYS B 138 4.43 46.80 -7.50
CA LYS B 138 3.32 47.40 -6.76
C LYS B 138 2.46 46.31 -6.09
N ARG B 139 1.53 46.80 -5.26
CA ARG B 139 0.61 45.92 -4.55
C ARG B 139 -0.72 46.67 -4.35
N CYS B 140 -1.73 45.93 -3.89
CA CYS B 140 -3.03 46.46 -3.51
C CYS B 140 -2.87 47.68 -2.61
N GLY B 141 -3.68 48.72 -2.86
CA GLY B 141 -3.57 50.01 -2.20
C GLY B 141 -4.04 50.03 -0.75
N HIS B 142 -4.65 48.92 -0.31
CA HIS B 142 -5.18 48.77 1.04
C HIS B 142 -4.33 47.80 1.87
N ARG B 143 -3.19 47.38 1.31
CA ARG B 143 -2.23 46.51 2.00
C ARG B 143 -1.13 47.35 2.64
N PRO B 144 -0.47 46.86 3.72
CA PRO B 144 0.70 47.54 4.28
C PRO B 144 1.99 47.24 3.51
N GLY B 145 2.96 48.15 3.58
CA GLY B 145 4.30 47.97 3.00
C GLY B 145 4.43 48.50 1.56
N LYS B 146 3.60 49.49 1.22
CA LYS B 146 3.64 50.15 -0.07
C LYS B 146 4.82 51.12 -0.11
N GLU B 147 5.47 51.22 -1.27
CA GLU B 147 6.52 52.21 -1.47
C GLU B 147 6.15 53.10 -2.65
N LEU B 148 6.38 54.41 -2.47
CA LEU B 148 6.04 55.40 -3.48
C LEU B 148 7.30 55.90 -4.18
N VAL B 149 7.11 56.35 -5.42
CA VAL B 149 8.12 57.15 -6.10
C VAL B 149 7.96 58.60 -5.63
N ASN B 150 8.98 59.42 -5.78
CA ASN B 150 8.96 60.81 -5.36
C ASN B 150 8.03 61.54 -6.35
N THR B 151 7.62 62.77 -5.99
CA THR B 151 6.70 63.55 -6.81
C THR B 151 7.21 63.69 -8.25
N ASN B 152 8.53 63.86 -8.40
CA ASN B 152 9.14 64.11 -9.69
C ASN B 152 8.94 62.93 -10.63
N GLU B 153 9.17 61.72 -10.11
CA GLU B 153 9.11 60.49 -10.90
C GLU B 153 7.68 60.27 -11.42
N MET B 154 6.69 60.65 -10.61
CA MET B 154 5.31 60.46 -10.99
C MET B 154 4.91 61.48 -12.05
N VAL B 155 5.47 62.70 -11.93
CA VAL B 155 5.23 63.74 -12.91
C VAL B 155 5.75 63.27 -14.27
N ASP B 156 6.94 62.67 -14.26
CA ASP B 156 7.53 62.04 -15.43
C ASP B 156 6.56 61.04 -16.06
N ARG B 157 5.97 60.17 -15.23
CA ARG B 157 5.02 59.20 -15.73
C ARG B 157 3.87 59.91 -16.41
N ILE B 158 3.36 60.96 -15.76
CA ILE B 158 2.18 61.66 -16.25
C ILE B 158 2.50 62.36 -17.58
N LYS B 159 3.72 62.93 -17.68
CA LYS B 159 4.14 63.64 -18.89
C LYS B 159 4.15 62.68 -20.07
N ALA B 160 4.77 61.50 -19.87
CA ALA B 160 4.84 60.47 -20.89
C ALA B 160 3.45 60.12 -21.40
N ALA B 161 2.48 60.07 -20.48
CA ALA B 161 1.13 59.68 -20.85
C ALA B 161 0.42 60.83 -21.59
N VAL B 162 0.54 62.06 -21.08
CA VAL B 162 -0.25 63.16 -21.63
C VAL B 162 0.28 63.54 -23.00
N ASP B 163 1.59 63.38 -23.20
CA ASP B 163 2.26 63.72 -24.46
C ASP B 163 1.65 62.98 -25.65
N VAL B 164 0.98 61.84 -25.41
CA VAL B 164 0.51 61.03 -26.52
C VAL B 164 -1.00 60.84 -26.46
N LYS B 165 -1.65 61.31 -25.41
CA LYS B 165 -3.07 61.04 -25.29
C LYS B 165 -3.90 62.09 -26.04
N SER B 166 -5.05 61.68 -26.57
CA SER B 166 -6.05 62.59 -27.12
C SER B 166 -6.63 63.46 -26.01
N ASN B 167 -7.38 64.50 -26.40
CA ASN B 167 -7.90 65.47 -25.45
C ASN B 167 -8.98 64.82 -24.59
N ASP B 168 -9.93 64.13 -25.24
CA ASP B 168 -11.10 63.60 -24.57
C ASP B 168 -10.75 62.48 -23.60
N PHE B 169 -9.67 61.75 -23.91
CA PHE B 169 -9.29 60.59 -23.13
C PHE B 169 -8.88 61.02 -21.73
N VAL B 170 -9.37 60.28 -20.72
CA VAL B 170 -9.22 60.68 -19.34
C VAL B 170 -8.07 59.93 -18.67
N LEU B 171 -7.06 60.69 -18.22
CA LEU B 171 -6.00 60.17 -17.37
C LEU B 171 -6.29 60.51 -15.91
N ILE B 172 -6.54 59.47 -15.11
CA ILE B 172 -6.74 59.62 -13.67
C ILE B 172 -5.44 59.28 -12.95
N ALA B 173 -4.81 60.28 -12.34
CA ALA B 173 -3.62 60.02 -11.53
C ALA B 173 -4.07 59.56 -10.15
N ARG B 174 -3.51 58.40 -9.73
CA ARG B 174 -3.86 57.77 -8.47
C ARG B 174 -2.69 57.96 -7.51
N THR B 175 -3.01 58.44 -6.29
CA THR B 175 -1.99 58.56 -5.27
C THR B 175 -2.29 57.61 -4.12
N ASP B 176 -1.23 56.88 -3.72
CA ASP B 176 -1.31 55.86 -2.68
C ASP B 176 -0.64 56.39 -1.42
N ALA B 177 -0.65 57.72 -1.26
CA ALA B 177 0.27 58.42 -0.38
C ALA B 177 -0.30 58.70 1.00
N TYR B 178 -1.63 58.70 1.10
CA TYR B 178 -2.33 59.05 2.33
C TYR B 178 -1.82 58.25 3.54
N ALA B 179 -1.77 56.92 3.40
CA ALA B 179 -1.46 56.03 4.51
C ALA B 179 0.01 56.15 4.92
N VAL B 180 0.84 56.75 4.04
CA VAL B 180 2.29 56.74 4.25
C VAL B 180 2.77 58.13 4.68
N GLU B 181 2.17 59.18 4.11
CA GLU B 181 2.73 60.53 4.18
C GLU B 181 1.71 61.51 4.74
N GLY B 182 0.44 61.08 4.80
CA GLY B 182 -0.60 61.87 5.42
C GLY B 182 -1.24 62.87 4.47
N LEU B 183 -2.37 63.43 4.91
CA LEU B 183 -3.31 64.15 4.07
C LEU B 183 -2.64 65.31 3.35
N LYS B 184 -1.82 66.10 4.08
CA LYS B 184 -1.30 67.33 3.53
C LYS B 184 -0.37 67.01 2.36
N ALA B 185 0.53 66.03 2.56
CA ALA B 185 1.52 65.66 1.56
C ALA B 185 0.84 65.03 0.34
N THR B 186 -0.30 64.38 0.58
CA THR B 186 -1.08 63.70 -0.45
C THR B 186 -1.75 64.75 -1.35
N ILE B 187 -2.26 65.82 -0.75
CA ILE B 187 -2.89 66.90 -1.49
C ILE B 187 -1.85 67.59 -2.35
N ASP B 188 -0.63 67.70 -1.83
CA ASP B 188 0.46 68.36 -2.53
C ASP B 188 0.77 67.60 -3.81
N ARG B 189 0.96 66.29 -3.67
CA ARG B 189 1.18 65.37 -4.77
C ARG B 189 0.08 65.52 -5.81
N ALA B 190 -1.18 65.39 -5.37
CA ALA B 190 -2.31 65.42 -6.29
C ALA B 190 -2.32 66.71 -7.10
N CYS B 191 -1.90 67.81 -6.46
CA CYS B 191 -1.98 69.12 -7.10
C CYS B 191 -0.91 69.26 -8.17
N THR B 192 0.30 68.80 -7.84
CA THR B 192 1.40 68.71 -8.79
C THR B 192 0.98 67.81 -9.97
N TYR B 193 0.26 66.72 -9.68
CA TYR B 193 -0.14 65.75 -10.70
C TYR B 193 -1.13 66.40 -11.67
N VAL B 194 -2.06 67.20 -11.13
CA VAL B 194 -3.04 67.88 -11.96
C VAL B 194 -2.32 68.88 -12.85
N GLU B 195 -1.31 69.52 -12.28
CA GLU B 195 -0.51 70.52 -12.95
C GLU B 195 0.22 69.86 -14.13
N ALA B 196 0.71 68.64 -13.92
CA ALA B 196 1.48 67.90 -14.91
C ALA B 196 0.61 67.37 -16.05
N GLY B 197 -0.72 67.36 -15.86
CA GLY B 197 -1.65 67.07 -16.95
C GLY B 197 -2.75 66.07 -16.60
N ALA B 198 -2.77 65.56 -15.36
CA ALA B 198 -3.81 64.63 -14.93
C ALA B 198 -5.18 65.30 -15.04
N ASP B 199 -6.17 64.54 -15.48
CA ASP B 199 -7.53 65.05 -15.70
C ASP B 199 -8.34 64.95 -14.42
N MET B 200 -8.11 63.86 -13.66
CA MET B 200 -8.89 63.53 -12.48
C MET B 200 -7.95 62.86 -11.47
N ILE B 201 -8.41 62.75 -10.20
CA ILE B 201 -7.56 62.19 -9.16
C ILE B 201 -8.26 61.03 -8.44
N PHE B 202 -7.49 59.96 -8.21
CA PHE B 202 -7.90 58.76 -7.52
C PHE B 202 -7.21 58.79 -6.16
N ALA B 203 -7.99 59.14 -5.13
CA ALA B 203 -7.50 59.28 -3.77
C ALA B 203 -7.67 57.94 -3.07
N GLU B 204 -6.58 57.16 -3.07
CA GLU B 204 -6.64 55.77 -2.65
C GLU B 204 -6.60 55.69 -1.14
N ALA B 205 -7.62 55.00 -0.57
CA ALA B 205 -7.62 54.52 0.79
C ALA B 205 -7.58 55.68 1.79
N LEU B 206 -8.33 56.76 1.50
CA LEU B 206 -8.66 57.74 2.51
C LEU B 206 -9.57 57.06 3.53
N GLU B 207 -9.14 57.10 4.80
CA GLU B 207 -9.73 56.30 5.86
C GLU B 207 -10.91 57.03 6.49
N ASN B 208 -11.02 58.36 6.27
CA ASN B 208 -12.06 59.12 6.92
C ASN B 208 -12.75 60.04 5.92
N ILE B 209 -14.08 60.00 5.90
CA ILE B 209 -14.86 60.76 4.94
C ILE B 209 -14.66 62.25 5.14
N ASN B 210 -14.08 62.68 6.27
CA ASN B 210 -13.98 64.10 6.55
C ASN B 210 -12.76 64.69 5.84
N ASP B 211 -11.90 63.80 5.34
CA ASP B 211 -10.74 64.18 4.55
C ASP B 211 -11.15 64.69 3.17
N TYR B 212 -12.26 64.19 2.62
CA TYR B 212 -12.58 64.40 1.21
C TYR B 212 -12.87 65.86 0.90
N PRO B 213 -13.72 66.59 1.66
CA PRO B 213 -14.13 67.95 1.27
C PRO B 213 -12.94 68.90 1.08
N THR B 214 -11.92 68.73 1.92
CA THR B 214 -10.70 69.53 1.87
C THR B 214 -9.82 69.08 0.70
N PHE B 215 -9.80 67.76 0.44
CA PHE B 215 -9.04 67.18 -0.65
C PHE B 215 -9.63 67.63 -1.98
N CYS B 216 -10.96 67.48 -2.12
CA CYS B 216 -11.65 67.77 -3.37
C CYS B 216 -11.55 69.26 -3.72
N LYS B 217 -11.60 70.13 -2.72
CA LYS B 217 -11.54 71.57 -2.92
C LYS B 217 -10.15 71.97 -3.41
N ALA B 218 -9.11 71.35 -2.85
CA ALA B 218 -7.72 71.68 -3.13
C ALA B 218 -7.30 71.24 -4.54
N VAL B 219 -7.80 70.09 -5.00
CA VAL B 219 -7.31 69.52 -6.25
C VAL B 219 -8.16 70.00 -7.44
N LYS B 220 -9.41 70.40 -7.16
CA LYS B 220 -10.29 71.08 -8.11
C LYS B 220 -10.90 70.11 -9.12
N VAL B 221 -10.07 69.21 -9.68
CA VAL B 221 -10.53 68.25 -10.67
C VAL B 221 -11.36 67.17 -9.99
N PRO B 222 -12.24 66.46 -10.73
CA PRO B 222 -13.05 65.39 -10.12
C PRO B 222 -12.20 64.35 -9.38
N VAL B 223 -12.75 63.86 -8.26
CA VAL B 223 -12.04 62.93 -7.41
C VAL B 223 -12.82 61.62 -7.33
N LEU B 224 -12.07 60.52 -7.38
CA LEU B 224 -12.63 59.17 -7.28
C LEU B 224 -12.33 58.64 -5.89
N ALA B 225 -13.36 58.05 -5.26
CA ALA B 225 -13.18 57.34 -4.00
C ALA B 225 -13.35 55.85 -4.26
N ASN B 226 -12.45 55.06 -3.65
CA ASN B 226 -12.41 53.63 -3.90
C ASN B 226 -13.08 52.88 -2.74
N MET B 227 -14.33 52.49 -2.96
CA MET B 227 -15.13 51.78 -1.97
C MET B 227 -14.95 50.28 -2.13
N THR B 228 -13.73 49.79 -1.88
CA THR B 228 -13.48 48.36 -1.94
C THR B 228 -13.75 47.74 -0.57
N GLU B 229 -14.21 46.48 -0.58
CA GLU B 229 -14.49 45.76 0.65
C GLU B 229 -13.21 45.17 1.23
N PHE B 230 -13.25 44.87 2.52
CA PHE B 230 -12.18 44.17 3.23
C PHE B 230 -10.89 44.98 3.10
N GLY B 231 -11.00 46.31 3.11
CA GLY B 231 -9.82 47.18 3.06
C GLY B 231 -9.72 48.06 4.30
N LYS B 232 -9.08 49.23 4.15
CA LYS B 232 -8.80 50.13 5.25
C LYS B 232 -9.83 51.25 5.29
N THR B 233 -10.83 51.17 4.41
CA THR B 233 -11.85 52.19 4.33
C THR B 233 -13.16 51.62 4.87
N PRO B 234 -13.94 52.42 5.62
CA PRO B 234 -15.33 52.09 5.91
C PRO B 234 -16.12 52.21 4.60
N LEU B 235 -17.24 51.47 4.51
CA LEU B 235 -18.10 51.58 3.35
C LEU B 235 -19.14 52.69 3.57
N TYR B 236 -18.83 53.88 3.04
CA TYR B 236 -19.79 54.96 2.97
C TYR B 236 -20.71 54.78 1.77
N THR B 237 -21.80 55.57 1.73
CA THR B 237 -22.75 55.53 0.62
C THR B 237 -22.32 56.50 -0.45
N ALA B 238 -22.89 56.32 -1.65
CA ALA B 238 -22.64 57.21 -2.76
C ALA B 238 -23.03 58.63 -2.38
N ALA B 239 -24.24 58.77 -1.81
CA ALA B 239 -24.79 60.05 -1.37
C ALA B 239 -23.84 60.75 -0.42
N GLN B 240 -23.36 60.01 0.59
CA GLN B 240 -22.45 60.56 1.60
C GLN B 240 -21.21 61.11 0.89
N LEU B 241 -20.64 60.30 -0.01
CA LEU B 241 -19.38 60.64 -0.64
C LEU B 241 -19.56 61.85 -1.55
N ALA B 242 -20.73 61.91 -2.21
CA ALA B 242 -21.05 63.06 -3.05
C ALA B 242 -21.11 64.34 -2.20
N ASP B 243 -21.75 64.25 -1.02
CA ASP B 243 -21.92 65.38 -0.12
C ASP B 243 -20.57 65.88 0.37
N HIS B 244 -19.55 65.02 0.34
CA HIS B 244 -18.22 65.39 0.80
C HIS B 244 -17.31 65.78 -0.36
N GLY B 245 -17.90 65.91 -1.57
CA GLY B 245 -17.27 66.53 -2.72
C GLY B 245 -16.69 65.54 -3.74
N VAL B 246 -16.99 64.24 -3.55
CA VAL B 246 -16.46 63.18 -4.38
C VAL B 246 -17.34 63.06 -5.63
N LYS B 247 -16.70 62.88 -6.80
CA LYS B 247 -17.42 62.85 -8.06
C LYS B 247 -17.56 61.44 -8.63
N MET B 248 -16.65 60.53 -8.27
CA MET B 248 -16.74 59.15 -8.72
C MET B 248 -16.57 58.20 -7.55
N VAL B 249 -17.37 57.14 -7.54
CA VAL B 249 -17.25 56.09 -6.54
C VAL B 249 -17.03 54.76 -7.25
N LEU B 250 -15.94 54.07 -6.88
CA LEU B 250 -15.50 52.85 -7.54
C LEU B 250 -15.85 51.64 -6.68
N TYR B 251 -16.39 50.61 -7.33
CA TYR B 251 -16.70 49.32 -6.73
C TYR B 251 -15.88 48.27 -7.48
N PRO B 252 -14.56 48.19 -7.19
CA PRO B 252 -13.63 47.47 -8.06
C PRO B 252 -13.82 45.96 -8.22
N ARG B 253 -14.21 45.27 -7.14
CA ARG B 253 -14.21 43.81 -7.22
C ARG B 253 -15.52 43.20 -6.70
N SER B 254 -16.47 44.07 -6.35
CA SER B 254 -17.65 43.66 -5.61
C SER B 254 -18.35 42.46 -6.26
N ALA B 255 -18.62 42.56 -7.56
CA ALA B 255 -19.35 41.50 -8.26
C ALA B 255 -18.50 40.22 -8.31
N ASP B 256 -17.21 40.40 -8.58
CA ASP B 256 -16.29 39.30 -8.75
C ASP B 256 -16.29 38.42 -7.49
N ARG B 257 -16.27 39.08 -6.31
CA ARG B 257 -16.18 38.38 -5.04
C ARG B 257 -17.43 37.52 -4.84
N ALA B 258 -18.60 38.07 -5.23
CA ALA B 258 -19.84 37.32 -5.12
C ALA B 258 -19.85 36.16 -6.10
N MET B 259 -19.33 36.42 -7.31
CA MET B 259 -19.26 35.40 -8.36
C MET B 259 -18.46 34.20 -7.89
N SER B 260 -17.32 34.48 -7.21
CA SER B 260 -16.43 33.40 -6.80
C SER B 260 -17.12 32.52 -5.75
N LYS B 261 -17.75 33.15 -4.75
CA LYS B 261 -18.48 32.42 -3.73
C LYS B 261 -19.56 31.53 -4.38
N ALA B 262 -20.32 32.09 -5.32
CA ALA B 262 -21.40 31.38 -5.98
C ALA B 262 -20.85 30.16 -6.72
N ALA B 263 -19.72 30.36 -7.41
CA ALA B 263 -19.10 29.30 -8.20
C ALA B 263 -18.64 28.16 -7.31
N LEU B 264 -17.94 28.52 -6.22
CA LEU B 264 -17.43 27.54 -5.28
C LEU B 264 -18.58 26.70 -4.74
N ALA B 265 -19.69 27.37 -4.41
CA ALA B 265 -20.85 26.70 -3.86
C ALA B 265 -21.43 25.67 -4.83
N VAL B 266 -21.54 26.06 -6.11
CA VAL B 266 -22.04 25.13 -7.12
C VAL B 266 -21.12 23.91 -7.19
N TYR B 267 -19.79 24.15 -7.12
CA TYR B 267 -18.84 23.06 -7.26
C TYR B 267 -18.96 22.10 -6.08
N GLU B 268 -19.07 22.67 -4.87
CA GLU B 268 -19.24 21.89 -3.65
C GLU B 268 -20.50 21.04 -3.77
N ASP B 269 -21.60 21.68 -4.23
CA ASP B 269 -22.91 21.05 -4.35
C ASP B 269 -22.79 19.82 -5.26
N ILE B 270 -22.19 19.99 -6.44
CA ILE B 270 -22.05 18.93 -7.42
C ILE B 270 -21.18 17.80 -6.87
N LYS B 271 -20.17 18.16 -6.06
CA LYS B 271 -19.23 17.19 -5.52
C LYS B 271 -19.93 16.34 -4.46
N LYS B 272 -20.66 17.00 -3.57
CA LYS B 272 -21.25 16.35 -2.40
C LYS B 272 -22.46 15.51 -2.80
N HIS B 273 -23.33 16.05 -3.67
CA HIS B 273 -24.64 15.48 -3.89
C HIS B 273 -24.74 14.71 -5.21
N GLY B 274 -23.69 14.76 -6.05
CA GLY B 274 -23.68 14.06 -7.33
C GLY B 274 -24.66 14.63 -8.36
N VAL B 275 -25.16 15.85 -8.10
CA VAL B 275 -26.17 16.51 -8.91
C VAL B 275 -26.31 17.96 -8.43
N GLN B 276 -26.84 18.84 -9.30
CA GLN B 276 -26.80 20.27 -9.04
C GLN B 276 -28.16 20.82 -8.60
N THR B 277 -29.07 19.93 -8.18
CA THR B 277 -30.45 20.31 -7.89
C THR B 277 -30.48 21.46 -6.89
N ALA B 278 -29.68 21.35 -5.82
CA ALA B 278 -29.69 22.32 -4.75
C ALA B 278 -29.26 23.70 -5.25
N SER B 279 -28.51 23.73 -6.37
CA SER B 279 -27.94 24.97 -6.88
C SER B 279 -28.92 25.71 -7.81
N LEU B 280 -29.87 24.98 -8.39
CA LEU B 280 -30.77 25.54 -9.40
C LEU B 280 -31.31 26.91 -9.00
N PRO B 281 -31.83 27.12 -7.78
CA PRO B 281 -32.38 28.41 -7.39
C PRO B 281 -31.38 29.56 -7.44
N PHE B 282 -30.09 29.21 -7.48
CA PHE B 282 -29.02 30.20 -7.42
C PHE B 282 -28.44 30.49 -8.79
N MET B 283 -29.06 29.92 -9.84
CA MET B 283 -28.60 30.06 -11.22
C MET B 283 -29.48 31.06 -11.98
N GLN B 284 -28.86 31.94 -12.76
CA GLN B 284 -29.58 32.74 -13.75
C GLN B 284 -30.18 31.78 -14.77
N THR B 285 -31.42 32.07 -15.19
CA THR B 285 -32.13 31.16 -16.09
C THR B 285 -31.60 31.34 -17.52
N ARG B 286 -31.77 30.28 -18.33
CA ARG B 286 -31.42 30.31 -19.74
C ARG B 286 -32.10 31.51 -20.41
N GLU B 287 -33.33 31.82 -20.02
CA GLU B 287 -34.09 32.86 -20.70
C GLU B 287 -33.55 34.25 -20.35
N ALA B 288 -33.12 34.43 -19.10
CA ALA B 288 -32.53 35.70 -18.68
C ALA B 288 -31.21 35.93 -19.40
N LEU B 289 -30.45 34.84 -19.58
CA LEU B 289 -29.19 34.85 -20.32
C LEU B 289 -29.45 35.29 -21.75
N TYR B 290 -30.43 34.63 -22.39
CA TYR B 290 -30.85 34.97 -23.75
C TYR B 290 -31.24 36.45 -23.84
N GLU B 291 -31.90 36.96 -22.80
CA GLU B 291 -32.31 38.35 -22.78
C GLU B 291 -31.10 39.27 -22.81
N VAL B 292 -30.09 38.98 -21.96
CA VAL B 292 -28.93 39.85 -21.87
C VAL B 292 -28.18 39.86 -23.19
N LEU B 293 -28.16 38.73 -23.89
CA LEU B 293 -27.35 38.55 -25.10
C LEU B 293 -28.11 39.00 -26.35
N ASN B 294 -29.45 39.11 -26.26
CA ASN B 294 -30.30 39.32 -27.42
C ASN B 294 -30.32 38.07 -28.31
N TYR B 295 -30.22 36.89 -27.67
CA TYR B 295 -30.02 35.64 -28.38
C TYR B 295 -31.11 35.38 -29.40
N HIS B 296 -32.37 35.70 -29.05
CA HIS B 296 -33.50 35.33 -29.88
C HIS B 296 -33.46 36.04 -31.24
N ALA B 297 -33.05 37.32 -31.24
CA ALA B 297 -32.91 38.10 -32.46
C ALA B 297 -31.95 37.44 -33.47
N TYR B 298 -30.97 36.70 -32.95
CA TYR B 298 -29.97 36.05 -33.79
C TYR B 298 -30.49 34.70 -34.30
N GLU B 299 -31.08 33.89 -33.41
CA GLU B 299 -31.51 32.55 -33.79
C GLU B 299 -32.71 32.61 -34.74
N ASP B 300 -33.50 33.69 -34.65
CA ASP B 300 -34.63 33.93 -35.54
C ASP B 300 -34.13 34.19 -36.96
N LYS B 301 -33.10 35.05 -37.07
CA LYS B 301 -32.46 35.38 -38.34
C LYS B 301 -31.82 34.13 -38.96
N LEU B 302 -31.41 33.18 -38.10
CA LEU B 302 -30.73 31.96 -38.51
C LEU B 302 -31.71 30.96 -39.10
N ASN B 303 -32.95 30.96 -38.59
CA ASN B 303 -34.01 30.07 -39.06
C ASN B 303 -34.58 30.57 -40.40
N GLN B 304 -34.57 31.90 -40.59
CA GLN B 304 -35.01 32.54 -41.83
C GLN B 304 -34.01 32.27 -42.97
N LEU B 305 -32.74 32.08 -42.61
CA LEU B 305 -31.65 31.79 -43.53
C LEU B 305 -31.69 30.31 -43.95
N PHE B 306 -32.11 29.42 -43.02
CA PHE B 306 -32.18 27.99 -43.25
C PHE B 306 -33.41 27.58 -44.07
N LYS B 307 -34.37 28.46 -44.35
CA LYS B 307 -35.53 28.01 -45.13
C LYS B 307 -35.39 28.33 -46.64
N GLN C 21 2.48 16.26 -13.27
CA GLN C 21 3.08 14.91 -13.39
C GLN C 21 3.74 14.75 -14.76
N SER C 22 4.67 13.79 -14.87
CA SER C 22 5.31 13.47 -16.14
C SER C 22 4.44 12.60 -17.05
N MET C 23 3.15 12.44 -16.70
CA MET C 23 2.14 11.87 -17.58
C MET C 23 1.42 12.95 -18.40
N SER C 24 1.15 12.63 -19.67
CA SER C 24 0.60 13.57 -20.62
C SER C 24 -0.84 13.97 -20.25
N PRO C 25 -1.34 15.16 -20.67
CA PRO C 25 -2.69 15.57 -20.32
C PRO C 25 -3.75 14.55 -20.75
N GLY C 26 -3.58 14.01 -21.97
CA GLY C 26 -4.47 12.99 -22.49
C GLY C 26 -4.54 11.75 -21.60
N LYS C 27 -3.37 11.34 -21.09
CA LYS C 27 -3.26 10.18 -20.23
C LYS C 27 -3.97 10.44 -18.91
N LEU C 28 -3.76 11.64 -18.35
CA LEU C 28 -4.41 12.02 -17.10
C LEU C 28 -5.93 11.95 -17.25
N PHE C 29 -6.43 12.33 -18.42
CA PHE C 29 -7.86 12.34 -18.64
C PHE C 29 -8.37 10.90 -18.72
N ARG C 30 -7.69 10.06 -19.50
CA ARG C 30 -8.04 8.65 -19.66
C ARG C 30 -8.05 7.95 -18.31
N GLN C 31 -7.08 8.30 -17.45
CA GLN C 31 -6.94 7.70 -16.14
C GLN C 31 -8.07 8.15 -15.23
N ALA C 32 -8.51 9.40 -15.37
CA ALA C 32 -9.60 9.93 -14.57
C ALA C 32 -10.92 9.25 -14.97
N VAL C 33 -11.10 9.02 -16.27
CA VAL C 33 -12.27 8.31 -16.78
C VAL C 33 -12.30 6.89 -16.22
N ALA C 34 -11.14 6.24 -16.13
CA ALA C 34 -11.08 4.84 -15.73
C ALA C 34 -11.29 4.67 -14.23
N ASN C 35 -10.70 5.57 -13.41
CA ASN C 35 -10.65 5.40 -11.97
C ASN C 35 -11.88 5.96 -11.26
N GLU C 36 -12.62 6.83 -11.94
CA GLU C 36 -13.79 7.45 -11.33
C GLU C 36 -15.03 6.73 -11.84
N HIS C 37 -16.10 6.77 -11.05
CA HIS C 37 -17.31 6.04 -11.41
C HIS C 37 -18.54 6.84 -10.97
N PRO C 38 -19.03 7.78 -11.81
CA PRO C 38 -18.38 8.17 -13.05
C PRO C 38 -17.50 9.40 -12.82
N LEU C 39 -16.74 9.80 -13.86
CA LEU C 39 -15.97 11.03 -13.79
C LEU C 39 -16.90 12.23 -13.98
N GLN C 40 -16.97 13.07 -12.95
CA GLN C 40 -17.67 14.34 -13.08
C GLN C 40 -16.71 15.38 -13.66
N ILE C 41 -17.11 15.99 -14.79
CA ILE C 41 -16.35 17.06 -15.45
C ILE C 41 -17.14 18.36 -15.31
N VAL C 42 -16.56 19.34 -14.60
CA VAL C 42 -17.25 20.60 -14.35
C VAL C 42 -16.69 21.71 -15.24
N GLY C 43 -17.60 22.52 -15.79
CA GLY C 43 -17.23 23.69 -16.58
C GLY C 43 -16.59 24.78 -15.72
N ALA C 44 -15.58 25.43 -16.29
CA ALA C 44 -14.96 26.62 -15.73
C ALA C 44 -14.76 27.63 -16.86
N ILE C 45 -15.12 28.90 -16.65
CA ILE C 45 -15.02 29.85 -17.74
C ILE C 45 -13.63 30.51 -17.75
N ASN C 46 -12.94 30.46 -16.62
CA ASN C 46 -11.65 31.11 -16.51
C ASN C 46 -10.75 30.32 -15.55
N ALA C 47 -9.47 30.74 -15.45
CA ALA C 47 -8.47 30.01 -14.68
C ALA C 47 -8.86 29.95 -13.20
N TYR C 48 -9.40 31.06 -12.67
CA TYR C 48 -9.73 31.10 -11.25
C TYR C 48 -10.82 30.09 -10.92
N CYS C 49 -11.81 29.96 -11.80
CA CYS C 49 -12.86 28.98 -11.60
C CYS C 49 -12.28 27.58 -11.64
N ALA C 50 -11.32 27.36 -12.55
CA ALA C 50 -10.65 26.07 -12.64
C ALA C 50 -9.97 25.78 -11.31
N LEU C 51 -9.42 26.81 -10.66
CA LEU C 51 -8.73 26.60 -9.40
C LEU C 51 -9.73 26.21 -8.32
N LEU C 52 -10.90 26.88 -8.32
CA LEU C 52 -11.94 26.57 -7.36
C LEU C 52 -12.35 25.10 -7.51
N ALA C 53 -12.58 24.66 -8.75
CA ALA C 53 -12.99 23.30 -9.01
C ALA C 53 -11.93 22.31 -8.51
N GLU C 54 -10.65 22.64 -8.71
CA GLU C 54 -9.55 21.79 -8.33
C GLU C 54 -9.54 21.63 -6.81
N ASN C 55 -9.73 22.76 -6.11
CA ASN C 55 -9.74 22.84 -4.66
C ASN C 55 -10.87 21.98 -4.09
N VAL C 56 -11.98 21.89 -4.81
CA VAL C 56 -13.14 21.15 -4.36
C VAL C 56 -12.93 19.65 -4.59
N GLY C 57 -12.06 19.31 -5.55
CA GLY C 57 -11.57 17.93 -5.66
C GLY C 57 -11.94 17.24 -6.97
N PHE C 58 -12.42 18.00 -7.97
CA PHE C 58 -12.76 17.41 -9.24
C PHE C 58 -11.50 16.95 -9.96
N LYS C 59 -11.65 15.95 -10.83
CA LYS C 59 -10.51 15.28 -11.43
C LYS C 59 -10.35 15.73 -12.88
N ALA C 60 -11.34 16.46 -13.40
CA ALA C 60 -11.33 16.95 -14.77
C ALA C 60 -12.18 18.21 -14.88
N ILE C 61 -11.80 19.12 -15.79
CA ILE C 61 -12.53 20.37 -15.98
C ILE C 61 -12.86 20.56 -17.45
N TYR C 62 -13.71 21.56 -17.75
CA TYR C 62 -14.29 21.72 -19.06
C TYR C 62 -14.35 23.19 -19.47
N LEU C 63 -14.00 23.45 -20.73
CA LEU C 63 -14.18 24.76 -21.32
C LEU C 63 -15.35 24.72 -22.29
N SER C 64 -16.44 25.41 -21.91
CA SER C 64 -17.67 25.42 -22.66
C SER C 64 -17.57 26.40 -23.84
N GLY C 65 -17.91 25.90 -25.04
CA GLY C 65 -17.93 26.72 -26.23
C GLY C 65 -18.94 27.86 -26.11
N GLY C 66 -20.13 27.51 -25.58
CA GLY C 66 -21.16 28.49 -25.32
C GLY C 66 -20.69 29.52 -24.30
N GLY C 67 -19.96 29.03 -23.29
CA GLY C 67 -19.33 29.87 -22.29
C GLY C 67 -18.38 30.87 -22.93
N VAL C 68 -17.59 30.38 -23.90
CA VAL C 68 -16.59 31.22 -24.50
C VAL C 68 -17.28 32.37 -25.22
N ALA C 69 -18.31 32.04 -26.01
CA ALA C 69 -19.07 33.02 -26.76
C ALA C 69 -19.81 33.97 -25.80
N ASN C 70 -20.59 33.39 -24.88
CA ASN C 70 -21.44 34.18 -23.99
C ASN C 70 -20.59 35.15 -23.18
N THR C 71 -19.41 34.73 -22.71
CA THR C 71 -18.59 35.59 -21.88
C THR C 71 -18.10 36.81 -22.66
N LEU C 72 -18.02 36.67 -23.99
CA LEU C 72 -17.62 37.79 -24.83
C LEU C 72 -18.83 38.62 -25.20
N GLY C 73 -20.02 38.17 -24.78
CA GLY C 73 -21.25 38.86 -25.09
C GLY C 73 -21.80 38.45 -26.45
N LEU C 74 -21.42 37.26 -26.93
CA LEU C 74 -21.87 36.76 -28.21
C LEU C 74 -22.76 35.55 -28.00
N PRO C 75 -23.77 35.32 -28.88
CA PRO C 75 -24.59 34.11 -28.83
C PRO C 75 -23.82 32.87 -29.25
N ASP C 76 -24.29 31.70 -28.80
CA ASP C 76 -23.64 30.43 -29.06
C ASP C 76 -24.09 29.93 -30.43
N LEU C 77 -23.56 30.55 -31.48
CA LEU C 77 -24.05 30.36 -32.84
C LEU C 77 -22.90 30.17 -33.81
N GLY C 78 -21.78 29.60 -33.31
CA GLY C 78 -20.62 29.28 -34.15
C GLY C 78 -19.91 30.51 -34.70
N ILE C 79 -20.08 31.68 -34.03
CA ILE C 79 -19.41 32.91 -34.39
C ILE C 79 -17.93 32.83 -33.99
N THR C 80 -17.67 32.19 -32.84
CA THR C 80 -16.33 32.09 -32.30
C THR C 80 -15.47 31.20 -33.19
N ASP C 81 -14.14 31.42 -33.13
CA ASP C 81 -13.18 30.69 -33.93
C ASP C 81 -12.14 30.03 -33.02
N LEU C 82 -11.20 29.31 -33.63
CA LEU C 82 -10.20 28.59 -32.87
C LEU C 82 -9.53 29.51 -31.84
N HIS C 83 -9.28 30.77 -32.21
CA HIS C 83 -8.51 31.65 -31.35
C HIS C 83 -9.27 32.06 -30.11
N ASP C 84 -10.58 32.27 -30.25
CA ASP C 84 -11.41 32.62 -29.08
C ASP C 84 -11.29 31.51 -28.05
N VAL C 85 -11.39 30.26 -28.50
CA VAL C 85 -11.42 29.11 -27.61
C VAL C 85 -10.01 28.84 -27.09
N LEU C 86 -9.03 28.91 -28.00
CA LEU C 86 -7.65 28.57 -27.68
C LEU C 86 -7.13 29.50 -26.57
N GLU C 87 -7.47 30.79 -26.66
CA GLU C 87 -7.02 31.78 -25.70
C GLU C 87 -7.56 31.46 -24.31
N ASP C 88 -8.86 31.09 -24.25
CA ASP C 88 -9.48 30.76 -22.97
C ASP C 88 -8.86 29.47 -22.41
N ALA C 89 -8.59 28.50 -23.28
CA ALA C 89 -8.02 27.24 -22.86
C ALA C 89 -6.61 27.45 -22.28
N ARG C 90 -5.80 28.26 -22.97
CA ARG C 90 -4.42 28.48 -22.56
C ARG C 90 -4.38 29.04 -21.15
N ARG C 91 -5.25 30.04 -20.90
CA ARG C 91 -5.30 30.71 -19.61
C ARG C 91 -5.56 29.68 -18.51
N ILE C 92 -6.44 28.70 -18.79
CA ILE C 92 -6.78 27.70 -17.81
C ILE C 92 -5.59 26.76 -17.59
N THR C 93 -5.07 26.16 -18.66
CA THR C 93 -4.03 25.16 -18.52
C THR C 93 -2.75 25.75 -17.92
N ALA C 94 -2.59 27.08 -17.99
CA ALA C 94 -1.43 27.72 -17.38
C ALA C 94 -1.52 27.64 -15.86
N ALA C 95 -2.74 27.50 -15.34
CA ALA C 95 -2.96 27.65 -13.91
C ALA C 95 -3.14 26.29 -13.22
N THR C 96 -3.40 25.22 -14.00
CA THR C 96 -3.68 23.92 -13.43
C THR C 96 -3.33 22.81 -14.42
N HIS C 97 -2.86 21.67 -13.89
CA HIS C 97 -2.55 20.49 -14.69
C HIS C 97 -3.76 19.56 -14.75
N LEU C 98 -4.83 19.92 -14.04
CA LEU C 98 -6.06 19.15 -14.05
C LEU C 98 -6.52 18.99 -15.50
N PRO C 99 -6.74 17.75 -15.98
CA PRO C 99 -7.02 17.53 -17.41
C PRO C 99 -8.24 18.33 -17.84
N LEU C 100 -8.13 19.01 -18.99
CA LEU C 100 -9.16 19.91 -19.47
C LEU C 100 -9.78 19.36 -20.74
N LEU C 101 -11.11 19.34 -20.78
CA LEU C 101 -11.86 19.00 -21.98
C LEU C 101 -12.34 20.30 -22.61
N VAL C 102 -12.09 20.44 -23.91
CA VAL C 102 -12.38 21.69 -24.60
C VAL C 102 -13.39 21.43 -25.72
N ASP C 103 -14.44 22.27 -25.73
CA ASP C 103 -15.47 22.28 -26.76
C ASP C 103 -14.90 22.95 -28.01
N ILE C 104 -14.82 22.21 -29.13
CA ILE C 104 -14.36 22.79 -30.38
C ILE C 104 -15.45 22.78 -31.44
N ASP C 105 -16.71 22.75 -31.00
CA ASP C 105 -17.85 22.90 -31.90
C ASP C 105 -17.75 21.87 -33.02
N THR C 106 -17.67 22.35 -34.27
CA THR C 106 -17.66 21.49 -35.43
C THR C 106 -16.26 21.48 -36.07
N GLY C 107 -15.30 22.10 -35.38
CA GLY C 107 -13.90 22.07 -35.81
C GLY C 107 -13.45 23.36 -36.48
N PHE C 108 -14.34 24.36 -36.57
CA PHE C 108 -14.03 25.72 -36.97
C PHE C 108 -13.81 25.86 -38.47
N GLY C 109 -13.88 24.76 -39.21
CA GLY C 109 -13.77 24.79 -40.66
C GLY C 109 -13.56 23.40 -41.24
N GLY C 110 -12.87 23.36 -42.39
CA GLY C 110 -12.61 22.11 -43.09
C GLY C 110 -11.50 21.30 -42.44
N ALA C 111 -11.06 20.27 -43.16
CA ALA C 111 -10.10 19.30 -42.68
C ALA C 111 -8.84 19.99 -42.16
N PHE C 112 -8.42 21.08 -42.81
CA PHE C 112 -7.15 21.68 -42.46
C PHE C 112 -7.27 22.48 -41.17
N THR C 113 -8.43 23.16 -41.01
CA THR C 113 -8.72 23.90 -39.80
C THR C 113 -8.81 22.93 -38.62
N ILE C 114 -9.44 21.77 -38.83
CA ILE C 114 -9.60 20.78 -37.78
C ILE C 114 -8.22 20.33 -37.33
N ALA C 115 -7.35 20.04 -38.30
CA ALA C 115 -5.98 19.64 -38.01
C ALA C 115 -5.29 20.70 -37.17
N ARG C 116 -5.47 21.97 -37.54
CA ARG C 116 -4.85 23.08 -36.82
C ARG C 116 -5.40 23.13 -35.40
N ALA C 117 -6.73 22.97 -35.28
CA ALA C 117 -7.38 23.02 -33.99
C ALA C 117 -6.79 21.96 -33.06
N ILE C 118 -6.62 20.73 -33.59
CA ILE C 118 -6.11 19.63 -32.79
C ILE C 118 -4.68 19.95 -32.34
N LYS C 119 -3.83 20.36 -33.29
CA LYS C 119 -2.43 20.60 -33.00
C LYS C 119 -2.29 21.71 -31.96
N GLU C 120 -3.10 22.76 -32.13
CA GLU C 120 -3.01 23.92 -31.26
C GLU C 120 -3.50 23.58 -29.86
N MET C 121 -4.55 22.75 -29.78
CA MET C 121 -5.10 22.38 -28.50
C MET C 121 -4.06 21.55 -27.75
N GLU C 122 -3.41 20.63 -28.46
CA GLU C 122 -2.36 19.82 -27.85
C GLU C 122 -1.26 20.75 -27.32
N ARG C 123 -0.86 21.73 -28.13
CA ARG C 123 0.20 22.65 -27.78
C ARG C 123 -0.18 23.46 -26.55
N ALA C 124 -1.49 23.63 -26.33
CA ALA C 124 -1.98 24.41 -25.20
C ALA C 124 -2.16 23.54 -23.96
N GLN C 125 -1.71 22.28 -24.02
CA GLN C 125 -1.67 21.39 -22.86
C GLN C 125 -3.08 20.92 -22.50
N VAL C 126 -3.97 20.92 -23.49
CA VAL C 126 -5.34 20.46 -23.33
C VAL C 126 -5.34 18.92 -23.34
N ALA C 127 -6.26 18.32 -22.57
CA ALA C 127 -6.33 16.87 -22.41
C ALA C 127 -7.21 16.22 -23.48
N ALA C 128 -8.31 16.89 -23.85
CA ALA C 128 -9.31 16.28 -24.72
C ALA C 128 -10.17 17.37 -25.37
N VAL C 129 -10.73 17.06 -26.55
CA VAL C 129 -11.70 17.94 -27.19
C VAL C 129 -12.95 17.16 -27.55
N HIS C 130 -14.06 17.89 -27.76
CA HIS C 130 -15.24 17.30 -28.36
C HIS C 130 -15.64 18.08 -29.60
N MET C 131 -15.94 17.32 -30.65
CA MET C 131 -16.32 17.83 -31.94
C MET C 131 -17.63 17.14 -32.34
N GLU C 132 -18.56 17.88 -32.96
CA GLU C 132 -19.92 17.41 -33.12
C GLU C 132 -20.32 17.38 -34.60
N ASP C 133 -21.48 16.77 -34.87
CA ASP C 133 -21.91 16.43 -36.22
C ASP C 133 -22.96 17.41 -36.76
N GLN C 134 -23.00 18.62 -36.20
CA GLN C 134 -23.87 19.65 -36.73
C GLN C 134 -23.25 20.29 -37.96
N VAL C 135 -24.03 21.10 -38.67
CA VAL C 135 -23.53 21.91 -39.78
C VAL C 135 -22.74 23.08 -39.20
N ALA C 136 -22.04 23.82 -40.07
CA ALA C 136 -21.16 24.92 -39.67
C ALA C 136 -21.84 25.90 -38.73
N GLN C 137 -23.00 26.44 -39.13
CA GLN C 137 -23.71 27.40 -38.29
C GLN C 137 -24.52 26.66 -37.23
N LYS C 138 -23.80 26.25 -36.17
CA LYS C 138 -24.30 25.34 -35.13
C LYS C 138 -25.05 26.14 -34.06
N ARG C 139 -25.67 25.40 -33.15
CA ARG C 139 -26.42 25.97 -32.03
C ARG C 139 -26.31 25.05 -30.82
N CYS C 140 -26.74 25.55 -29.66
CA CYS C 140 -26.87 24.78 -28.43
C CYS C 140 -27.59 23.46 -28.71
N GLY C 141 -27.10 22.37 -28.11
CA GLY C 141 -27.58 21.03 -28.40
C GLY C 141 -28.97 20.72 -27.82
N HIS C 142 -29.49 21.62 -26.97
CA HIS C 142 -30.77 21.47 -26.30
C HIS C 142 -31.80 22.45 -26.88
N ARG C 143 -31.45 23.13 -27.97
CA ARG C 143 -32.35 24.04 -28.68
C ARG C 143 -33.02 23.30 -29.84
N PRO C 144 -34.21 23.74 -30.32
CA PRO C 144 -34.80 23.20 -31.55
C PRO C 144 -34.21 23.82 -32.81
N GLY C 145 -34.29 23.08 -33.93
CA GLY C 145 -33.92 23.56 -35.25
C GLY C 145 -32.47 23.26 -35.64
N LYS C 146 -31.90 22.21 -35.05
CA LYS C 146 -30.53 21.80 -35.30
C LYS C 146 -30.45 21.10 -36.65
N GLU C 147 -29.35 21.32 -37.38
CA GLU C 147 -29.12 20.60 -38.62
C GLU C 147 -27.81 19.82 -38.54
N LEU C 148 -27.85 18.55 -38.98
CA LEU C 148 -26.69 17.67 -38.93
C LEU C 148 -26.08 17.50 -40.31
N VAL C 149 -24.78 17.18 -40.32
CA VAL C 149 -24.12 16.68 -41.52
C VAL C 149 -24.39 15.18 -41.58
N ASN C 150 -24.26 14.57 -42.79
CA ASN C 150 -24.47 13.13 -42.89
C ASN C 150 -23.31 12.42 -42.21
N THR C 151 -23.46 11.11 -42.01
CA THR C 151 -22.46 10.31 -41.32
C THR C 151 -21.09 10.44 -41.98
N ASN C 152 -21.06 10.52 -43.32
CA ASN C 152 -19.82 10.55 -44.06
C ASN C 152 -19.02 11.82 -43.75
N GLU C 153 -19.70 12.97 -43.71
CA GLU C 153 -19.07 14.26 -43.50
C GLU C 153 -18.44 14.31 -42.11
N MET C 154 -19.08 13.66 -41.13
CA MET C 154 -18.58 13.67 -39.77
C MET C 154 -17.36 12.75 -39.67
N VAL C 155 -17.38 11.64 -40.41
CA VAL C 155 -16.26 10.72 -40.44
C VAL C 155 -15.03 11.46 -40.98
N ASP C 156 -15.26 12.25 -42.05
CA ASP C 156 -14.24 13.13 -42.62
C ASP C 156 -13.64 14.03 -41.54
N ARG C 157 -14.51 14.66 -40.73
CA ARG C 157 -14.04 15.53 -39.66
C ARG C 157 -13.15 14.74 -38.72
N ILE C 158 -13.60 13.53 -38.35
CA ILE C 158 -12.90 12.73 -37.37
C ILE C 158 -11.53 12.31 -37.92
N LYS C 159 -11.49 11.97 -39.21
CA LYS C 159 -10.25 11.52 -39.86
C LYS C 159 -9.22 12.64 -39.81
N ALA C 160 -9.64 13.86 -40.18
CA ALA C 160 -8.78 15.04 -40.16
C ALA C 160 -8.17 15.20 -38.77
N ALA C 161 -8.97 14.96 -37.73
CA ALA C 161 -8.49 15.16 -36.38
C ALA C 161 -7.54 14.04 -35.97
N VAL C 162 -7.90 12.77 -36.26
CA VAL C 162 -7.13 11.66 -35.74
C VAL C 162 -5.78 11.59 -36.46
N ASP C 163 -5.75 12.01 -37.73
CA ASP C 163 -4.56 11.97 -38.57
C ASP C 163 -3.41 12.76 -37.95
N VAL C 164 -3.70 13.73 -37.07
CA VAL C 164 -2.66 14.61 -36.57
C VAL C 164 -2.55 14.52 -35.06
N LYS C 165 -3.46 13.79 -34.41
CA LYS C 165 -3.44 13.82 -32.95
C LYS C 165 -2.47 12.79 -32.40
N SER C 166 -1.88 13.10 -31.23
CA SER C 166 -1.09 12.14 -30.48
C SER C 166 -1.99 11.03 -29.97
N ASN C 167 -1.38 9.95 -29.46
CA ASN C 167 -2.12 8.77 -29.04
C ASN C 167 -2.93 9.09 -27.79
N ASP C 168 -2.28 9.71 -26.79
CA ASP C 168 -2.87 9.92 -25.48
C ASP C 168 -4.03 10.91 -25.55
N PHE C 169 -3.94 11.85 -26.49
CA PHE C 169 -4.91 12.93 -26.59
C PHE C 169 -6.28 12.36 -26.95
N VAL C 170 -7.31 12.84 -26.25
CA VAL C 170 -8.63 12.23 -26.33
C VAL C 170 -9.53 13.05 -27.27
N LEU C 171 -10.00 12.39 -28.34
CA LEU C 171 -11.01 12.96 -29.22
C LEU C 171 -12.37 12.36 -28.87
N ILE C 172 -13.27 13.21 -28.36
CA ILE C 172 -14.64 12.81 -28.08
C ILE C 172 -15.55 13.26 -29.22
N ALA C 173 -16.09 12.31 -29.97
CA ALA C 173 -17.08 12.64 -30.99
C ALA C 173 -18.44 12.82 -30.34
N ARG C 174 -19.07 13.97 -30.64
CA ARG C 174 -20.36 14.33 -30.08
C ARG C 174 -21.41 14.20 -31.19
N THR C 175 -22.50 13.51 -30.85
CA THR C 175 -23.62 13.42 -31.78
C THR C 175 -24.83 14.16 -31.21
N ASP C 176 -25.44 14.98 -32.07
CA ASP C 176 -26.57 15.82 -31.72
C ASP C 176 -27.82 15.26 -32.40
N ALA C 177 -27.82 13.93 -32.61
CA ALA C 177 -28.72 13.31 -33.58
C ALA C 177 -30.00 12.78 -32.94
N TYR C 178 -29.98 12.57 -31.61
CA TYR C 178 -31.09 11.96 -30.90
C TYR C 178 -32.41 12.70 -31.15
N ALA C 179 -32.39 14.02 -30.97
CA ALA C 179 -33.60 14.84 -31.04
C ALA C 179 -34.14 14.92 -32.47
N VAL C 180 -33.31 14.55 -33.48
CA VAL C 180 -33.67 14.76 -34.86
C VAL C 180 -34.01 13.42 -35.53
N GLU C 181 -33.27 12.35 -35.18
CA GLU C 181 -33.26 11.12 -35.96
C GLU C 181 -33.59 9.92 -35.08
N GLY C 182 -33.58 10.14 -33.76
CA GLY C 182 -33.97 9.11 -32.81
C GLY C 182 -32.82 8.19 -32.43
N LEU C 183 -33.00 7.48 -31.31
CA LEU C 183 -31.97 6.72 -30.63
C LEU C 183 -31.24 5.75 -31.55
N LYS C 184 -31.98 5.01 -32.38
CA LYS C 184 -31.37 3.95 -33.18
C LYS C 184 -30.35 4.55 -34.15
N ALA C 185 -30.75 5.61 -34.87
CA ALA C 185 -29.92 6.27 -35.88
C ALA C 185 -28.71 6.93 -35.23
N THR C 186 -28.88 7.37 -33.97
CA THR C 186 -27.85 8.04 -33.19
C THR C 186 -26.77 7.02 -32.80
N ILE C 187 -27.19 5.81 -32.42
CA ILE C 187 -26.26 4.76 -32.05
C ILE C 187 -25.44 4.35 -33.26
N ASP C 188 -26.09 4.38 -34.44
CA ASP C 188 -25.45 3.99 -35.68
C ASP C 188 -24.30 4.95 -35.98
N ARG C 189 -24.62 6.24 -35.93
CA ARG C 189 -23.67 7.32 -36.10
C ARG C 189 -22.49 7.13 -35.14
N ALA C 190 -22.79 7.00 -33.84
CA ALA C 190 -21.77 6.92 -32.81
C ALA C 190 -20.81 5.76 -33.10
N CYS C 191 -21.35 4.67 -33.65
CA CYS C 191 -20.57 3.46 -33.85
C CYS C 191 -19.61 3.65 -35.02
N THR C 192 -20.12 4.25 -36.11
CA THR C 192 -19.31 4.66 -37.24
C THR C 192 -18.21 5.62 -36.77
N TYR C 193 -18.54 6.53 -35.85
CA TYR C 193 -17.61 7.54 -35.38
C TYR C 193 -16.46 6.89 -34.61
N VAL C 194 -16.79 5.87 -33.80
CA VAL C 194 -15.77 5.16 -33.03
C VAL C 194 -14.86 4.44 -34.01
N GLU C 195 -15.48 3.89 -35.07
CA GLU C 195 -14.77 3.16 -36.10
C GLU C 195 -13.78 4.07 -36.80
N ALA C 196 -14.19 5.33 -37.02
CA ALA C 196 -13.38 6.31 -37.73
C ALA C 196 -12.22 6.83 -36.89
N GLY C 197 -12.25 6.58 -35.56
CA GLY C 197 -11.09 6.86 -34.72
C GLY C 197 -11.43 7.60 -33.41
N ALA C 198 -12.72 7.92 -33.19
CA ALA C 198 -13.11 8.59 -31.96
C ALA C 198 -12.76 7.74 -30.75
N ASP C 199 -12.29 8.38 -29.68
CA ASP C 199 -11.86 7.69 -28.48
C ASP C 199 -13.04 7.47 -27.53
N MET C 200 -13.94 8.45 -27.49
CA MET C 200 -15.07 8.46 -26.57
C MET C 200 -16.25 9.13 -27.28
N ILE C 201 -17.46 8.98 -26.70
CA ILE C 201 -18.66 9.53 -27.33
C ILE C 201 -19.43 10.43 -26.36
N PHE C 202 -19.89 11.55 -26.91
CA PHE C 202 -20.69 12.54 -26.22
C PHE C 202 -22.11 12.42 -26.78
N ALA C 203 -22.98 11.79 -25.99
CA ALA C 203 -24.37 11.57 -26.36
C ALA C 203 -25.22 12.76 -25.90
N GLU C 204 -25.42 13.68 -26.83
CA GLU C 204 -26.03 14.96 -26.50
C GLU C 204 -27.55 14.81 -26.38
N ALA C 205 -28.07 15.25 -25.22
CA ALA C 205 -29.48 15.53 -25.03
C ALA C 205 -30.34 14.28 -25.18
N LEU C 206 -29.84 13.14 -24.65
CA LEU C 206 -30.69 11.98 -24.42
C LEU C 206 -31.66 12.34 -23.32
N GLU C 207 -32.96 12.21 -23.63
CA GLU C 207 -34.04 12.75 -22.81
C GLU C 207 -34.44 11.78 -21.69
N ASN C 208 -34.06 10.51 -21.83
CA ASN C 208 -34.51 9.50 -20.90
C ASN C 208 -33.36 8.60 -20.49
N ILE C 209 -33.22 8.37 -19.18
CA ILE C 209 -32.08 7.63 -18.64
C ILE C 209 -32.08 6.19 -19.14
N ASN C 210 -33.19 5.73 -19.74
CA ASN C 210 -33.30 4.33 -20.14
C ASN C 210 -32.64 4.14 -21.51
N ASP C 211 -32.31 5.26 -22.17
CA ASP C 211 -31.62 5.25 -23.44
C ASP C 211 -30.15 4.85 -23.25
N TYR C 212 -29.56 5.18 -22.10
CA TYR C 212 -28.11 5.12 -21.93
C TYR C 212 -27.59 3.68 -21.99
N PRO C 213 -28.17 2.70 -21.24
CA PRO C 213 -27.58 1.36 -21.15
C PRO C 213 -27.42 0.69 -22.52
N THR C 214 -28.38 0.94 -23.41
CA THR C 214 -28.38 0.40 -24.76
C THR C 214 -27.35 1.14 -25.62
N PHE C 215 -27.24 2.46 -25.41
CA PHE C 215 -26.30 3.30 -26.13
C PHE C 215 -24.87 2.91 -25.74
N CYS C 216 -24.61 2.84 -24.43
CA CYS C 216 -23.28 2.58 -23.90
C CYS C 216 -22.77 1.21 -24.31
N LYS C 217 -23.67 0.21 -24.36
CA LYS C 217 -23.31 -1.15 -24.69
C LYS C 217 -22.91 -1.23 -26.17
N ALA C 218 -23.65 -0.51 -27.03
CA ALA C 218 -23.46 -0.56 -28.47
C ALA C 218 -22.16 0.13 -28.89
N VAL C 219 -21.77 1.23 -28.23
CA VAL C 219 -20.65 2.03 -28.71
C VAL C 219 -19.35 1.58 -28.05
N LYS C 220 -19.44 0.94 -26.88
CA LYS C 220 -18.32 0.24 -26.23
C LYS C 220 -17.35 1.22 -25.55
N VAL C 221 -16.99 2.30 -26.24
CA VAL C 221 -16.07 3.30 -25.69
C VAL C 221 -16.80 4.11 -24.63
N PRO C 222 -16.06 4.76 -23.69
CA PRO C 222 -16.68 5.58 -22.65
C PRO C 222 -17.64 6.63 -23.21
N VAL C 223 -18.77 6.84 -22.50
CA VAL C 223 -19.79 7.75 -22.95
C VAL C 223 -19.96 8.88 -21.93
N LEU C 224 -20.13 10.09 -22.46
CA LEU C 224 -20.35 11.29 -21.66
C LEU C 224 -21.83 11.65 -21.73
N ALA C 225 -22.40 11.95 -20.55
CA ALA C 225 -23.75 12.49 -20.49
C ALA C 225 -23.69 13.95 -20.08
N ASN C 226 -24.49 14.78 -20.77
CA ASN C 226 -24.44 16.22 -20.60
C ASN C 226 -25.60 16.67 -19.71
N MET C 227 -25.29 16.88 -18.43
CA MET C 227 -26.27 17.30 -17.44
C MET C 227 -26.31 18.82 -17.35
N THR C 228 -26.77 19.45 -18.43
CA THR C 228 -26.95 20.90 -18.42
C THR C 228 -28.37 21.24 -17.94
N GLU C 229 -28.51 22.36 -17.26
CA GLU C 229 -29.78 22.84 -16.74
C GLU C 229 -30.57 23.54 -17.84
N PHE C 230 -31.89 23.63 -17.62
CA PHE C 230 -32.81 24.37 -18.47
C PHE C 230 -32.71 23.86 -19.91
N GLY C 231 -32.54 22.54 -20.05
CA GLY C 231 -32.50 21.93 -21.38
C GLY C 231 -33.61 20.89 -21.55
N LYS C 232 -33.33 19.87 -22.36
CA LYS C 232 -34.30 18.85 -22.70
C LYS C 232 -34.07 17.61 -21.83
N THR C 233 -33.10 17.70 -20.91
CA THR C 233 -32.77 16.56 -20.09
C THR C 233 -33.21 16.82 -18.65
N PRO C 234 -33.77 15.81 -17.95
CA PRO C 234 -33.89 15.87 -16.50
C PRO C 234 -32.50 15.78 -15.89
N LEU C 235 -32.34 16.32 -14.68
CA LEU C 235 -31.08 16.23 -13.97
C LEU C 235 -31.05 14.95 -13.14
N TYR C 236 -30.44 13.90 -13.70
CA TYR C 236 -30.15 12.68 -12.96
C TYR C 236 -28.87 12.85 -12.14
N THR C 237 -28.62 11.92 -11.22
CA THR C 237 -27.42 11.94 -10.39
C THR C 237 -26.29 11.20 -11.11
N ALA C 238 -25.07 11.44 -10.62
CA ALA C 238 -23.89 10.76 -11.13
C ALA C 238 -24.06 9.26 -10.98
N ALA C 239 -24.46 8.84 -9.77
CA ALA C 239 -24.68 7.44 -9.44
C ALA C 239 -25.66 6.79 -10.42
N GLN C 240 -26.79 7.46 -10.65
CA GLN C 240 -27.83 6.95 -11.54
C GLN C 240 -27.23 6.74 -12.93
N LEU C 241 -26.49 7.74 -13.41
CA LEU C 241 -25.97 7.72 -14.77
C LEU C 241 -24.91 6.64 -14.90
N ALA C 242 -24.12 6.46 -13.84
CA ALA C 242 -23.12 5.40 -13.80
C ALA C 242 -23.79 4.02 -13.91
N ASP C 243 -24.90 3.84 -13.17
CA ASP C 243 -25.64 2.59 -13.15
C ASP C 243 -26.21 2.26 -14.53
N HIS C 244 -26.39 3.28 -15.36
CA HIS C 244 -26.95 3.11 -16.69
C HIS C 244 -25.85 3.06 -17.76
N GLY C 245 -24.58 3.00 -17.29
CA GLY C 245 -23.44 2.67 -18.13
C GLY C 245 -22.61 3.89 -18.59
N VAL C 246 -22.92 5.06 -18.04
CA VAL C 246 -22.29 6.30 -18.41
C VAL C 246 -20.97 6.44 -17.64
N LYS C 247 -19.91 6.91 -18.32
CA LYS C 247 -18.58 6.98 -17.73
C LYS C 247 -18.18 8.41 -17.38
N MET C 248 -18.74 9.41 -18.06
CA MET C 248 -18.47 10.80 -17.76
C MET C 248 -19.77 11.58 -17.65
N VAL C 249 -19.82 12.49 -16.67
CA VAL C 249 -20.96 13.39 -16.52
C VAL C 249 -20.46 14.82 -16.55
N LEU C 250 -21.03 15.62 -17.46
CA LEU C 250 -20.61 16.99 -17.73
C LEU C 250 -21.57 17.98 -17.10
N TYR C 251 -21.01 19.00 -16.43
CA TYR C 251 -21.75 20.10 -15.85
C TYR C 251 -21.26 21.38 -16.52
N PRO C 252 -21.69 21.64 -17.78
CA PRO C 252 -21.04 22.62 -18.63
C PRO C 252 -21.06 24.08 -18.19
N ARG C 253 -22.18 24.53 -17.61
CA ARG C 253 -22.34 25.95 -17.35
C ARG C 253 -22.78 26.22 -15.93
N SER C 254 -22.87 25.17 -15.10
CA SER C 254 -23.52 25.24 -13.81
C SER C 254 -22.99 26.40 -12.97
N ALA C 255 -21.66 26.48 -12.83
CA ALA C 255 -21.07 27.51 -11.99
C ALA C 255 -21.29 28.89 -12.60
N ASP C 256 -21.15 28.96 -13.93
CA ASP C 256 -21.25 30.21 -14.66
C ASP C 256 -22.61 30.85 -14.41
N ARG C 257 -23.67 30.03 -14.43
CA ARG C 257 -25.04 30.50 -14.27
C ARG C 257 -25.23 31.11 -12.88
N ALA C 258 -24.64 30.46 -11.88
CA ALA C 258 -24.71 30.97 -10.51
C ALA C 258 -23.91 32.27 -10.38
N MET C 259 -22.74 32.30 -11.05
CA MET C 259 -21.88 33.47 -11.04
C MET C 259 -22.64 34.68 -11.58
N SER C 260 -23.37 34.47 -12.67
CA SER C 260 -24.05 35.58 -13.33
C SER C 260 -25.15 36.15 -12.43
N LYS C 261 -25.95 35.26 -11.83
CA LYS C 261 -26.99 35.69 -10.89
C LYS C 261 -26.38 36.51 -9.76
N ALA C 262 -25.28 36.00 -9.17
CA ALA C 262 -24.62 36.65 -8.05
C ALA C 262 -24.14 38.05 -8.45
N ALA C 263 -23.57 38.15 -9.66
CA ALA C 263 -23.01 39.40 -10.14
C ALA C 263 -24.11 40.42 -10.34
N LEU C 264 -25.21 40.00 -11.00
CA LEU C 264 -26.34 40.87 -11.27
C LEU C 264 -26.86 41.42 -9.94
N ALA C 265 -26.96 40.54 -8.94
CA ALA C 265 -27.48 40.92 -7.63
C ALA C 265 -26.60 41.99 -6.98
N VAL C 266 -25.29 41.82 -7.04
CA VAL C 266 -24.37 42.83 -6.49
C VAL C 266 -24.61 44.16 -7.19
N TYR C 267 -24.77 44.12 -8.52
CA TYR C 267 -24.92 45.34 -9.29
C TYR C 267 -26.21 46.06 -8.90
N GLU C 268 -27.30 45.28 -8.80
CA GLU C 268 -28.59 45.82 -8.40
C GLU C 268 -28.46 46.47 -7.02
N ASP C 269 -27.81 45.76 -6.10
CA ASP C 269 -27.64 46.21 -4.72
C ASP C 269 -26.95 47.57 -4.69
N ILE C 270 -25.81 47.68 -5.40
CA ILE C 270 -25.01 48.90 -5.41
C ILE C 270 -25.82 50.05 -6.03
N LYS C 271 -26.65 49.72 -7.03
CA LYS C 271 -27.40 50.73 -7.76
C LYS C 271 -28.50 51.28 -6.87
N LYS C 272 -29.22 50.38 -6.19
CA LYS C 272 -30.41 50.73 -5.44
C LYS C 272 -30.04 51.41 -4.14
N HIS C 273 -29.04 50.89 -3.43
CA HIS C 273 -28.80 51.26 -2.04
C HIS C 273 -27.61 52.20 -1.89
N GLY C 274 -26.86 52.47 -2.97
CA GLY C 274 -25.72 53.38 -2.94
C GLY C 274 -24.54 52.85 -2.12
N VAL C 275 -24.55 51.53 -1.84
CA VAL C 275 -23.56 50.87 -0.99
C VAL C 275 -23.80 49.36 -1.09
N GLN C 276 -22.75 48.58 -0.78
CA GLN C 276 -22.78 47.14 -1.07
C GLN C 276 -23.00 46.30 0.19
N THR C 277 -23.46 46.95 1.28
CA THR C 277 -23.57 46.31 2.58
C THR C 277 -24.36 45.00 2.46
N ALA C 278 -25.51 45.06 1.77
CA ALA C 278 -26.40 43.92 1.67
C ALA C 278 -25.72 42.73 0.96
N SER C 279 -24.68 43.03 0.16
CA SER C 279 -24.03 42.01 -0.64
C SER C 279 -22.91 41.31 0.11
N LEU C 280 -22.37 41.97 1.14
CA LEU C 280 -21.17 41.50 1.83
C LEU C 280 -21.26 39.99 2.16
N PRO C 281 -22.37 39.50 2.75
CA PRO C 281 -22.47 38.08 3.12
C PRO C 281 -22.37 37.12 1.94
N PHE C 282 -22.55 37.66 0.73
CA PHE C 282 -22.59 36.83 -0.48
C PHE C 282 -21.25 36.86 -1.23
N MET C 283 -20.24 37.50 -0.63
CA MET C 283 -18.93 37.66 -1.22
C MET C 283 -17.93 36.68 -0.60
N GLN C 284 -17.11 36.05 -1.43
CA GLN C 284 -15.94 35.31 -0.97
C GLN C 284 -15.00 36.30 -0.27
N THR C 285 -14.41 35.87 0.85
CA THR C 285 -13.58 36.78 1.63
C THR C 285 -12.21 36.94 0.97
N ARG C 286 -11.58 38.09 1.26
CA ARG C 286 -10.23 38.38 0.81
C ARG C 286 -9.31 37.21 1.16
N GLU C 287 -9.49 36.62 2.35
CA GLU C 287 -8.57 35.62 2.85
C GLU C 287 -8.76 34.30 2.10
N ALA C 288 -10.01 33.96 1.76
CA ALA C 288 -10.29 32.76 1.00
C ALA C 288 -9.70 32.88 -0.41
N LEU C 289 -9.80 34.09 -0.97
CA LEU C 289 -9.22 34.42 -2.27
C LEU C 289 -7.71 34.22 -2.22
N TYR C 290 -7.08 34.80 -1.20
CA TYR C 290 -5.64 34.65 -0.99
C TYR C 290 -5.27 33.17 -0.89
N GLU C 291 -6.13 32.38 -0.24
CA GLU C 291 -5.87 30.96 -0.08
C GLU C 291 -5.85 30.27 -1.45
N VAL C 292 -6.84 30.57 -2.30
CA VAL C 292 -6.93 29.91 -3.60
C VAL C 292 -5.73 30.28 -4.47
N LEU C 293 -5.23 31.50 -4.32
CA LEU C 293 -4.17 32.03 -5.17
C LEU C 293 -2.78 31.67 -4.63
N ASN C 294 -2.68 31.34 -3.34
CA ASN C 294 -1.42 31.21 -2.62
C ASN C 294 -0.75 32.58 -2.44
N TYR C 295 -1.58 33.62 -2.29
CA TYR C 295 -1.12 34.99 -2.32
C TYR C 295 -0.04 35.27 -1.29
N HIS C 296 -0.20 34.71 -0.08
CA HIS C 296 0.69 35.03 1.03
C HIS C 296 2.13 34.60 0.74
N ALA C 297 2.31 33.42 0.10
CA ALA C 297 3.62 32.91 -0.24
C ALA C 297 4.40 33.89 -1.15
N TYR C 298 3.65 34.66 -1.95
CA TYR C 298 4.26 35.59 -2.89
C TYR C 298 4.58 36.92 -2.19
N GLU C 299 3.64 37.46 -1.40
CA GLU C 299 3.83 38.78 -0.80
C GLU C 299 4.89 38.72 0.31
N ASP C 300 5.05 37.52 0.90
CA ASP C 300 6.07 37.30 1.94
C ASP C 300 7.45 37.34 1.28
N LYS C 301 7.61 36.69 0.13
CA LYS C 301 8.84 36.69 -0.65
C LYS C 301 9.18 38.11 -1.10
N LEU C 302 8.15 38.95 -1.29
CA LEU C 302 8.29 40.32 -1.76
C LEU C 302 8.82 41.24 -0.66
N ASN C 303 8.45 40.94 0.60
CA ASN C 303 8.88 41.70 1.76
C ASN C 303 10.32 41.35 2.14
N GLN C 304 10.71 40.08 1.88
CA GLN C 304 12.06 39.60 2.12
C GLN C 304 13.04 40.21 1.12
N LEU C 305 12.54 40.54 -0.08
CA LEU C 305 13.33 41.17 -1.13
C LEU C 305 13.53 42.65 -0.85
N PHE C 306 12.51 43.29 -0.23
CA PHE C 306 12.53 44.71 0.09
C PHE C 306 13.35 44.99 1.36
N LYS C 307 13.63 43.94 2.14
CA LYS C 307 14.37 44.03 3.41
C LYS C 307 15.85 43.81 3.14
N ARG C 308 16.16 43.46 1.88
CA ARG C 308 17.52 43.20 1.42
C ARG C 308 17.89 44.25 0.38
N LEU D 18 13.31 11.18 -36.93
CA LEU D 18 12.53 10.42 -35.90
C LEU D 18 12.92 10.95 -34.51
N TYR D 19 13.87 11.90 -34.48
CA TYR D 19 14.24 12.63 -33.27
C TYR D 19 13.22 13.73 -32.97
N PHE D 20 12.74 14.40 -34.03
CA PHE D 20 11.77 15.47 -33.93
C PHE D 20 10.52 15.00 -33.19
N GLN D 21 10.24 13.69 -33.26
CA GLN D 21 8.97 13.14 -32.83
C GLN D 21 8.91 12.97 -31.31
N SER D 22 9.91 12.27 -30.72
CA SER D 22 9.77 11.84 -29.33
C SER D 22 10.65 12.63 -28.36
N MET D 23 11.46 13.57 -28.85
CA MET D 23 12.40 14.29 -28.00
C MET D 23 11.83 15.66 -27.63
N SER D 24 12.08 16.11 -26.37
CA SER D 24 11.62 17.43 -25.95
C SER D 24 12.41 18.53 -26.65
N PRO D 25 11.86 19.77 -26.81
CA PRO D 25 12.58 20.83 -27.52
C PRO D 25 13.93 21.12 -26.88
N GLY D 26 13.97 21.16 -25.54
CA GLY D 26 15.20 21.37 -24.79
C GLY D 26 16.28 20.33 -25.15
N LYS D 27 15.85 19.07 -25.25
CA LYS D 27 16.73 17.97 -25.55
C LYS D 27 17.27 18.11 -26.97
N LEU D 28 16.40 18.47 -27.93
CA LEU D 28 16.81 18.67 -29.30
C LEU D 28 17.89 19.74 -29.40
N PHE D 29 17.76 20.79 -28.56
CA PHE D 29 18.72 21.88 -28.61
C PHE D 29 20.06 21.41 -28.05
N ARG D 30 20.01 20.71 -26.91
CA ARG D 30 21.22 20.19 -26.27
C ARG D 30 21.96 19.25 -27.21
N GLN D 31 21.19 18.46 -27.97
CA GLN D 31 21.75 17.47 -28.89
C GLN D 31 22.40 18.20 -30.08
N ALA D 32 21.79 19.31 -30.52
CA ALA D 32 22.34 20.07 -31.63
C ALA D 32 23.66 20.73 -31.22
N VAL D 33 23.70 21.25 -29.98
CA VAL D 33 24.92 21.84 -29.44
C VAL D 33 26.03 20.79 -29.37
N ALA D 34 25.68 19.55 -29.01
CA ALA D 34 26.69 18.52 -28.78
C ALA D 34 27.23 17.97 -30.10
N ASN D 35 26.36 17.78 -31.11
CA ASN D 35 26.72 17.08 -32.32
C ASN D 35 27.33 18.00 -33.37
N GLU D 36 27.13 19.32 -33.23
CA GLU D 36 27.64 20.27 -34.22
C GLU D 36 28.90 20.91 -33.68
N HIS D 37 29.76 21.37 -34.58
CA HIS D 37 31.04 21.93 -34.18
C HIS D 37 31.40 23.08 -35.12
N PRO D 38 30.93 24.32 -34.84
CA PRO D 38 29.98 24.58 -33.75
C PRO D 38 28.55 24.60 -34.30
N LEU D 39 27.56 24.72 -33.40
CA LEU D 39 26.18 24.87 -33.82
C LEU D 39 25.96 26.29 -34.29
N GLN D 40 25.59 26.42 -35.58
CA GLN D 40 25.17 27.73 -36.09
C GLN D 40 23.68 27.90 -35.80
N ILE D 41 23.32 28.98 -35.10
CA ILE D 41 21.95 29.35 -34.80
C ILE D 41 21.61 30.61 -35.57
N VAL D 42 20.64 30.51 -36.51
CA VAL D 42 20.27 31.64 -37.34
C VAL D 42 18.97 32.26 -36.86
N GLY D 43 18.94 33.61 -36.83
CA GLY D 43 17.71 34.35 -36.54
C GLY D 43 16.67 34.22 -37.64
N ALA D 44 15.40 34.08 -37.22
CA ALA D 44 14.26 34.13 -38.11
C ALA D 44 13.20 35.00 -37.46
N ILE D 45 12.60 35.95 -38.22
CA ILE D 45 11.69 36.88 -37.60
C ILE D 45 10.26 36.32 -37.59
N ASN D 46 10.01 35.35 -38.47
CA ASN D 46 8.68 34.77 -38.61
C ASN D 46 8.81 33.30 -38.99
N ALA D 47 7.66 32.61 -39.03
CA ALA D 47 7.60 31.18 -39.26
C ALA D 47 8.17 30.83 -40.64
N TYR D 48 7.86 31.64 -41.65
CA TYR D 48 8.30 31.33 -42.99
C TYR D 48 9.82 31.37 -43.09
N CYS D 49 10.44 32.35 -42.42
CA CYS D 49 11.90 32.43 -42.40
C CYS D 49 12.47 31.20 -41.71
N ALA D 50 11.81 30.76 -40.63
CA ALA D 50 12.23 29.57 -39.93
C ALA D 50 12.21 28.39 -40.90
N LEU D 51 11.21 28.35 -41.79
CA LEU D 51 11.10 27.24 -42.73
C LEU D 51 12.25 27.30 -43.73
N LEU D 52 12.58 28.50 -44.20
CA LEU D 52 13.69 28.68 -45.12
C LEU D 52 14.98 28.16 -44.48
N ALA D 53 15.24 28.56 -43.23
CA ALA D 53 16.43 28.13 -42.52
C ALA D 53 16.48 26.60 -42.40
N GLU D 54 15.32 25.99 -42.13
CA GLU D 54 15.23 24.55 -41.96
C GLU D 54 15.58 23.86 -43.27
N ASN D 55 15.06 24.39 -44.37
CA ASN D 55 15.24 23.89 -45.72
C ASN D 55 16.73 23.93 -46.09
N VAL D 56 17.46 24.93 -45.58
CA VAL D 56 18.85 25.12 -45.91
C VAL D 56 19.70 24.15 -45.08
N GLY D 57 19.18 23.71 -43.92
CA GLY D 57 19.79 22.63 -43.17
C GLY D 57 20.33 23.04 -41.80
N PHE D 58 19.93 24.21 -41.29
CA PHE D 58 20.34 24.61 -39.94
C PHE D 58 19.65 23.72 -38.91
N LYS D 59 20.30 23.60 -37.75
CA LYS D 59 19.88 22.64 -36.74
C LYS D 59 19.17 23.34 -35.60
N ALA D 60 19.24 24.69 -35.59
CA ALA D 60 18.62 25.50 -34.54
C ALA D 60 18.33 26.89 -35.08
N ILE D 61 17.28 27.52 -34.54
CA ILE D 61 16.87 28.85 -34.99
C ILE D 61 16.70 29.76 -33.77
N TYR D 62 16.56 31.06 -34.04
CA TYR D 62 16.60 32.09 -33.01
C TYR D 62 15.55 33.16 -33.26
N LEU D 63 14.89 33.57 -32.17
CA LEU D 63 13.99 34.70 -32.19
C LEU D 63 14.66 35.88 -31.49
N SER D 64 14.99 36.90 -32.28
CA SER D 64 15.70 38.07 -31.81
C SER D 64 14.76 39.03 -31.12
N GLY D 65 15.12 39.45 -29.91
CA GLY D 65 14.33 40.42 -29.17
C GLY D 65 14.28 41.76 -29.90
N GLY D 66 15.43 42.19 -30.43
CA GLY D 66 15.50 43.39 -31.22
C GLY D 66 14.64 43.25 -32.46
N GLY D 67 14.67 42.07 -33.06
CA GLY D 67 13.82 41.73 -34.20
C GLY D 67 12.35 41.88 -33.85
N VAL D 68 11.98 41.41 -32.65
CA VAL D 68 10.57 41.44 -32.27
C VAL D 68 10.12 42.89 -32.20
N ALA D 69 10.92 43.73 -31.52
CA ALA D 69 10.60 45.13 -31.37
C ALA D 69 10.63 45.83 -32.74
N ASN D 70 11.75 45.69 -33.47
CA ASN D 70 11.94 46.41 -34.73
C ASN D 70 10.83 46.07 -35.71
N THR D 71 10.40 44.80 -35.76
CA THR D 71 9.39 44.40 -36.73
C THR D 71 8.05 45.08 -36.42
N LEU D 72 7.84 45.45 -35.15
CA LEU D 72 6.62 46.13 -34.75
C LEU D 72 6.79 47.64 -34.97
N GLY D 73 8.01 48.05 -35.36
CA GLY D 73 8.30 49.46 -35.54
C GLY D 73 8.71 50.13 -34.23
N LEU D 74 9.20 49.33 -33.27
CA LEU D 74 9.64 49.85 -31.99
C LEU D 74 11.16 49.70 -31.84
N PRO D 75 11.84 50.61 -31.12
CA PRO D 75 13.26 50.48 -30.84
C PRO D 75 13.55 49.36 -29.83
N ASP D 76 14.79 48.86 -29.87
CA ASP D 76 15.21 47.75 -29.03
C ASP D 76 15.61 48.28 -27.65
N LEU D 77 14.63 48.67 -26.86
CA LEU D 77 14.86 49.45 -25.65
C LEU D 77 14.02 48.91 -24.50
N GLY D 78 13.73 47.61 -24.52
CA GLY D 78 13.01 46.94 -23.44
C GLY D 78 11.54 47.38 -23.30
N ILE D 79 10.97 47.95 -24.37
CA ILE D 79 9.57 48.36 -24.38
C ILE D 79 8.67 47.12 -24.49
N THR D 80 9.12 46.11 -25.24
CA THR D 80 8.38 44.89 -25.47
C THR D 80 8.24 44.10 -24.17
N ASP D 81 7.19 43.27 -24.11
CA ASP D 81 6.87 42.47 -22.93
C ASP D 81 6.79 41.00 -23.32
N LEU D 82 6.53 40.14 -22.34
CA LEU D 82 6.48 38.71 -22.58
C LEU D 82 5.58 38.38 -23.76
N HIS D 83 4.45 39.10 -23.89
CA HIS D 83 3.45 38.75 -24.88
C HIS D 83 3.92 39.04 -26.31
N ASP D 84 4.66 40.15 -26.48
CA ASP D 84 5.18 40.48 -27.79
C ASP D 84 6.07 39.33 -28.28
N VAL D 85 6.94 38.83 -27.39
CA VAL D 85 7.92 37.81 -27.76
C VAL D 85 7.22 36.47 -27.88
N LEU D 86 6.35 36.17 -26.90
CA LEU D 86 5.69 34.87 -26.83
C LEU D 86 4.88 34.60 -28.09
N GLU D 87 4.18 35.65 -28.58
CA GLU D 87 3.34 35.49 -29.74
C GLU D 87 4.18 35.15 -30.97
N ASP D 88 5.32 35.83 -31.12
CA ASP D 88 6.21 35.58 -32.25
C ASP D 88 6.79 34.16 -32.14
N ALA D 89 7.15 33.75 -30.92
CA ALA D 89 7.72 32.43 -30.72
C ALA D 89 6.71 31.33 -31.07
N ARG D 90 5.47 31.49 -30.61
CA ARG D 90 4.44 30.48 -30.84
C ARG D 90 4.26 30.24 -32.34
N ARG D 91 4.22 31.34 -33.11
CA ARG D 91 4.01 31.28 -34.54
C ARG D 91 5.10 30.43 -35.18
N ILE D 92 6.34 30.58 -34.70
CA ILE D 92 7.46 29.84 -35.26
C ILE D 92 7.33 28.36 -34.87
N THR D 93 7.21 28.06 -33.57
CA THR D 93 7.22 26.68 -33.12
C THR D 93 6.03 25.89 -33.68
N ALA D 94 4.97 26.60 -34.11
CA ALA D 94 3.83 25.92 -34.72
C ALA D 94 4.21 25.36 -36.08
N ALA D 95 5.25 25.91 -36.71
CA ALA D 95 5.53 25.61 -38.09
C ALA D 95 6.72 24.65 -38.23
N THR D 96 7.50 24.48 -37.16
CA THR D 96 8.72 23.68 -37.22
C THR D 96 9.09 23.16 -35.83
N HIS D 97 9.66 21.94 -35.81
CA HIS D 97 10.15 21.35 -34.57
C HIS D 97 11.61 21.69 -34.34
N LEU D 98 12.21 22.40 -35.29
CA LEU D 98 13.59 22.85 -35.18
C LEU D 98 13.76 23.63 -33.87
N PRO D 99 14.69 23.23 -32.97
CA PRO D 99 14.77 23.85 -31.65
C PRO D 99 14.97 25.36 -31.77
N LEU D 100 14.21 26.13 -30.99
CA LEU D 100 14.22 27.57 -31.08
C LEU D 100 14.80 28.19 -29.82
N LEU D 101 15.75 29.12 -30.00
CA LEU D 101 16.27 29.91 -28.90
C LEU D 101 15.60 31.28 -28.93
N VAL D 102 15.08 31.70 -27.77
CA VAL D 102 14.30 32.92 -27.70
C VAL D 102 14.98 33.90 -26.75
N ASP D 103 15.13 35.14 -27.25
CA ASP D 103 15.64 36.28 -26.50
C ASP D 103 14.55 36.78 -25.55
N ILE D 104 14.82 36.72 -24.23
CA ILE D 104 13.86 37.24 -23.26
C ILE D 104 14.45 38.42 -22.48
N ASP D 105 15.41 39.13 -23.08
CA ASP D 105 15.96 40.35 -22.52
C ASP D 105 16.41 40.10 -21.09
N THR D 106 15.79 40.83 -20.15
CA THR D 106 16.18 40.76 -18.75
C THR D 106 15.09 40.06 -17.94
N GLY D 107 14.10 39.48 -18.64
CA GLY D 107 13.11 38.64 -18.00
C GLY D 107 11.75 39.33 -17.79
N PHE D 108 11.65 40.58 -18.25
CA PHE D 108 10.38 41.32 -18.37
C PHE D 108 9.89 41.83 -17.02
N GLY D 109 10.60 41.53 -15.94
CA GLY D 109 10.26 42.02 -14.61
C GLY D 109 11.00 41.27 -13.52
N GLY D 110 10.38 41.21 -12.34
CA GLY D 110 10.96 40.57 -11.18
C GLY D 110 10.84 39.06 -11.25
N ALA D 111 11.15 38.42 -10.11
CA ALA D 111 11.22 36.98 -9.99
C ALA D 111 9.98 36.29 -10.52
N PHE D 112 8.82 36.91 -10.31
CA PHE D 112 7.57 36.22 -10.63
C PHE D 112 7.32 36.28 -12.14
N THR D 113 7.66 37.42 -12.75
CA THR D 113 7.56 37.60 -14.18
C THR D 113 8.50 36.63 -14.89
N ILE D 114 9.72 36.49 -14.34
CA ILE D 114 10.70 35.59 -14.94
C ILE D 114 10.16 34.19 -14.94
N ALA D 115 9.60 33.77 -13.79
CA ALA D 115 9.00 32.46 -13.66
C ALA D 115 7.91 32.27 -14.73
N ARG D 116 7.07 33.30 -14.92
CA ARG D 116 6.00 33.23 -15.90
C ARG D 116 6.58 33.10 -17.30
N ALA D 117 7.61 33.89 -17.57
CA ALA D 117 8.26 33.87 -18.88
C ALA D 117 8.77 32.47 -19.19
N ILE D 118 9.42 31.84 -18.20
CA ILE D 118 9.98 30.50 -18.41
C ILE D 118 8.86 29.52 -18.69
N LYS D 119 7.82 29.52 -17.84
CA LYS D 119 6.73 28.56 -17.94
C LYS D 119 6.05 28.71 -19.30
N GLU D 120 5.83 29.97 -19.69
CA GLU D 120 5.09 30.25 -20.91
C GLU D 120 5.91 29.84 -22.13
N MET D 121 7.22 30.08 -22.08
CA MET D 121 8.09 29.74 -23.19
C MET D 121 8.10 28.23 -23.36
N GLU D 122 8.18 27.51 -22.23
CA GLU D 122 8.13 26.05 -22.30
C GLU D 122 6.82 25.60 -22.94
N ARG D 123 5.71 26.22 -22.53
CA ARG D 123 4.39 25.86 -23.02
C ARG D 123 4.29 26.15 -24.52
N ALA D 124 5.11 27.10 -25.00
CA ALA D 124 5.08 27.46 -26.41
C ALA D 124 6.04 26.58 -27.23
N GLN D 125 6.61 25.54 -26.60
CA GLN D 125 7.42 24.53 -27.27
C GLN D 125 8.77 25.10 -27.68
N VAL D 126 9.21 26.12 -26.95
CA VAL D 126 10.51 26.76 -27.13
C VAL D 126 11.58 25.85 -26.53
N ALA D 127 12.77 25.84 -27.14
CA ALA D 127 13.84 24.96 -26.72
C ALA D 127 14.72 25.61 -25.65
N ALA D 128 14.96 26.93 -25.77
CA ALA D 128 15.91 27.61 -24.90
C ALA D 128 15.63 29.11 -24.90
N VAL D 129 16.03 29.79 -23.82
CA VAL D 129 15.97 31.23 -23.75
C VAL D 129 17.33 31.79 -23.32
N HIS D 130 17.54 33.07 -23.61
CA HIS D 130 18.66 33.79 -23.04
C HIS D 130 18.18 35.03 -22.29
N MET D 131 18.73 35.19 -21.09
CA MET D 131 18.41 36.29 -20.20
C MET D 131 19.73 36.94 -19.80
N GLU D 132 19.75 38.27 -19.69
CA GLU D 132 20.99 39.03 -19.58
C GLU D 132 21.04 39.86 -18.30
N ASP D 133 22.23 40.41 -18.02
CA ASP D 133 22.52 41.04 -16.73
C ASP D 133 22.47 42.56 -16.82
N GLN D 134 21.75 43.09 -17.82
CA GLN D 134 21.56 44.53 -17.91
C GLN D 134 20.45 44.95 -16.93
N VAL D 135 20.30 46.27 -16.75
CA VAL D 135 19.17 46.82 -16.01
C VAL D 135 17.92 46.73 -16.86
N ALA D 136 16.76 46.99 -16.26
CA ALA D 136 15.46 46.85 -16.92
C ALA D 136 15.42 47.56 -18.28
N GLN D 137 15.77 48.86 -18.32
CA GLN D 137 15.74 49.61 -19.56
C GLN D 137 17.01 49.33 -20.36
N LYS D 138 17.02 48.17 -21.03
CA LYS D 138 18.17 47.57 -21.69
C LYS D 138 18.33 48.15 -23.10
N ARG D 139 19.46 47.79 -23.74
CA ARG D 139 19.78 48.24 -25.08
C ARG D 139 20.55 47.14 -25.79
N CYS D 140 20.71 47.30 -27.12
CA CYS D 140 21.56 46.46 -27.96
C CYS D 140 22.93 46.28 -27.28
N GLY D 141 23.44 45.03 -27.31
CA GLY D 141 24.65 44.67 -26.58
C GLY D 141 25.94 45.22 -27.20
N HIS D 142 25.84 45.79 -28.40
CA HIS D 142 26.97 46.32 -29.15
C HIS D 142 26.94 47.85 -29.21
N ARG D 143 26.02 48.45 -28.44
CA ARG D 143 25.92 49.89 -28.28
C ARG D 143 26.71 50.33 -27.05
N PRO D 144 27.22 51.59 -26.99
CA PRO D 144 27.80 52.13 -25.76
C PRO D 144 26.74 52.65 -24.79
N GLY D 145 27.08 52.69 -23.49
CA GLY D 145 26.23 53.26 -22.45
C GLY D 145 25.29 52.23 -21.78
N LYS D 146 25.72 50.96 -21.78
CA LYS D 146 24.98 49.88 -21.16
C LYS D 146 25.15 49.96 -19.64
N GLU D 147 24.10 49.62 -18.91
CA GLU D 147 24.20 49.53 -17.46
C GLU D 147 23.83 48.12 -17.00
N LEU D 148 24.65 47.58 -16.08
CA LEU D 148 24.47 46.22 -15.60
C LEU D 148 23.92 46.23 -14.18
N VAL D 149 23.24 45.13 -13.82
CA VAL D 149 22.93 44.85 -12.43
C VAL D 149 24.15 44.17 -11.83
N ASN D 150 24.27 44.19 -10.49
CA ASN D 150 25.41 43.53 -9.86
C ASN D 150 25.22 42.03 -9.97
N THR D 151 26.28 41.27 -9.67
CA THR D 151 26.28 39.83 -9.79
C THR D 151 25.12 39.21 -9.03
N ASN D 152 24.81 39.76 -7.86
CA ASN D 152 23.80 39.21 -6.97
C ASN D 152 22.42 39.27 -7.61
N GLU D 153 22.09 40.41 -8.21
CA GLU D 153 20.79 40.64 -8.81
C GLU D 153 20.55 39.68 -9.98
N MET D 154 21.62 39.37 -10.71
CA MET D 154 21.51 38.49 -11.86
C MET D 154 21.33 37.04 -11.39
N VAL D 155 22.01 36.70 -10.28
CA VAL D 155 21.87 35.37 -9.69
C VAL D 155 20.42 35.16 -9.28
N ASP D 156 19.82 36.19 -8.68
CA ASP D 156 18.41 36.22 -8.33
C ASP D 156 17.56 35.91 -9.56
N ARG D 157 17.84 36.57 -10.68
CA ARG D 157 17.10 36.35 -11.90
C ARG D 157 17.21 34.88 -12.30
N ILE D 158 18.43 34.34 -12.22
CA ILE D 158 18.68 32.99 -12.68
C ILE D 158 17.95 31.99 -11.78
N LYS D 159 17.93 32.26 -10.46
CA LYS D 159 17.27 31.38 -9.50
C LYS D 159 15.78 31.30 -9.82
N ALA D 160 15.16 32.47 -10.04
CA ALA D 160 13.75 32.56 -10.37
C ALA D 160 13.43 31.68 -11.59
N ALA D 161 14.35 31.67 -12.58
CA ALA D 161 14.13 30.92 -13.79
C ALA D 161 14.32 29.43 -13.53
N VAL D 162 15.38 29.05 -12.83
CA VAL D 162 15.73 27.63 -12.73
C VAL D 162 14.72 26.93 -11.82
N ASP D 163 14.19 27.66 -10.83
CA ASP D 163 13.25 27.14 -9.85
C ASP D 163 12.00 26.56 -10.53
N VAL D 164 11.69 26.99 -11.76
CA VAL D 164 10.43 26.58 -12.36
C VAL D 164 10.67 25.85 -13.68
N LYS D 165 11.92 25.79 -14.13
CA LYS D 165 12.12 25.24 -15.46
C LYS D 165 12.28 23.72 -15.40
N SER D 166 11.86 23.04 -16.48
CA SER D 166 12.12 21.63 -16.64
C SER D 166 13.62 21.39 -16.82
N ASN D 167 14.04 20.13 -16.76
CA ASN D 167 15.45 19.79 -16.83
C ASN D 167 15.99 20.06 -18.23
N ASP D 168 15.28 19.58 -19.25
CA ASP D 168 15.74 19.60 -20.63
C ASP D 168 15.84 21.03 -21.15
N PHE D 169 14.98 21.92 -20.64
CA PHE D 169 14.87 23.26 -21.15
C PHE D 169 16.15 24.02 -20.84
N VAL D 170 16.65 24.75 -21.83
CA VAL D 170 17.98 25.36 -21.73
C VAL D 170 17.87 26.84 -21.36
N LEU D 171 18.46 27.19 -20.21
CA LEU D 171 18.60 28.59 -19.81
C LEU D 171 20.04 29.05 -20.11
N ILE D 172 20.15 30.00 -21.06
CA ILE D 172 21.43 30.59 -21.40
C ILE D 172 21.53 31.95 -20.71
N ALA D 173 22.46 32.05 -19.75
CA ALA D 173 22.72 33.35 -19.12
C ALA D 173 23.66 34.16 -20.01
N ARG D 174 23.25 35.39 -20.31
CA ARG D 174 23.98 36.30 -21.17
C ARG D 174 24.62 37.39 -20.31
N THR D 175 25.92 37.61 -20.53
CA THR D 175 26.59 38.70 -19.83
C THR D 175 27.03 39.75 -20.84
N ASP D 176 26.72 41.00 -20.50
CA ASP D 176 26.98 42.16 -21.33
C ASP D 176 28.10 42.97 -20.70
N ALA D 177 28.98 42.27 -19.97
CA ALA D 177 29.86 42.93 -19.02
C ALA D 177 31.24 43.23 -19.60
N TYR D 178 31.60 42.58 -20.70
CA TYR D 178 32.92 42.72 -21.30
C TYR D 178 33.26 44.18 -21.60
N ALA D 179 32.36 44.89 -22.28
CA ALA D 179 32.60 46.25 -22.74
C ALA D 179 32.65 47.23 -21.57
N VAL D 180 32.16 46.82 -20.39
CA VAL D 180 32.04 47.74 -19.26
C VAL D 180 33.11 47.45 -18.20
N GLU D 181 33.42 46.16 -17.98
CA GLU D 181 34.15 45.73 -16.79
C GLU D 181 35.37 44.91 -17.18
N GLY D 182 35.41 44.49 -18.45
CA GLY D 182 36.55 43.77 -18.99
C GLY D 182 36.46 42.26 -18.77
N LEU D 183 37.32 41.52 -19.49
CA LEU D 183 37.21 40.08 -19.65
C LEU D 183 37.24 39.36 -18.31
N LYS D 184 38.12 39.77 -17.39
CA LYS D 184 38.31 39.05 -16.14
C LYS D 184 37.01 39.07 -15.32
N ALA D 185 36.42 40.27 -15.17
CA ALA D 185 35.22 40.49 -14.40
C ALA D 185 34.02 39.77 -15.02
N THR D 186 34.05 39.65 -16.35
CA THR D 186 33.01 39.02 -17.14
C THR D 186 33.03 37.50 -16.91
N ILE D 187 34.24 36.93 -16.83
CA ILE D 187 34.40 35.50 -16.59
C ILE D 187 33.91 35.18 -15.18
N ASP D 188 34.13 36.11 -14.25
CA ASP D 188 33.73 35.91 -12.87
C ASP D 188 32.22 35.80 -12.79
N ARG D 189 31.54 36.77 -13.40
CA ARG D 189 30.10 36.80 -13.51
C ARG D 189 29.59 35.49 -14.11
N ALA D 190 30.11 35.12 -15.28
CA ALA D 190 29.63 33.94 -16.01
C ALA D 190 29.73 32.70 -15.13
N CYS D 191 30.77 32.65 -14.29
CA CYS D 191 31.04 31.46 -13.50
C CYS D 191 30.04 31.35 -12.35
N THR D 192 29.80 32.50 -11.70
CA THR D 192 28.75 32.63 -10.70
C THR D 192 27.39 32.24 -11.31
N TYR D 193 27.15 32.66 -12.57
CA TYR D 193 25.88 32.41 -13.24
C TYR D 193 25.67 30.92 -13.48
N VAL D 194 26.75 30.23 -13.87
CA VAL D 194 26.69 28.79 -14.09
C VAL D 194 26.39 28.10 -12.76
N GLU D 195 27.00 28.62 -11.71
CA GLU D 195 26.86 28.10 -10.37
C GLU D 195 25.40 28.23 -9.93
N ALA D 196 24.77 29.35 -10.30
CA ALA D 196 23.39 29.65 -9.91
C ALA D 196 22.38 28.80 -10.69
N GLY D 197 22.81 28.16 -11.78
CA GLY D 197 21.99 27.17 -12.46
C GLY D 197 21.92 27.32 -13.98
N ALA D 198 22.62 28.33 -14.54
CA ALA D 198 22.63 28.53 -15.97
C ALA D 198 23.20 27.29 -16.66
N ASP D 199 22.61 26.93 -17.81
CA ASP D 199 23.02 25.74 -18.54
C ASP D 199 24.16 26.07 -19.50
N MET D 200 24.11 27.28 -20.09
CA MET D 200 25.04 27.72 -21.10
C MET D 200 25.27 29.21 -20.94
N ILE D 201 26.30 29.75 -21.61
CA ILE D 201 26.64 31.17 -21.46
C ILE D 201 26.72 31.86 -22.81
N PHE D 202 26.14 33.06 -22.85
CA PHE D 202 26.14 33.95 -24.01
C PHE D 202 27.10 35.09 -23.69
N ALA D 203 28.29 35.02 -24.30
CA ALA D 203 29.35 36.00 -24.09
C ALA D 203 29.20 37.10 -25.14
N GLU D 204 28.53 38.17 -24.71
CA GLU D 204 28.12 39.22 -25.63
C GLU D 204 29.30 40.15 -25.93
N ALA D 205 29.56 40.31 -27.22
CA ALA D 205 30.39 41.40 -27.75
C ALA D 205 31.83 41.32 -27.27
N LEU D 206 32.37 40.08 -27.20
CA LEU D 206 33.81 39.91 -27.07
C LEU D 206 34.44 40.36 -28.39
N GLU D 207 35.38 41.30 -28.28
CA GLU D 207 35.94 42.06 -29.38
C GLU D 207 37.09 41.33 -30.07
N ASN D 208 37.67 40.34 -29.39
CA ASN D 208 38.87 39.69 -29.90
C ASN D 208 38.77 38.18 -29.73
N ILE D 209 39.09 37.44 -30.79
CA ILE D 209 38.90 35.99 -30.79
C ILE D 209 39.81 35.32 -29.76
N ASN D 210 40.78 36.05 -29.22
CA ASN D 210 41.73 35.45 -28.30
C ASN D 210 41.16 35.42 -26.89
N ASP D 211 40.03 36.13 -26.70
CA ASP D 211 39.31 36.14 -25.45
C ASP D 211 38.60 34.80 -25.21
N TYR D 212 38.18 34.12 -26.29
CA TYR D 212 37.24 33.02 -26.18
C TYR D 212 37.86 31.82 -25.46
N PRO D 213 39.09 31.34 -25.83
CA PRO D 213 39.61 30.10 -25.26
C PRO D 213 39.72 30.12 -23.74
N THR D 214 40.06 31.29 -23.20
CA THR D 214 40.18 31.51 -21.77
C THR D 214 38.80 31.58 -21.12
N PHE D 215 37.84 32.21 -21.83
CA PHE D 215 36.47 32.33 -21.37
C PHE D 215 35.81 30.95 -21.31
N CYS D 216 35.93 30.21 -22.42
CA CYS D 216 35.28 28.91 -22.56
C CYS D 216 35.82 27.90 -21.54
N LYS D 217 37.12 27.96 -21.26
CA LYS D 217 37.77 27.03 -20.34
C LYS D 217 37.29 27.30 -18.92
N ALA D 218 37.14 28.59 -18.57
CA ALA D 218 36.78 29.00 -17.22
C ALA D 218 35.34 28.65 -16.89
N VAL D 219 34.42 28.77 -17.86
CA VAL D 219 33.00 28.64 -17.56
C VAL D 219 32.54 27.20 -17.73
N LYS D 220 33.25 26.42 -18.56
CA LYS D 220 33.08 24.99 -18.70
C LYS D 220 31.86 24.62 -19.54
N VAL D 221 30.72 25.28 -19.29
CA VAL D 221 29.49 25.01 -20.02
C VAL D 221 29.60 25.57 -21.44
N PRO D 222 28.80 25.08 -22.41
CA PRO D 222 28.84 25.59 -23.77
C PRO D 222 28.67 27.11 -23.85
N VAL D 223 29.44 27.73 -24.76
CA VAL D 223 29.44 29.18 -24.89
C VAL D 223 28.95 29.57 -26.29
N LEU D 224 28.13 30.62 -26.32
CA LEU D 224 27.60 31.17 -27.55
C LEU D 224 28.36 32.45 -27.89
N ALA D 225 28.76 32.58 -29.15
CA ALA D 225 29.34 33.81 -29.64
C ALA D 225 28.36 34.47 -30.60
N ASN D 226 28.20 35.79 -30.44
CA ASN D 226 27.20 36.55 -31.18
C ASN D 226 27.84 37.28 -32.35
N MET D 227 27.70 36.69 -33.54
CA MET D 227 28.28 37.24 -34.76
C MET D 227 27.27 38.15 -35.45
N THR D 228 26.95 39.27 -34.80
CA THR D 228 26.06 40.25 -35.40
C THR D 228 26.88 41.25 -36.21
N GLU D 229 26.28 41.77 -37.29
CA GLU D 229 26.91 42.75 -38.16
C GLU D 229 26.79 44.15 -37.56
N PHE D 230 27.68 45.05 -38.02
CA PHE D 230 27.62 46.46 -37.65
C PHE D 230 27.71 46.61 -36.13
N GLY D 231 28.50 45.74 -35.49
CA GLY D 231 28.71 45.84 -34.07
C GLY D 231 30.17 46.08 -33.69
N LYS D 232 30.54 45.60 -32.50
CA LYS D 232 31.86 45.79 -31.94
C LYS D 232 32.71 44.55 -32.19
N THR D 233 32.15 43.57 -32.89
CA THR D 233 32.86 42.34 -33.13
C THR D 233 33.24 42.24 -34.60
N PRO D 234 34.46 41.75 -34.92
CA PRO D 234 34.78 41.32 -36.27
C PRO D 234 33.99 40.05 -36.56
N LEU D 235 33.74 39.79 -37.85
CA LEU D 235 33.02 38.59 -38.24
C LEU D 235 34.02 37.47 -38.47
N TYR D 236 34.24 36.64 -37.44
CA TYR D 236 35.04 35.44 -37.58
C TYR D 236 34.16 34.31 -38.16
N THR D 237 34.83 33.23 -38.60
CA THR D 237 34.13 32.08 -39.16
C THR D 237 33.73 31.13 -38.04
N ALA D 238 32.80 30.24 -38.37
CA ALA D 238 32.35 29.21 -37.45
C ALA D 238 33.54 28.37 -37.01
N ALA D 239 34.34 27.93 -38.00
CA ALA D 239 35.53 27.11 -37.78
C ALA D 239 36.47 27.79 -36.78
N GLN D 240 36.76 29.07 -37.02
CA GLN D 240 37.66 29.84 -36.17
C GLN D 240 37.13 29.83 -34.74
N LEU D 241 35.83 30.11 -34.59
CA LEU D 241 35.24 30.26 -33.27
C LEU D 241 35.23 28.91 -32.55
N ALA D 242 34.99 27.83 -33.31
CA ALA D 242 35.03 26.50 -32.75
C ALA D 242 36.44 26.19 -32.22
N ASP D 243 37.48 26.56 -32.99
CA ASP D 243 38.87 26.31 -32.64
C ASP D 243 39.23 27.05 -31.36
N HIS D 244 38.51 28.13 -31.05
CA HIS D 244 38.77 28.95 -29.87
C HIS D 244 37.85 28.56 -28.72
N GLY D 245 37.10 27.46 -28.89
CA GLY D 245 36.38 26.78 -27.81
C GLY D 245 34.88 27.11 -27.74
N VAL D 246 34.37 27.80 -28.77
CA VAL D 246 32.99 28.25 -28.82
C VAL D 246 32.12 27.11 -29.33
N LYS D 247 30.94 26.92 -28.72
CA LYS D 247 30.07 25.81 -29.08
C LYS D 247 28.86 26.25 -29.91
N MET D 248 28.44 27.52 -29.78
CA MET D 248 27.32 28.03 -30.56
C MET D 248 27.71 29.36 -31.19
N VAL D 249 27.33 29.55 -32.45
CA VAL D 249 27.51 30.83 -33.13
C VAL D 249 26.15 31.34 -33.61
N LEU D 250 25.82 32.56 -33.19
CA LEU D 250 24.53 33.18 -33.42
C LEU D 250 24.62 34.20 -34.54
N TYR D 251 23.65 34.16 -35.46
CA TYR D 251 23.50 35.11 -36.56
C TYR D 251 22.14 35.79 -36.37
N PRO D 252 22.03 36.72 -35.41
CA PRO D 252 20.73 37.17 -34.91
C PRO D 252 19.81 37.90 -35.89
N ARG D 253 20.37 38.72 -36.78
CA ARG D 253 19.53 39.58 -37.59
C ARG D 253 19.91 39.49 -39.08
N SER D 254 20.84 38.58 -39.41
CA SER D 254 21.47 38.58 -40.73
C SER D 254 20.44 38.57 -41.84
N ALA D 255 19.49 37.64 -41.77
CA ALA D 255 18.47 37.50 -42.80
C ALA D 255 17.58 38.73 -42.85
N ASP D 256 17.21 39.22 -41.65
CA ASP D 256 16.28 40.32 -41.51
C ASP D 256 16.82 41.55 -42.23
N ARG D 257 18.13 41.80 -42.07
CA ARG D 257 18.77 42.98 -42.66
C ARG D 257 18.70 42.91 -44.19
N ALA D 258 18.90 41.72 -44.73
CA ALA D 258 18.84 41.53 -46.18
C ALA D 258 17.39 41.69 -46.65
N MET D 259 16.45 41.15 -45.87
CA MET D 259 15.03 41.25 -46.18
C MET D 259 14.61 42.71 -46.30
N SER D 260 15.08 43.54 -45.36
CA SER D 260 14.66 44.93 -45.32
C SER D 260 15.17 45.67 -46.56
N LYS D 261 16.44 45.47 -46.90
CA LYS D 261 17.02 46.08 -48.09
C LYS D 261 16.21 45.70 -49.32
N ALA D 262 15.91 44.39 -49.46
CA ALA D 262 15.19 43.89 -50.62
C ALA D 262 13.80 44.53 -50.71
N ALA D 263 13.13 44.65 -49.56
CA ALA D 263 11.78 45.19 -49.51
C ALA D 263 11.79 46.66 -49.91
N LEU D 264 12.73 47.43 -49.34
CA LEU D 264 12.84 48.85 -49.63
C LEU D 264 13.03 49.03 -51.14
N ALA D 265 13.89 48.18 -51.73
CA ALA D 265 14.19 48.28 -53.15
C ALA D 265 12.94 48.04 -54.00
N VAL D 266 12.14 47.03 -53.64
CA VAL D 266 10.91 46.76 -54.37
C VAL D 266 9.99 47.99 -54.28
N TYR D 267 9.92 48.61 -53.11
CA TYR D 267 9.01 49.72 -52.91
C TYR D 267 9.46 50.91 -53.76
N GLU D 268 10.77 51.18 -53.75
CA GLU D 268 11.35 52.25 -54.55
C GLU D 268 11.04 52.00 -56.03
N ASP D 269 11.24 50.75 -56.47
CA ASP D 269 11.05 50.34 -57.86
C ASP D 269 9.62 50.65 -58.28
N ILE D 270 8.64 50.21 -57.48
CA ILE D 270 7.22 50.39 -57.78
C ILE D 270 6.87 51.88 -57.82
N LYS D 271 7.51 52.66 -56.95
CA LYS D 271 7.23 54.09 -56.84
C LYS D 271 7.75 54.81 -58.09
N LYS D 272 8.99 54.51 -58.48
CA LYS D 272 9.69 55.23 -59.53
C LYS D 272 9.14 54.84 -60.91
N HIS D 273 8.91 53.54 -61.14
CA HIS D 273 8.70 53.02 -62.48
C HIS D 273 7.23 52.68 -62.74
N GLY D 274 6.36 52.78 -61.73
CA GLY D 274 4.94 52.50 -61.88
C GLY D 274 4.61 51.04 -62.14
N VAL D 275 5.60 50.15 -61.89
CA VAL D 275 5.51 48.71 -62.16
C VAL D 275 6.74 48.04 -61.53
N GLN D 276 6.64 46.72 -61.29
CA GLN D 276 7.66 46.02 -60.52
C GLN D 276 8.59 45.18 -61.39
N THR D 277 8.60 45.44 -62.71
CA THR D 277 9.33 44.65 -63.68
C THR D 277 10.78 44.47 -63.25
N ALA D 278 11.43 45.58 -62.86
CA ALA D 278 12.84 45.57 -62.50
C ALA D 278 13.11 44.68 -61.30
N SER D 279 12.07 44.43 -60.48
CA SER D 279 12.23 43.69 -59.24
C SER D 279 12.08 42.18 -59.45
N LEU D 280 11.40 41.78 -60.53
CA LEU D 280 11.06 40.38 -60.76
C LEU D 280 12.25 39.46 -60.51
N PRO D 281 13.46 39.74 -61.05
CA PRO D 281 14.60 38.85 -60.86
C PRO D 281 15.01 38.66 -59.40
N PHE D 282 14.53 39.56 -58.52
CA PHE D 282 14.93 39.56 -57.13
C PHE D 282 13.87 38.92 -56.24
N MET D 283 12.84 38.32 -56.86
CA MET D 283 11.72 37.72 -56.16
C MET D 283 11.84 36.20 -56.17
N GLN D 284 11.58 35.56 -55.03
CA GLN D 284 11.38 34.12 -54.98
C GLN D 284 10.14 33.77 -55.83
N THR D 285 10.21 32.67 -56.58
CA THR D 285 9.12 32.31 -57.47
C THR D 285 7.96 31.70 -56.69
N ARG D 286 6.76 31.81 -57.26
CA ARG D 286 5.56 31.19 -56.72
C ARG D 286 5.84 29.70 -56.44
N GLU D 287 6.57 29.04 -57.34
CA GLU D 287 6.75 27.60 -57.25
C GLU D 287 7.68 27.25 -56.09
N ALA D 288 8.72 28.08 -55.89
CA ALA D 288 9.65 27.85 -54.79
C ALA D 288 8.93 28.05 -53.45
N LEU D 289 8.03 29.05 -53.40
CA LEU D 289 7.19 29.33 -52.25
C LEU D 289 6.32 28.12 -51.95
N TYR D 290 5.64 27.60 -52.98
CA TYR D 290 4.81 26.40 -52.86
C TYR D 290 5.63 25.24 -52.32
N GLU D 291 6.89 25.14 -52.76
CA GLU D 291 7.76 24.07 -52.33
C GLU D 291 8.02 24.18 -50.83
N VAL D 292 8.34 25.38 -50.34
CA VAL D 292 8.66 25.56 -48.94
C VAL D 292 7.44 25.26 -48.06
N LEU D 293 6.24 25.55 -48.57
CA LEU D 293 5.01 25.43 -47.79
C LEU D 293 4.42 24.03 -47.89
N ASN D 294 4.81 23.25 -48.92
CA ASN D 294 4.18 21.99 -49.30
C ASN D 294 2.75 22.25 -49.82
N TYR D 295 2.60 23.36 -50.53
CA TYR D 295 1.29 23.87 -50.92
C TYR D 295 0.51 22.84 -51.73
N HIS D 296 1.20 22.12 -52.63
CA HIS D 296 0.54 21.26 -53.59
C HIS D 296 -0.17 20.11 -52.88
N ALA D 297 0.46 19.55 -51.83
CA ALA D 297 -0.10 18.46 -51.06
C ALA D 297 -1.47 18.83 -50.46
N TYR D 298 -1.65 20.13 -50.17
CA TYR D 298 -2.88 20.60 -49.56
C TYR D 298 -3.95 20.86 -50.62
N GLU D 299 -3.58 21.54 -51.72
CA GLU D 299 -4.57 21.92 -52.72
C GLU D 299 -5.07 20.70 -53.49
N ASP D 300 -4.23 19.65 -53.56
CA ASP D 300 -4.60 18.39 -54.20
C ASP D 300 -5.69 17.71 -53.39
N LYS D 301 -5.49 17.66 -52.06
CA LYS D 301 -6.46 17.07 -51.13
C LYS D 301 -7.77 17.85 -51.18
N LEU D 302 -7.70 19.15 -51.49
CA LEU D 302 -8.84 20.04 -51.52
C LEU D 302 -9.71 19.79 -52.76
N ASN D 303 -9.05 19.42 -53.87
CA ASN D 303 -9.74 19.16 -55.13
C ASN D 303 -10.41 17.77 -55.09
N GLN D 304 -9.81 16.84 -54.34
CA GLN D 304 -10.36 15.50 -54.14
C GLN D 304 -11.60 15.53 -53.26
N LEU D 305 -11.66 16.54 -52.36
CA LEU D 305 -12.79 16.75 -51.47
C LEU D 305 -13.96 17.42 -52.21
N PHE D 306 -13.64 18.27 -53.20
CA PHE D 306 -14.63 18.99 -53.99
C PHE D 306 -15.21 18.10 -55.09
N LYS D 307 -14.55 16.97 -55.39
CA LYS D 307 -14.92 16.10 -56.50
C LYS D 307 -15.91 15.02 -56.07
N ARG D 308 -15.90 14.65 -54.78
CA ARG D 308 -16.79 13.62 -54.28
C ARG D 308 -18.08 14.30 -53.80
N LYS D 309 -18.01 15.64 -53.64
CA LYS D 309 -19.11 16.48 -53.21
C LYS D 309 -19.68 17.24 -54.44
N PHE E 20 -46.02 -60.75 28.39
CA PHE E 20 -47.25 -60.73 29.25
C PHE E 20 -48.04 -59.45 29.00
N GLN E 21 -47.54 -58.29 29.46
CA GLN E 21 -48.41 -57.14 29.73
C GLN E 21 -48.66 -56.33 28.47
N SER E 22 -47.59 -55.87 27.80
CA SER E 22 -47.66 -54.97 26.65
C SER E 22 -48.22 -53.57 26.97
N MET E 23 -48.27 -53.24 28.26
CA MET E 23 -49.09 -52.18 28.85
C MET E 23 -48.41 -50.80 28.87
N SER E 24 -49.23 -49.77 28.68
CA SER E 24 -48.78 -48.41 28.46
C SER E 24 -48.15 -47.84 29.74
N PRO E 25 -47.24 -46.83 29.63
CA PRO E 25 -46.61 -46.26 30.81
C PRO E 25 -47.64 -45.74 31.83
N GLY E 26 -48.68 -45.06 31.33
CA GLY E 26 -49.77 -44.57 32.17
C GLY E 26 -50.42 -45.69 33.00
N LYS E 27 -50.64 -46.83 32.34
CA LYS E 27 -51.28 -47.98 32.96
C LYS E 27 -50.38 -48.54 34.05
N LEU E 28 -49.07 -48.65 33.74
CA LEU E 28 -48.10 -49.16 34.70
C LEU E 28 -48.11 -48.28 35.96
N PHE E 29 -48.27 -46.97 35.78
CA PHE E 29 -48.24 -46.07 36.91
C PHE E 29 -49.50 -46.26 37.76
N ARG E 30 -50.67 -46.31 37.09
CA ARG E 30 -51.94 -46.50 37.78
C ARG E 30 -51.93 -47.82 38.56
N GLN E 31 -51.31 -48.84 37.98
CA GLN E 31 -51.25 -50.16 38.60
C GLN E 31 -50.32 -50.13 39.81
N ALA E 32 -49.24 -49.35 39.73
CA ALA E 32 -48.31 -49.22 40.85
C ALA E 32 -48.98 -48.49 42.02
N VAL E 33 -49.76 -47.46 41.69
CA VAL E 33 -50.53 -46.73 42.70
C VAL E 33 -51.52 -47.66 43.39
N ALA E 34 -52.15 -48.57 42.63
CA ALA E 34 -53.20 -49.41 43.19
C ALA E 34 -52.62 -50.54 44.04
N ASN E 35 -51.51 -51.14 43.61
CA ASN E 35 -51.00 -52.37 44.20
C ASN E 35 -50.05 -52.08 45.37
N GLU E 36 -49.53 -50.86 45.45
CA GLU E 36 -48.60 -50.52 46.52
C GLU E 36 -49.35 -49.75 47.59
N HIS E 37 -48.85 -49.82 48.83
CA HIS E 37 -49.57 -49.19 49.92
C HIS E 37 -48.59 -48.59 50.94
N PRO E 38 -48.08 -47.36 50.72
CA PRO E 38 -48.37 -46.59 49.52
C PRO E 38 -47.25 -46.77 48.49
N LEU E 39 -47.46 -46.19 47.29
CA LEU E 39 -46.40 -46.19 46.29
C LEU E 39 -45.35 -45.13 46.66
N GLN E 40 -44.12 -45.60 46.89
CA GLN E 40 -43.00 -44.68 47.05
C GLN E 40 -42.45 -44.33 45.68
N ILE E 41 -42.41 -43.03 45.35
CA ILE E 41 -41.84 -42.52 44.11
C ILE E 41 -40.57 -41.75 44.44
N VAL E 42 -39.42 -42.24 43.95
CA VAL E 42 -38.15 -41.60 44.24
C VAL E 42 -37.66 -40.78 43.04
N GLY E 43 -37.14 -39.58 43.34
CA GLY E 43 -36.53 -38.73 42.34
C GLY E 43 -35.21 -39.30 41.84
N ALA E 44 -34.99 -39.13 40.52
CA ALA E 44 -33.73 -39.44 39.87
C ALA E 44 -33.40 -38.29 38.93
N ILE E 45 -32.15 -37.81 38.96
CA ILE E 45 -31.80 -36.66 38.13
C ILE E 45 -31.34 -37.12 36.77
N ASN E 46 -30.91 -38.39 36.66
CA ASN E 46 -30.40 -38.90 35.40
C ASN E 46 -30.72 -40.39 35.28
N ALA E 47 -30.41 -40.98 34.12
CA ALA E 47 -30.76 -42.35 33.81
C ALA E 47 -30.11 -43.31 34.80
N TYR E 48 -28.84 -43.06 35.14
CA TYR E 48 -28.11 -43.97 36.01
C TYR E 48 -28.77 -44.04 37.38
N CYS E 49 -29.22 -42.88 37.90
CA CYS E 49 -29.91 -42.86 39.17
C CYS E 49 -31.20 -43.66 39.08
N ALA E 50 -31.89 -43.52 37.95
CA ALA E 50 -33.12 -44.26 37.73
C ALA E 50 -32.81 -45.77 37.79
N LEU E 51 -31.64 -46.16 37.28
CA LEU E 51 -31.28 -47.57 37.29
C LEU E 51 -31.02 -48.04 38.71
N LEU E 52 -30.34 -47.20 39.52
CA LEU E 52 -30.09 -47.51 40.91
C LEU E 52 -31.42 -47.74 41.63
N ALA E 53 -32.38 -46.83 41.42
CA ALA E 53 -33.68 -46.93 42.07
C ALA E 53 -34.37 -48.24 41.68
N GLU E 54 -34.26 -48.60 40.39
CA GLU E 54 -34.91 -49.80 39.87
C GLU E 54 -34.32 -51.03 40.55
N ASN E 55 -32.99 -51.05 40.67
CA ASN E 55 -32.21 -52.12 41.26
C ASN E 55 -32.63 -52.32 42.73
N VAL E 56 -32.98 -51.23 43.40
CA VAL E 56 -33.33 -51.27 44.82
C VAL E 56 -34.77 -51.77 44.98
N GLY E 57 -35.58 -51.59 43.94
CA GLY E 57 -36.89 -52.24 43.88
C GLY E 57 -38.08 -51.28 43.89
N PHE E 58 -37.84 -49.99 43.65
CA PHE E 58 -38.93 -49.04 43.58
C PHE E 58 -39.77 -49.30 42.33
N LYS E 59 -41.05 -48.92 42.40
CA LYS E 59 -42.01 -49.29 41.37
C LYS E 59 -42.32 -48.08 40.48
N ALA E 60 -41.83 -46.91 40.88
CA ALA E 60 -42.04 -45.67 40.13
C ALA E 60 -40.92 -44.68 40.42
N ILE E 61 -40.59 -43.83 39.43
CA ILE E 61 -39.53 -42.84 39.59
C ILE E 61 -40.04 -41.47 39.20
N TYR E 62 -39.23 -40.43 39.50
CA TYR E 62 -39.67 -39.05 39.39
C TYR E 62 -38.56 -38.17 38.82
N LEU E 63 -38.96 -37.27 37.91
CA LEU E 63 -38.06 -36.25 37.42
C LEU E 63 -38.46 -34.91 38.03
N SER E 64 -37.57 -34.41 38.89
CA SER E 64 -37.80 -33.19 39.62
C SER E 64 -37.52 -31.98 38.75
N GLY E 65 -38.48 -31.05 38.69
CA GLY E 65 -38.31 -29.82 37.93
C GLY E 65 -37.18 -28.98 38.51
N GLY E 66 -37.14 -28.90 39.85
CA GLY E 66 -36.08 -28.20 40.54
C GLY E 66 -34.74 -28.86 40.24
N GLY E 67 -34.74 -30.20 40.20
CA GLY E 67 -33.58 -30.99 39.82
C GLY E 67 -33.11 -30.62 38.42
N VAL E 68 -34.06 -30.45 37.50
CA VAL E 68 -33.70 -30.18 36.12
C VAL E 68 -32.97 -28.85 36.06
N ALA E 69 -33.55 -27.83 36.71
CA ALA E 69 -32.97 -26.50 36.75
C ALA E 69 -31.62 -26.52 37.48
N ASN E 70 -31.63 -27.04 38.72
CA ASN E 70 -30.46 -27.00 39.58
C ASN E 70 -29.29 -27.73 38.91
N THR E 71 -29.54 -28.85 38.22
CA THR E 71 -28.46 -29.61 37.62
C THR E 71 -27.79 -28.80 36.51
N LEU E 72 -28.54 -27.86 35.91
CA LEU E 72 -27.98 -27.01 34.88
C LEU E 72 -27.31 -25.79 35.52
N GLY E 73 -27.43 -25.68 36.84
CA GLY E 73 -26.87 -24.55 37.58
C GLY E 73 -27.82 -23.36 37.57
N LEU E 74 -29.12 -23.63 37.39
CA LEU E 74 -30.13 -22.59 37.36
C LEU E 74 -31.03 -22.72 38.57
N PRO E 75 -31.56 -21.58 39.10
CA PRO E 75 -32.54 -21.63 40.18
C PRO E 75 -33.90 -22.14 39.72
N ASP E 76 -34.67 -22.67 40.68
CA ASP E 76 -35.96 -23.29 40.40
C ASP E 76 -37.02 -22.20 40.35
N LEU E 77 -37.02 -21.43 39.25
CA LEU E 77 -37.79 -20.21 39.18
C LEU E 77 -38.55 -20.10 37.87
N GLY E 78 -38.92 -21.27 37.30
CA GLY E 78 -39.67 -21.34 36.05
C GLY E 78 -38.91 -20.80 34.83
N ILE E 79 -37.58 -20.78 34.92
CA ILE E 79 -36.71 -20.37 33.82
C ILE E 79 -36.69 -21.46 32.75
N THR E 80 -36.70 -22.72 33.20
CA THR E 80 -36.65 -23.89 32.33
C THR E 80 -37.92 -23.96 31.48
N ASP E 81 -37.79 -24.63 30.32
CA ASP E 81 -38.89 -24.75 29.37
C ASP E 81 -39.13 -26.24 29.08
N LEU E 82 -40.12 -26.52 28.23
CA LEU E 82 -40.48 -27.89 27.91
C LEU E 82 -39.26 -28.71 27.54
N HIS E 83 -38.33 -28.10 26.79
CA HIS E 83 -37.22 -28.84 26.23
C HIS E 83 -36.22 -29.26 27.29
N ASP E 84 -36.00 -28.39 28.29
CA ASP E 84 -35.09 -28.74 29.37
C ASP E 84 -35.58 -30.01 30.05
N VAL E 85 -36.89 -30.06 30.33
CA VAL E 85 -37.47 -31.16 31.07
C VAL E 85 -37.58 -32.39 30.17
N LEU E 86 -38.04 -32.17 28.93
CA LEU E 86 -38.30 -33.25 28.00
C LEU E 86 -37.01 -34.05 27.73
N GLU E 87 -35.89 -33.33 27.58
CA GLU E 87 -34.61 -33.96 27.29
C GLU E 87 -34.20 -34.87 28.45
N ASP E 88 -34.38 -34.39 29.69
CA ASP E 88 -34.02 -35.17 30.86
C ASP E 88 -34.93 -36.39 30.97
N ALA E 89 -36.23 -36.20 30.68
CA ALA E 89 -37.17 -37.31 30.75
C ALA E 89 -36.83 -38.39 29.73
N ARG E 90 -36.51 -37.98 28.50
CA ARG E 90 -36.23 -38.93 27.44
C ARG E 90 -35.07 -39.83 27.84
N ARG E 91 -34.02 -39.22 28.39
CA ARG E 91 -32.81 -39.94 28.77
C ARG E 91 -33.16 -41.03 29.77
N ILE E 92 -34.08 -40.72 30.70
CA ILE E 92 -34.46 -41.68 31.72
C ILE E 92 -35.28 -42.80 31.08
N THR E 93 -36.37 -42.46 30.37
CA THR E 93 -37.27 -43.47 29.84
C THR E 93 -36.56 -44.38 28.83
N ALA E 94 -35.45 -43.91 28.26
CA ALA E 94 -34.68 -44.75 27.33
C ALA E 94 -34.03 -45.91 28.07
N ALA E 95 -33.80 -45.73 29.38
CA ALA E 95 -32.97 -46.67 30.11
C ALA E 95 -33.81 -47.63 30.95
N THR E 96 -35.10 -47.30 31.17
CA THR E 96 -35.95 -48.09 32.06
C THR E 96 -37.41 -47.89 31.69
N HIS E 97 -38.21 -48.96 31.85
CA HIS E 97 -39.65 -48.93 31.62
C HIS E 97 -40.40 -48.59 32.91
N LEU E 98 -39.66 -48.45 34.00
CA LEU E 98 -40.23 -48.07 35.29
C LEU E 98 -41.03 -46.78 35.12
N PRO E 99 -42.33 -46.76 35.48
CA PRO E 99 -43.17 -45.59 35.16
C PRO E 99 -42.59 -44.34 35.77
N LEU E 100 -42.54 -43.25 34.99
CA LEU E 100 -41.88 -42.02 35.40
C LEU E 100 -42.91 -40.91 35.54
N LEU E 101 -42.85 -40.21 36.68
CA LEU E 101 -43.64 -39.02 36.91
C LEU E 101 -42.76 -37.80 36.67
N VAL E 102 -43.26 -36.87 35.85
CA VAL E 102 -42.47 -35.73 35.43
C VAL E 102 -43.13 -34.44 35.88
N ASP E 103 -42.31 -33.58 36.50
CA ASP E 103 -42.68 -32.24 36.93
C ASP E 103 -42.74 -31.32 35.72
N ILE E 104 -43.92 -30.77 35.41
CA ILE E 104 -44.03 -29.82 34.30
C ILE E 104 -44.46 -28.43 34.79
N ASP E 105 -44.17 -28.14 36.06
CA ASP E 105 -44.37 -26.80 36.61
C ASP E 105 -45.81 -26.37 36.35
N THR E 106 -45.98 -25.27 35.61
CA THR E 106 -47.29 -24.69 35.37
C THR E 106 -47.70 -24.91 33.92
N GLY E 107 -46.93 -25.73 33.18
CA GLY E 107 -47.28 -26.11 31.83
C GLY E 107 -46.52 -25.34 30.74
N PHE E 108 -45.62 -24.45 31.15
CA PHE E 108 -44.65 -23.80 30.30
C PHE E 108 -45.27 -22.69 29.44
N GLY E 109 -46.60 -22.49 29.55
CA GLY E 109 -47.24 -21.40 28.83
C GLY E 109 -48.76 -21.54 28.82
N GLY E 110 -49.38 -21.01 27.77
CA GLY E 110 -50.82 -21.06 27.60
C GLY E 110 -51.32 -22.43 27.18
N ALA E 111 -52.61 -22.46 26.80
CA ALA E 111 -53.32 -23.68 26.50
C ALA E 111 -52.58 -24.51 25.45
N PHE E 112 -51.96 -23.82 24.48
CA PHE E 112 -51.37 -24.53 23.35
C PHE E 112 -50.05 -25.19 23.77
N THR E 113 -49.29 -24.47 24.60
CA THR E 113 -48.05 -24.98 25.15
C THR E 113 -48.33 -26.20 26.02
N ILE E 114 -49.39 -26.12 26.82
CA ILE E 114 -49.76 -27.22 27.71
C ILE E 114 -50.06 -28.45 26.87
N ALA E 115 -50.84 -28.26 25.81
CA ALA E 115 -51.18 -29.34 24.89
C ALA E 115 -49.90 -29.97 24.33
N ARG E 116 -48.95 -29.12 23.93
CA ARG E 116 -47.69 -29.59 23.37
C ARG E 116 -46.93 -30.39 24.42
N ALA E 117 -46.89 -29.85 25.65
CA ALA E 117 -46.18 -30.49 26.74
C ALA E 117 -46.73 -31.90 26.96
N ILE E 118 -48.07 -32.03 26.97
CA ILE E 118 -48.70 -33.32 27.22
C ILE E 118 -48.33 -34.28 26.10
N LYS E 119 -48.50 -33.85 24.84
CA LYS E 119 -48.27 -34.71 23.70
C LYS E 119 -46.82 -35.18 23.69
N GLU E 120 -45.91 -34.25 23.97
CA GLU E 120 -44.49 -34.54 23.90
C GLU E 120 -44.08 -35.49 25.01
N MET E 121 -44.68 -35.31 26.20
CA MET E 121 -44.35 -36.16 27.33
C MET E 121 -44.80 -37.58 27.03
N GLU E 122 -46.01 -37.70 26.45
CA GLU E 122 -46.51 -39.02 26.07
C GLU E 122 -45.54 -39.66 25.07
N ARG E 123 -45.09 -38.87 24.09
CA ARG E 123 -44.20 -39.36 23.04
C ARG E 123 -42.88 -39.81 23.64
N ALA E 124 -42.52 -39.24 24.80
CA ALA E 124 -41.26 -39.57 25.44
C ALA E 124 -41.40 -40.76 26.39
N GLN E 125 -42.59 -41.42 26.36
CA GLN E 125 -42.82 -42.66 27.09
C GLN E 125 -42.94 -42.39 28.59
N VAL E 126 -43.33 -41.17 28.93
CA VAL E 126 -43.56 -40.74 30.31
C VAL E 126 -44.90 -41.32 30.78
N ALA E 127 -44.97 -41.66 32.08
CA ALA E 127 -46.16 -42.28 32.65
C ALA E 127 -47.17 -41.23 33.14
N ALA E 128 -46.66 -40.14 33.73
CA ALA E 128 -47.53 -39.17 34.37
C ALA E 128 -46.80 -37.83 34.51
N VAL E 129 -47.58 -36.75 34.58
CA VAL E 129 -47.01 -35.43 34.86
C VAL E 129 -47.77 -34.79 36.01
N HIS E 130 -47.14 -33.80 36.64
CA HIS E 130 -47.82 -32.94 37.58
C HIS E 130 -47.69 -31.48 37.17
N MET E 131 -48.83 -30.80 37.22
CA MET E 131 -48.96 -29.41 36.84
C MET E 131 -49.64 -28.69 38.01
N GLU E 132 -49.19 -27.47 38.32
CA GLU E 132 -49.56 -26.79 39.55
C GLU E 132 -50.25 -25.46 39.28
N ASP E 133 -50.81 -24.87 40.34
CA ASP E 133 -51.71 -23.73 40.24
C ASP E 133 -51.01 -22.42 40.61
N GLN E 134 -49.67 -22.40 40.50
CA GLN E 134 -48.95 -21.16 40.73
C GLN E 134 -49.02 -20.29 39.47
N VAL E 135 -48.59 -19.03 39.59
CA VAL E 135 -48.43 -18.15 38.45
C VAL E 135 -47.20 -18.58 37.65
N ALA E 136 -47.02 -18.00 36.46
CA ALA E 136 -45.95 -18.36 35.54
C ALA E 136 -44.58 -18.37 36.23
N GLN E 137 -44.21 -17.28 36.89
CA GLN E 137 -42.91 -17.18 37.54
C GLN E 137 -42.98 -17.86 38.92
N LYS E 138 -42.91 -19.21 38.89
CA LYS E 138 -43.17 -20.08 40.03
C LYS E 138 -41.92 -20.24 40.88
N ARG E 139 -42.06 -20.90 42.04
CA ARG E 139 -40.98 -21.18 42.96
C ARG E 139 -41.23 -22.51 43.66
N CYS E 140 -40.20 -23.01 44.35
CA CYS E 140 -40.27 -24.17 45.21
C CYS E 140 -41.49 -24.07 46.13
N GLY E 141 -42.22 -25.19 46.28
CA GLY E 141 -43.48 -25.22 46.99
C GLY E 141 -43.37 -25.08 48.51
N HIS E 142 -42.14 -25.14 49.03
CA HIS E 142 -41.85 -25.06 50.46
C HIS E 142 -41.18 -23.72 50.81
N ARG E 143 -41.13 -22.80 49.84
CA ARG E 143 -40.60 -21.46 50.04
C ARG E 143 -41.74 -20.49 50.35
N PRO E 144 -41.49 -19.35 51.05
CA PRO E 144 -42.50 -18.30 51.20
C PRO E 144 -42.60 -17.39 49.98
N GLY E 145 -43.77 -16.76 49.80
CA GLY E 145 -44.00 -15.74 48.78
C GLY E 145 -44.55 -16.28 47.46
N LYS E 146 -45.24 -17.42 47.53
CA LYS E 146 -45.82 -18.07 46.37
C LYS E 146 -47.09 -17.32 45.94
N GLU E 147 -47.31 -17.24 44.62
CA GLU E 147 -48.54 -16.64 44.13
C GLU E 147 -49.31 -17.65 43.27
N LEU E 148 -50.62 -17.73 43.49
CA LEU E 148 -51.47 -18.71 42.82
C LEU E 148 -52.33 -18.02 41.77
N VAL E 149 -52.71 -18.78 40.74
CA VAL E 149 -53.77 -18.37 39.83
C VAL E 149 -55.11 -18.73 40.50
N ASN E 150 -56.21 -18.09 40.07
CA ASN E 150 -57.51 -18.42 40.65
C ASN E 150 -57.93 -19.80 40.15
N THR E 151 -58.96 -20.36 40.77
CA THR E 151 -59.42 -21.70 40.46
C THR E 151 -59.73 -21.84 38.96
N ASN E 152 -60.31 -20.79 38.36
CA ASN E 152 -60.74 -20.83 36.98
C ASN E 152 -59.55 -21.03 36.04
N GLU E 153 -58.46 -20.29 36.27
CA GLU E 153 -57.30 -20.31 35.41
C GLU E 153 -56.65 -21.69 35.44
N MET E 154 -56.69 -22.36 36.60
CA MET E 154 -56.08 -23.67 36.75
C MET E 154 -56.94 -24.71 36.04
N VAL E 155 -58.27 -24.53 36.10
CA VAL E 155 -59.20 -25.42 35.41
C VAL E 155 -58.92 -25.35 33.91
N ASP E 156 -58.70 -24.13 33.40
CA ASP E 156 -58.30 -23.89 32.03
C ASP E 156 -57.05 -24.70 31.67
N ARG E 157 -56.05 -24.65 32.55
CA ARG E 157 -54.82 -25.40 32.33
C ARG E 157 -55.15 -26.89 32.21
N ILE E 158 -56.00 -27.37 33.12
CA ILE E 158 -56.30 -28.79 33.19
C ILE E 158 -57.07 -29.21 31.93
N LYS E 159 -57.98 -28.35 31.46
CA LYS E 159 -58.78 -28.64 30.28
C LYS E 159 -57.87 -28.82 29.06
N ALA E 160 -56.94 -27.86 28.89
CA ALA E 160 -55.98 -27.89 27.79
C ALA E 160 -55.23 -29.22 27.80
N ALA E 161 -54.89 -29.71 28.98
CA ALA E 161 -54.12 -30.94 29.09
C ALA E 161 -54.99 -32.16 28.79
N VAL E 162 -56.20 -32.19 29.37
CA VAL E 162 -57.00 -33.41 29.28
C VAL E 162 -57.53 -33.58 27.85
N ASP E 163 -57.78 -32.45 27.17
CA ASP E 163 -58.31 -32.44 25.82
C ASP E 163 -57.43 -33.22 24.85
N VAL E 164 -56.14 -33.40 25.17
CA VAL E 164 -55.25 -34.01 24.19
C VAL E 164 -54.60 -35.27 24.77
N LYS E 165 -54.85 -35.58 26.04
CA LYS E 165 -54.11 -36.69 26.63
C LYS E 165 -54.83 -38.00 26.36
N SER E 166 -54.06 -39.09 26.25
CA SER E 166 -54.62 -40.43 26.20
C SER E 166 -55.26 -40.77 27.54
N ASN E 167 -56.02 -41.88 27.57
CA ASN E 167 -56.78 -42.26 28.75
C ASN E 167 -55.84 -42.69 29.87
N ASP E 168 -54.88 -43.57 29.53
CA ASP E 168 -54.03 -44.22 30.51
C ASP E 168 -53.08 -43.21 31.16
N PHE E 169 -52.71 -42.16 30.40
CA PHE E 169 -51.72 -41.21 30.86
C PHE E 169 -52.28 -40.43 32.04
N VAL E 170 -51.43 -40.28 33.08
CA VAL E 170 -51.89 -39.74 34.35
C VAL E 170 -51.55 -38.25 34.47
N LEU E 171 -52.59 -37.43 34.62
CA LEU E 171 -52.43 -36.02 34.94
C LEU E 171 -52.65 -35.80 36.44
N ILE E 172 -51.59 -35.42 37.15
CA ILE E 172 -51.68 -35.10 38.57
C ILE E 172 -51.74 -33.57 38.72
N ALA E 173 -52.90 -33.06 39.18
CA ALA E 173 -52.99 -31.64 39.49
C ALA E 173 -52.39 -31.38 40.88
N ARG E 174 -51.47 -30.42 40.94
CA ARG E 174 -50.78 -30.05 42.15
C ARG E 174 -51.32 -28.71 42.64
N THR E 175 -51.67 -28.65 43.92
CA THR E 175 -52.10 -27.40 44.50
C THR E 175 -51.09 -26.94 45.56
N ASP E 176 -50.72 -25.67 45.45
CA ASP E 176 -49.72 -25.04 46.31
C ASP E 176 -50.42 -24.08 47.25
N ALA E 177 -51.68 -24.39 47.57
CA ALA E 177 -52.59 -23.43 48.13
C ALA E 177 -52.65 -23.50 49.66
N TYR E 178 -52.20 -24.61 50.25
CA TYR E 178 -52.29 -24.82 51.70
C TYR E 178 -51.64 -23.68 52.47
N ALA E 179 -50.39 -23.35 52.12
CA ALA E 179 -49.59 -22.37 52.84
C ALA E 179 -50.14 -20.97 52.68
N VAL E 180 -51.01 -20.74 51.68
CA VAL E 180 -51.47 -19.40 51.35
C VAL E 180 -52.91 -19.20 51.79
N GLU E 181 -53.75 -20.22 51.65
CA GLU E 181 -55.21 -20.07 51.70
C GLU E 181 -55.81 -21.02 52.72
N GLY E 182 -55.00 -21.98 53.19
CA GLY E 182 -55.41 -22.90 54.24
C GLY E 182 -56.15 -24.12 53.69
N LEU E 183 -56.25 -25.15 54.53
CA LEU E 183 -56.67 -26.50 54.16
C LEU E 183 -58.04 -26.50 53.46
N LYS E 184 -58.99 -25.74 53.97
CA LYS E 184 -60.36 -25.80 53.45
C LYS E 184 -60.39 -25.35 51.99
N ALA E 185 -59.75 -24.20 51.72
CA ALA E 185 -59.72 -23.59 50.39
C ALA E 185 -58.94 -24.49 49.41
N THR E 186 -57.96 -25.22 49.94
CA THR E 186 -57.10 -26.12 49.18
C THR E 186 -57.91 -27.33 48.73
N ILE E 187 -58.76 -27.86 49.63
CA ILE E 187 -59.59 -29.00 49.31
C ILE E 187 -60.60 -28.61 48.22
N ASP E 188 -61.06 -27.36 48.28
CA ASP E 188 -62.04 -26.87 47.33
C ASP E 188 -61.44 -26.87 45.93
N ARG E 189 -60.24 -26.28 45.83
CA ARG E 189 -59.46 -26.25 44.61
C ARG E 189 -59.27 -27.66 44.06
N ALA E 190 -58.75 -28.57 44.90
CA ALA E 190 -58.44 -29.92 44.47
C ALA E 190 -59.67 -30.61 43.90
N CYS E 191 -60.84 -30.30 44.47
CA CYS E 191 -62.07 -30.98 44.08
C CYS E 191 -62.54 -30.50 42.72
N THR E 192 -62.48 -29.17 42.52
CA THR E 192 -62.72 -28.55 41.23
C THR E 192 -61.76 -29.12 40.18
N TYR E 193 -60.49 -29.34 40.58
CA TYR E 193 -59.46 -29.81 39.66
C TYR E 193 -59.77 -31.24 39.20
N VAL E 194 -60.25 -32.07 40.13
CA VAL E 194 -60.62 -33.45 39.81
C VAL E 194 -61.80 -33.42 38.84
N GLU E 195 -62.70 -32.48 39.09
CA GLU E 195 -63.90 -32.30 38.29
C GLU E 195 -63.50 -31.92 36.85
N ALA E 196 -62.47 -31.08 36.73
CA ALA E 196 -62.00 -30.59 35.45
C ALA E 196 -61.25 -31.65 34.65
N GLY E 197 -60.84 -32.75 35.31
CA GLY E 197 -60.30 -33.90 34.60
C GLY E 197 -59.01 -34.47 35.19
N ALA E 198 -58.52 -33.88 36.30
CA ALA E 198 -57.32 -34.39 36.95
C ALA E 198 -57.55 -35.83 37.42
N ASP E 199 -56.53 -36.68 37.27
CA ASP E 199 -56.62 -38.08 37.63
C ASP E 199 -56.27 -38.28 39.10
N MET E 200 -55.30 -37.50 39.59
CA MET E 200 -54.75 -37.61 40.93
C MET E 200 -54.39 -36.22 41.44
N ILE E 201 -54.13 -36.10 42.75
CA ILE E 201 -53.84 -34.80 43.36
C ILE E 201 -52.53 -34.84 44.14
N PHE E 202 -51.75 -33.77 43.95
CA PHE E 202 -50.50 -33.53 44.62
C PHE E 202 -50.74 -32.41 45.63
N ALA E 203 -50.84 -32.80 46.90
CA ALA E 203 -51.10 -31.88 48.00
C ALA E 203 -49.78 -31.38 48.56
N GLU E 204 -49.38 -30.20 48.06
CA GLU E 204 -48.04 -29.70 48.32
C GLU E 204 -47.98 -29.06 49.71
N ALA E 205 -47.01 -29.54 50.50
CA ALA E 205 -46.55 -28.88 51.71
C ALA E 205 -47.64 -28.78 52.77
N LEU E 206 -48.43 -29.87 52.91
CA LEU E 206 -49.26 -30.03 54.09
C LEU E 206 -48.33 -30.26 55.27
N GLU E 207 -48.47 -29.41 56.30
CA GLU E 207 -47.51 -29.29 57.40
C GLU E 207 -47.79 -30.31 58.51
N ASN E 208 -49.02 -30.86 58.51
CA ASN E 208 -49.42 -31.74 59.60
C ASN E 208 -50.12 -32.97 59.06
N ILE E 209 -49.71 -34.14 59.55
CA ILE E 209 -50.22 -35.40 59.03
C ILE E 209 -51.73 -35.54 59.28
N ASN E 210 -52.30 -34.68 60.12
CA ASN E 210 -53.71 -34.82 60.47
C ASN E 210 -54.58 -34.16 59.41
N ASP E 211 -53.93 -33.41 58.52
CA ASP E 211 -54.62 -32.78 57.40
C ASP E 211 -55.03 -33.82 56.35
N TYR E 212 -54.25 -34.90 56.23
CA TYR E 212 -54.35 -35.78 55.07
C TYR E 212 -55.69 -36.53 55.05
N PRO E 213 -56.15 -37.17 56.16
CA PRO E 213 -57.33 -38.03 56.11
C PRO E 213 -58.58 -37.31 55.61
N THR E 214 -58.69 -36.03 55.98
CA THR E 214 -59.81 -35.19 55.57
C THR E 214 -59.64 -34.75 54.12
N PHE E 215 -58.39 -34.50 53.72
CA PHE E 215 -58.07 -34.10 52.34
C PHE E 215 -58.35 -35.27 51.40
N CYS E 216 -57.84 -36.46 51.75
CA CYS E 216 -57.93 -37.64 50.90
C CYS E 216 -59.38 -38.09 50.72
N LYS E 217 -60.19 -37.95 51.77
CA LYS E 217 -61.58 -38.37 51.73
C LYS E 217 -62.38 -37.45 50.81
N ALA E 218 -62.07 -36.14 50.86
CA ALA E 218 -62.81 -35.13 50.13
C ALA E 218 -62.53 -35.20 48.61
N VAL E 219 -61.28 -35.52 48.23
CA VAL E 219 -60.90 -35.41 46.83
C VAL E 219 -61.11 -36.75 46.12
N LYS E 220 -61.11 -37.86 46.88
CA LYS E 220 -61.51 -39.19 46.41
C LYS E 220 -60.41 -39.85 45.59
N VAL E 221 -59.81 -39.11 44.64
CA VAL E 221 -58.77 -39.65 43.78
C VAL E 221 -57.48 -39.82 44.57
N PRO E 222 -56.55 -40.69 44.13
CA PRO E 222 -55.28 -40.88 44.84
C PRO E 222 -54.53 -39.57 45.09
N VAL E 223 -53.92 -39.48 46.28
CA VAL E 223 -53.23 -38.28 46.70
C VAL E 223 -51.74 -38.58 46.92
N LEU E 224 -50.92 -37.63 46.47
CA LEU E 224 -49.47 -37.71 46.63
C LEU E 224 -49.06 -36.76 47.76
N ALA E 225 -48.19 -37.27 48.65
CA ALA E 225 -47.59 -36.44 49.67
C ALA E 225 -46.11 -36.25 49.36
N ASN E 226 -45.65 -35.00 49.49
CA ASN E 226 -44.31 -34.64 49.08
C ASN E 226 -43.39 -34.56 50.31
N MET E 227 -42.63 -35.63 50.52
CA MET E 227 -41.71 -35.75 51.64
C MET E 227 -40.34 -35.23 51.28
N THR E 228 -40.25 -33.91 51.02
CA THR E 228 -38.97 -33.31 50.72
C THR E 228 -38.32 -32.83 52.01
N GLU E 229 -36.98 -32.88 52.07
CA GLU E 229 -36.22 -32.45 53.23
C GLU E 229 -36.05 -30.94 53.24
N PHE E 230 -35.77 -30.40 54.43
CA PHE E 230 -35.43 -29.00 54.63
C PHE E 230 -36.55 -28.11 54.08
N GLY E 231 -37.80 -28.55 54.27
CA GLY E 231 -38.96 -27.77 53.87
C GLY E 231 -39.85 -27.43 55.05
N LYS E 232 -41.16 -27.35 54.79
CA LYS E 232 -42.13 -26.98 55.80
C LYS E 232 -42.79 -28.24 56.37
N THR E 233 -42.36 -29.41 55.90
CA THR E 233 -43.00 -30.65 56.32
C THR E 233 -42.05 -31.45 57.20
N PRO E 234 -42.55 -32.08 58.29
CA PRO E 234 -41.81 -33.14 58.97
C PRO E 234 -41.74 -34.35 58.06
N LEU E 235 -40.70 -35.17 58.26
CA LEU E 235 -40.56 -36.40 57.48
C LEU E 235 -41.29 -37.54 58.20
N TYR E 236 -42.53 -37.80 57.79
CA TYR E 236 -43.28 -38.96 58.21
C TYR E 236 -42.87 -40.19 57.40
N THR E 237 -43.28 -41.38 57.86
CA THR E 237 -42.98 -42.63 57.18
C THR E 237 -44.07 -42.91 56.14
N ALA E 238 -43.74 -43.83 55.22
CA ALA E 238 -44.67 -44.29 54.20
C ALA E 238 -45.91 -44.86 54.88
N ALA E 239 -45.69 -45.75 55.86
CA ALA E 239 -46.74 -46.41 56.61
C ALA E 239 -47.67 -45.39 57.24
N GLN E 240 -47.10 -44.38 57.92
CA GLN E 240 -47.87 -43.35 58.58
C GLN E 240 -48.77 -42.65 57.56
N LEU E 241 -48.17 -42.28 56.42
CA LEU E 241 -48.88 -41.49 55.42
C LEU E 241 -49.99 -42.33 54.79
N ALA E 242 -49.72 -43.63 54.60
CA ALA E 242 -50.72 -44.54 54.09
C ALA E 242 -51.92 -44.62 55.04
N ASP E 243 -51.63 -44.70 56.36
CA ASP E 243 -52.66 -44.81 57.38
C ASP E 243 -53.54 -43.56 57.39
N HIS E 244 -53.01 -42.44 56.90
CA HIS E 244 -53.74 -41.18 56.87
C HIS E 244 -54.39 -40.94 55.51
N GLY E 245 -54.34 -41.96 54.63
CA GLY E 245 -55.12 -42.01 53.40
C GLY E 245 -54.35 -41.63 52.14
N VAL E 246 -53.03 -41.49 52.26
CA VAL E 246 -52.17 -41.06 51.18
C VAL E 246 -51.81 -42.29 50.33
N LYS E 247 -51.80 -42.12 49.01
CA LYS E 247 -51.57 -43.24 48.09
C LYS E 247 -50.17 -43.21 47.47
N MET E 248 -49.57 -42.01 47.36
CA MET E 248 -48.23 -41.88 46.82
C MET E 248 -47.38 -41.01 47.74
N VAL E 249 -46.13 -41.43 47.94
CA VAL E 249 -45.17 -40.64 48.72
C VAL E 249 -43.96 -40.35 47.84
N LEU E 250 -43.64 -39.06 47.70
CA LEU E 250 -42.61 -38.57 46.80
C LEU E 250 -41.35 -38.20 47.58
N TYR E 251 -40.20 -38.63 47.07
CA TYR E 251 -38.89 -38.31 47.60
C TYR E 251 -38.13 -37.56 46.51
N PRO E 252 -38.46 -36.28 46.26
CA PRO E 252 -38.05 -35.59 45.03
C PRO E 252 -36.54 -35.39 44.82
N ARG E 253 -35.79 -35.10 45.87
CA ARG E 253 -34.40 -34.69 45.70
C ARG E 253 -33.46 -35.48 46.60
N SER E 254 -34.00 -36.46 47.34
CA SER E 254 -33.28 -37.10 48.42
C SER E 254 -31.91 -37.60 47.98
N ALA E 255 -31.86 -38.35 46.88
CA ALA E 255 -30.60 -38.92 46.42
C ALA E 255 -29.67 -37.82 45.94
N ASP E 256 -30.24 -36.83 45.24
CA ASP E 256 -29.49 -35.74 44.65
C ASP E 256 -28.69 -35.02 45.73
N ARG E 257 -29.34 -34.76 46.87
CA ARG E 257 -28.74 -34.02 47.97
C ARG E 257 -27.55 -34.78 48.54
N ALA E 258 -27.68 -36.10 48.64
CA ALA E 258 -26.59 -36.94 49.11
C ALA E 258 -25.46 -36.96 48.09
N MET E 259 -25.83 -37.02 46.80
CA MET E 259 -24.85 -37.01 45.72
C MET E 259 -24.00 -35.75 45.78
N SER E 260 -24.64 -34.61 46.02
CA SER E 260 -23.94 -33.33 46.01
C SER E 260 -22.92 -33.28 47.15
N LYS E 261 -23.35 -33.68 48.36
CA LYS E 261 -22.46 -33.73 49.51
C LYS E 261 -21.25 -34.60 49.20
N ALA E 262 -21.50 -35.80 48.65
CA ALA E 262 -20.45 -36.76 48.34
C ALA E 262 -19.45 -36.17 47.35
N ALA E 263 -19.98 -35.48 46.33
CA ALA E 263 -19.16 -34.90 45.28
C ALA E 263 -18.27 -33.81 45.84
N LEU E 264 -18.87 -32.91 46.63
CA LEU E 264 -18.15 -31.80 47.24
C LEU E 264 -17.00 -32.36 48.07
N ALA E 265 -17.28 -33.42 48.83
CA ALA E 265 -16.28 -34.03 49.70
C ALA E 265 -15.10 -34.56 48.90
N VAL E 266 -15.38 -35.25 47.79
CA VAL E 266 -14.32 -35.76 46.93
C VAL E 266 -13.46 -34.59 46.42
N TYR E 267 -14.11 -33.49 46.06
CA TYR E 267 -13.40 -32.35 45.49
C TYR E 267 -12.50 -31.73 46.55
N GLU E 268 -13.04 -31.57 47.76
CA GLU E 268 -12.27 -31.03 48.88
C GLU E 268 -11.05 -31.92 49.14
N ASP E 269 -11.29 -33.24 49.15
CA ASP E 269 -10.25 -34.23 49.43
C ASP E 269 -9.11 -34.08 48.43
N ILE E 270 -9.43 -34.04 47.12
CA ILE E 270 -8.45 -33.94 46.06
C ILE E 270 -7.68 -32.62 46.17
N LYS E 271 -8.37 -31.56 46.60
CA LYS E 271 -7.79 -30.23 46.69
C LYS E 271 -6.77 -30.20 47.84
N LYS E 272 -7.17 -30.73 48.99
CA LYS E 272 -6.38 -30.63 50.22
C LYS E 272 -5.18 -31.59 50.16
N HIS E 273 -5.40 -32.82 49.70
CA HIS E 273 -4.43 -33.89 49.90
C HIS E 273 -3.64 -34.22 48.64
N GLY E 274 -4.01 -33.62 47.49
CA GLY E 274 -3.33 -33.87 46.23
C GLY E 274 -3.54 -35.28 45.67
N VAL E 275 -4.55 -35.99 46.21
CA VAL E 275 -4.85 -37.38 45.89
C VAL E 275 -6.18 -37.75 46.54
N GLN E 276 -6.84 -38.79 46.01
CA GLN E 276 -8.22 -39.10 46.40
C GLN E 276 -8.30 -40.31 47.34
N THR E 277 -7.16 -40.69 47.93
CA THR E 277 -7.05 -41.87 48.77
C THR E 277 -8.16 -41.89 49.83
N ALA E 278 -8.33 -40.76 50.51
CA ALA E 278 -9.27 -40.67 51.62
C ALA E 278 -10.70 -40.91 51.15
N SER E 279 -10.97 -40.70 49.85
CA SER E 279 -12.31 -40.78 49.31
C SER E 279 -12.66 -42.21 48.87
N LEU E 280 -11.64 -43.04 48.59
CA LEU E 280 -11.84 -44.36 48.03
C LEU E 280 -12.95 -45.13 48.73
N PRO E 281 -12.99 -45.20 50.08
CA PRO E 281 -14.01 -45.98 50.77
C PRO E 281 -15.44 -45.49 50.52
N PHE E 282 -15.56 -44.25 49.99
CA PHE E 282 -16.86 -43.65 49.80
C PHE E 282 -17.32 -43.74 48.35
N MET E 283 -16.56 -44.47 47.52
CA MET E 283 -16.83 -44.62 46.10
C MET E 283 -17.46 -45.99 45.80
N GLN E 284 -18.49 -45.98 44.94
CA GLN E 284 -19.02 -47.22 44.39
C GLN E 284 -17.92 -47.89 43.57
N THR E 285 -17.83 -49.22 43.66
CA THR E 285 -16.76 -49.95 43.00
C THR E 285 -17.07 -50.09 41.52
N ARG E 286 -16.00 -50.26 40.72
CA ARG E 286 -16.11 -50.51 39.30
C ARG E 286 -17.07 -51.68 39.06
N GLU E 287 -16.99 -52.71 39.91
CA GLU E 287 -17.76 -53.92 39.68
C GLU E 287 -19.24 -53.70 39.95
N ALA E 288 -19.56 -52.89 40.96
CA ALA E 288 -20.95 -52.57 41.28
C ALA E 288 -21.56 -51.76 40.14
N LEU E 289 -20.75 -50.84 39.57
CA LEU E 289 -21.13 -50.03 38.44
C LEU E 289 -21.46 -50.94 37.25
N TYR E 290 -20.54 -51.86 36.94
CA TYR E 290 -20.71 -52.83 35.88
C TYR E 290 -22.00 -53.63 36.10
N GLU E 291 -22.29 -53.96 37.36
CA GLU E 291 -23.49 -54.71 37.68
C GLU E 291 -24.74 -53.92 37.31
N VAL E 292 -24.78 -52.64 37.68
CA VAL E 292 -25.96 -51.82 37.44
C VAL E 292 -26.18 -51.65 35.93
N LEU E 293 -25.09 -51.60 35.15
CA LEU E 293 -25.15 -51.31 33.73
C LEU E 293 -25.37 -52.57 32.91
N ASN E 294 -25.07 -53.76 33.48
CA ASN E 294 -25.00 -55.02 32.75
C ASN E 294 -23.80 -55.00 31.78
N TYR E 295 -22.72 -54.35 32.23
CA TYR E 295 -21.58 -54.04 31.37
C TYR E 295 -20.98 -55.30 30.75
N HIS E 296 -20.90 -56.38 31.52
CA HIS E 296 -20.19 -57.58 31.09
C HIS E 296 -20.85 -58.22 29.87
N ALA E 297 -22.21 -58.22 29.84
CA ALA E 297 -22.96 -58.77 28.73
C ALA E 297 -22.61 -58.07 27.40
N TYR E 298 -22.23 -56.80 27.50
CA TYR E 298 -21.92 -56.01 26.31
C TYR E 298 -20.46 -56.23 25.88
N GLU E 299 -19.51 -56.22 26.84
CA GLU E 299 -18.10 -56.31 26.51
C GLU E 299 -17.76 -57.71 26.02
N ASP E 300 -18.54 -58.72 26.47
CA ASP E 300 -18.39 -60.10 26.03
C ASP E 300 -18.75 -60.21 24.54
N LYS E 301 -19.88 -59.60 24.18
CA LYS E 301 -20.36 -59.56 22.80
C LYS E 301 -19.36 -58.82 21.90
N LEU E 302 -18.62 -57.87 22.49
CA LEU E 302 -17.66 -57.02 21.79
C LEU E 302 -16.38 -57.81 21.47
N ASN E 303 -16.01 -58.74 22.36
CA ASN E 303 -14.82 -59.57 22.18
C ASN E 303 -15.09 -60.68 21.15
N GLN E 304 -16.35 -61.13 21.07
CA GLN E 304 -16.79 -62.11 20.07
C GLN E 304 -16.79 -61.48 18.67
N LEU E 305 -16.86 -60.13 18.61
CA LEU E 305 -16.47 -59.31 17.46
C LEU E 305 -14.96 -59.00 17.58
N SER F 22 -56.45 -46.98 18.03
CA SER F 22 -55.61 -46.67 16.85
C SER F 22 -54.51 -47.71 16.67
N MET F 23 -53.91 -47.75 15.47
CA MET F 23 -52.93 -48.72 15.03
C MET F 23 -51.51 -48.18 15.21
N SER F 24 -50.53 -49.09 15.42
CA SER F 24 -49.14 -48.70 15.58
C SER F 24 -48.56 -48.15 14.26
N PRO F 25 -47.51 -47.29 14.30
CA PRO F 25 -46.97 -46.70 13.07
C PRO F 25 -46.52 -47.79 12.09
N GLY F 26 -45.85 -48.84 12.61
CA GLY F 26 -45.42 -49.97 11.80
C GLY F 26 -46.59 -50.62 11.04
N LYS F 27 -47.71 -50.79 11.75
CA LYS F 27 -48.89 -51.42 11.20
C LYS F 27 -49.47 -50.54 10.09
N LEU F 28 -49.53 -49.22 10.33
CA LEU F 28 -50.04 -48.29 9.34
C LEU F 28 -49.20 -48.36 8.06
N PHE F 29 -47.90 -48.56 8.20
CA PHE F 29 -47.03 -48.60 7.04
C PHE F 29 -47.27 -49.90 6.27
N ARG F 30 -47.34 -51.03 6.99
CA ARG F 30 -47.58 -52.33 6.36
C ARG F 30 -48.92 -52.32 5.63
N GLN F 31 -49.91 -51.64 6.21
CA GLN F 31 -51.25 -51.58 5.64
C GLN F 31 -51.24 -50.71 4.39
N ALA F 32 -50.42 -49.64 4.39
CA ALA F 32 -50.32 -48.77 3.22
C ALA F 32 -49.64 -49.51 2.07
N VAL F 33 -48.62 -50.31 2.39
CA VAL F 33 -47.94 -51.13 1.39
C VAL F 33 -48.92 -52.13 0.78
N ALA F 34 -49.82 -52.70 1.60
CA ALA F 34 -50.70 -53.76 1.12
C ALA F 34 -51.85 -53.19 0.27
N ASN F 35 -52.40 -52.04 0.69
CA ASN F 35 -53.64 -51.52 0.09
C ASN F 35 -53.37 -50.64 -1.12
N GLU F 36 -52.13 -50.15 -1.26
CA GLU F 36 -51.80 -49.29 -2.39
C GLU F 36 -51.08 -50.11 -3.45
N HIS F 37 -51.17 -49.66 -4.71
CA HIS F 37 -50.59 -50.43 -5.79
C HIS F 37 -50.01 -49.48 -6.84
N PRO F 38 -48.75 -49.01 -6.69
CA PRO F 38 -47.95 -49.30 -5.50
C PRO F 38 -48.06 -48.14 -4.51
N LEU F 39 -47.46 -48.30 -3.31
CA LEU F 39 -47.41 -47.20 -2.36
C LEU F 39 -46.33 -46.22 -2.80
N GLN F 40 -46.75 -44.98 -3.07
CA GLN F 40 -45.81 -43.89 -3.30
C GLN F 40 -45.40 -43.30 -1.96
N ILE F 41 -44.08 -43.29 -1.68
CA ILE F 41 -43.52 -42.68 -0.49
C ILE F 41 -42.73 -41.44 -0.89
N VAL F 42 -43.17 -40.26 -0.43
CA VAL F 42 -42.53 -39.01 -0.82
C VAL F 42 -41.66 -38.48 0.32
N GLY F 43 -40.46 -38.00 -0.04
CA GLY F 43 -39.58 -37.34 0.91
C GLY F 43 -40.12 -36.00 1.39
N ALA F 44 -39.93 -35.72 2.69
CA ALA F 44 -40.19 -34.42 3.28
C ALA F 44 -39.02 -34.08 4.20
N ILE F 45 -38.50 -32.84 4.11
CA ILE F 45 -37.30 -32.53 4.88
C ILE F 45 -37.70 -31.99 6.26
N ASN F 46 -38.93 -31.52 6.39
CA ASN F 46 -39.38 -30.92 7.64
C ASN F 46 -40.89 -31.20 7.82
N ALA F 47 -41.41 -30.82 8.99
CA ALA F 47 -42.78 -31.14 9.37
C ALA F 47 -43.77 -30.49 8.40
N TYR F 48 -43.49 -29.24 8.00
CA TYR F 48 -44.42 -28.53 7.14
C TYR F 48 -44.56 -29.23 5.79
N CYS F 49 -43.44 -29.72 5.25
CA CYS F 49 -43.48 -30.46 4.00
C CYS F 49 -44.30 -31.73 4.17
N ALA F 50 -44.14 -32.38 5.33
CA ALA F 50 -44.90 -33.58 5.62
C ALA F 50 -46.38 -33.25 5.60
N LEU F 51 -46.74 -32.05 6.08
CA LEU F 51 -48.13 -31.65 6.10
C LEU F 51 -48.65 -31.45 4.68
N LEU F 52 -47.83 -30.82 3.83
CA LEU F 52 -48.19 -30.61 2.44
C LEU F 52 -48.46 -31.96 1.77
N ALA F 53 -47.56 -32.92 1.97
CA ALA F 53 -47.70 -34.24 1.37
C ALA F 53 -49.00 -34.91 1.84
N GLU F 54 -49.32 -34.75 3.13
CA GLU F 54 -50.50 -35.37 3.72
C GLU F 54 -51.75 -34.78 3.07
N ASN F 55 -51.75 -33.45 2.90
CA ASN F 55 -52.84 -32.69 2.32
C ASN F 55 -53.09 -33.15 0.89
N VAL F 56 -52.03 -33.55 0.18
CA VAL F 56 -52.14 -33.93 -1.21
C VAL F 56 -52.68 -35.36 -1.30
N GLY F 57 -52.48 -36.16 -0.24
CA GLY F 57 -53.15 -37.45 -0.12
C GLY F 57 -52.21 -38.65 -0.11
N PHE F 58 -50.90 -38.42 0.08
CA PHE F 58 -49.97 -39.54 0.17
C PHE F 58 -50.21 -40.34 1.45
N LYS F 59 -49.85 -41.62 1.41
CA LYS F 59 -50.20 -42.53 2.48
C LYS F 59 -48.98 -42.82 3.35
N ALA F 60 -47.80 -42.38 2.89
CA ALA F 60 -46.55 -42.59 3.61
C ALA F 60 -45.54 -41.51 3.22
N ILE F 61 -44.65 -41.15 4.16
CA ILE F 61 -43.66 -40.12 3.93
C ILE F 61 -42.27 -40.65 4.30
N TYR F 62 -41.23 -39.89 3.93
CA TYR F 62 -39.86 -40.35 4.01
C TYR F 62 -38.93 -39.24 4.49
N LEU F 63 -38.01 -39.62 5.39
CA LEU F 63 -36.94 -38.73 5.81
C LEU F 63 -35.64 -39.20 5.18
N SER F 64 -35.13 -38.37 4.25
CA SER F 64 -33.94 -38.68 3.49
C SER F 64 -32.69 -38.39 4.31
N GLY F 65 -31.79 -39.38 4.38
CA GLY F 65 -30.52 -39.21 5.07
C GLY F 65 -29.68 -38.12 4.41
N GLY F 66 -29.65 -38.15 3.07
CA GLY F 66 -28.96 -37.13 2.31
C GLY F 66 -29.58 -35.76 2.58
N GLY F 67 -30.92 -35.73 2.66
CA GLY F 67 -31.66 -34.55 3.02
C GLY F 67 -31.25 -34.01 4.38
N VAL F 68 -31.07 -34.92 5.34
CA VAL F 68 -30.75 -34.50 6.68
C VAL F 68 -29.40 -33.80 6.67
N ALA F 69 -28.42 -34.42 6.01
CA ALA F 69 -27.09 -33.86 5.91
C ALA F 69 -27.12 -32.55 5.12
N ASN F 70 -27.68 -32.60 3.90
CA ASN F 70 -27.66 -31.47 2.99
C ASN F 70 -28.33 -30.26 3.64
N THR F 71 -29.42 -30.47 4.38
CA THR F 71 -30.14 -29.35 4.97
C THR F 71 -29.28 -28.65 6.02
N LEU F 72 -28.33 -29.39 6.61
CA LEU F 72 -27.43 -28.82 7.60
C LEU F 72 -26.23 -28.19 6.89
N GLY F 73 -26.17 -28.37 5.57
CA GLY F 73 -25.06 -27.86 4.78
C GLY F 73 -23.88 -28.84 4.77
N LEU F 74 -24.17 -30.12 5.01
CA LEU F 74 -23.14 -31.15 5.01
C LEU F 74 -23.34 -32.10 3.84
N PRO F 75 -22.26 -32.69 3.29
CA PRO F 75 -22.37 -33.71 2.23
C PRO F 75 -22.90 -35.03 2.77
N ASP F 76 -23.50 -35.83 1.87
CA ASP F 76 -24.11 -37.10 2.21
C ASP F 76 -23.02 -38.18 2.26
N LEU F 77 -22.23 -38.13 3.32
CA LEU F 77 -21.02 -38.93 3.40
C LEU F 77 -20.91 -39.63 4.75
N GLY F 78 -22.06 -39.93 5.37
CA GLY F 78 -22.13 -40.62 6.65
C GLY F 78 -21.55 -39.81 7.82
N ILE F 79 -21.51 -38.47 7.67
CA ILE F 79 -21.03 -37.58 8.70
C ILE F 79 -22.06 -37.48 9.83
N THR F 80 -23.34 -37.49 9.45
CA THR F 80 -24.45 -37.38 10.38
C THR F 80 -24.50 -38.59 11.30
N ASP F 81 -25.11 -38.40 12.48
CA ASP F 81 -25.23 -39.46 13.47
C ASP F 81 -26.71 -39.66 13.82
N LEU F 82 -26.98 -40.62 14.71
CA LEU F 82 -28.35 -40.94 15.09
C LEU F 82 -29.13 -39.67 15.46
N HIS F 83 -28.45 -38.74 16.16
CA HIS F 83 -29.16 -37.59 16.70
C HIS F 83 -29.59 -36.61 15.62
N ASP F 84 -28.76 -36.45 14.58
CA ASP F 84 -29.12 -35.57 13.49
C ASP F 84 -30.42 -36.06 12.86
N VAL F 85 -30.52 -37.38 12.64
CA VAL F 85 -31.66 -37.96 11.96
C VAL F 85 -32.85 -38.00 12.91
N LEU F 86 -32.60 -38.42 14.15
CA LEU F 86 -33.65 -38.60 15.13
C LEU F 86 -34.40 -37.29 15.36
N GLU F 87 -33.65 -36.19 15.45
CA GLU F 87 -34.25 -34.89 15.72
C GLU F 87 -35.17 -34.48 14.57
N ASP F 88 -34.74 -34.71 13.32
CA ASP F 88 -35.55 -34.40 12.17
C ASP F 88 -36.80 -35.28 12.14
N ALA F 89 -36.64 -36.56 12.47
CA ALA F 89 -37.76 -37.49 12.48
C ALA F 89 -38.80 -37.08 13.52
N ARG F 90 -38.33 -36.72 14.72
CA ARG F 90 -39.24 -36.38 15.81
C ARG F 90 -40.13 -35.21 15.40
N ARG F 91 -39.51 -34.20 14.79
CA ARG F 91 -40.22 -32.99 14.38
C ARG F 91 -41.36 -33.35 13.44
N ILE F 92 -41.09 -34.31 12.54
CA ILE F 92 -42.11 -34.72 11.58
C ILE F 92 -43.22 -35.48 12.29
N THR F 93 -42.88 -36.54 13.02
CA THR F 93 -43.89 -37.40 13.62
C THR F 93 -44.73 -36.64 14.65
N ALA F 94 -44.23 -35.51 15.16
CA ALA F 94 -45.00 -34.69 16.09
C ALA F 94 -46.19 -34.05 15.36
N ALA F 95 -46.06 -33.87 14.04
CA ALA F 95 -47.00 -33.06 13.30
C ALA F 95 -48.00 -33.90 12.52
N THR F 96 -47.69 -35.20 12.34
CA THR F 96 -48.54 -36.07 11.53
C THR F 96 -48.36 -37.53 11.94
N HIS F 97 -49.46 -38.30 11.86
CA HIS F 97 -49.44 -39.73 12.14
C HIS F 97 -49.18 -40.54 10.88
N LEU F 98 -49.07 -39.84 9.74
CA LEU F 98 -48.77 -40.50 8.47
C LEU F 98 -47.49 -41.31 8.63
N PRO F 99 -47.50 -42.62 8.34
CA PRO F 99 -46.34 -43.47 8.63
C PRO F 99 -45.10 -42.93 7.94
N LEU F 100 -43.99 -42.88 8.67
CA LEU F 100 -42.75 -42.28 8.19
C LEU F 100 -41.68 -43.36 8.05
N LEU F 101 -41.01 -43.36 6.89
CA LEU F 101 -39.85 -44.19 6.65
C LEU F 101 -38.61 -43.34 6.81
N VAL F 102 -37.65 -43.83 7.62
CA VAL F 102 -36.47 -43.05 7.97
C VAL F 102 -35.22 -43.77 7.48
N ASP F 103 -34.36 -43.01 6.79
CA ASP F 103 -33.06 -43.45 6.32
C ASP F 103 -32.09 -43.46 7.51
N ILE F 104 -31.56 -44.65 7.86
CA ILE F 104 -30.57 -44.72 8.93
C ILE F 104 -29.22 -45.21 8.40
N ASP F 105 -28.96 -44.99 7.11
CA ASP F 105 -27.66 -45.27 6.51
C ASP F 105 -27.25 -46.70 6.81
N THR F 106 -26.12 -46.86 7.52
CA THR F 106 -25.57 -48.18 7.80
C THR F 106 -25.76 -48.52 9.27
N GLY F 107 -26.52 -47.69 9.99
CA GLY F 107 -26.87 -47.97 11.38
C GLY F 107 -26.05 -47.16 12.39
N PHE F 108 -25.16 -46.29 11.89
CA PHE F 108 -24.44 -45.30 12.68
C PHE F 108 -23.31 -45.92 13.52
N GLY F 109 -23.16 -47.24 13.47
CA GLY F 109 -22.07 -47.90 14.17
C GLY F 109 -22.26 -49.40 14.26
N GLY F 110 -21.71 -50.00 15.33
CA GLY F 110 -21.77 -51.43 15.55
C GLY F 110 -23.15 -51.87 16.07
N ALA F 111 -23.19 -53.12 16.52
CA ALA F 111 -24.43 -53.78 16.90
C ALA F 111 -25.19 -52.97 17.95
N PHE F 112 -24.45 -52.31 18.85
CA PHE F 112 -25.09 -51.64 19.98
C PHE F 112 -25.73 -50.33 19.52
N THR F 113 -25.03 -49.63 18.61
CA THR F 113 -25.53 -48.40 18.01
C THR F 113 -26.80 -48.70 17.21
N ILE F 114 -26.78 -49.81 16.46
CA ILE F 114 -27.90 -50.18 15.64
C ILE F 114 -29.12 -50.40 16.54
N ALA F 115 -28.90 -51.15 17.63
CA ALA F 115 -29.95 -51.41 18.60
C ALA F 115 -30.53 -50.10 19.11
N ARG F 116 -29.64 -49.15 19.43
CA ARG F 116 -30.07 -47.86 19.96
C ARG F 116 -30.90 -47.13 18.90
N ALA F 117 -30.40 -47.15 17.65
CA ALA F 117 -31.07 -46.47 16.56
C ALA F 117 -32.50 -47.00 16.41
N ILE F 118 -32.65 -48.33 16.46
CA ILE F 118 -33.97 -48.95 16.30
C ILE F 118 -34.89 -48.51 17.43
N LYS F 119 -34.40 -48.64 18.68
CA LYS F 119 -35.23 -48.34 19.85
C LYS F 119 -35.65 -46.87 19.80
N GLU F 120 -34.71 -45.99 19.46
CA GLU F 120 -34.97 -44.57 19.47
C GLU F 120 -35.95 -44.18 18.37
N MET F 121 -35.82 -44.84 17.22
CA MET F 121 -36.70 -44.55 16.11
C MET F 121 -38.13 -44.95 16.47
N GLU F 122 -38.26 -46.13 17.11
CA GLU F 122 -39.57 -46.58 17.56
C GLU F 122 -40.14 -45.55 18.54
N ARG F 123 -39.31 -45.08 19.48
CA ARG F 123 -39.74 -44.14 20.49
C ARG F 123 -40.17 -42.83 19.86
N ALA F 124 -39.64 -42.53 18.66
CA ALA F 124 -39.96 -41.30 17.97
C ALA F 124 -41.18 -41.47 17.08
N GLN F 125 -41.87 -42.62 17.18
CA GLN F 125 -43.15 -42.86 16.51
C GLN F 125 -42.95 -43.05 15.01
N VAL F 126 -41.74 -43.49 14.64
CA VAL F 126 -41.38 -43.77 13.26
C VAL F 126 -41.98 -45.12 12.87
N ALA F 127 -42.36 -45.27 11.60
CA ALA F 127 -43.04 -46.46 11.11
C ALA F 127 -42.04 -47.50 10.62
N ALA F 128 -40.95 -47.05 9.97
CA ALA F 128 -40.03 -47.97 9.32
C ALA F 128 -38.68 -47.29 9.12
N VAL F 129 -37.61 -48.09 9.04
CA VAL F 129 -36.29 -47.59 8.69
C VAL F 129 -35.72 -48.41 7.54
N HIS F 130 -34.71 -47.83 6.86
CA HIS F 130 -33.91 -48.60 5.93
C HIS F 130 -32.44 -48.49 6.29
N MET F 131 -31.79 -49.65 6.28
CA MET F 131 -30.39 -49.80 6.61
C MET F 131 -29.73 -50.57 5.46
N GLU F 132 -28.49 -50.17 5.10
CA GLU F 132 -27.88 -50.63 3.86
C GLU F 132 -26.57 -51.36 4.10
N ASP F 133 -26.04 -52.01 3.05
CA ASP F 133 -24.92 -52.93 3.15
C ASP F 133 -23.61 -52.30 2.70
N GLN F 134 -23.54 -50.96 2.73
CA GLN F 134 -22.30 -50.27 2.42
C GLN F 134 -21.39 -50.31 3.66
N VAL F 135 -20.13 -49.91 3.47
CA VAL F 135 -19.19 -49.73 4.57
C VAL F 135 -19.56 -48.43 5.30
N ALA F 136 -18.94 -48.23 6.47
CA ALA F 136 -19.25 -47.10 7.34
C ALA F 136 -19.25 -45.76 6.61
N GLN F 137 -18.17 -45.45 5.89
CA GLN F 137 -18.05 -44.19 5.16
C GLN F 137 -18.81 -44.29 3.84
N LYS F 138 -20.14 -44.17 3.93
CA LYS F 138 -21.08 -44.45 2.84
C LYS F 138 -21.23 -43.24 1.94
N ARG F 139 -21.93 -43.44 0.82
CA ARG F 139 -22.21 -42.39 -0.15
C ARG F 139 -23.57 -42.67 -0.78
N CYS F 140 -24.08 -41.66 -1.51
CA CYS F 140 -25.26 -41.74 -2.35
C CYS F 140 -25.21 -43.03 -3.19
N GLY F 141 -26.35 -43.72 -3.29
CA GLY F 141 -26.43 -45.03 -3.94
C GLY F 141 -26.34 -44.99 -5.46
N HIS F 142 -26.39 -43.79 -6.03
CA HIS F 142 -26.35 -43.56 -7.47
C HIS F 142 -25.01 -42.93 -7.88
N ARG F 143 -24.06 -42.85 -6.95
CA ARG F 143 -22.70 -42.38 -7.21
C ARG F 143 -21.79 -43.58 -7.50
N PRO F 144 -20.67 -43.39 -8.25
CA PRO F 144 -19.64 -44.43 -8.38
C PRO F 144 -18.69 -44.50 -7.19
N GLY F 145 -18.08 -45.67 -6.98
CA GLY F 145 -17.04 -45.87 -5.98
C GLY F 145 -17.56 -46.35 -4.61
N LYS F 146 -18.74 -47.01 -4.62
CA LYS F 146 -19.35 -47.54 -3.42
C LYS F 146 -18.62 -48.80 -2.98
N GLU F 147 -18.49 -48.99 -1.67
CA GLU F 147 -17.91 -50.22 -1.13
C GLU F 147 -18.91 -50.91 -0.22
N LEU F 148 -19.03 -52.23 -0.37
CA LEU F 148 -20.00 -53.01 0.40
C LEU F 148 -19.29 -53.83 1.47
N VAL F 149 -20.04 -54.14 2.54
CA VAL F 149 -19.63 -55.17 3.49
C VAL F 149 -20.07 -56.52 2.91
N ASN F 150 -19.43 -57.61 3.36
CA ASN F 150 -19.82 -58.93 2.87
C ASN F 150 -21.19 -59.28 3.43
N THR F 151 -21.80 -60.34 2.88
CA THR F 151 -23.15 -60.74 3.28
C THR F 151 -23.25 -60.95 4.78
N ASN F 152 -22.18 -61.52 5.37
CA ASN F 152 -22.19 -61.88 6.78
C ASN F 152 -22.31 -60.64 7.67
N GLU F 153 -21.55 -59.59 7.33
CA GLU F 153 -21.50 -58.38 8.13
C GLU F 153 -22.87 -57.68 8.12
N MET F 154 -23.58 -57.77 6.99
CA MET F 154 -24.87 -57.14 6.86
C MET F 154 -25.91 -57.92 7.66
N VAL F 155 -25.77 -59.25 7.66
CA VAL F 155 -26.66 -60.11 8.44
C VAL F 155 -26.52 -59.75 9.91
N ASP F 156 -25.28 -59.55 10.36
CA ASP F 156 -24.97 -59.07 11.70
C ASP F 156 -25.74 -57.78 12.01
N ARG F 157 -25.69 -56.82 11.07
CA ARG F 157 -26.40 -55.57 11.26
C ARG F 157 -27.89 -55.83 11.45
N ILE F 158 -28.43 -56.72 10.60
CA ILE F 158 -29.86 -56.98 10.60
C ILE F 158 -30.26 -57.65 11.91
N LYS F 159 -29.41 -58.57 12.40
CA LYS F 159 -29.69 -59.30 13.63
C LYS F 159 -29.78 -58.31 14.80
N ALA F 160 -28.79 -57.41 14.89
CA ALA F 160 -28.76 -56.38 15.93
C ALA F 160 -30.06 -55.60 15.94
N ALA F 161 -30.58 -55.30 14.74
CA ALA F 161 -31.80 -54.50 14.64
C ALA F 161 -33.02 -55.32 15.03
N VAL F 162 -33.12 -56.56 14.52
CA VAL F 162 -34.35 -57.32 14.69
C VAL F 162 -34.49 -57.77 16.15
N ASP F 163 -33.34 -58.00 16.80
CA ASP F 163 -33.30 -58.48 18.18
C ASP F 163 -34.02 -57.51 19.13
N VAL F 164 -34.18 -56.24 18.74
CA VAL F 164 -34.72 -55.26 19.66
C VAL F 164 -35.99 -54.62 19.09
N LYS F 165 -36.35 -54.94 17.85
CA LYS F 165 -37.46 -54.22 17.27
C LYS F 165 -38.78 -54.91 17.62
N SER F 166 -39.85 -54.11 17.72
CA SER F 166 -41.20 -54.64 17.86
C SER F 166 -41.61 -55.34 16.57
N ASN F 167 -42.73 -56.08 16.61
CA ASN F 167 -43.17 -56.87 15.47
C ASN F 167 -43.62 -55.96 14.34
N ASP F 168 -44.47 -54.98 14.66
CA ASP F 168 -45.13 -54.15 13.65
C ASP F 168 -44.11 -53.26 12.93
N PHE F 169 -43.04 -52.89 13.63
CA PHE F 169 -42.07 -51.94 13.10
C PHE F 169 -41.35 -52.57 11.92
N VAL F 170 -41.19 -51.79 10.84
CA VAL F 170 -40.71 -52.31 9.57
C VAL F 170 -39.23 -52.00 9.40
N LEU F 171 -38.43 -53.07 9.26
CA LEU F 171 -37.03 -52.97 8.87
C LEU F 171 -36.87 -53.27 7.39
N ILE F 172 -36.49 -52.26 6.61
CA ILE F 172 -36.22 -52.43 5.20
C ILE F 172 -34.71 -52.55 5.00
N ALA F 173 -34.24 -53.73 4.59
CA ALA F 173 -32.82 -53.90 4.25
C ALA F 173 -32.60 -53.40 2.84
N ARG F 174 -31.61 -52.51 2.70
CA ARG F 174 -31.27 -51.89 1.43
C ARG F 174 -29.96 -52.50 0.94
N THR F 175 -29.96 -52.92 -0.34
CA THR F 175 -28.75 -53.43 -0.94
C THR F 175 -28.31 -52.50 -2.06
N ASP F 176 -27.01 -52.17 -2.02
CA ASP F 176 -26.40 -51.24 -2.95
C ASP F 176 -25.51 -52.03 -3.92
N ALA F 177 -25.87 -53.30 -4.14
CA ALA F 177 -24.96 -54.29 -4.68
C ALA F 177 -25.07 -54.44 -6.19
N TYR F 178 -26.20 -54.02 -6.76
CA TYR F 178 -26.48 -54.21 -8.18
C TYR F 178 -25.37 -53.65 -9.06
N ALA F 179 -24.98 -52.39 -8.83
CA ALA F 179 -24.02 -51.69 -9.67
C ALA F 179 -22.62 -52.29 -9.53
N VAL F 180 -22.38 -53.07 -8.48
CA VAL F 180 -21.02 -53.53 -8.17
C VAL F 180 -20.88 -55.02 -8.50
N GLU F 181 -21.94 -55.81 -8.25
CA GLU F 181 -21.83 -57.27 -8.20
C GLU F 181 -22.84 -57.91 -9.15
N GLY F 182 -23.80 -57.11 -9.62
CA GLY F 182 -24.75 -57.57 -10.63
C GLY F 182 -25.97 -58.26 -10.00
N LEU F 183 -27.00 -58.41 -10.82
CA LEU F 183 -28.35 -58.73 -10.38
C LEU F 183 -28.39 -60.03 -9.58
N LYS F 184 -27.69 -61.07 -10.06
CA LYS F 184 -27.78 -62.39 -9.43
C LYS F 184 -27.27 -62.32 -7.99
N ALA F 185 -26.09 -61.71 -7.81
CA ALA F 185 -25.44 -61.61 -6.50
C ALA F 185 -26.26 -60.75 -5.55
N THR F 186 -26.99 -59.77 -6.12
CA THR F 186 -27.81 -58.83 -5.38
C THR F 186 -29.04 -59.56 -4.84
N ILE F 187 -29.63 -60.44 -5.66
CA ILE F 187 -30.80 -61.21 -5.25
C ILE F 187 -30.41 -62.16 -4.12
N ASP F 188 -29.17 -62.67 -4.19
CA ASP F 188 -28.68 -63.62 -3.20
C ASP F 188 -28.60 -62.92 -1.85
N ARG F 189 -27.96 -61.75 -1.84
CA ARG F 189 -27.86 -60.89 -0.67
C ARG F 189 -29.24 -60.62 -0.09
N ALA F 190 -30.16 -60.12 -0.93
CA ALA F 190 -31.49 -59.73 -0.47
C ALA F 190 -32.19 -60.89 0.20
N CYS F 191 -31.95 -62.10 -0.31
CA CYS F 191 -32.66 -63.28 0.17
C CYS F 191 -32.14 -63.68 1.54
N THR F 192 -30.80 -63.66 1.69
CA THR F 192 -30.15 -63.85 2.97
C THR F 192 -30.64 -62.82 3.98
N TYR F 193 -30.83 -61.56 3.51
CA TYR F 193 -31.23 -60.47 4.39
C TYR F 193 -32.65 -60.70 4.92
N VAL F 194 -33.53 -61.20 4.05
CA VAL F 194 -34.90 -61.49 4.43
C VAL F 194 -34.89 -62.62 5.46
N GLU F 195 -34.00 -63.58 5.22
CA GLU F 195 -33.84 -64.74 6.09
C GLU F 195 -33.40 -64.28 7.48
N ALA F 196 -32.52 -63.27 7.52
CA ALA F 196 -31.96 -62.76 8.76
C ALA F 196 -32.97 -61.92 9.55
N GLY F 197 -34.07 -61.52 8.91
CA GLY F 197 -35.17 -60.89 9.62
C GLY F 197 -35.71 -59.60 8.97
N ALA F 198 -35.14 -59.19 7.84
CA ALA F 198 -35.63 -58.01 7.14
C ALA F 198 -37.07 -58.21 6.71
N ASP F 199 -37.88 -57.16 6.82
CA ASP F 199 -39.31 -57.22 6.52
C ASP F 199 -39.55 -56.95 5.04
N MET F 200 -38.75 -56.03 4.48
CA MET F 200 -38.90 -55.55 3.11
C MET F 200 -37.52 -55.26 2.54
N ILE F 201 -37.44 -55.08 1.21
CA ILE F 201 -36.15 -54.87 0.56
C ILE F 201 -36.18 -53.60 -0.29
N PHE F 202 -35.08 -52.85 -0.18
CA PHE F 202 -34.83 -51.63 -0.92
C PHE F 202 -33.75 -51.96 -1.95
N ALA F 203 -34.19 -52.13 -3.20
CA ALA F 203 -33.33 -52.49 -4.32
C ALA F 203 -32.80 -51.23 -4.96
N GLU F 204 -31.60 -50.82 -4.53
CA GLU F 204 -31.07 -49.51 -4.87
C GLU F 204 -30.48 -49.55 -6.28
N ALA F 205 -30.95 -48.62 -7.12
CA ALA F 205 -30.33 -48.24 -8.37
C ALA F 205 -30.31 -49.41 -9.36
N LEU F 206 -31.40 -50.20 -9.41
CA LEU F 206 -31.65 -51.06 -10.55
C LEU F 206 -31.89 -50.17 -11.77
N GLU F 207 -31.08 -50.45 -12.81
CA GLU F 207 -30.98 -49.56 -13.97
C GLU F 207 -32.05 -49.87 -15.00
N ASN F 208 -32.65 -51.07 -14.91
CA ASN F 208 -33.57 -51.52 -15.94
C ASN F 208 -34.80 -52.12 -15.29
N ILE F 209 -35.98 -51.70 -15.75
CA ILE F 209 -37.23 -52.12 -15.16
C ILE F 209 -37.44 -53.64 -15.34
N ASN F 210 -36.64 -54.29 -16.19
CA ASN F 210 -36.85 -55.70 -16.47
C ASN F 210 -36.17 -56.55 -15.40
N ASP F 211 -35.36 -55.90 -14.56
CA ASP F 211 -34.72 -56.55 -13.44
C ASP F 211 -35.73 -56.85 -12.33
N TYR F 212 -36.78 -56.02 -12.20
CA TYR F 212 -37.62 -56.03 -11.01
C TYR F 212 -38.42 -57.33 -10.91
N PRO F 213 -39.12 -57.82 -11.96
CA PRO F 213 -40.02 -58.96 -11.81
C PRO F 213 -39.34 -60.21 -11.27
N THR F 214 -38.07 -60.41 -11.68
CA THR F 214 -37.27 -61.54 -11.25
C THR F 214 -36.78 -61.30 -9.81
N PHE F 215 -36.45 -60.04 -9.49
CA PHE F 215 -35.99 -59.66 -8.16
C PHE F 215 -37.13 -59.84 -7.16
N CYS F 216 -38.30 -59.29 -7.49
CA CYS F 216 -39.46 -59.29 -6.61
C CYS F 216 -39.95 -60.71 -6.32
N LYS F 217 -39.88 -61.58 -7.34
CA LYS F 217 -40.35 -62.96 -7.19
C LYS F 217 -39.42 -63.72 -6.27
N ALA F 218 -38.11 -63.47 -6.38
CA ALA F 218 -37.10 -64.21 -5.64
C ALA F 218 -37.10 -63.83 -4.15
N VAL F 219 -37.34 -62.56 -3.83
CA VAL F 219 -37.19 -62.11 -2.46
C VAL F 219 -38.50 -62.22 -1.70
N LYS F 220 -39.63 -62.23 -2.42
CA LYS F 220 -40.95 -62.55 -1.89
C LYS F 220 -41.54 -61.37 -1.11
N VAL F 221 -40.74 -60.75 -0.24
CA VAL F 221 -41.19 -59.63 0.60
C VAL F 221 -41.35 -58.39 -0.27
N PRO F 222 -42.17 -57.40 0.15
CA PRO F 222 -42.34 -56.16 -0.63
C PRO F 222 -41.01 -55.48 -0.97
N VAL F 223 -40.94 -54.94 -2.19
CA VAL F 223 -39.74 -54.31 -2.70
C VAL F 223 -39.99 -52.84 -2.98
N LEU F 224 -39.00 -52.02 -2.61
CA LEU F 224 -39.04 -50.58 -2.83
C LEU F 224 -38.12 -50.25 -4.01
N ALA F 225 -38.64 -49.42 -4.92
CA ALA F 225 -37.83 -48.89 -6.00
C ALA F 225 -37.59 -47.40 -5.75
N ASN F 226 -36.35 -46.96 -5.95
CA ASN F 226 -35.94 -45.61 -5.64
C ASN F 226 -35.90 -44.76 -6.91
N MET F 227 -36.97 -43.99 -7.12
CA MET F 227 -37.10 -43.13 -8.29
C MET F 227 -36.54 -41.75 -8.00
N THR F 228 -35.21 -41.68 -7.80
CA THR F 228 -34.56 -40.40 -7.56
C THR F 228 -34.13 -39.82 -8.91
N GLU F 229 -34.14 -38.48 -8.99
CA GLU F 229 -33.75 -37.78 -10.21
C GLU F 229 -32.23 -37.67 -10.28
N PHE F 230 -31.71 -37.46 -11.50
CA PHE F 230 -30.31 -37.20 -11.73
C PHE F 230 -29.46 -38.34 -11.17
N GLY F 231 -29.96 -39.57 -11.29
CA GLY F 231 -29.22 -40.75 -10.88
C GLY F 231 -28.97 -41.70 -12.06
N LYS F 232 -28.84 -42.99 -11.75
CA LYS F 232 -28.49 -44.02 -12.72
C LYS F 232 -29.75 -44.75 -13.18
N THR F 233 -30.90 -44.29 -12.71
CA THR F 233 -32.16 -44.93 -13.06
C THR F 233 -32.95 -44.02 -13.99
N PRO F 234 -33.63 -44.57 -15.02
CA PRO F 234 -34.67 -43.84 -15.75
C PRO F 234 -35.85 -43.64 -14.81
N LEU F 235 -36.63 -42.59 -15.05
CA LEU F 235 -37.84 -42.34 -14.29
C LEU F 235 -39.02 -43.08 -14.91
N TYR F 236 -39.32 -44.27 -14.39
CA TYR F 236 -40.54 -44.99 -14.75
C TYR F 236 -41.72 -44.46 -13.96
N THR F 237 -42.94 -44.87 -14.34
CA THR F 237 -44.15 -44.50 -13.61
C THR F 237 -44.43 -45.50 -12.51
N ALA F 238 -45.30 -45.09 -11.58
CA ALA F 238 -45.74 -45.93 -10.48
C ALA F 238 -46.38 -47.20 -11.06
N ALA F 239 -47.29 -47.01 -12.01
CA ALA F 239 -48.03 -48.08 -12.67
C ALA F 239 -47.05 -49.09 -13.27
N GLN F 240 -46.05 -48.59 -14.02
CA GLN F 240 -45.07 -49.45 -14.67
C GLN F 240 -44.38 -50.30 -13.61
N LEU F 241 -43.95 -49.64 -12.52
CA LEU F 241 -43.14 -50.30 -11.50
C LEU F 241 -43.99 -51.35 -10.78
N ALA F 242 -45.27 -51.02 -10.57
CA ALA F 242 -46.20 -51.95 -9.96
C ALA F 242 -46.36 -53.21 -10.84
N ASP F 243 -46.47 -53.00 -12.16
CA ASP F 243 -46.65 -54.08 -13.12
C ASP F 243 -45.44 -55.02 -13.13
N HIS F 244 -44.29 -54.50 -12.70
CA HIS F 244 -43.05 -55.27 -12.67
C HIS F 244 -42.79 -55.85 -11.29
N GLY F 245 -43.77 -55.70 -10.38
CA GLY F 245 -43.81 -56.41 -9.10
C GLY F 245 -43.33 -55.59 -7.91
N VAL F 246 -43.14 -54.28 -8.12
CA VAL F 246 -42.64 -53.37 -7.10
C VAL F 246 -43.81 -52.92 -6.24
N LYS F 247 -43.61 -52.86 -4.92
CA LYS F 247 -44.68 -52.56 -3.98
C LYS F 247 -44.58 -51.13 -3.43
N MET F 248 -43.36 -50.58 -3.39
CA MET F 248 -43.18 -49.21 -2.93
C MET F 248 -42.33 -48.44 -3.92
N VAL F 249 -42.71 -47.18 -4.17
CA VAL F 249 -41.92 -46.29 -5.00
C VAL F 249 -41.56 -45.04 -4.18
N LEU F 250 -40.26 -44.75 -4.11
CA LEU F 250 -39.71 -43.70 -3.28
C LEU F 250 -39.34 -42.48 -4.12
N TYR F 251 -39.72 -41.30 -3.66
CA TYR F 251 -39.39 -40.01 -4.27
C TYR F 251 -38.60 -39.22 -3.24
N PRO F 252 -37.31 -39.58 -3.03
CA PRO F 252 -36.58 -39.15 -1.83
C PRO F 252 -36.33 -37.65 -1.67
N ARG F 253 -36.07 -36.93 -2.77
CA ARG F 253 -35.62 -35.56 -2.65
C ARG F 253 -36.41 -34.62 -3.56
N SER F 254 -37.42 -35.16 -4.26
CA SER F 254 -38.07 -34.44 -5.34
C SER F 254 -38.53 -33.05 -4.88
N ALA F 255 -39.23 -32.96 -3.75
CA ALA F 255 -39.76 -31.69 -3.28
C ALA F 255 -38.61 -30.76 -2.88
N ASP F 256 -37.62 -31.32 -2.21
CA ASP F 256 -36.50 -30.56 -1.70
C ASP F 256 -35.79 -29.83 -2.83
N ARG F 257 -35.60 -30.53 -3.96
CA ARG F 257 -34.88 -29.99 -5.12
C ARG F 257 -35.65 -28.79 -5.68
N ALA F 258 -36.98 -28.89 -5.73
CA ALA F 258 -37.81 -27.79 -6.20
C ALA F 258 -37.76 -26.62 -5.22
N MET F 259 -37.78 -26.95 -3.92
CA MET F 259 -37.72 -25.94 -2.88
C MET F 259 -36.44 -25.11 -3.02
N SER F 260 -35.32 -25.78 -3.28
CA SER F 260 -34.04 -25.10 -3.32
C SER F 260 -33.99 -24.13 -4.50
N LYS F 261 -34.44 -24.60 -5.68
CA LYS F 261 -34.51 -23.75 -6.85
C LYS F 261 -35.35 -22.51 -6.57
N ALA F 262 -36.54 -22.72 -5.98
CA ALA F 262 -37.47 -21.63 -5.69
C ALA F 262 -36.83 -20.62 -4.75
N ALA F 263 -36.12 -21.11 -3.74
CA ALA F 263 -35.50 -20.25 -2.73
C ALA F 263 -34.42 -19.40 -3.37
N LEU F 264 -33.55 -20.05 -4.16
CA LEU F 264 -32.44 -19.37 -4.82
C LEU F 264 -33.01 -18.26 -5.70
N ALA F 265 -34.10 -18.56 -6.41
CA ALA F 265 -34.72 -17.60 -7.32
C ALA F 265 -35.22 -16.37 -6.56
N VAL F 266 -35.89 -16.59 -5.43
CA VAL F 266 -36.35 -15.47 -4.62
C VAL F 266 -35.16 -14.61 -4.20
N TYR F 267 -34.05 -15.26 -3.81
CA TYR F 267 -32.90 -14.53 -3.31
C TYR F 267 -32.29 -13.69 -4.43
N GLU F 268 -32.15 -14.30 -5.61
CA GLU F 268 -31.62 -13.60 -6.78
C GLU F 268 -32.50 -12.40 -7.08
N ASP F 269 -33.83 -12.61 -7.06
CA ASP F 269 -34.81 -11.58 -7.39
C ASP F 269 -34.63 -10.38 -6.46
N ILE F 270 -34.56 -10.63 -5.14
CA ILE F 270 -34.45 -9.58 -4.14
C ILE F 270 -33.12 -8.84 -4.32
N LYS F 271 -32.07 -9.58 -4.72
CA LYS F 271 -30.74 -9.01 -4.84
C LYS F 271 -30.69 -8.07 -6.04
N LYS F 272 -31.23 -8.54 -7.18
CA LYS F 272 -31.13 -7.82 -8.43
C LYS F 272 -32.06 -6.61 -8.46
N HIS F 273 -33.31 -6.78 -7.99
CA HIS F 273 -34.35 -5.82 -8.24
C HIS F 273 -34.65 -4.94 -7.02
N GLY F 274 -34.05 -5.24 -5.86
CA GLY F 274 -34.27 -4.47 -4.64
C GLY F 274 -35.69 -4.61 -4.06
N VAL F 275 -36.43 -5.63 -4.54
CA VAL F 275 -37.83 -5.86 -4.20
C VAL F 275 -38.24 -7.23 -4.75
N GLN F 276 -39.30 -7.82 -4.18
CA GLN F 276 -39.62 -9.22 -4.46
C GLN F 276 -40.82 -9.36 -5.40
N THR F 277 -41.18 -8.27 -6.09
CA THR F 277 -42.38 -8.21 -6.91
C THR F 277 -42.44 -9.40 -7.87
N ALA F 278 -41.33 -9.67 -8.55
CA ALA F 278 -41.26 -10.69 -9.58
C ALA F 278 -41.52 -12.08 -8.99
N SER F 279 -41.30 -12.23 -7.68
CA SER F 279 -41.39 -13.53 -7.03
C SER F 279 -42.81 -13.82 -6.53
N LEU F 280 -43.60 -12.75 -6.32
CA LEU F 280 -44.90 -12.88 -5.67
C LEU F 280 -45.72 -14.04 -6.25
N PRO F 281 -45.83 -14.18 -7.60
CA PRO F 281 -46.67 -15.24 -8.17
C PRO F 281 -46.19 -16.64 -7.82
N PHE F 282 -44.94 -16.75 -7.34
CA PHE F 282 -44.32 -18.03 -7.09
C PHE F 282 -44.34 -18.38 -5.60
N MET F 283 -45.04 -17.56 -4.80
CA MET F 283 -45.15 -17.72 -3.36
C MET F 283 -46.51 -18.32 -3.00
N GLN F 284 -46.51 -19.30 -2.09
CA GLN F 284 -47.73 -19.77 -1.47
C GLN F 284 -48.33 -18.62 -0.68
N THR F 285 -49.67 -18.47 -0.74
CA THR F 285 -50.31 -17.32 -0.13
C THR F 285 -50.41 -17.54 1.37
N ARG F 286 -50.49 -16.41 2.11
CA ARG F 286 -50.69 -16.43 3.55
C ARG F 286 -51.88 -17.33 3.90
N GLU F 287 -52.94 -17.27 3.08
CA GLU F 287 -54.18 -17.95 3.42
C GLU F 287 -54.01 -19.46 3.23
N ALA F 288 -53.28 -19.88 2.20
CA ALA F 288 -53.02 -21.29 1.96
C ALA F 288 -52.18 -21.87 3.09
N LEU F 289 -51.22 -21.06 3.56
CA LEU F 289 -50.36 -21.41 4.69
C LEU F 289 -51.22 -21.62 5.94
N TYR F 290 -52.09 -20.65 6.21
CA TYR F 290 -53.03 -20.74 7.33
C TYR F 290 -53.87 -22.00 7.21
N GLU F 291 -54.27 -22.37 5.99
CA GLU F 291 -55.08 -23.55 5.77
C GLU F 291 -54.30 -24.81 6.19
N VAL F 292 -53.03 -24.91 5.77
CA VAL F 292 -52.25 -26.10 6.06
C VAL F 292 -52.02 -26.24 7.56
N LEU F 293 -51.90 -25.11 8.26
CA LEU F 293 -51.55 -25.09 9.68
C LEU F 293 -52.80 -25.19 10.57
N ASN F 294 -53.98 -24.90 10.01
CA ASN F 294 -55.22 -24.72 10.78
C ASN F 294 -55.13 -23.46 11.65
N TYR F 295 -54.44 -22.44 11.14
CA TYR F 295 -54.10 -21.25 11.91
C TYR F 295 -55.35 -20.57 12.47
N HIS F 296 -56.43 -20.51 11.66
CA HIS F 296 -57.61 -19.75 12.05
C HIS F 296 -58.27 -20.32 13.29
N ALA F 297 -58.32 -21.66 13.41
CA ALA F 297 -58.89 -22.34 14.57
C ALA F 297 -58.20 -21.92 15.88
N TYR F 298 -56.91 -21.57 15.78
CA TYR F 298 -56.13 -21.18 16.95
C TYR F 298 -56.33 -19.70 17.28
N GLU F 299 -56.28 -18.83 16.26
CA GLU F 299 -56.35 -17.39 16.50
C GLU F 299 -57.76 -16.99 16.92
N ASP F 300 -58.76 -17.77 16.51
CA ASP F 300 -60.16 -17.57 16.91
C ASP F 300 -60.32 -17.85 18.40
N LYS F 301 -59.73 -18.96 18.86
CA LYS F 301 -59.74 -19.35 20.27
C LYS F 301 -59.02 -18.30 21.12
N LEU F 302 -58.03 -17.62 20.50
CA LEU F 302 -57.21 -16.61 21.17
C LEU F 302 -58.00 -15.31 21.38
N ASN F 303 -58.89 -15.00 20.44
CA ASN F 303 -59.73 -13.79 20.51
C ASN F 303 -60.87 -13.99 21.51
N GLN F 304 -61.34 -15.24 21.66
CA GLN F 304 -62.38 -15.60 22.61
C GLN F 304 -61.84 -15.54 24.05
N LEU F 305 -60.53 -15.77 24.20
CA LEU F 305 -59.84 -15.72 25.49
C LEU F 305 -59.58 -14.27 25.90
N PHE F 306 -59.33 -13.39 24.91
CA PHE F 306 -59.05 -11.97 25.14
C PHE F 306 -60.34 -11.18 25.38
N LYS F 307 -61.49 -11.77 25.04
CA LYS F 307 -62.79 -11.13 25.17
C LYS F 307 -63.42 -11.49 26.51
N ARG F 308 -62.86 -12.51 27.18
CA ARG F 308 -63.49 -13.19 28.31
C ARG F 308 -63.56 -12.25 29.52
N SER G 22 37.38 8.34 33.15
CA SER G 22 38.55 8.09 32.28
C SER G 22 38.72 9.21 31.25
N MET G 23 39.91 9.29 30.66
CA MET G 23 40.30 10.31 29.69
C MET G 23 40.11 9.79 28.26
N SER G 24 39.77 10.69 27.32
CA SER G 24 39.62 10.34 25.92
C SER G 24 40.96 9.95 25.29
N PRO G 25 40.97 9.12 24.20
CA PRO G 25 42.24 8.69 23.59
C PRO G 25 43.10 9.89 23.18
N GLY G 26 42.47 10.92 22.58
CA GLY G 26 43.18 12.13 22.20
C GLY G 26 43.90 12.79 23.38
N LYS G 27 43.22 12.82 24.53
CA LYS G 27 43.74 13.44 25.74
C LYS G 27 44.93 12.63 26.24
N LEU G 28 44.81 11.30 26.23
CA LEU G 28 45.89 10.43 26.65
C LEU G 28 47.13 10.67 25.80
N PHE G 29 46.93 10.93 24.50
CA PHE G 29 48.06 11.12 23.62
C PHE G 29 48.73 12.47 23.93
N ARG G 30 47.91 13.52 24.08
CA ARG G 30 48.41 14.85 24.39
C ARG G 30 49.18 14.85 25.71
N GLN G 31 48.70 14.06 26.67
CA GLN G 31 49.29 13.96 27.99
C GLN G 31 50.63 13.21 27.90
N ALA G 32 50.71 12.21 27.02
CA ALA G 32 51.94 11.46 26.84
C ALA G 32 53.00 12.35 26.18
N VAL G 33 52.58 13.18 25.21
CA VAL G 33 53.48 14.13 24.58
C VAL G 33 54.02 15.12 25.61
N ALA G 34 53.17 15.55 26.55
CA ALA G 34 53.56 16.59 27.50
C ALA G 34 54.48 16.04 28.59
N ASN G 35 54.21 14.82 29.09
CA ASN G 35 54.87 14.28 30.26
C ASN G 35 56.16 13.54 29.90
N GLU G 36 56.33 13.16 28.64
CA GLU G 36 57.53 12.44 28.23
C GLU G 36 58.48 13.41 27.54
N HIS G 37 59.77 13.10 27.57
CA HIS G 37 60.76 14.00 27.00
C HIS G 37 61.88 13.20 26.35
N PRO G 38 61.73 12.79 25.07
CA PRO G 38 60.50 12.98 24.32
C PRO G 38 59.63 11.73 24.39
N LEU G 39 58.42 11.80 23.83
CA LEU G 39 57.57 10.62 23.72
C LEU G 39 58.08 9.73 22.59
N GLN G 40 58.47 8.51 22.94
CA GLN G 40 58.78 7.50 21.94
C GLN G 40 57.47 6.81 21.52
N ILE G 41 57.18 6.82 20.21
CA ILE G 41 56.03 6.14 19.65
C ILE G 41 56.52 5.00 18.77
N VAL G 42 56.18 3.75 19.17
CA VAL G 42 56.66 2.58 18.45
C VAL G 42 55.54 1.99 17.57
N GLY G 43 55.92 1.61 16.34
CA GLY G 43 55.03 0.94 15.43
C GLY G 43 54.69 -0.48 15.90
N ALA G 44 53.42 -0.87 15.70
CA ALA G 44 52.93 -2.22 15.88
C ALA G 44 52.04 -2.57 14.71
N ILE G 45 52.23 -3.75 14.10
CA ILE G 45 51.46 -4.08 12.90
C ILE G 45 50.16 -4.76 13.29
N ASN G 46 50.09 -5.31 14.51
CA ASN G 46 48.91 -6.03 14.95
C ASN G 46 48.75 -5.87 16.46
N ALA G 47 47.63 -6.37 17.00
CA ALA G 47 47.28 -6.20 18.40
C ALA G 47 48.33 -6.82 19.31
N TYR G 48 48.85 -8.00 18.94
CA TYR G 48 49.80 -8.68 19.79
C TYR G 48 51.07 -7.85 19.94
N CYS G 49 51.52 -7.23 18.84
CA CYS G 49 52.70 -6.39 18.91
C CYS G 49 52.43 -5.19 19.81
N ALA G 50 51.21 -4.65 19.72
CA ALA G 50 50.82 -3.53 20.57
C ALA G 50 50.93 -3.96 22.03
N LEU G 51 50.58 -5.22 22.32
CA LEU G 51 50.64 -5.70 23.69
C LEU G 51 52.09 -5.80 24.14
N LEU G 52 52.97 -6.30 23.26
CA LEU G 52 54.39 -6.38 23.57
C LEU G 52 54.92 -4.99 23.92
N ALA G 53 54.60 -3.99 23.09
CA ALA G 53 55.06 -2.63 23.31
C ALA G 53 54.57 -2.11 24.65
N GLU G 54 53.32 -2.42 25.00
CA GLU G 54 52.71 -1.95 26.24
C GLU G 54 53.46 -2.54 27.42
N ASN G 55 53.76 -3.84 27.33
CA ASN G 55 54.45 -4.62 28.34
C ASN G 55 55.85 -4.03 28.59
N VAL G 56 56.47 -3.50 27.54
CA VAL G 56 57.83 -2.97 27.62
C VAL G 56 57.80 -1.58 28.24
N GLY G 57 56.65 -0.89 28.12
CA GLY G 57 56.42 0.32 28.90
C GLY G 57 56.25 1.58 28.05
N PHE G 58 56.04 1.42 26.74
CA PHE G 58 55.82 2.58 25.88
C PHE G 58 54.49 3.25 26.20
N LYS G 59 54.40 4.54 25.91
CA LYS G 59 53.27 5.34 26.36
C LYS G 59 52.34 5.61 25.18
N ALA G 60 52.79 5.30 23.97
CA ALA G 60 52.02 5.50 22.75
C ALA G 60 52.48 4.51 21.67
N ILE G 61 51.55 4.13 20.78
CA ILE G 61 51.86 3.18 19.72
C ILE G 61 51.40 3.75 18.37
N TYR G 62 51.82 3.08 17.29
CA TYR G 62 51.66 3.62 15.94
C TYR G 62 51.26 2.51 14.96
N LEU G 63 50.30 2.86 14.09
CA LEU G 63 49.94 1.98 12.99
C LEU G 63 50.48 2.58 11.70
N SER G 64 51.45 1.88 11.12
CA SER G 64 52.15 2.33 9.94
C SER G 64 51.32 2.03 8.70
N GLY G 65 51.13 3.05 7.86
CA GLY G 65 50.41 2.89 6.60
C GLY G 65 51.14 1.93 5.67
N GLY G 66 52.46 2.09 5.61
CA GLY G 66 53.31 1.20 4.84
C GLY G 66 53.19 -0.22 5.38
N GLY G 67 53.16 -0.34 6.71
CA GLY G 67 52.94 -1.60 7.39
C GLY G 67 51.63 -2.24 6.97
N VAL G 68 50.59 -1.42 6.88
CA VAL G 68 49.27 -1.96 6.57
C VAL G 68 49.32 -2.57 5.17
N ALA G 69 49.88 -1.81 4.22
CA ALA G 69 49.97 -2.27 2.84
C ALA G 69 50.89 -3.49 2.75
N ASN G 70 52.13 -3.36 3.29
CA ASN G 70 53.14 -4.39 3.14
C ASN G 70 52.65 -5.70 3.75
N THR G 71 51.93 -5.64 4.88
CA THR G 71 51.49 -6.86 5.54
C THR G 71 50.49 -7.61 4.67
N LEU G 72 49.79 -6.88 3.79
CA LEU G 72 48.80 -7.48 2.91
C LEU G 72 49.51 -7.93 1.63
N GLY G 73 50.80 -7.63 1.52
CA GLY G 73 51.59 -7.98 0.35
C GLY G 73 51.45 -6.93 -0.76
N LEU G 74 51.12 -5.71 -0.37
CA LEU G 74 50.96 -4.61 -1.31
C LEU G 74 52.05 -3.57 -1.08
N PRO G 75 52.51 -2.89 -2.15
CA PRO G 75 53.47 -1.79 -2.00
C PRO G 75 52.83 -0.55 -1.38
N ASP G 76 53.66 0.29 -0.76
CA ASP G 76 53.23 1.47 -0.05
C ASP G 76 53.06 2.59 -1.06
N LEU G 77 51.97 2.51 -1.84
CA LEU G 77 51.80 3.37 -2.99
C LEU G 77 50.38 3.97 -3.02
N GLY G 78 49.78 4.13 -1.83
CA GLY G 78 48.43 4.68 -1.68
C GLY G 78 47.33 3.81 -2.32
N ILE G 79 47.60 2.51 -2.46
CA ILE G 79 46.63 1.54 -2.96
C ILE G 79 45.57 1.28 -1.89
N THR G 80 45.99 1.26 -0.62
CA THR G 80 45.11 0.98 0.49
C THR G 80 44.07 2.09 0.63
N ASP G 81 42.95 1.75 1.27
CA ASP G 81 41.86 2.68 1.51
C ASP G 81 41.56 2.75 3.00
N LEU G 82 40.59 3.60 3.36
CA LEU G 82 40.23 3.79 4.76
C LEU G 82 39.99 2.45 5.44
N HIS G 83 39.37 1.50 4.74
CA HIS G 83 38.98 0.24 5.38
C HIS G 83 40.17 -0.64 5.73
N ASP G 84 41.19 -0.64 4.86
CA ASP G 84 42.39 -1.42 5.14
C ASP G 84 42.99 -0.94 6.46
N VAL G 85 43.09 0.39 6.63
CA VAL G 85 43.74 0.96 7.79
C VAL G 85 42.83 0.84 9.01
N LEU G 86 41.55 1.14 8.81
CA LEU G 86 40.58 1.17 9.90
C LEU G 86 40.49 -0.20 10.57
N GLU G 87 40.49 -1.26 9.75
CA GLU G 87 40.37 -2.62 10.27
C GLU G 87 41.58 -2.96 11.16
N ASP G 88 42.77 -2.58 10.71
CA ASP G 88 43.98 -2.84 11.48
C ASP G 88 43.96 -2.02 12.78
N ALA G 89 43.50 -0.77 12.70
CA ALA G 89 43.43 0.08 13.86
C ALA G 89 42.46 -0.48 14.91
N ARG G 90 41.30 -0.92 14.46
CA ARG G 90 40.27 -1.42 15.36
C ARG G 90 40.81 -2.58 16.17
N ARG G 91 41.50 -3.50 15.47
CA ARG G 91 42.03 -4.71 16.10
C ARG G 91 42.98 -4.32 17.23
N ILE G 92 43.77 -3.26 17.01
CA ILE G 92 44.72 -2.82 18.02
C ILE G 92 43.98 -2.20 19.20
N THR G 93 43.13 -1.20 18.93
CA THR G 93 42.48 -0.46 20.02
C THR G 93 41.58 -1.36 20.84
N ALA G 94 41.15 -2.51 20.28
CA ALA G 94 40.33 -3.44 21.05
C ALA G 94 41.15 -4.08 22.16
N ALA G 95 42.48 -4.13 21.98
CA ALA G 95 43.32 -4.93 22.85
C ALA G 95 44.06 -4.06 23.87
N THR G 96 44.11 -2.74 23.64
CA THR G 96 44.86 -1.84 24.51
C THR G 96 44.30 -0.43 24.44
N HIS G 97 44.35 0.28 25.58
CA HIS G 97 43.92 1.67 25.66
C HIS G 97 45.09 2.61 25.41
N LEU G 98 46.28 2.05 25.22
CA LEU G 98 47.47 2.83 24.92
C LEU G 98 47.19 3.70 23.70
N PRO G 99 47.36 5.03 23.78
CA PRO G 99 46.96 5.92 22.69
C PRO G 99 47.65 5.52 21.39
N LEU G 100 46.88 5.46 20.30
CA LEU G 100 47.38 4.98 19.02
C LEU G 100 47.40 6.12 18.00
N LEU G 101 48.54 6.27 17.33
CA LEU G 101 48.68 7.20 16.21
C LEU G 101 48.56 6.40 14.92
N VAL G 102 47.69 6.86 14.02
CA VAL G 102 47.37 6.12 12.81
C VAL G 102 47.75 6.94 11.59
N ASP G 103 48.49 6.31 10.68
CA ASP G 103 48.87 6.85 9.39
C ASP G 103 47.66 6.80 8.45
N ILE G 104 47.20 7.98 7.98
CA ILE G 104 46.09 8.01 7.04
C ILE G 104 46.53 8.61 5.70
N ASP G 105 47.83 8.52 5.38
CA ASP G 105 48.37 8.91 4.09
C ASP G 105 47.93 10.34 3.76
N THR G 106 47.18 10.48 2.66
CA THR G 106 46.76 11.79 2.19
C THR G 106 45.27 11.99 2.43
N GLY G 107 44.65 11.06 3.16
CA GLY G 107 43.26 11.20 3.56
C GLY G 107 42.30 10.34 2.73
N PHE G 108 42.83 9.57 1.77
CA PHE G 108 42.09 8.55 1.04
C PHE G 108 41.16 9.13 -0.02
N GLY G 109 41.09 10.45 -0.11
CA GLY G 109 40.28 11.10 -1.13
C GLY G 109 40.08 12.59 -0.83
N GLY G 110 38.96 13.12 -1.31
CA GLY G 110 38.64 14.53 -1.15
C GLY G 110 38.11 14.83 0.25
N ALA G 111 37.55 16.04 0.39
CA ALA G 111 37.14 16.59 1.66
C ALA G 111 36.20 15.64 2.39
N PHE G 112 35.33 14.95 1.64
CA PHE G 112 34.31 14.14 2.28
C PHE G 112 34.89 12.85 2.82
N THR G 113 35.82 12.28 2.06
CA THR G 113 36.54 11.08 2.47
C THR G 113 37.36 11.37 3.73
N ILE G 114 38.01 12.55 3.75
CA ILE G 114 38.83 12.93 4.89
C ILE G 114 37.96 13.00 6.13
N ALA G 115 36.79 13.65 5.98
CA ALA G 115 35.83 13.76 7.06
C ALA G 115 35.45 12.37 7.58
N ARG G 116 35.19 11.45 6.64
CA ARG G 116 34.80 10.09 7.01
C ARG G 116 35.94 9.41 7.76
N ALA G 117 37.15 9.59 7.24
CA ALA G 117 38.33 8.98 7.85
C ALA G 117 38.46 9.44 9.30
N ILE G 118 38.29 10.76 9.53
CA ILE G 118 38.45 11.31 10.87
C ILE G 118 37.38 10.71 11.79
N LYS G 119 36.12 10.76 11.34
CA LYS G 119 35.01 10.31 12.17
C LYS G 119 35.20 8.83 12.54
N GLU G 120 35.60 8.04 11.52
CA GLU G 120 35.70 6.61 11.72
C GLU G 120 36.87 6.27 12.65
N MET G 121 37.97 7.04 12.51
CA MET G 121 39.14 6.80 13.35
C MET G 121 38.76 7.11 14.80
N GLU G 122 38.04 8.20 15.02
CA GLU G 122 37.60 8.55 16.36
C GLU G 122 36.73 7.41 16.91
N ARG G 123 35.81 6.91 16.08
CA ARG G 123 34.89 5.86 16.50
C ARG G 123 35.66 4.59 16.84
N ALA G 124 36.84 4.42 16.25
CA ALA G 124 37.65 3.24 16.48
C ALA G 124 38.58 3.42 17.68
N GLN G 125 38.40 4.52 18.43
CA GLN G 125 39.10 4.75 19.68
C GLN G 125 40.57 5.09 19.44
N VAL G 126 40.86 5.62 18.25
CA VAL G 126 42.18 6.07 17.87
C VAL G 126 42.45 7.42 18.53
N ALA G 127 43.72 7.65 18.89
CA ALA G 127 44.12 8.84 19.62
C ALA G 127 44.50 9.99 18.67
N ALA G 128 45.14 9.66 17.55
CA ALA G 128 45.69 10.67 16.65
C ALA G 128 45.90 10.09 15.26
N VAL G 129 45.88 10.97 14.24
CA VAL G 129 46.23 10.57 12.89
C VAL G 129 47.28 11.52 12.33
N HIS G 130 47.98 11.07 11.29
CA HIS G 130 48.83 11.95 10.51
C HIS G 130 48.44 11.89 9.04
N MET G 131 48.35 13.07 8.45
CA MET G 131 47.97 13.26 7.07
C MET G 131 49.03 14.16 6.43
N GLU G 132 49.40 13.86 5.18
CA GLU G 132 50.57 14.47 4.56
C GLU G 132 50.21 15.23 3.28
N ASP G 133 51.19 15.98 2.77
CA ASP G 133 50.97 16.96 1.71
C ASP G 133 51.44 16.43 0.35
N GLN G 134 51.52 15.11 0.20
CA GLN G 134 51.84 14.52 -1.10
C GLN G 134 50.60 14.51 -1.96
N VAL G 135 50.77 14.20 -3.25
CA VAL G 135 49.67 13.97 -4.17
C VAL G 135 49.05 12.61 -3.87
N ALA G 136 47.89 12.32 -4.47
CA ALA G 136 47.14 11.10 -4.23
C ALA G 136 48.01 9.85 -4.33
N GLN G 137 48.72 9.68 -5.45
CA GLN G 137 49.58 8.50 -5.64
C GLN G 137 50.90 8.70 -4.90
N LYS G 138 50.86 8.50 -3.58
CA LYS G 138 51.93 8.81 -2.64
C LYS G 138 52.94 7.67 -2.57
N ARG G 139 54.05 7.92 -1.88
CA ARG G 139 55.11 6.94 -1.68
C ARG G 139 55.77 7.19 -0.32
N CYS G 140 56.60 6.22 0.10
CA CYS G 140 57.46 6.31 1.26
C CYS G 140 58.19 7.67 1.26
N GLY G 141 58.25 8.31 2.44
CA GLY G 141 58.76 9.66 2.58
C GLY G 141 60.28 9.78 2.46
N HIS G 142 60.97 8.63 2.42
CA HIS G 142 62.43 8.55 2.34
C HIS G 142 62.89 8.07 0.96
N ARG G 143 61.93 7.96 0.01
CA ARG G 143 62.22 7.60 -1.36
C ARG G 143 62.36 8.86 -2.22
N PRO G 144 63.09 8.81 -3.37
CA PRO G 144 63.10 9.93 -4.32
C PRO G 144 61.88 9.92 -5.24
N GLY G 145 61.54 11.10 -5.78
CA GLY G 145 60.51 11.27 -6.79
C GLY G 145 59.11 11.57 -6.23
N LYS G 146 59.08 12.16 -5.02
CA LYS G 146 57.86 12.53 -4.34
C LYS G 146 57.25 13.77 -5.01
N GLU G 147 55.92 13.81 -5.08
CA GLU G 147 55.25 15.01 -5.56
C GLU G 147 54.31 15.56 -4.50
N LEU G 148 54.35 16.88 -4.30
CA LEU G 148 53.55 17.54 -3.28
C LEU G 148 52.38 18.30 -3.90
N VAL G 149 51.31 18.46 -3.11
CA VAL G 149 50.27 19.41 -3.44
C VAL G 149 50.73 20.79 -2.96
N ASN G 150 50.15 21.87 -3.51
CA ASN G 150 50.55 23.20 -3.08
C ASN G 150 49.99 23.43 -1.67
N THR G 151 50.47 24.51 -1.02
CA THR G 151 50.09 24.80 0.35
C THR G 151 48.57 24.87 0.50
N ASN G 152 47.89 25.44 -0.52
CA ASN G 152 46.46 25.67 -0.45
C ASN G 152 45.70 24.35 -0.36
N GLU G 153 46.10 23.36 -1.19
CA GLU G 153 45.42 22.08 -1.28
C GLU G 153 45.54 21.33 0.06
N MET G 154 46.68 21.49 0.74
CA MET G 154 46.91 20.82 1.99
C MET G 154 46.08 21.46 3.09
N VAL G 155 45.94 22.79 3.02
CA VAL G 155 45.13 23.54 3.97
C VAL G 155 43.69 23.04 3.87
N ASP G 156 43.21 22.86 2.62
CA ASP G 156 41.91 22.28 2.33
C ASP G 156 41.75 20.93 3.03
N ARG G 157 42.77 20.07 2.91
CA ARG G 157 42.72 18.77 3.55
C ARG G 157 42.55 18.94 5.06
N ILE G 158 43.34 19.87 5.62
CA ILE G 158 43.35 20.05 7.06
C ILE G 158 41.99 20.59 7.54
N LYS G 159 41.40 21.50 6.74
CA LYS G 159 40.11 22.09 7.09
C LYS G 159 39.05 21.00 7.16
N ALA G 160 39.01 20.13 6.13
CA ALA G 160 38.07 19.03 6.06
C ALA G 160 38.17 18.18 7.33
N ALA G 161 39.40 17.97 7.81
CA ALA G 161 39.61 17.12 8.97
C ALA G 161 39.18 17.85 10.25
N VAL G 162 39.57 19.12 10.40
CA VAL G 162 39.36 19.80 11.67
C VAL G 162 37.88 20.10 11.85
N ASP G 163 37.17 20.33 10.74
CA ASP G 163 35.76 20.65 10.73
C ASP G 163 34.91 19.58 11.42
N VAL G 164 35.42 18.34 11.50
CA VAL G 164 34.59 17.26 12.04
C VAL G 164 35.25 16.62 13.25
N LYS G 165 36.47 17.03 13.59
CA LYS G 165 37.16 16.32 14.66
C LYS G 165 36.80 16.89 16.02
N SER G 166 36.78 16.02 17.05
CA SER G 166 36.64 16.47 18.42
C SER G 166 37.88 17.27 18.84
N ASN G 167 37.79 17.94 20.00
CA ASN G 167 38.87 18.80 20.45
C ASN G 167 40.09 17.98 20.82
N ASP G 168 39.89 16.93 21.62
CA ASP G 168 40.98 16.15 22.19
C ASP G 168 41.74 15.39 21.12
N PHE G 169 41.06 15.02 20.04
CA PHE G 169 41.64 14.18 19.01
C PHE G 169 42.75 14.95 18.29
N VAL G 170 43.87 14.28 18.08
CA VAL G 170 45.08 14.94 17.60
C VAL G 170 45.25 14.75 16.09
N LEU G 171 45.26 15.87 15.36
CA LEU G 171 45.60 15.87 13.94
C LEU G 171 47.04 16.32 13.76
N ILE G 172 47.89 15.40 13.30
CA ILE G 172 49.28 15.71 13.01
C ILE G 172 49.44 15.92 11.50
N ALA G 173 49.73 17.15 11.09
CA ALA G 173 50.02 17.43 9.69
C ALA G 173 51.47 17.06 9.40
N ARG G 174 51.66 16.25 8.35
CA ARG G 174 52.96 15.76 7.94
C ARG G 174 53.37 16.48 6.66
N THR G 175 54.59 17.01 6.66
CA THR G 175 55.12 17.62 5.45
C THR G 175 56.31 16.81 4.93
N ASP G 176 56.26 16.55 3.62
CA ASP G 176 57.24 15.73 2.93
C ASP G 176 58.09 16.65 2.05
N ALA G 177 58.23 17.91 2.49
CA ALA G 177 58.66 18.98 1.59
C ALA G 177 60.17 19.24 1.66
N TYR G 178 60.82 18.80 2.74
CA TYR G 178 62.23 19.07 2.98
C TYR G 178 63.10 18.66 1.80
N ALA G 179 62.96 17.42 1.34
CA ALA G 179 63.82 16.86 0.32
C ALA G 179 63.59 17.53 -1.04
N VAL G 180 62.47 18.23 -1.20
CA VAL G 180 62.06 18.73 -2.50
C VAL G 180 62.25 20.26 -2.57
N GLU G 181 61.97 20.95 -1.46
CA GLU G 181 61.81 22.40 -1.47
C GLU G 181 62.73 23.06 -0.46
N GLY G 182 63.31 22.24 0.43
CA GLY G 182 64.30 22.72 1.40
C GLY G 182 63.67 23.26 2.67
N LEU G 183 64.49 23.38 3.71
CA LEU G 183 64.06 23.60 5.09
C LEU G 183 63.17 24.85 5.22
N LYS G 184 63.54 25.95 4.56
CA LYS G 184 62.82 27.20 4.75
C LYS G 184 61.38 27.06 4.28
N ALA G 185 61.20 26.51 3.07
CA ALA G 185 59.89 26.33 2.45
C ALA G 185 59.03 25.36 3.24
N THR G 186 59.70 24.39 3.89
CA THR G 186 59.07 23.35 4.67
C THR G 186 58.51 23.95 5.96
N ILE G 187 59.26 24.87 6.58
CA ILE G 187 58.83 25.53 7.80
C ILE G 187 57.62 26.41 7.49
N ASP G 188 57.62 26.99 6.29
CA ASP G 188 56.54 27.89 5.87
C ASP G 188 55.24 27.10 5.78
N ARG G 189 55.30 25.97 5.07
CA ARG G 189 54.20 25.03 4.95
C ARG G 189 53.69 24.64 6.34
N ALA G 190 54.59 24.15 7.21
CA ALA G 190 54.21 23.67 8.52
C ALA G 190 53.45 24.74 9.30
N CYS G 191 53.86 26.01 9.11
CA CYS G 191 53.31 27.10 9.88
C CYS G 191 51.89 27.43 9.42
N THR G 192 51.71 27.45 8.09
CA THR G 192 50.40 27.56 7.47
C THR G 192 49.49 26.42 7.95
N TYR G 193 50.06 25.21 8.06
CA TYR G 193 49.30 24.02 8.43
C TYR G 193 48.79 24.15 9.87
N VAL G 194 49.65 24.68 10.76
CA VAL G 194 49.28 24.87 12.15
C VAL G 194 48.16 25.90 12.21
N GLU G 195 48.28 26.92 11.36
CA GLU G 195 47.33 28.00 11.28
C GLU G 195 45.96 27.46 10.85
N ALA G 196 45.98 26.48 9.93
CA ALA G 196 44.77 25.90 9.37
C ALA G 196 44.08 24.95 10.36
N GLY G 197 44.78 24.55 11.44
CA GLY G 197 44.15 23.82 12.53
C GLY G 197 44.92 22.57 12.98
N ALA G 198 46.07 22.28 12.36
CA ALA G 198 46.87 21.13 12.76
C ALA G 198 47.32 21.30 14.22
N ASP G 199 47.31 20.18 14.96
CA ASP G 199 47.65 20.21 16.38
C ASP G 199 49.15 20.04 16.58
N MET G 200 49.77 19.23 15.72
CA MET G 200 51.18 18.87 15.81
C MET G 200 51.73 18.70 14.41
N ILE G 201 53.06 18.64 14.29
CA ILE G 201 53.70 18.56 12.97
C ILE G 201 54.66 17.36 12.90
N PHE G 202 54.58 16.66 11.78
CA PHE G 202 55.43 15.53 11.44
C PHE G 202 56.40 16.01 10.36
N ALA G 203 57.64 16.25 10.79
CA ALA G 203 58.69 16.74 9.92
C ALA G 203 59.43 15.56 9.30
N GLU G 204 59.00 15.19 8.09
CA GLU G 204 59.44 13.95 7.46
C GLU G 204 60.82 14.16 6.85
N ALA G 205 61.75 13.27 7.25
CA ALA G 205 63.01 13.04 6.55
C ALA G 205 63.90 14.28 6.57
N LEU G 206 63.93 14.98 7.71
CA LEU G 206 64.97 15.97 7.96
C LEU G 206 66.29 15.20 8.14
N GLU G 207 67.29 15.57 7.32
CA GLU G 207 68.51 14.79 7.15
C GLU G 207 69.55 15.13 8.20
N ASN G 208 69.39 16.29 8.86
CA ASN G 208 70.41 16.76 9.78
C ASN G 208 69.77 17.27 11.07
N ILE G 209 70.30 16.83 12.21
CA ILE G 209 69.72 17.14 13.50
C ILE G 209 69.74 18.66 13.77
N ASN G 210 70.50 19.42 12.98
CA ASN G 210 70.64 20.84 13.24
C ASN G 210 69.47 21.60 12.65
N ASP G 211 68.67 20.90 11.82
CA ASP G 211 67.47 21.46 11.23
C ASP G 211 66.36 21.62 12.29
N TYR G 212 66.35 20.74 13.30
CA TYR G 212 65.20 20.60 14.18
C TYR G 212 64.98 21.85 15.04
N PRO G 213 66.01 22.40 15.73
CA PRO G 213 65.79 23.48 16.69
C PRO G 213 65.12 24.70 16.07
N THR G 214 65.46 24.99 14.81
CA THR G 214 64.92 26.10 14.05
C THR G 214 63.49 25.77 13.61
N PHE G 215 63.26 24.51 13.23
CA PHE G 215 61.96 24.04 12.80
C PHE G 215 60.99 24.08 13.97
N CYS G 216 61.41 23.51 15.10
CA CYS G 216 60.55 23.37 16.27
C CYS G 216 60.16 24.74 16.85
N LYS G 217 61.10 25.70 16.80
CA LYS G 217 60.86 27.02 17.35
C LYS G 217 59.85 27.77 16.48
N ALA G 218 59.94 27.60 15.16
CA ALA G 218 59.11 28.31 14.21
C ALA G 218 57.67 27.82 14.22
N VAL G 219 57.45 26.51 14.41
CA VAL G 219 56.11 25.95 14.26
C VAL G 219 55.38 25.94 15.61
N LYS G 220 56.13 25.95 16.71
CA LYS G 220 55.61 26.16 18.06
C LYS G 220 54.96 24.90 18.62
N VAL G 221 54.11 24.25 17.81
CA VAL G 221 53.39 23.05 18.24
C VAL G 221 54.37 21.88 18.32
N PRO G 222 54.06 20.81 19.10
CA PRO G 222 54.95 19.65 19.19
C PRO G 222 55.31 19.07 17.82
N VAL G 223 56.57 18.64 17.70
CA VAL G 223 57.09 18.12 16.44
C VAL G 223 57.50 16.66 16.62
N LEU G 224 57.18 15.86 15.59
CA LEU G 224 57.53 14.45 15.55
C LEU G 224 58.71 14.28 14.60
N ALA G 225 59.71 13.50 15.04
CA ALA G 225 60.81 13.10 14.17
C ALA G 225 60.68 11.62 13.86
N ASN G 226 60.89 11.28 12.59
CA ASN G 226 60.66 9.93 12.09
C ASN G 226 61.99 9.21 11.96
N MET G 227 62.30 8.38 12.97
CA MET G 227 63.53 7.62 13.03
C MET G 227 63.33 6.25 12.39
N THR G 228 63.11 6.25 11.07
CA THR G 228 62.97 5.00 10.34
C THR G 228 64.36 4.59 9.83
N GLU G 229 64.58 3.26 9.75
CA GLU G 229 65.84 2.70 9.28
C GLU G 229 65.87 2.68 7.75
N PHE G 230 67.09 2.60 7.22
CA PHE G 230 67.33 2.42 5.79
C PHE G 230 66.68 3.55 5.00
N GLY G 231 66.71 4.77 5.58
CA GLY G 231 66.18 5.94 4.91
C GLY G 231 67.25 7.01 4.71
N LYS G 232 66.79 8.26 4.69
CA LYS G 232 67.67 9.40 4.40
C LYS G 232 68.09 10.06 5.70
N THR G 233 67.69 9.48 6.83
CA THR G 233 68.01 10.07 8.12
C THR G 233 69.03 9.18 8.84
N PRO G 234 70.02 9.78 9.52
CA PRO G 234 70.82 9.05 10.51
C PRO G 234 69.92 8.74 11.71
N LEU G 235 70.26 7.67 12.44
CA LEU G 235 69.54 7.31 13.64
C LEU G 235 70.12 8.03 14.85
N TYR G 236 69.53 9.18 15.20
CA TYR G 236 69.86 9.87 16.43
C TYR G 236 69.10 9.23 17.61
N THR G 237 69.50 9.60 18.83
CA THR G 237 68.86 9.10 20.03
C THR G 237 67.68 9.99 20.39
N ALA G 238 66.82 9.46 21.27
CA ALA G 238 65.68 10.19 21.78
C ALA G 238 66.17 11.46 22.47
N ALA G 239 67.17 11.29 23.35
CA ALA G 239 67.76 12.38 24.12
C ALA G 239 68.26 13.49 23.19
N GLN G 240 69.00 13.10 22.15
CA GLN G 240 69.55 14.05 21.19
C GLN G 240 68.41 14.85 20.57
N LEU G 241 67.37 14.14 20.13
CA LEU G 241 66.29 14.76 19.40
C LEU G 241 65.51 15.68 20.32
N ALA G 242 65.35 15.29 21.58
CA ALA G 242 64.71 16.12 22.59
C ALA G 242 65.49 17.42 22.77
N ASP G 243 66.82 17.32 22.85
CA ASP G 243 67.70 18.47 23.06
C ASP G 243 67.60 19.45 21.89
N HIS G 244 67.17 18.96 20.72
CA HIS G 244 67.05 19.79 19.53
C HIS G 244 65.61 20.25 19.32
N GLY G 245 64.75 20.00 20.33
CA GLY G 245 63.42 20.59 20.43
C GLY G 245 62.28 19.68 19.97
N VAL G 246 62.58 18.41 19.72
CA VAL G 246 61.62 17.44 19.20
C VAL G 246 60.84 16.87 20.37
N LYS G 247 59.52 16.69 20.20
CA LYS G 247 58.65 16.24 21.27
C LYS G 247 58.22 14.78 21.10
N MET G 248 58.21 14.28 19.86
CA MET G 248 57.86 12.89 19.60
C MET G 248 58.90 12.25 18.69
N VAL G 249 59.25 11.00 18.99
CA VAL G 249 60.13 10.23 18.13
C VAL G 249 59.43 8.94 17.72
N LEU G 250 59.34 8.72 16.41
CA LEU G 250 58.58 7.62 15.83
C LEU G 250 59.53 6.52 15.36
N TYR G 251 59.18 5.27 15.69
CA TYR G 251 59.89 4.07 15.26
C TYR G 251 58.91 3.23 14.45
N PRO G 252 58.63 3.63 13.19
CA PRO G 252 57.48 3.13 12.45
C PRO G 252 57.45 1.64 12.12
N ARG G 253 58.60 1.06 11.78
CA ARG G 253 58.60 -0.29 11.24
C ARG G 253 59.62 -1.18 11.94
N SER G 254 60.29 -0.64 12.98
CA SER G 254 61.46 -1.27 13.56
C SER G 254 61.20 -2.73 13.91
N ALA G 255 60.12 -2.99 14.65
CA ALA G 255 59.82 -4.34 15.11
C ALA G 255 59.46 -5.22 13.93
N ASP G 256 58.69 -4.66 12.99
CA ASP G 256 58.19 -5.40 11.85
C ASP G 256 59.37 -5.98 11.05
N ARG G 257 60.41 -5.16 10.86
CA ARG G 257 61.57 -5.54 10.07
C ARG G 257 62.29 -6.72 10.72
N ALA G 258 62.38 -6.69 12.05
CA ALA G 258 63.01 -7.78 12.79
C ALA G 258 62.15 -9.03 12.71
N MET G 259 60.82 -8.85 12.81
CA MET G 259 59.87 -9.94 12.73
C MET G 259 60.03 -10.69 11.41
N SER G 260 60.19 -9.92 10.31
CA SER G 260 60.25 -10.53 9.00
C SER G 260 61.52 -11.37 8.86
N LYS G 261 62.65 -10.82 9.29
CA LYS G 261 63.92 -11.56 9.29
C LYS G 261 63.77 -12.87 10.06
N ALA G 262 63.20 -12.78 11.26
CA ALA G 262 63.04 -13.94 12.13
C ALA G 262 62.19 -15.01 11.45
N ALA G 263 61.10 -14.57 10.81
CA ALA G 263 60.17 -15.47 10.15
C ALA G 263 60.86 -16.20 9.00
N LEU G 264 61.55 -15.42 8.16
CA LEU G 264 62.24 -15.97 7.00
C LEU G 264 63.23 -17.04 7.47
N ALA G 265 63.95 -16.74 8.56
CA ALA G 265 64.96 -17.65 9.08
C ALA G 265 64.32 -18.97 9.51
N VAL G 266 63.19 -18.91 10.21
CA VAL G 266 62.51 -20.13 10.63
C VAL G 266 62.12 -20.94 9.40
N TYR G 267 61.64 -20.26 8.36
CA TYR G 267 61.15 -20.95 7.17
C TYR G 267 62.32 -21.63 6.48
N GLU G 268 63.45 -20.92 6.34
CA GLU G 268 64.65 -21.47 5.73
C GLU G 268 65.09 -22.72 6.52
N ASP G 269 65.10 -22.60 7.86
CA ASP G 269 65.54 -23.65 8.75
C ASP G 269 64.71 -24.91 8.50
N ILE G 270 63.38 -24.76 8.50
CA ILE G 270 62.46 -25.89 8.34
C ILE G 270 62.65 -26.52 6.96
N LYS G 271 62.93 -25.67 5.96
CA LYS G 271 63.05 -26.13 4.57
C LYS G 271 64.32 -26.96 4.42
N LYS G 272 65.43 -26.45 4.97
CA LYS G 272 66.75 -27.03 4.77
C LYS G 272 66.91 -28.31 5.60
N HIS G 273 66.47 -28.26 6.87
CA HIS G 273 66.85 -29.28 7.84
C HIS G 273 65.72 -30.27 8.11
N GLY G 274 64.52 -30.03 7.57
CA GLY G 274 63.37 -30.92 7.76
C GLY G 274 62.86 -30.95 9.21
N VAL G 275 63.27 -29.95 10.02
CA VAL G 275 62.98 -29.86 11.44
C VAL G 275 63.41 -28.47 11.93
N GLN G 276 62.82 -28.02 13.04
CA GLN G 276 62.98 -26.62 13.47
C GLN G 276 63.93 -26.47 14.64
N THR G 277 64.74 -27.51 14.92
CA THR G 277 65.59 -27.56 16.08
C THR G 277 66.43 -26.30 16.22
N ALA G 278 67.07 -25.91 15.11
CA ALA G 278 67.98 -24.77 15.10
C ALA G 278 67.26 -23.47 15.48
N SER G 279 65.93 -23.44 15.27
CA SER G 279 65.16 -22.22 15.47
C SER G 279 64.68 -22.08 16.91
N LEU G 280 64.59 -23.20 17.64
CA LEU G 280 63.98 -23.23 18.96
C LEU G 280 64.47 -22.07 19.84
N PRO G 281 65.80 -21.81 19.93
CA PRO G 281 66.28 -20.75 20.82
C PRO G 281 65.79 -19.35 20.43
N PHE G 282 65.26 -19.22 19.21
CA PHE G 282 64.83 -17.93 18.69
C PHE G 282 63.32 -17.74 18.79
N MET G 283 62.65 -18.69 19.48
CA MET G 283 61.20 -18.67 19.67
C MET G 283 60.85 -18.18 21.08
N GLN G 284 59.87 -17.28 21.16
CA GLN G 284 59.30 -16.88 22.43
C GLN G 284 58.64 -18.10 23.08
N THR G 285 58.79 -18.22 24.40
CA THR G 285 58.25 -19.38 25.10
C THR G 285 56.74 -19.28 25.28
N ARG G 286 56.10 -20.44 25.40
CA ARG G 286 54.68 -20.53 25.69
C ARG G 286 54.33 -19.65 26.90
N GLU G 287 55.20 -19.63 27.90
CA GLU G 287 54.89 -18.97 29.15
C GLU G 287 54.92 -17.45 28.97
N ALA G 288 55.90 -16.97 28.18
CA ALA G 288 56.03 -15.56 27.91
C ALA G 288 54.82 -15.07 27.10
N LEU G 289 54.36 -15.91 26.16
CA LEU G 289 53.19 -15.65 25.34
C LEU G 289 51.97 -15.50 26.24
N TYR G 290 51.78 -16.48 27.15
CA TYR G 290 50.66 -16.43 28.08
C TYR G 290 50.71 -15.13 28.92
N GLU G 291 51.94 -14.73 29.27
CA GLU G 291 52.11 -13.52 30.06
C GLU G 291 51.63 -12.29 29.27
N VAL G 292 52.01 -12.19 28.00
CA VAL G 292 51.66 -11.03 27.20
C VAL G 292 50.15 -10.98 26.97
N LEU G 293 49.51 -12.15 26.87
CA LEU G 293 48.08 -12.24 26.58
C LEU G 293 47.23 -12.12 27.83
N ASN G 294 47.84 -12.33 29.00
CA ASN G 294 47.22 -12.26 30.30
C ASN G 294 46.32 -13.47 30.47
N TYR G 295 46.81 -14.61 29.97
CA TYR G 295 46.04 -15.86 29.95
C TYR G 295 45.44 -16.22 31.31
N HIS G 296 46.21 -16.06 32.38
CA HIS G 296 45.83 -16.65 33.67
C HIS G 296 44.66 -15.83 34.23
N ALA G 297 44.70 -14.53 34.03
CA ALA G 297 43.63 -13.65 34.51
C ALA G 297 42.38 -13.88 33.72
N TYR G 298 42.27 -14.74 32.71
CA TYR G 298 41.02 -15.17 32.13
C TYR G 298 40.35 -16.24 32.98
N GLU G 299 41.12 -17.27 33.34
CA GLU G 299 40.57 -18.35 34.18
C GLU G 299 40.31 -17.83 35.61
N ASP G 300 41.05 -16.79 36.02
CA ASP G 300 40.87 -16.11 37.28
C ASP G 300 39.51 -15.42 37.33
N LYS G 301 39.17 -14.69 36.27
CA LYS G 301 37.90 -13.99 36.09
C LYS G 301 36.76 -15.01 36.07
N LEU G 302 37.05 -16.23 35.59
CA LEU G 302 36.06 -17.29 35.45
C LEU G 302 35.71 -17.90 36.81
N ASN G 303 36.69 -17.95 37.72
CA ASN G 303 36.50 -18.50 39.06
C ASN G 303 35.77 -17.50 39.95
N GLN G 304 35.96 -16.20 39.69
CA GLN G 304 35.28 -15.12 40.40
C GLN G 304 33.79 -15.08 40.04
N LEU G 305 33.46 -15.27 38.76
CA LEU G 305 32.10 -14.86 38.28
C LEU G 305 31.19 -16.06 38.45
N PHE G 306 31.74 -17.27 38.24
CA PHE G 306 30.94 -18.48 37.89
C PHE G 306 31.26 -19.51 38.96
N LYS G 307 31.74 -19.00 40.11
CA LYS G 307 31.98 -19.82 41.29
C LYS G 307 32.00 -18.91 42.52
N SER H 22 -11.56 -12.85 12.44
CA SER H 22 -11.35 -12.58 13.89
C SER H 22 -12.29 -11.50 14.42
N MET H 23 -13.29 -11.11 13.61
CA MET H 23 -14.33 -10.18 14.04
C MET H 23 -15.55 -10.91 14.60
N SER H 24 -16.11 -10.39 15.70
CA SER H 24 -17.24 -11.02 16.37
C SER H 24 -18.51 -10.96 15.51
N PRO H 25 -19.49 -11.88 15.68
CA PRO H 25 -20.70 -11.86 14.86
C PRO H 25 -21.42 -10.51 14.95
N GLY H 26 -21.52 -9.96 16.17
CA GLY H 26 -22.13 -8.65 16.40
C GLY H 26 -21.47 -7.56 15.57
N LYS H 27 -20.13 -7.59 15.52
CA LYS H 27 -19.34 -6.59 14.81
C LYS H 27 -19.59 -6.73 13.31
N LEU H 28 -19.62 -7.98 12.81
CA LEU H 28 -19.89 -8.21 11.40
C LEU H 28 -21.25 -7.65 11.01
N PHE H 29 -22.23 -7.73 11.91
CA PHE H 29 -23.57 -7.25 11.61
C PHE H 29 -23.55 -5.72 11.57
N ARG H 30 -22.92 -5.10 12.57
CA ARG H 30 -22.83 -3.64 12.65
C ARG H 30 -22.12 -3.09 11.41
N GLN H 31 -21.10 -3.82 10.94
CA GLN H 31 -20.31 -3.41 9.79
C GLN H 31 -21.14 -3.54 8.51
N ALA H 32 -21.99 -4.56 8.44
CA ALA H 32 -22.85 -4.76 7.28
C ALA H 32 -23.91 -3.65 7.22
N VAL H 33 -24.45 -3.26 8.38
CA VAL H 33 -25.40 -2.17 8.46
C VAL H 33 -24.74 -0.86 7.98
N ALA H 34 -23.46 -0.66 8.35
CA ALA H 34 -22.80 0.61 8.04
C ALA H 34 -22.39 0.70 6.56
N ASN H 35 -21.91 -0.41 5.99
CA ASN H 35 -21.31 -0.40 4.66
C ASN H 35 -22.33 -0.58 3.54
N GLU H 36 -23.51 -1.10 3.89
CA GLU H 36 -24.54 -1.33 2.87
C GLU H 36 -25.55 -0.18 2.93
N HIS H 37 -26.22 0.05 1.79
CA HIS H 37 -27.15 1.17 1.71
C HIS H 37 -28.35 0.77 0.85
N PRO H 38 -29.39 0.13 1.44
CA PRO H 38 -29.36 -0.32 2.83
C PRO H 38 -28.94 -1.79 2.90
N LEU H 39 -28.78 -2.32 4.11
CA LEU H 39 -28.52 -3.74 4.27
C LEU H 39 -29.82 -4.52 4.07
N GLN H 40 -29.81 -5.39 3.06
CA GLN H 40 -30.90 -6.34 2.87
C GLN H 40 -30.62 -7.57 3.72
N ILE H 41 -31.57 -7.91 4.60
CA ILE H 41 -31.51 -9.09 5.43
C ILE H 41 -32.58 -10.08 4.98
N VAL H 42 -32.16 -11.25 4.47
CA VAL H 42 -33.11 -12.23 3.97
C VAL H 42 -33.30 -13.38 4.95
N GLY H 43 -34.56 -13.79 5.12
CA GLY H 43 -34.90 -14.95 5.93
C GLY H 43 -34.40 -16.26 5.32
N ALA H 44 -33.92 -17.16 6.17
CA ALA H 44 -33.57 -18.54 5.80
C ALA H 44 -34.10 -19.46 6.90
N ILE H 45 -34.78 -20.54 6.52
CA ILE H 45 -35.40 -21.39 7.53
C ILE H 45 -34.43 -22.46 7.99
N ASN H 46 -33.41 -22.74 7.18
CA ASN H 46 -32.45 -23.80 7.50
C ASN H 46 -31.08 -23.41 6.96
N ALA H 47 -30.07 -24.23 7.29
CA ALA H 47 -28.68 -23.94 6.95
C ALA H 47 -28.50 -23.88 5.43
N TYR H 48 -29.15 -24.80 4.70
CA TYR H 48 -28.96 -24.85 3.26
C TYR H 48 -29.46 -23.56 2.61
N CYS H 49 -30.59 -23.05 3.09
CA CYS H 49 -31.12 -21.80 2.57
C CYS H 49 -30.14 -20.66 2.87
N ALA H 50 -29.55 -20.70 4.06
CA ALA H 50 -28.55 -19.70 4.44
C ALA H 50 -27.40 -19.75 3.45
N LEU H 51 -27.04 -20.96 3.00
CA LEU H 51 -25.94 -21.10 2.07
C LEU H 51 -26.31 -20.49 0.72
N LEU H 52 -27.55 -20.75 0.27
CA LEU H 52 -28.04 -20.18 -0.98
C LEU H 52 -27.96 -18.65 -0.91
N ALA H 53 -28.44 -18.06 0.19
CA ALA H 53 -28.43 -16.62 0.36
C ALA H 53 -27.01 -16.07 0.29
N GLU H 54 -26.07 -16.80 0.92
CA GLU H 54 -24.68 -16.38 0.97
C GLU H 54 -24.10 -16.37 -0.44
N ASN H 55 -24.42 -17.42 -1.21
CA ASN H 55 -23.95 -17.63 -2.57
C ASN H 55 -24.45 -16.50 -3.46
N VAL H 56 -25.66 -15.97 -3.17
CA VAL H 56 -26.27 -14.93 -3.98
C VAL H 56 -25.64 -13.58 -3.63
N GLY H 57 -25.09 -13.45 -2.42
CA GLY H 57 -24.25 -12.32 -2.08
C GLY H 57 -24.80 -11.43 -0.97
N PHE H 58 -25.81 -11.91 -0.24
CA PHE H 58 -26.36 -11.13 0.87
C PHE H 58 -25.33 -11.06 2.00
N LYS H 59 -25.42 -10.00 2.81
CA LYS H 59 -24.40 -9.72 3.80
C LYS H 59 -24.91 -10.07 5.19
N ALA H 60 -26.21 -10.37 5.29
CA ALA H 60 -26.83 -10.75 6.57
C ALA H 60 -28.05 -11.64 6.33
N ILE H 61 -28.33 -12.54 7.27
CA ILE H 61 -29.45 -13.45 7.14
C ILE H 61 -30.32 -13.39 8.41
N TYR H 62 -31.49 -14.01 8.34
CA TYR H 62 -32.51 -13.86 9.37
C TYR H 62 -33.20 -15.19 9.65
N LEU H 63 -33.42 -15.44 10.95
CA LEU H 63 -34.22 -16.58 11.38
C LEU H 63 -35.57 -16.06 11.87
N SER H 64 -36.61 -16.40 11.12
CA SER H 64 -37.96 -15.92 11.38
C SER H 64 -38.59 -16.78 12.46
N GLY H 65 -39.14 -16.10 13.48
CA GLY H 65 -39.85 -16.78 14.55
C GLY H 65 -41.06 -17.55 14.03
N GLY H 66 -41.81 -16.87 13.15
CA GLY H 66 -42.96 -17.48 12.49
C GLY H 66 -42.52 -18.68 11.67
N GLY H 67 -41.37 -18.52 10.98
CA GLY H 67 -40.75 -19.59 10.23
C GLY H 67 -40.44 -20.79 11.11
N VAL H 68 -39.92 -20.52 12.32
CA VAL H 68 -39.53 -21.61 13.19
C VAL H 68 -40.77 -22.40 13.56
N ALA H 69 -41.84 -21.70 13.95
CA ALA H 69 -43.09 -22.34 14.33
C ALA H 69 -43.70 -23.06 13.14
N ASN H 70 -43.89 -22.33 12.03
CA ASN H 70 -44.57 -22.87 10.86
C ASN H 70 -43.86 -24.13 10.35
N THR H 71 -42.53 -24.14 10.37
CA THR H 71 -41.79 -25.27 9.83
C THR H 71 -42.04 -26.52 10.68
N LEU H 72 -42.39 -26.32 11.96
CA LEU H 72 -42.69 -27.44 12.85
C LEU H 72 -44.16 -27.81 12.71
N GLY H 73 -44.89 -27.03 11.93
CA GLY H 73 -46.33 -27.26 11.75
C GLY H 73 -47.15 -26.61 12.85
N LEU H 74 -46.58 -25.57 13.48
CA LEU H 74 -47.27 -24.84 14.55
C LEU H 74 -47.59 -23.42 14.10
N PRO H 75 -48.68 -22.81 14.59
CA PRO H 75 -48.98 -21.40 14.31
C PRO H 75 -48.04 -20.45 15.02
N ASP H 76 -47.89 -19.23 14.49
CA ASP H 76 -47.00 -18.20 15.03
C ASP H 76 -47.73 -17.47 16.15
N LEU H 77 -47.82 -18.15 17.30
CA LEU H 77 -48.65 -17.67 18.40
C LEU H 77 -47.91 -17.71 19.72
N GLY H 78 -46.57 -17.60 19.68
CA GLY H 78 -45.72 -17.66 20.86
C GLY H 78 -45.74 -19.01 21.58
N ILE H 79 -46.07 -20.08 20.84
CA ILE H 79 -46.05 -21.44 21.35
C ILE H 79 -44.61 -21.92 21.50
N THR H 80 -43.75 -21.50 20.56
CA THR H 80 -42.35 -21.89 20.54
C THR H 80 -41.62 -21.29 21.74
N ASP H 81 -40.50 -21.93 22.11
CA ASP H 81 -39.69 -21.49 23.24
C ASP H 81 -38.26 -21.26 22.78
N LEU H 82 -37.40 -20.84 23.70
CA LEU H 82 -36.02 -20.53 23.38
C LEU H 82 -35.37 -21.71 22.62
N HIS H 83 -35.70 -22.94 23.00
CA HIS H 83 -35.01 -24.09 22.44
C HIS H 83 -35.40 -24.35 20.99
N ASP H 84 -36.67 -24.10 20.64
CA ASP H 84 -37.10 -24.25 19.26
C ASP H 84 -36.27 -23.34 18.36
N VAL H 85 -36.09 -22.08 18.80
CA VAL H 85 -35.41 -21.08 18.01
C VAL H 85 -33.91 -21.33 18.04
N LEU H 86 -33.39 -21.62 19.24
CA LEU H 86 -31.96 -21.78 19.44
C LEU H 86 -31.42 -22.92 18.57
N GLU H 87 -32.18 -24.01 18.49
CA GLU H 87 -31.74 -25.17 17.73
C GLU H 87 -31.65 -24.82 16.24
N ASP H 88 -32.63 -24.07 15.72
CA ASP H 88 -32.63 -23.67 14.33
C ASP H 88 -31.45 -22.72 14.08
N ALA H 89 -31.21 -21.79 15.02
CA ALA H 89 -30.13 -20.83 14.88
C ALA H 89 -28.77 -21.54 14.84
N ARG H 90 -28.57 -22.50 15.74
CA ARG H 90 -27.29 -23.20 15.84
C ARG H 90 -26.95 -23.87 14.50
N ARG H 91 -27.96 -24.53 13.92
CA ARG H 91 -27.80 -25.24 12.66
C ARG H 91 -27.31 -24.29 11.58
N ILE H 92 -27.85 -23.07 11.57
CA ILE H 92 -27.47 -22.08 10.57
C ILE H 92 -26.05 -21.61 10.83
N THR H 93 -25.76 -21.13 12.05
CA THR H 93 -24.46 -20.53 12.32
C THR H 93 -23.33 -21.56 12.18
N ALA H 94 -23.65 -22.85 12.24
CA ALA H 94 -22.64 -23.88 12.04
C ALA H 94 -22.17 -23.89 10.59
N ALA H 95 -23.02 -23.41 9.68
CA ALA H 95 -22.78 -23.60 8.26
C ALA H 95 -22.23 -22.32 7.61
N THR H 96 -22.36 -21.17 8.29
CA THR H 96 -21.96 -19.91 7.71
C THR H 96 -21.64 -18.89 8.80
N HIS H 97 -20.67 -18.02 8.52
CA HIS H 97 -20.28 -16.94 9.42
C HIS H 97 -21.06 -15.67 9.11
N LEU H 98 -21.88 -15.72 8.05
CA LEU H 98 -22.72 -14.60 7.66
C LEU H 98 -23.56 -14.18 8.86
N PRO H 99 -23.50 -12.91 9.30
CA PRO H 99 -24.16 -12.50 10.53
C PRO H 99 -25.64 -12.81 10.48
N LEU H 100 -26.17 -13.40 11.57
CA LEU H 100 -27.55 -13.85 11.62
C LEU H 100 -28.34 -13.02 12.62
N LEU H 101 -29.50 -12.53 12.18
CA LEU H 101 -30.46 -11.86 13.05
C LEU H 101 -31.55 -12.87 13.42
N VAL H 102 -31.82 -12.99 14.72
CA VAL H 102 -32.74 -13.99 15.22
C VAL H 102 -33.92 -13.33 15.91
N ASP H 103 -35.13 -13.75 15.52
CA ASP H 103 -36.39 -13.35 16.10
C ASP H 103 -36.56 -14.07 17.45
N ILE H 104 -36.63 -13.29 18.55
CA ILE H 104 -36.87 -13.90 19.85
C ILE H 104 -38.19 -13.42 20.45
N ASP H 105 -39.14 -13.01 19.60
CA ASP H 105 -40.49 -12.66 20.01
C ASP H 105 -40.45 -11.64 21.14
N THR H 106 -40.97 -12.02 22.30
CA THR H 106 -41.06 -11.12 23.44
C THR H 106 -40.08 -11.57 24.52
N GLY H 107 -39.20 -12.51 24.20
CA GLY H 107 -38.12 -12.91 25.08
C GLY H 107 -38.36 -14.24 25.81
N PHE H 108 -39.51 -14.88 25.52
CA PHE H 108 -39.83 -16.23 25.96
C PHE H 108 -40.21 -16.29 27.44
N GLY H 109 -40.15 -15.16 28.15
CA GLY H 109 -40.57 -15.13 29.54
C GLY H 109 -40.13 -13.86 30.24
N GLY H 110 -39.92 -13.97 31.55
CA GLY H 110 -39.51 -12.85 32.38
C GLY H 110 -38.03 -12.51 32.20
N ALA H 111 -37.55 -11.63 33.08
CA ALA H 111 -36.23 -11.05 33.01
C ALA H 111 -35.17 -12.16 32.93
N PHE H 112 -35.39 -13.28 33.63
CA PHE H 112 -34.36 -14.29 33.72
C PHE H 112 -34.29 -15.10 32.44
N THR H 113 -35.46 -15.37 31.86
CA THR H 113 -35.56 -16.05 30.58
C THR H 113 -34.89 -15.21 29.49
N ILE H 114 -35.13 -13.90 29.52
CA ILE H 114 -34.57 -12.99 28.54
C ILE H 114 -33.06 -13.06 28.62
N ALA H 115 -32.54 -13.00 29.85
CA ALA H 115 -31.10 -13.09 30.08
C ALA H 115 -30.55 -14.37 29.48
N ARG H 116 -31.27 -15.49 29.72
CA ARG H 116 -30.83 -16.79 29.21
C ARG H 116 -30.85 -16.78 27.69
N ALA H 117 -31.91 -16.21 27.11
CA ALA H 117 -32.04 -16.14 25.67
C ALA H 117 -30.85 -15.41 25.07
N ILE H 118 -30.48 -14.27 25.66
CA ILE H 118 -29.38 -13.47 25.16
C ILE H 118 -28.08 -14.27 25.23
N LYS H 119 -27.81 -14.86 26.41
CA LYS H 119 -26.55 -15.57 26.63
C LYS H 119 -26.45 -16.73 25.64
N GLU H 120 -27.56 -17.46 25.48
CA GLU H 120 -27.57 -18.64 24.65
C GLU H 120 -27.41 -18.28 23.19
N MET H 121 -28.02 -17.16 22.78
CA MET H 121 -27.93 -16.73 21.40
C MET H 121 -26.49 -16.36 21.09
N GLU H 122 -25.85 -15.64 22.03
CA GLU H 122 -24.45 -15.29 21.84
C GLU H 122 -23.62 -16.56 21.71
N ARG H 123 -23.89 -17.55 22.58
CA ARG H 123 -23.14 -18.80 22.58
C ARG H 123 -23.34 -19.53 21.26
N ALA H 124 -24.46 -19.28 20.60
CA ALA H 124 -24.76 -19.95 19.34
C ALA H 124 -24.21 -19.18 18.14
N GLN H 125 -23.40 -18.14 18.41
CA GLN H 125 -22.65 -17.41 17.39
C GLN H 125 -23.60 -16.53 16.56
N VAL H 126 -24.73 -16.15 17.16
CA VAL H 126 -25.71 -15.28 16.56
C VAL H 126 -25.21 -13.84 16.63
N ALA H 127 -25.54 -13.04 15.61
CA ALA H 127 -25.06 -11.68 15.50
C ALA H 127 -25.98 -10.69 16.21
N ALA H 128 -27.30 -10.92 16.13
CA ALA H 128 -28.27 -9.95 16.63
C ALA H 128 -29.61 -10.63 16.90
N VAL H 129 -30.40 -10.05 17.80
CA VAL H 129 -31.77 -10.49 18.03
C VAL H 129 -32.72 -9.31 17.95
N HIS H 130 -34.01 -9.61 17.73
CA HIS H 130 -35.05 -8.61 17.88
C HIS H 130 -36.09 -9.10 18.87
N MET H 131 -36.45 -8.20 19.78
CA MET H 131 -37.43 -8.44 20.82
C MET H 131 -38.46 -7.31 20.75
N GLU H 132 -39.75 -7.65 20.96
CA GLU H 132 -40.84 -6.73 20.66
C GLU H 132 -41.68 -6.41 21.89
N ASP H 133 -42.56 -5.42 21.76
CA ASP H 133 -43.29 -4.83 22.88
C ASP H 133 -44.72 -5.35 22.95
N GLN H 134 -44.99 -6.51 22.36
CA GLN H 134 -46.31 -7.11 22.49
C GLN H 134 -46.40 -7.82 23.84
N VAL H 135 -47.63 -8.24 24.20
CA VAL H 135 -47.87 -9.07 25.37
C VAL H 135 -47.41 -10.49 25.05
N ALA H 136 -47.35 -11.34 26.09
CA ALA H 136 -46.78 -12.67 26.01
C ALA H 136 -47.35 -13.47 24.83
N GLN H 137 -48.68 -13.60 24.76
CA GLN H 137 -49.32 -14.36 23.70
C GLN H 137 -49.41 -13.53 22.43
N LYS H 138 -48.27 -13.43 21.72
CA LYS H 138 -48.05 -12.53 20.60
C LYS H 138 -48.58 -13.13 19.30
N ARG H 139 -48.57 -12.28 18.25
CA ARG H 139 -49.02 -12.69 16.93
C ARG H 139 -48.19 -11.91 15.89
N CYS H 140 -48.34 -12.32 14.63
CA CYS H 140 -47.77 -11.64 13.47
C CYS H 140 -48.07 -10.14 13.53
N GLY H 141 -47.06 -9.32 13.21
CA GLY H 141 -47.12 -7.87 13.35
C GLY H 141 -48.02 -7.17 12.33
N HIS H 142 -48.49 -7.91 11.32
CA HIS H 142 -49.32 -7.39 10.25
C HIS H 142 -50.76 -7.90 10.36
N ARG H 143 -51.06 -8.58 11.48
CA ARG H 143 -52.40 -9.06 11.79
C ARG H 143 -53.12 -8.05 12.67
N PRO H 144 -54.48 -8.01 12.68
CA PRO H 144 -55.23 -7.21 13.65
C PRO H 144 -55.37 -7.90 15.01
N GLY H 145 -55.57 -7.08 16.06
CA GLY H 145 -55.86 -7.56 17.41
C GLY H 145 -54.62 -7.74 18.29
N LYS H 146 -53.56 -6.99 17.98
CA LYS H 146 -52.30 -7.02 18.72
C LYS H 146 -52.49 -6.24 20.02
N GLU H 147 -51.86 -6.73 21.09
CA GLU H 147 -51.85 -5.99 22.35
C GLU H 147 -50.41 -5.72 22.78
N LEU H 148 -50.17 -4.48 23.24
CA LEU H 148 -48.82 -4.07 23.63
C LEU H 148 -48.71 -4.00 25.14
N VAL H 149 -47.48 -4.17 25.64
CA VAL H 149 -47.13 -3.83 27.01
C VAL H 149 -46.85 -2.32 27.04
N ASN H 150 -46.95 -1.70 28.24
CA ASN H 150 -46.66 -0.28 28.33
C ASN H 150 -45.16 -0.07 28.16
N THR H 151 -44.74 1.19 27.98
CA THR H 151 -43.35 1.52 27.74
C THR H 151 -42.44 0.96 28.83
N ASN H 152 -42.92 0.99 30.09
CA ASN H 152 -42.12 0.58 31.23
C ASN H 152 -41.76 -0.90 31.15
N GLU H 153 -42.75 -1.74 30.81
CA GLU H 153 -42.59 -3.18 30.77
C GLU H 153 -41.57 -3.57 29.70
N MET H 154 -41.56 -2.82 28.60
CA MET H 154 -40.65 -3.11 27.50
C MET H 154 -39.23 -2.70 27.88
N VAL H 155 -39.12 -1.58 28.62
CA VAL H 155 -37.82 -1.12 29.10
C VAL H 155 -37.23 -2.18 30.01
N ASP H 156 -38.06 -2.76 30.88
CA ASP H 156 -37.69 -3.90 31.73
C ASP H 156 -37.11 -5.02 30.89
N ARG H 157 -37.79 -5.38 29.81
CA ARG H 157 -37.30 -6.44 28.93
C ARG H 157 -35.92 -6.08 28.41
N ILE H 158 -35.77 -4.82 27.97
CA ILE H 158 -34.54 -4.39 27.34
C ILE H 158 -33.40 -4.39 28.36
N LYS H 159 -33.71 -3.99 29.62
CA LYS H 159 -32.71 -3.94 30.67
C LYS H 159 -32.17 -5.34 30.94
N ALA H 160 -33.08 -6.31 31.07
CA ALA H 160 -32.72 -7.70 31.31
C ALA H 160 -31.75 -8.19 30.22
N ALA H 161 -32.00 -7.76 28.97
CA ALA H 161 -31.18 -8.20 27.87
C ALA H 161 -29.82 -7.51 27.87
N VAL H 162 -29.81 -6.18 28.09
CA VAL H 162 -28.58 -5.43 27.93
C VAL H 162 -27.62 -5.75 29.07
N ASP H 163 -28.18 -6.05 30.25
CA ASP H 163 -27.41 -6.34 31.45
C ASP H 163 -26.45 -7.52 31.23
N VAL H 164 -26.74 -8.39 30.26
CA VAL H 164 -25.95 -9.60 30.12
C VAL H 164 -25.29 -9.67 28.74
N LYS H 165 -25.61 -8.73 27.85
CA LYS H 165 -25.12 -8.88 26.49
C LYS H 165 -23.73 -8.27 26.36
N SER H 166 -22.91 -8.85 25.47
CA SER H 166 -21.64 -8.27 25.09
C SER H 166 -21.88 -6.96 24.33
N ASN H 167 -20.80 -6.19 24.13
CA ASN H 167 -20.92 -4.89 23.49
C ASN H 167 -21.29 -5.03 22.02
N ASP H 168 -20.58 -5.90 21.31
CA ASP H 168 -20.72 -6.03 19.87
C ASP H 168 -22.08 -6.58 19.48
N PHE H 169 -22.66 -7.41 20.35
CA PHE H 169 -23.91 -8.10 20.05
C PHE H 169 -25.03 -7.08 19.93
N VAL H 170 -25.86 -7.25 18.89
CA VAL H 170 -26.85 -6.25 18.54
C VAL H 170 -28.23 -6.63 19.08
N LEU H 171 -28.78 -5.76 19.93
CA LEU H 171 -30.17 -5.87 20.37
C LEU H 171 -31.03 -4.89 19.59
N ILE H 172 -31.94 -5.43 18.76
CA ILE H 172 -32.89 -4.62 18.02
C ILE H 172 -34.23 -4.65 18.75
N ALA H 173 -34.64 -3.49 19.30
CA ALA H 173 -35.96 -3.39 19.89
C ALA H 173 -36.99 -3.16 18.80
N ARG H 174 -38.03 -3.99 18.81
CA ARG H 174 -39.10 -3.95 17.81
C ARG H 174 -40.35 -3.37 18.46
N THR H 175 -40.94 -2.37 17.79
CA THR H 175 -42.20 -1.83 18.27
C THR H 175 -43.31 -2.13 17.27
N ASP H 176 -44.44 -2.61 17.82
CA ASP H 176 -45.59 -3.03 17.05
C ASP H 176 -46.70 -1.98 17.22
N ALA H 177 -46.31 -0.73 17.48
CA ALA H 177 -47.19 0.25 18.10
C ALA H 177 -47.88 1.16 17.08
N TYR H 178 -47.31 1.25 15.88
CA TYR H 178 -47.78 2.16 14.84
C TYR H 178 -49.28 2.00 14.56
N ALA H 179 -49.71 0.75 14.31
CA ALA H 179 -51.07 0.48 13.88
C ALA H 179 -52.07 0.73 15.02
N VAL H 180 -51.57 0.82 16.26
CA VAL H 180 -52.46 0.86 17.43
C VAL H 180 -52.47 2.26 18.04
N GLU H 181 -51.32 2.95 18.03
CA GLU H 181 -51.12 4.15 18.83
C GLU H 181 -50.67 5.32 17.96
N GLY H 182 -50.27 5.01 16.73
CA GLY H 182 -49.93 6.04 15.76
C GLY H 182 -48.48 6.48 15.86
N LEU H 183 -48.02 7.19 14.82
CA LEU H 183 -46.60 7.43 14.57
C LEU H 183 -45.92 8.13 15.74
N LYS H 184 -46.58 9.15 16.30
CA LYS H 184 -45.93 9.96 17.32
C LYS H 184 -45.63 9.11 18.56
N ALA H 185 -46.61 8.33 19.02
CA ALA H 185 -46.49 7.50 20.21
C ALA H 185 -45.46 6.40 20.00
N THR H 186 -45.33 5.96 18.74
CA THR H 186 -44.41 4.90 18.33
C THR H 186 -42.97 5.43 18.40
N ILE H 187 -42.76 6.67 17.97
CA ILE H 187 -41.44 7.29 18.01
C ILE H 187 -41.02 7.47 19.47
N ASP H 188 -42.00 7.77 20.33
CA ASP H 188 -41.74 8.00 21.74
C ASP H 188 -41.20 6.74 22.38
N ARG H 189 -41.93 5.63 22.14
CA ARG H 189 -41.54 4.30 22.59
C ARG H 189 -40.12 3.99 22.11
N ALA H 190 -39.89 4.11 20.80
CA ALA H 190 -38.61 3.74 20.22
C ALA H 190 -37.47 4.51 20.89
N CYS H 191 -37.75 5.77 21.26
CA CYS H 191 -36.71 6.64 21.79
C CYS H 191 -36.35 6.23 23.20
N THR H 192 -37.39 5.94 24.00
CA THR H 192 -37.22 5.37 25.33
C THR H 192 -36.44 4.04 25.24
N TYR H 193 -36.75 3.24 24.22
CA TYR H 193 -36.12 1.92 24.06
C TYR H 193 -34.63 2.08 23.77
N VAL H 194 -34.27 3.07 22.95
CA VAL H 194 -32.88 3.33 22.62
C VAL H 194 -32.16 3.77 23.89
N GLU H 195 -32.86 4.58 24.69
CA GLU H 195 -32.35 5.12 25.93
C GLU H 195 -32.05 3.97 26.90
N ALA H 196 -32.92 2.95 26.89
CA ALA H 196 -32.81 1.81 27.80
C ALA H 196 -31.69 0.86 27.39
N GLY H 197 -31.18 0.99 26.16
CA GLY H 197 -29.99 0.28 25.74
C GLY H 197 -30.11 -0.42 24.37
N ALA H 198 -31.26 -0.30 23.71
CA ALA H 198 -31.43 -0.88 22.38
C ALA H 198 -30.41 -0.28 21.41
N ASP H 199 -29.86 -1.13 20.53
CA ASP H 199 -28.84 -0.72 19.59
C ASP H 199 -29.47 -0.19 18.31
N MET H 200 -30.57 -0.81 17.91
CA MET H 200 -31.25 -0.52 16.66
C MET H 200 -32.76 -0.68 16.87
N ILE H 201 -33.56 -0.18 15.91
CA ILE H 201 -35.02 -0.23 16.05
C ILE H 201 -35.66 -0.89 14.84
N PHE H 202 -36.64 -1.76 15.13
CA PHE H 202 -37.45 -2.47 14.17
C PHE H 202 -38.83 -1.83 14.20
N ALA H 203 -39.10 -1.02 13.18
CA ALA H 203 -40.35 -0.27 13.07
C ALA H 203 -41.34 -1.12 12.26
N GLU H 204 -42.17 -1.87 12.99
CA GLU H 204 -43.01 -2.88 12.40
C GLU H 204 -44.25 -2.22 11.77
N ALA H 205 -44.44 -2.54 10.48
CA ALA H 205 -45.69 -2.32 9.77
C ALA H 205 -46.04 -0.82 9.68
N LEU H 206 -45.03 0.02 9.45
CA LEU H 206 -45.29 1.37 8.97
C LEU H 206 -45.88 1.28 7.57
N GLU H 207 -47.07 1.89 7.41
CA GLU H 207 -47.90 1.69 6.23
C GLU H 207 -47.51 2.66 5.11
N ASN H 208 -46.76 3.72 5.45
CA ASN H 208 -46.50 4.75 4.46
C ASN H 208 -45.03 5.16 4.51
N ILE H 209 -44.38 5.19 3.34
CA ILE H 209 -42.95 5.45 3.29
C ILE H 209 -42.61 6.85 3.79
N ASN H 210 -43.61 7.72 3.96
CA ASN H 210 -43.33 9.09 4.34
C ASN H 210 -43.18 9.18 5.87
N ASP H 211 -43.52 8.10 6.56
CA ASP H 211 -43.36 7.99 7.99
C ASP H 211 -41.88 7.83 8.36
N TYR H 212 -41.09 7.20 7.48
CA TYR H 212 -39.75 6.74 7.85
C TYR H 212 -38.81 7.90 8.14
N PRO H 213 -38.70 8.94 7.27
CA PRO H 213 -37.67 9.97 7.45
C PRO H 213 -37.75 10.68 8.81
N THR H 214 -38.99 10.87 9.29
CA THR H 214 -39.25 11.50 10.57
C THR H 214 -38.94 10.52 11.71
N PHE H 215 -39.25 9.23 11.49
CA PHE H 215 -38.99 8.18 12.47
C PHE H 215 -37.48 8.01 12.63
N CYS H 216 -36.77 7.87 11.50
CA CYS H 216 -35.34 7.60 11.49
C CYS H 216 -34.54 8.74 12.12
N LYS H 217 -34.99 9.99 11.89
CA LYS H 217 -34.30 11.16 12.41
C LYS H 217 -34.45 11.23 13.92
N ALA H 218 -35.65 10.88 14.42
CA ALA H 218 -35.98 11.00 15.83
C ALA H 218 -35.26 9.93 16.68
N VAL H 219 -35.09 8.71 16.14
CA VAL H 219 -34.59 7.62 16.94
C VAL H 219 -33.07 7.52 16.84
N LYS H 220 -32.51 8.05 15.73
CA LYS H 220 -31.07 8.24 15.56
C LYS H 220 -30.37 6.94 15.18
N VAL H 221 -30.66 5.86 15.92
CA VAL H 221 -30.02 4.57 15.69
C VAL H 221 -30.56 3.95 14.41
N PRO H 222 -29.83 3.01 13.78
CA PRO H 222 -30.31 2.35 12.57
C PRO H 222 -31.70 1.75 12.70
N VAL H 223 -32.49 1.89 11.63
CA VAL H 223 -33.88 1.43 11.62
C VAL H 223 -34.05 0.34 10.56
N LEU H 224 -34.81 -0.70 10.95
CA LEU H 224 -35.13 -1.82 10.09
C LEU H 224 -36.58 -1.65 9.61
N ALA H 225 -36.78 -1.83 8.30
CA ALA H 225 -38.12 -1.88 7.74
C ALA H 225 -38.43 -3.30 7.30
N ASN H 226 -39.64 -3.75 7.62
CA ASN H 226 -40.04 -5.13 7.39
C ASN H 226 -40.89 -5.22 6.13
N MET H 227 -40.26 -5.63 5.03
CA MET H 227 -40.91 -5.76 3.74
C MET H 227 -41.45 -7.17 3.56
N THR H 228 -42.44 -7.53 4.38
CA THR H 228 -43.07 -8.83 4.25
C THR H 228 -44.25 -8.72 3.29
N GLU H 229 -44.52 -9.81 2.56
CA GLU H 229 -45.60 -9.88 1.59
C GLU H 229 -46.92 -10.16 2.32
N PHE H 230 -48.02 -9.82 1.65
CA PHE H 230 -49.37 -10.14 2.08
C PHE H 230 -49.61 -9.56 3.47
N GLY H 231 -49.06 -8.37 3.74
CA GLY H 231 -49.27 -7.67 4.99
C GLY H 231 -49.91 -6.30 4.78
N LYS H 232 -49.65 -5.38 5.69
CA LYS H 232 -50.30 -4.07 5.71
C LYS H 232 -49.38 -3.02 5.08
N THR H 233 -48.23 -3.48 4.57
CA THR H 233 -47.27 -2.56 3.97
C THR H 233 -47.25 -2.76 2.47
N PRO H 234 -47.14 -1.67 1.68
CA PRO H 234 -46.79 -1.77 0.27
C PRO H 234 -45.34 -2.23 0.18
N LEU H 235 -44.99 -2.90 -0.93
CA LEU H 235 -43.63 -3.34 -1.15
C LEU H 235 -42.85 -2.23 -1.85
N TYR H 236 -42.12 -1.42 -1.06
CA TYR H 236 -41.18 -0.46 -1.59
C TYR H 236 -39.85 -1.15 -1.91
N THR H 237 -38.99 -0.46 -2.65
CA THR H 237 -37.66 -0.97 -2.99
C THR H 237 -36.67 -0.62 -1.88
N ALA H 238 -35.54 -1.31 -1.91
CA ALA H 238 -34.45 -1.06 -0.98
C ALA H 238 -34.00 0.39 -1.12
N ALA H 239 -33.78 0.82 -2.38
CA ALA H 239 -33.34 2.17 -2.72
C ALA H 239 -34.30 3.20 -2.12
N GLN H 240 -35.60 3.01 -2.34
CA GLN H 240 -36.61 3.92 -1.84
C GLN H 240 -36.49 4.04 -0.32
N LEU H 241 -36.37 2.89 0.35
CA LEU H 241 -36.38 2.85 1.80
C LEU H 241 -35.12 3.50 2.34
N ALA H 242 -34.01 3.30 1.64
CA ALA H 242 -32.74 3.93 2.00
C ALA H 242 -32.87 5.45 1.91
N ASP H 243 -33.51 5.94 0.83
CA ASP H 243 -33.69 7.37 0.60
C ASP H 243 -34.53 8.01 1.69
N HIS H 244 -35.36 7.19 2.37
CA HIS H 244 -36.23 7.67 3.43
C HIS H 244 -35.61 7.45 4.81
N GLY H 245 -34.34 7.02 4.83
CA GLY H 245 -33.51 7.01 6.03
C GLY H 245 -33.40 5.64 6.71
N VAL H 246 -33.89 4.59 6.05
CA VAL H 246 -33.92 3.25 6.58
C VAL H 246 -32.57 2.59 6.31
N LYS H 247 -32.05 1.85 7.31
CA LYS H 247 -30.71 1.26 7.23
C LYS H 247 -30.76 -0.24 6.96
N MET H 248 -31.84 -0.91 7.37
CA MET H 248 -31.99 -2.34 7.12
C MET H 248 -33.36 -2.64 6.53
N VAL H 249 -33.38 -3.54 5.55
CA VAL H 249 -34.63 -4.00 4.97
C VAL H 249 -34.71 -5.53 5.10
N LEU H 250 -35.80 -6.00 5.71
CA LEU H 250 -35.98 -7.41 6.07
C LEU H 250 -36.94 -8.07 5.09
N TYR H 251 -36.57 -9.27 4.63
CA TYR H 251 -37.39 -10.12 3.78
C TYR H 251 -37.62 -11.42 4.55
N PRO H 252 -38.53 -11.40 5.55
CA PRO H 252 -38.58 -12.48 6.54
C PRO H 252 -38.96 -13.87 6.06
N ARG H 253 -39.89 -13.97 5.10
CA ARG H 253 -40.43 -15.27 4.76
C ARG H 253 -40.40 -15.54 3.25
N SER H 254 -39.84 -14.59 2.49
CA SER H 254 -40.00 -14.55 1.05
C SER H 254 -39.65 -15.91 0.41
N ALA H 255 -38.46 -16.44 0.74
CA ALA H 255 -38.00 -17.66 0.13
C ALA H 255 -38.87 -18.84 0.57
N ASP H 256 -39.22 -18.83 1.86
CA ASP H 256 -39.97 -19.93 2.46
C ASP H 256 -41.30 -20.11 1.71
N ARG H 257 -41.97 -18.98 1.40
CA ARG H 257 -43.27 -19.00 0.76
C ARG H 257 -43.16 -19.63 -0.62
N ALA H 258 -42.08 -19.30 -1.35
CA ALA H 258 -41.85 -19.87 -2.66
C ALA H 258 -41.53 -21.36 -2.55
N MET H 259 -40.74 -21.71 -1.53
CA MET H 259 -40.36 -23.10 -1.28
C MET H 259 -41.60 -23.95 -1.08
N SER H 260 -42.57 -23.44 -0.31
CA SER H 260 -43.75 -24.22 0.03
C SER H 260 -44.59 -24.49 -1.22
N LYS H 261 -44.80 -23.44 -2.03
CA LYS H 261 -45.53 -23.58 -3.28
C LYS H 261 -44.87 -24.64 -4.16
N ALA H 262 -43.53 -24.55 -4.30
CA ALA H 262 -42.77 -25.45 -5.15
C ALA H 262 -42.95 -26.90 -4.69
N ALA H 263 -42.88 -27.09 -3.36
CA ALA H 263 -42.96 -28.42 -2.77
C ALA H 263 -44.33 -29.03 -3.01
N LEU H 264 -45.37 -28.22 -2.75
CA LEU H 264 -46.75 -28.68 -2.93
C LEU H 264 -46.94 -29.13 -4.38
N ALA H 265 -46.40 -28.34 -5.32
CA ALA H 265 -46.55 -28.62 -6.74
C ALA H 265 -45.90 -29.96 -7.10
N VAL H 266 -44.69 -30.20 -6.58
CA VAL H 266 -44.02 -31.47 -6.84
C VAL H 266 -44.89 -32.62 -6.32
N TYR H 267 -45.48 -32.44 -5.13
CA TYR H 267 -46.25 -33.51 -4.52
C TYR H 267 -47.50 -33.80 -5.36
N GLU H 268 -48.19 -32.72 -5.80
CA GLU H 268 -49.36 -32.85 -6.64
C GLU H 268 -48.99 -33.60 -7.92
N ASP H 269 -47.86 -33.20 -8.52
CA ASP H 269 -47.39 -33.76 -9.78
C ASP H 269 -47.20 -35.27 -9.64
N ILE H 270 -46.49 -35.70 -8.58
CA ILE H 270 -46.18 -37.09 -8.35
C ILE H 270 -47.48 -37.88 -8.11
N LYS H 271 -48.45 -37.23 -7.44
CA LYS H 271 -49.68 -37.88 -7.05
C LYS H 271 -50.53 -38.12 -8.30
N LYS H 272 -50.65 -37.09 -9.15
CA LYS H 272 -51.54 -37.13 -10.29
C LYS H 272 -50.98 -38.00 -11.40
N HIS H 273 -49.67 -37.86 -11.69
CA HIS H 273 -49.10 -38.39 -12.91
C HIS H 273 -48.29 -39.67 -12.69
N GLY H 274 -48.09 -40.08 -11.43
CA GLY H 274 -47.35 -41.29 -11.11
C GLY H 274 -45.86 -41.22 -11.43
N VAL H 275 -45.36 -40.00 -11.65
CA VAL H 275 -43.99 -39.72 -12.09
C VAL H 275 -43.76 -38.21 -12.02
N GLN H 276 -42.48 -37.82 -11.90
CA GLN H 276 -42.15 -36.44 -11.57
C GLN H 276 -41.64 -35.67 -12.79
N THR H 277 -41.88 -36.22 -13.99
CA THR H 277 -41.34 -35.66 -15.23
C THR H 277 -41.65 -34.16 -15.32
N ALA H 278 -42.93 -33.80 -15.05
CA ALA H 278 -43.37 -32.43 -15.22
C ALA H 278 -42.63 -31.48 -14.28
N SER H 279 -42.08 -32.03 -13.18
CA SER H 279 -41.45 -31.22 -12.15
C SER H 279 -39.98 -30.97 -12.44
N LEU H 280 -39.37 -31.84 -13.26
CA LEU H 280 -37.92 -31.82 -13.48
C LEU H 280 -37.41 -30.40 -13.73
N PRO H 281 -38.03 -29.61 -14.64
CA PRO H 281 -37.51 -28.26 -14.94
C PRO H 281 -37.51 -27.33 -13.74
N PHE H 282 -38.26 -27.69 -12.69
CA PHE H 282 -38.43 -26.83 -11.54
C PHE H 282 -37.53 -27.25 -10.38
N MET H 283 -36.63 -28.21 -10.64
CA MET H 283 -35.74 -28.76 -9.62
C MET H 283 -34.33 -28.21 -9.79
N GLN H 284 -33.67 -27.85 -8.68
CA GLN H 284 -32.24 -27.58 -8.69
C GLN H 284 -31.52 -28.88 -9.06
N THR H 285 -30.47 -28.79 -9.89
CA THR H 285 -29.80 -30.00 -10.35
C THR H 285 -28.88 -30.54 -9.27
N ARG H 286 -28.61 -31.85 -9.34
CA ARG H 286 -27.66 -32.51 -8.46
C ARG H 286 -26.34 -31.74 -8.45
N GLU H 287 -25.92 -31.25 -9.61
CA GLU H 287 -24.60 -30.64 -9.74
C GLU H 287 -24.58 -29.28 -9.07
N ALA H 288 -25.68 -28.53 -9.16
CA ALA H 288 -25.78 -27.22 -8.52
C ALA H 288 -25.77 -27.39 -7.00
N LEU H 289 -26.44 -28.46 -6.53
CA LEU H 289 -26.47 -28.82 -5.12
C LEU H 289 -25.05 -29.12 -4.65
N TYR H 290 -24.33 -29.97 -5.40
CA TYR H 290 -22.94 -30.31 -5.11
C TYR H 290 -22.10 -29.03 -5.05
N GLU H 291 -22.38 -28.07 -5.94
CA GLU H 291 -21.64 -26.82 -5.97
C GLU H 291 -21.84 -26.05 -4.66
N VAL H 292 -23.09 -25.95 -4.20
CA VAL H 292 -23.38 -25.17 -3.00
C VAL H 292 -22.71 -25.82 -1.79
N LEU H 293 -22.63 -27.15 -1.77
CA LEU H 293 -22.14 -27.90 -0.61
C LEU H 293 -20.61 -28.05 -0.64
N ASN H 294 -20.00 -27.88 -1.83
CA ASN H 294 -18.59 -28.24 -2.06
C ASN H 294 -18.41 -29.75 -2.01
N TYR H 295 -19.43 -30.49 -2.48
CA TYR H 295 -19.49 -31.93 -2.31
C TYR H 295 -18.28 -32.62 -2.92
N HIS H 296 -17.82 -32.14 -4.09
CA HIS H 296 -16.77 -32.83 -4.82
C HIS H 296 -15.46 -32.87 -4.04
N ALA H 297 -15.13 -31.76 -3.35
CA ALA H 297 -13.93 -31.66 -2.54
C ALA H 297 -13.88 -32.75 -1.46
N TYR H 298 -15.06 -33.16 -0.99
CA TYR H 298 -15.16 -34.15 0.08
C TYR H 298 -15.08 -35.57 -0.50
N GLU H 299 -15.79 -35.85 -1.59
CA GLU H 299 -15.85 -37.20 -2.13
C GLU H 299 -14.51 -37.57 -2.77
N ASP H 300 -13.76 -36.56 -3.23
CA ASP H 300 -12.42 -36.74 -3.78
C ASP H 300 -11.47 -37.20 -2.69
N LYS H 301 -11.53 -36.53 -1.53
CA LYS H 301 -10.73 -36.85 -0.35
C LYS H 301 -11.07 -38.27 0.15
N LEU H 302 -12.33 -38.70 -0.08
CA LEU H 302 -12.83 -39.98 0.37
C LEU H 302 -12.29 -41.13 -0.50
N ASN H 303 -12.07 -40.85 -1.80
CA ASN H 303 -11.53 -41.83 -2.74
C ASN H 303 -10.02 -42.00 -2.54
N GLN H 304 -9.34 -40.92 -2.10
CA GLN H 304 -7.92 -40.93 -1.81
C GLN H 304 -7.64 -41.71 -0.52
N LEU H 305 -8.62 -41.74 0.39
CA LEU H 305 -8.55 -42.47 1.65
C LEU H 305 -8.79 -43.96 1.42
N PHE H 306 -9.64 -44.30 0.44
CA PHE H 306 -9.99 -45.67 0.11
C PHE H 306 -8.91 -46.33 -0.75
N LYS H 307 -8.01 -45.51 -1.33
CA LYS H 307 -6.93 -45.96 -2.20
C LYS H 307 -5.67 -46.22 -1.35
N ARG H 308 -5.82 -46.15 -0.03
CA ARG H 308 -4.86 -46.62 0.96
C ARG H 308 -5.40 -47.90 1.59
N TYR I 19 25.37 19.86 27.60
CA TYR I 19 24.53 18.71 28.09
C TYR I 19 24.20 17.77 26.93
N PHE I 20 23.51 18.33 25.92
CA PHE I 20 23.01 17.57 24.78
C PHE I 20 24.16 16.88 24.05
N GLN I 21 25.33 17.52 24.09
CA GLN I 21 26.46 17.13 23.25
C GLN I 21 27.24 15.96 23.86
N SER I 22 27.61 16.08 25.12
CA SER I 22 28.65 15.27 25.74
C SER I 22 28.11 13.92 26.23
N MET I 23 26.86 13.55 25.89
CA MET I 23 26.18 12.46 26.58
C MET I 23 26.29 11.12 25.83
N SER I 24 26.58 10.06 26.59
CA SER I 24 26.91 8.76 26.04
C SER I 24 25.69 8.12 25.40
N PRO I 25 25.85 7.19 24.43
CA PRO I 25 24.68 6.53 23.80
C PRO I 25 23.77 5.87 24.82
N GLY I 26 24.38 5.18 25.80
CA GLY I 26 23.64 4.55 26.90
C GLY I 26 22.73 5.54 27.64
N LYS I 27 23.28 6.73 27.91
CA LYS I 27 22.59 7.77 28.64
C LYS I 27 21.43 8.29 27.79
N LEU I 28 21.67 8.50 26.50
CA LEU I 28 20.62 8.96 25.58
C LEU I 28 19.45 7.98 25.58
N PHE I 29 19.75 6.68 25.66
CA PHE I 29 18.71 5.67 25.62
C PHE I 29 17.91 5.71 26.92
N ARG I 30 18.61 5.77 28.07
CA ARG I 30 17.98 5.82 29.38
C ARG I 30 17.07 7.05 29.48
N GLN I 31 17.53 8.16 28.89
CA GLN I 31 16.79 9.42 28.93
C GLN I 31 15.55 9.33 28.05
N ALA I 32 15.65 8.61 26.92
CA ALA I 32 14.52 8.44 26.03
C ALA I 32 13.46 7.56 26.68
N VAL I 33 13.89 6.52 27.40
CA VAL I 33 12.99 5.66 28.15
C VAL I 33 12.26 6.47 29.23
N ALA I 34 12.96 7.40 29.88
CA ALA I 34 12.39 8.14 30.99
C ALA I 34 11.40 9.21 30.52
N ASN I 35 11.75 9.92 29.42
CA ASN I 35 11.02 11.11 29.00
C ASN I 35 9.85 10.77 28.09
N GLU I 36 9.85 9.57 27.50
CA GLU I 36 8.77 9.19 26.60
C GLU I 36 7.80 8.27 27.35
N HIS I 37 6.55 8.26 26.89
CA HIS I 37 5.53 7.50 27.60
C HIS I 37 4.56 6.88 26.58
N PRO I 38 4.87 5.68 26.04
CA PRO I 38 6.14 5.01 26.26
C PRO I 38 7.11 5.33 25.12
N LEU I 39 8.36 4.87 25.24
CA LEU I 39 9.32 5.01 24.15
C LEU I 39 9.02 3.99 23.07
N GLN I 40 8.70 4.49 21.88
CA GLN I 40 8.58 3.62 20.71
C GLN I 40 9.97 3.43 20.10
N ILE I 41 10.39 2.16 19.97
CA ILE I 41 11.65 1.80 19.31
C ILE I 41 11.33 1.08 18.01
N VAL I 42 11.71 1.67 16.87
CA VAL I 42 11.42 1.09 15.57
C VAL I 42 12.68 0.42 14.98
N GLY I 43 12.47 -0.77 14.41
CA GLY I 43 13.53 -1.48 13.71
C GLY I 43 13.92 -0.78 12.41
N ALA I 44 15.24 -0.78 12.13
CA ALA I 44 15.80 -0.34 10.87
C ALA I 44 16.85 -1.37 10.44
N ILE I 45 16.83 -1.78 9.17
CA ILE I 45 17.75 -2.84 8.76
C ILE I 45 19.07 -2.24 8.29
N ASN I 46 19.05 -0.96 7.93
CA ASN I 46 20.22 -0.30 7.40
C ASN I 46 20.20 1.18 7.81
N ALA I 47 21.29 1.88 7.51
CA ALA I 47 21.49 3.26 7.92
C ALA I 47 20.40 4.17 7.35
N TYR I 48 20.03 3.95 6.08
CA TYR I 48 19.06 4.81 5.44
C TYR I 48 17.71 4.72 6.15
N CYS I 49 17.32 3.51 6.55
CA CYS I 49 16.06 3.34 7.26
C CYS I 49 16.14 4.06 8.59
N ALA I 50 17.31 3.99 9.24
CA ALA I 50 17.51 4.68 10.50
C ALA I 50 17.30 6.18 10.29
N LEU I 51 17.73 6.70 9.13
CA LEU I 51 17.58 8.11 8.84
C LEU I 51 16.11 8.45 8.67
N LEU I 52 15.36 7.59 7.96
CA LEU I 52 13.93 7.79 7.77
C LEU I 52 13.25 7.87 9.14
N ALA I 53 13.56 6.91 10.03
CA ALA I 53 12.95 6.89 11.34
C ALA I 53 13.26 8.17 12.11
N GLU I 54 14.49 8.66 12.00
CA GLU I 54 14.93 9.86 12.69
C GLU I 54 14.12 11.06 12.20
N ASN I 55 13.95 11.14 10.88
CA ASN I 55 13.23 12.21 10.19
C ASN I 55 11.77 12.23 10.65
N VAL I 56 11.21 11.06 10.96
CA VAL I 56 9.81 10.95 11.35
C VAL I 56 9.66 11.35 12.82
N GLY I 57 10.74 11.24 13.60
CA GLY I 57 10.79 11.80 14.93
C GLY I 57 10.90 10.77 16.06
N PHE I 58 11.23 9.52 15.73
CA PHE I 58 11.45 8.52 16.77
C PHE I 58 12.71 8.83 17.55
N LYS I 59 12.73 8.37 18.80
CA LYS I 59 13.77 8.78 19.74
C LYS I 59 14.77 7.65 19.94
N ALA I 60 14.47 6.48 19.39
CA ALA I 60 15.33 5.30 19.51
C ALA I 60 15.07 4.34 18.35
N ILE I 61 16.11 3.62 17.93
CA ILE I 61 16.01 2.69 16.82
C ILE I 61 16.55 1.33 17.24
N TYR I 62 16.30 0.32 16.39
CA TYR I 62 16.56 -1.07 16.74
C TYR I 62 17.16 -1.83 15.57
N LEU I 63 18.17 -2.66 15.87
CA LEU I 63 18.72 -3.59 14.91
C LEU I 63 18.26 -4.99 15.26
N SER I 64 17.41 -5.54 14.39
CA SER I 64 16.81 -6.84 14.59
C SER I 64 17.79 -7.95 14.19
N GLY I 65 17.98 -8.91 15.09
CA GLY I 65 18.83 -10.06 14.82
C GLY I 65 18.28 -10.89 13.67
N GLY I 66 16.95 -11.09 13.68
CA GLY I 66 16.27 -11.77 12.60
C GLY I 66 16.46 -11.02 11.29
N GLY I 67 16.36 -9.69 11.38
CA GLY I 67 16.62 -8.81 10.26
C GLY I 67 18.03 -9.01 9.70
N VAL I 68 19.00 -9.14 10.61
CA VAL I 68 20.38 -9.23 10.17
C VAL I 68 20.54 -10.53 9.36
N ALA I 69 20.01 -11.63 9.90
CA ALA I 69 20.09 -12.92 9.24
C ALA I 69 19.29 -12.89 7.93
N ASN I 70 18.01 -12.50 8.02
CA ASN I 70 17.11 -12.55 6.88
C ASN I 70 17.66 -11.71 5.72
N THR I 71 18.25 -10.54 6.02
CA THR I 71 18.73 -9.66 4.96
C THR I 71 19.90 -10.32 4.22
N LEU I 72 20.60 -11.25 4.88
CA LEU I 72 21.71 -11.95 4.25
C LEU I 72 21.16 -13.19 3.52
N GLY I 73 19.86 -13.44 3.69
CA GLY I 73 19.22 -14.61 3.09
C GLY I 73 19.38 -15.84 3.96
N LEU I 74 19.60 -15.63 5.27
CA LEU I 74 19.73 -16.72 6.22
C LEU I 74 18.53 -16.75 7.17
N PRO I 75 18.13 -17.94 7.64
CA PRO I 75 17.06 -18.06 8.64
C PRO I 75 17.53 -17.58 10.01
N ASP I 76 16.57 -17.17 10.85
CA ASP I 76 16.83 -16.63 12.17
C ASP I 76 17.01 -17.79 13.14
N LEU I 77 18.17 -18.44 13.06
CA LEU I 77 18.39 -19.69 13.75
C LEU I 77 19.75 -19.68 14.45
N GLY I 78 20.23 -18.49 14.85
CA GLY I 78 21.47 -18.32 15.57
C GLY I 78 22.72 -18.70 14.74
N ILE I 79 22.59 -18.66 13.41
CA ILE I 79 23.70 -18.93 12.51
C ILE I 79 24.67 -17.74 12.51
N THR I 80 24.10 -16.53 12.62
CA THR I 80 24.86 -15.30 12.61
C THR I 80 25.76 -15.22 13.85
N ASP I 81 26.84 -14.43 13.73
CA ASP I 81 27.81 -14.28 14.80
C ASP I 81 27.97 -12.79 15.09
N LEU I 82 28.83 -12.47 16.07
CA LEU I 82 29.03 -11.10 16.50
C LEU I 82 29.30 -10.20 15.29
N HIS I 83 30.07 -10.70 14.32
CA HIS I 83 30.51 -9.84 13.22
C HIS I 83 29.37 -9.48 12.28
N ASP I 84 28.45 -10.42 12.04
CA ASP I 84 27.30 -10.13 11.19
C ASP I 84 26.53 -8.95 11.77
N VAL I 85 26.30 -8.99 13.10
CA VAL I 85 25.46 -8.00 13.76
C VAL I 85 26.26 -6.71 13.92
N LEU I 86 27.53 -6.84 14.33
CA LEU I 86 28.37 -5.68 14.62
C LEU I 86 28.51 -4.80 13.37
N GLU I 87 28.68 -5.44 12.22
CA GLU I 87 28.89 -4.70 10.97
C GLU I 87 27.63 -3.89 10.64
N ASP I 88 26.44 -4.50 10.83
CA ASP I 88 25.20 -3.80 10.56
C ASP I 88 25.01 -2.64 11.54
N ALA I 89 25.36 -2.88 12.81
CA ALA I 89 25.23 -1.85 13.84
C ALA I 89 26.13 -0.66 13.53
N ARG I 90 27.38 -0.93 13.16
CA ARG I 90 28.33 0.13 12.91
C ARG I 90 27.82 1.06 11.82
N ARG I 91 27.29 0.45 10.74
CA ARG I 91 26.80 1.21 9.60
C ARG I 91 25.72 2.18 10.06
N ILE I 92 24.86 1.73 10.97
CA ILE I 92 23.77 2.56 11.45
C ILE I 92 24.33 3.70 12.31
N THR I 93 25.10 3.35 13.36
CA THR I 93 25.56 4.36 14.30
C THR I 93 26.47 5.40 13.63
N ALA I 94 27.04 5.06 12.47
CA ALA I 94 27.87 6.02 11.74
C ALA I 94 27.00 7.14 11.18
N ALA I 95 25.71 6.85 10.97
CA ALA I 95 24.87 7.76 10.22
C ALA I 95 23.96 8.58 11.13
N THR I 96 23.81 8.16 12.40
CA THR I 96 22.89 8.82 13.32
C THR I 96 23.33 8.59 14.77
N HIS I 97 23.09 9.60 15.62
CA HIS I 97 23.39 9.52 17.04
C HIS I 97 22.18 9.00 17.82
N LEU I 98 21.06 8.78 17.10
CA LEU I 98 19.84 8.27 17.70
C LEU I 98 20.17 6.96 18.41
N PRO I 99 19.87 6.83 19.72
CA PRO I 99 20.31 5.65 20.48
C PRO I 99 19.78 4.37 19.82
N LEU I 100 20.67 3.37 19.68
CA LEU I 100 20.34 2.15 18.98
C LEU I 100 20.35 0.98 19.95
N LEU I 101 19.27 0.18 19.88
CA LEU I 101 19.19 -1.08 20.62
C LEU I 101 19.52 -2.20 19.65
N VAL I 102 20.43 -3.09 20.07
CA VAL I 102 20.92 -4.14 19.19
C VAL I 102 20.60 -5.51 19.80
N ASP I 103 20.02 -6.37 18.95
CA ASP I 103 19.73 -7.75 19.27
C ASP I 103 21.02 -8.57 19.21
N ILE I 104 21.44 -9.15 20.35
CA ILE I 104 22.62 -9.99 20.36
C ILE I 104 22.27 -11.44 20.72
N ASP I 105 21.02 -11.85 20.47
CA ASP I 105 20.59 -13.23 20.60
C ASP I 105 20.94 -13.73 22.01
N THR I 106 21.78 -14.77 22.05
CA THR I 106 22.13 -15.40 23.33
C THR I 106 23.57 -15.06 23.71
N GLY I 107 24.19 -14.15 22.96
CA GLY I 107 25.52 -13.66 23.29
C GLY I 107 26.63 -14.27 22.43
N PHE I 108 26.25 -15.14 21.48
CA PHE I 108 27.13 -15.65 20.44
C PHE I 108 28.12 -16.70 20.94
N GLY I 109 28.11 -16.99 22.24
CA GLY I 109 28.98 -18.02 22.78
C GLY I 109 29.05 -17.97 24.30
N GLY I 110 30.18 -18.42 24.84
CA GLY I 110 30.40 -18.44 26.27
C GLY I 110 30.72 -17.07 26.85
N ALA I 111 31.16 -17.08 28.11
CA ALA I 111 31.35 -15.87 28.90
C ALA I 111 32.27 -14.90 28.17
N PHE I 112 33.30 -15.43 27.46
CA PHE I 112 34.28 -14.55 26.87
C PHE I 112 33.76 -13.91 25.61
N THR I 113 32.97 -14.66 24.84
CA THR I 113 32.31 -14.14 23.66
C THR I 113 31.34 -13.02 24.05
N ILE I 114 30.60 -13.25 25.15
CA ILE I 114 29.63 -12.27 25.61
C ILE I 114 30.35 -10.98 25.94
N ALA I 115 31.47 -11.12 26.67
CA ALA I 115 32.29 -9.98 27.05
C ALA I 115 32.73 -9.23 25.80
N ARG I 116 33.16 -9.97 24.78
CA ARG I 116 33.64 -9.36 23.54
C ARG I 116 32.49 -8.63 22.86
N ALA I 117 31.31 -9.28 22.82
CA ALA I 117 30.14 -8.69 22.21
C ALA I 117 29.82 -7.34 22.85
N ILE I 118 29.85 -7.31 24.20
CA ILE I 118 29.51 -6.09 24.91
C ILE I 118 30.53 -5.00 24.58
N LYS I 119 31.83 -5.33 24.68
CA LYS I 119 32.88 -4.35 24.48
C LYS I 119 32.80 -3.79 23.05
N GLU I 120 32.57 -4.69 22.09
CA GLU I 120 32.56 -4.30 20.69
C GLU I 120 31.34 -3.43 20.39
N MET I 121 30.21 -3.77 21.01
CA MET I 121 28.99 -3.01 20.77
C MET I 121 29.19 -1.60 21.31
N GLU I 122 29.80 -1.49 22.51
CA GLU I 122 30.07 -0.19 23.07
C GLU I 122 30.96 0.61 22.13
N ARG I 123 32.00 -0.06 21.60
CA ARG I 123 32.96 0.59 20.72
C ARG I 123 32.27 1.06 19.44
N ALA I 124 31.17 0.39 19.08
CA ALA I 124 30.44 0.74 17.86
C ALA I 124 29.38 1.80 18.13
N GLN I 125 29.40 2.40 19.34
CA GLN I 125 28.57 3.54 19.68
C GLN I 125 27.10 3.13 19.83
N VAL I 126 26.89 1.85 20.16
CA VAL I 126 25.57 1.29 20.41
C VAL I 126 25.11 1.73 21.79
N ALA I 127 23.80 1.94 21.94
CA ALA I 127 23.22 2.43 23.18
C ALA I 127 22.87 1.29 24.14
N ALA I 128 22.37 0.18 23.58
CA ALA I 128 21.83 -0.90 24.40
C ALA I 128 21.81 -2.21 23.61
N VAL I 129 21.85 -3.33 24.33
CA VAL I 129 21.67 -4.64 23.70
C VAL I 129 20.62 -5.43 24.45
N HIS I 130 20.05 -6.44 23.79
CA HIS I 130 19.22 -7.41 24.46
C HIS I 130 19.75 -8.82 24.22
N MET I 131 19.80 -9.57 25.32
CA MET I 131 20.32 -10.93 25.36
C MET I 131 19.26 -11.78 26.03
N GLU I 132 19.06 -13.01 25.54
CA GLU I 132 17.89 -13.80 25.91
C GLU I 132 18.31 -15.15 26.50
N ASP I 133 17.33 -15.86 27.07
CA ASP I 133 17.57 -17.03 27.89
C ASP I 133 17.29 -18.33 27.13
N GLN I 134 17.34 -18.28 25.80
CA GLN I 134 17.21 -19.48 25.01
C GLN I 134 18.53 -20.24 24.98
N VAL I 135 18.51 -21.47 24.47
CA VAL I 135 19.72 -22.25 24.22
C VAL I 135 20.41 -21.68 22.99
N ALA I 136 21.65 -22.12 22.74
CA ALA I 136 22.51 -21.56 21.70
C ALA I 136 21.79 -21.50 20.34
N GLN I 137 21.26 -22.64 19.87
CA GLN I 137 20.56 -22.70 18.60
C GLN I 137 19.12 -22.19 18.78
N LYS I 138 19.01 -20.85 18.80
CA LYS I 138 17.79 -20.14 19.16
C LYS I 138 16.86 -19.99 17.95
N ARG I 139 15.66 -19.44 18.19
CA ARG I 139 14.67 -19.20 17.16
C ARG I 139 13.87 -17.97 17.52
N CYS I 140 13.08 -17.47 16.53
CA CYS I 140 12.11 -16.39 16.71
C CYS I 140 11.27 -16.65 17.97
N GLY I 141 11.03 -15.60 18.76
CA GLY I 141 10.39 -15.71 20.06
C GLY I 141 8.88 -16.00 19.99
N HIS I 142 8.31 -15.91 18.79
CA HIS I 142 6.89 -16.11 18.54
C HIS I 142 6.64 -17.44 17.81
N ARG I 143 7.69 -18.25 17.65
CA ARG I 143 7.60 -19.58 17.05
C ARG I 143 7.43 -20.63 18.14
N PRO I 144 6.84 -21.81 17.83
CA PRO I 144 6.81 -22.94 18.76
C PRO I 144 8.11 -23.75 18.76
N GLY I 145 8.38 -24.43 19.90
CA GLY I 145 9.50 -25.34 20.04
C GLY I 145 10.78 -24.69 20.58
N LYS I 146 10.62 -23.60 21.33
CA LYS I 146 11.75 -22.87 21.92
C LYS I 146 12.28 -23.65 23.11
N GLU I 147 13.61 -23.62 23.30
CA GLU I 147 14.21 -24.24 24.46
C GLU I 147 15.00 -23.20 25.26
N LEU I 148 14.80 -23.21 26.58
CA LEU I 148 15.43 -22.24 27.46
C LEU I 148 16.59 -22.88 28.23
N VAL I 149 17.55 -22.05 28.64
CA VAL I 149 18.52 -22.43 29.63
C VAL I 149 17.90 -22.20 31.00
N ASN I 150 18.42 -22.85 32.04
CA ASN I 150 17.90 -22.71 33.40
C ASN I 150 18.26 -21.29 33.86
N THR I 151 17.64 -20.85 34.98
CA THR I 151 17.87 -19.53 35.51
C THR I 151 19.36 -19.26 35.75
N ASN I 152 20.08 -20.30 36.21
CA ASN I 152 21.47 -20.15 36.59
C ASN I 152 22.33 -19.79 35.38
N GLU I 153 22.10 -20.48 34.25
CA GLU I 153 22.90 -20.32 33.05
C GLU I 153 22.73 -18.91 32.50
N MET I 154 21.52 -18.36 32.64
CA MET I 154 21.24 -17.03 32.13
C MET I 154 21.90 -15.97 33.02
N VAL I 155 21.91 -16.24 34.33
CA VAL I 155 22.56 -15.35 35.28
C VAL I 155 24.05 -15.26 34.93
N ASP I 156 24.65 -16.42 34.62
CA ASP I 156 26.02 -16.51 34.14
C ASP I 156 26.23 -15.60 32.93
N ARG I 157 25.32 -15.67 31.96
CA ARG I 157 25.42 -14.83 30.78
C ARG I 157 25.42 -13.37 31.19
N ILE I 158 24.51 -13.02 32.10
CA ILE I 158 24.33 -11.62 32.50
C ILE I 158 25.58 -11.13 33.22
N LYS I 159 26.18 -12.00 34.06
CA LYS I 159 27.36 -11.63 34.81
C LYS I 159 28.52 -11.31 33.86
N ALA I 160 28.72 -12.18 32.87
CA ALA I 160 29.76 -11.99 31.85
C ALA I 160 29.60 -10.63 31.19
N ALA I 161 28.34 -10.23 30.92
CA ALA I 161 28.09 -8.98 30.24
C ALA I 161 28.33 -7.79 31.18
N VAL I 162 27.81 -7.88 32.42
CA VAL I 162 27.84 -6.71 33.30
C VAL I 162 29.27 -6.45 33.77
N ASP I 163 30.07 -7.52 33.90
CA ASP I 163 31.44 -7.44 34.36
C ASP I 163 32.28 -6.52 33.48
N VAL I 164 31.88 -6.29 32.22
CA VAL I 164 32.73 -5.53 31.31
C VAL I 164 32.02 -4.29 30.81
N LYS I 165 30.74 -4.12 31.14
CA LYS I 165 30.01 -3.02 30.52
C LYS I 165 30.20 -1.73 31.33
N SER I 166 30.19 -0.59 30.62
CA SER I 166 30.16 0.72 31.27
C SER I 166 28.83 0.90 32.00
N ASN I 167 28.74 1.95 32.81
CA ASN I 167 27.55 2.18 33.63
C ASN I 167 26.36 2.57 32.76
N ASP I 168 26.58 3.52 31.85
CA ASP I 168 25.50 4.12 31.07
C ASP I 168 24.91 3.11 30.08
N PHE I 169 25.74 2.15 29.63
CA PHE I 169 25.34 1.22 28.61
C PHE I 169 24.24 0.31 29.14
N VAL I 170 23.20 0.10 28.34
CA VAL I 170 21.99 -0.58 28.80
C VAL I 170 21.99 -2.05 28.37
N LEU I 171 21.97 -2.95 29.35
CA LEU I 171 21.78 -4.38 29.11
C LEU I 171 20.32 -4.73 29.40
N ILE I 172 19.59 -5.13 28.35
CA ILE I 172 18.22 -5.58 28.48
C ILE I 172 18.22 -7.11 28.46
N ALA I 173 17.86 -7.73 29.59
CA ALA I 173 17.68 -9.17 29.62
C ALA I 173 16.30 -9.52 29.08
N ARG I 174 16.29 -10.45 28.11
CA ARG I 174 15.07 -10.88 27.44
C ARG I 174 14.73 -12.27 27.91
N THR I 175 13.47 -12.48 28.31
CA THR I 175 13.02 -13.80 28.68
C THR I 175 11.97 -14.29 27.70
N ASP I 176 12.16 -15.53 27.23
CA ASP I 176 11.32 -16.16 26.24
C ASP I 176 10.49 -17.24 26.92
N ALA I 177 10.20 -17.03 28.22
CA ALA I 177 9.77 -18.11 29.09
C ALA I 177 8.26 -18.19 29.22
N TYR I 178 7.54 -17.12 28.88
CA TYR I 178 6.10 -17.03 29.06
C TYR I 178 5.38 -18.19 28.37
N ALA I 179 5.68 -18.43 27.10
CA ALA I 179 4.97 -19.43 26.30
C ALA I 179 5.26 -20.85 26.78
N VAL I 180 6.34 -21.02 27.56
CA VAL I 180 6.80 -22.36 27.92
C VAL I 180 6.49 -22.68 29.38
N GLU I 181 6.60 -21.67 30.26
CA GLU I 181 6.65 -21.89 31.70
C GLU I 181 5.57 -21.06 32.41
N GLY I 182 4.99 -20.10 31.67
CA GLY I 182 3.89 -19.30 32.18
C GLY I 182 4.35 -18.08 32.96
N LEU I 183 3.41 -17.15 33.18
CA LEU I 183 3.68 -15.80 33.65
C LEU I 183 4.45 -15.80 34.97
N LYS I 184 4.06 -16.66 35.92
CA LYS I 184 4.64 -16.61 37.25
C LYS I 184 6.14 -16.93 37.19
N ALA I 185 6.48 -18.01 36.48
CA ALA I 185 7.85 -18.48 36.35
C ALA I 185 8.71 -17.48 35.58
N THR I 186 8.06 -16.75 34.67
CA THR I 186 8.70 -15.75 33.82
C THR I 186 9.08 -14.54 34.67
N ILE I 187 8.20 -14.14 35.58
CA ILE I 187 8.44 -13.02 36.47
C ILE I 187 9.61 -13.36 37.40
N ASP I 188 9.68 -14.64 37.80
CA ASP I 188 10.72 -15.09 38.70
C ASP I 188 12.08 -14.94 38.05
N ARG I 189 12.18 -15.46 36.82
CA ARG I 189 13.36 -15.34 35.98
C ARG I 189 13.77 -13.87 35.85
N ALA I 190 12.83 -13.02 35.42
CA ALA I 190 13.13 -11.62 35.16
C ALA I 190 13.70 -10.95 36.42
N CYS I 191 13.21 -11.37 37.58
CA CYS I 191 13.59 -10.73 38.83
C CYS I 191 15.01 -11.12 39.22
N THR I 192 15.31 -12.42 39.07
CA THR I 192 16.67 -12.93 39.22
C THR I 192 17.61 -12.21 38.25
N TYR I 193 17.14 -11.96 37.02
CA TYR I 193 17.96 -11.35 35.98
C TYR I 193 18.32 -9.91 36.36
N VAL I 194 17.33 -9.19 36.93
CA VAL I 194 17.56 -7.81 37.36
C VAL I 194 18.58 -7.82 38.49
N GLU I 195 18.45 -8.83 39.36
CA GLU I 195 19.31 -9.00 40.51
C GLU I 195 20.74 -9.21 40.04
N ALA I 196 20.91 -9.98 38.95
CA ALA I 196 22.21 -10.34 38.41
C ALA I 196 22.88 -9.17 37.69
N GLY I 197 22.11 -8.11 37.37
CA GLY I 197 22.68 -6.87 36.86
C GLY I 197 21.98 -6.30 35.62
N ALA I 198 20.92 -6.95 35.15
CA ALA I 198 20.17 -6.45 34.01
C ALA I 198 19.58 -5.07 34.33
N ASP I 199 19.60 -4.17 33.35
CA ASP I 199 19.13 -2.80 33.52
C ASP I 199 17.63 -2.71 33.25
N MET I 200 17.17 -3.49 32.27
CA MET I 200 15.79 -3.45 31.79
C MET I 200 15.39 -4.86 31.35
N ILE I 201 14.09 -5.09 31.15
CA ILE I 201 13.60 -6.42 30.82
C ILE I 201 12.75 -6.39 29.54
N PHE I 202 13.00 -7.39 28.69
CA PHE I 202 12.29 -7.62 27.46
C PHE I 202 11.41 -8.84 27.67
N ALA I 203 10.11 -8.57 27.85
CA ALA I 203 9.11 -9.60 28.11
C ALA I 203 8.54 -10.08 26.77
N GLU I 204 9.12 -11.18 26.28
CA GLU I 204 8.86 -11.65 24.93
C GLU I 204 7.53 -12.40 24.90
N ALA I 205 6.65 -11.95 24.00
CA ALA I 205 5.48 -12.70 23.55
C ALA I 205 4.49 -12.93 24.69
N LEU I 206 4.30 -11.92 25.55
CA LEU I 206 3.16 -11.89 26.44
C LEU I 206 1.90 -11.73 25.59
N GLU I 207 0.97 -12.68 25.75
CA GLU I 207 -0.17 -12.85 24.84
C GLU I 207 -1.34 -11.96 25.24
N ASN I 208 -1.34 -11.46 26.48
CA ASN I 208 -2.48 -10.74 26.99
C ASN I 208 -2.04 -9.49 27.73
N ILE I 209 -2.67 -8.35 27.42
CA ILE I 209 -2.25 -7.07 27.97
C ILE I 209 -2.42 -7.03 29.49
N ASN I 210 -3.16 -7.99 30.05
CA ASN I 210 -3.44 -7.96 31.48
C ASN I 210 -2.28 -8.56 32.27
N ASP I 211 -1.36 -9.19 31.54
CA ASP I 211 -0.15 -9.74 32.12
C ASP I 211 0.82 -8.63 32.53
N TYR I 212 0.80 -7.50 31.81
CA TYR I 212 1.87 -6.52 31.91
C TYR I 212 1.90 -5.84 33.27
N PRO I 213 0.76 -5.33 33.82
CA PRO I 213 0.80 -4.52 35.04
C PRO I 213 1.43 -5.27 36.23
N THR I 214 1.18 -6.58 36.30
CA THR I 214 1.71 -7.44 37.34
C THR I 214 3.20 -7.72 37.09
N PHE I 215 3.56 -7.88 35.80
CA PHE I 215 4.94 -8.12 35.39
C PHE I 215 5.79 -6.90 35.70
N CYS I 216 5.31 -5.72 35.26
CA CYS I 216 6.06 -4.48 35.37
C CYS I 216 6.27 -4.09 36.83
N LYS I 217 5.27 -4.36 37.68
CA LYS I 217 5.34 -3.99 39.09
C LYS I 217 6.37 -4.88 39.80
N ALA I 218 6.42 -6.17 39.42
CA ALA I 218 7.28 -7.14 40.08
C ALA I 218 8.75 -6.93 39.74
N VAL I 219 9.05 -6.52 38.49
CA VAL I 219 10.43 -6.48 38.04
C VAL I 219 11.04 -5.10 38.30
N LYS I 220 10.18 -4.06 38.39
CA LYS I 220 10.55 -2.73 38.85
C LYS I 220 11.25 -1.93 37.76
N VAL I 221 12.22 -2.55 37.07
CA VAL I 221 12.99 -1.88 36.02
C VAL I 221 12.11 -1.72 34.79
N PRO I 222 12.43 -0.78 33.88
CA PRO I 222 11.64 -0.58 32.66
C PRO I 222 11.46 -1.88 31.86
N VAL I 223 10.26 -2.04 31.29
CA VAL I 223 9.91 -3.24 30.55
C VAL I 223 9.60 -2.88 29.11
N LEU I 224 10.09 -3.74 28.20
CA LEU I 224 9.88 -3.60 26.78
C LEU I 224 8.82 -4.62 26.35
N ALA I 225 7.86 -4.16 25.55
CA ALA I 225 6.89 -5.04 24.94
C ALA I 225 7.17 -5.12 23.44
N ASN I 226 7.12 -6.35 22.92
CA ASN I 226 7.48 -6.60 21.53
C ASN I 226 6.23 -6.73 20.67
N MET I 227 5.89 -5.64 19.99
CA MET I 227 4.72 -5.58 19.13
C MET I 227 5.08 -5.99 17.71
N THR I 228 5.44 -7.26 17.54
CA THR I 228 5.74 -7.77 16.21
C THR I 228 4.48 -8.33 15.58
N GLU I 229 4.37 -8.23 14.25
CA GLU I 229 3.23 -8.72 13.49
C GLU I 229 3.36 -10.22 13.25
N PHE I 230 2.22 -10.85 12.97
CA PHE I 230 2.17 -12.26 12.58
C PHE I 230 2.80 -13.13 13.66
N GLY I 231 2.60 -12.74 14.93
CA GLY I 231 3.09 -13.54 16.03
C GLY I 231 1.98 -14.02 16.95
N LYS I 232 2.31 -14.16 18.23
CA LYS I 232 1.39 -14.69 19.22
C LYS I 232 0.75 -13.54 20.00
N THR I 233 1.09 -12.30 19.62
CA THR I 233 0.59 -11.15 20.35
C THR I 233 -0.41 -10.38 19.51
N PRO I 234 -1.52 -9.90 20.10
CA PRO I 234 -2.36 -8.89 19.45
C PRO I 234 -1.56 -7.58 19.40
N LEU I 235 -1.92 -6.73 18.43
CA LEU I 235 -1.26 -5.43 18.32
C LEU I 235 -2.03 -4.41 19.14
N TYR I 236 -1.57 -4.17 20.38
CA TYR I 236 -2.08 -3.10 21.22
C TYR I 236 -1.40 -1.78 20.82
N THR I 237 -1.96 -0.67 21.32
CA THR I 237 -1.40 0.65 21.06
C THR I 237 -0.35 0.99 22.10
N ALA I 238 0.47 1.99 21.77
CA ALA I 238 1.49 2.49 22.68
C ALA I 238 0.84 2.94 23.98
N ALA I 239 -0.23 3.75 23.84
CA ALA I 239 -0.99 4.29 24.96
C ALA I 239 -1.47 3.16 25.88
N GLN I 240 -2.09 2.14 25.28
CA GLN I 240 -2.61 1.00 26.03
C GLN I 240 -1.48 0.36 26.84
N LEU I 241 -0.34 0.13 26.17
CA LEU I 241 0.77 -0.60 26.78
C LEU I 241 1.36 0.24 27.90
N ALA I 242 1.42 1.56 27.70
CA ALA I 242 1.90 2.48 28.72
C ALA I 242 1.00 2.40 29.96
N ASP I 243 -0.32 2.38 29.75
CA ASP I 243 -1.30 2.33 30.83
C ASP I 243 -1.15 1.05 31.64
N HIS I 244 -0.58 0.00 31.03
CA HIS I 244 -0.41 -1.28 31.69
C HIS I 244 1.00 -1.44 32.25
N GLY I 245 1.77 -0.33 32.21
CA GLY I 245 3.03 -0.20 32.95
C GLY I 245 4.29 -0.42 32.09
N VAL I 246 4.10 -0.52 30.77
CA VAL I 246 5.17 -0.80 29.83
C VAL I 246 5.89 0.51 29.51
N LYS I 247 7.23 0.46 29.44
CA LYS I 247 8.03 1.67 29.23
C LYS I 247 8.59 1.76 27.80
N MET I 248 8.79 0.61 27.14
CA MET I 248 9.27 0.60 25.77
C MET I 248 8.39 -0.30 24.91
N VAL I 249 8.12 0.16 23.69
CA VAL I 249 7.37 -0.65 22.73
C VAL I 249 8.21 -0.79 21.46
N LEU I 250 8.45 -2.05 21.06
CA LEU I 250 9.35 -2.39 19.98
C LEU I 250 8.55 -2.78 18.74
N TYR I 251 8.97 -2.24 17.59
CA TYR I 251 8.40 -2.54 16.29
C TYR I 251 9.55 -3.14 15.45
N PRO I 252 9.91 -4.41 15.69
CA PRO I 252 11.19 -4.95 15.22
C PRO I 252 11.39 -5.06 13.71
N ARG I 253 10.33 -5.41 12.97
CA ARG I 253 10.49 -5.73 11.57
C ARG I 253 9.49 -4.98 10.69
N SER I 254 8.69 -4.10 11.30
CA SER I 254 7.52 -3.51 10.64
C SER I 254 7.90 -2.90 9.30
N ALA I 255 8.92 -2.06 9.28
CA ALA I 255 9.31 -1.38 8.05
C ALA I 255 9.83 -2.38 7.02
N ASP I 256 10.63 -3.33 7.52
CA ASP I 256 11.29 -4.31 6.67
C ASP I 256 10.24 -5.10 5.88
N ARG I 257 9.15 -5.48 6.56
CA ARG I 257 8.10 -6.29 5.95
C ARG I 257 7.43 -5.53 4.81
N ALA I 258 7.22 -4.23 5.02
CA ALA I 258 6.63 -3.38 3.99
C ALA I 258 7.61 -3.22 2.83
N MET I 259 8.89 -3.06 3.16
CA MET I 259 9.94 -2.90 2.17
C MET I 259 9.96 -4.12 1.24
N SER I 260 9.85 -5.32 1.81
CA SER I 260 9.95 -6.53 1.04
C SER I 260 8.78 -6.66 0.07
N LYS I 261 7.56 -6.40 0.56
CA LYS I 261 6.38 -6.41 -0.29
C LYS I 261 6.55 -5.44 -1.45
N ALA I 262 6.99 -4.22 -1.16
CA ALA I 262 7.16 -3.18 -2.16
C ALA I 262 8.16 -3.61 -3.22
N ALA I 263 9.27 -4.23 -2.77
CA ALA I 263 10.34 -4.65 -3.65
C ALA I 263 9.84 -5.74 -4.59
N LEU I 264 9.17 -6.74 -4.02
CA LEU I 264 8.64 -7.86 -4.79
C LEU I 264 7.72 -7.33 -5.88
N ALA I 265 6.87 -6.36 -5.50
CA ALA I 265 5.90 -5.80 -6.43
C ALA I 265 6.60 -5.11 -7.60
N VAL I 266 7.66 -4.33 -7.32
CA VAL I 266 8.42 -3.68 -8.39
C VAL I 266 8.99 -4.75 -9.33
N TYR I 267 9.49 -5.85 -8.76
CA TYR I 267 10.13 -6.87 -9.55
C TYR I 267 9.11 -7.56 -10.45
N GLU I 268 7.93 -7.86 -9.90
CA GLU I 268 6.84 -8.46 -10.66
C GLU I 268 6.45 -7.53 -11.80
N ASP I 269 6.33 -6.23 -11.49
CA ASP I 269 5.93 -5.21 -12.45
C ASP I 269 6.91 -5.21 -13.63
N ILE I 270 8.21 -5.15 -13.35
CA ILE I 270 9.26 -5.11 -14.36
C ILE I 270 9.23 -6.38 -15.20
N LYS I 271 8.92 -7.52 -14.57
CA LYS I 271 8.92 -8.81 -15.23
C LYS I 271 7.75 -8.89 -16.21
N LYS I 272 6.56 -8.48 -15.75
CA LYS I 272 5.33 -8.63 -16.50
C LYS I 272 5.25 -7.61 -17.64
N HIS I 273 5.62 -6.36 -17.37
CA HIS I 273 5.31 -5.26 -18.27
C HIS I 273 6.52 -4.79 -19.07
N GLY I 274 7.72 -5.32 -18.76
CA GLY I 274 8.94 -4.94 -19.47
C GLY I 274 9.40 -3.50 -19.20
N VAL I 275 8.85 -2.89 -18.15
CA VAL I 275 9.06 -1.49 -17.78
C VAL I 275 8.43 -1.24 -16.41
N GLN I 276 8.89 -0.18 -15.71
CA GLN I 276 8.53 0.02 -14.32
C GLN I 276 7.47 1.12 -14.15
N THR I 277 6.81 1.51 -15.25
CA THR I 277 5.90 2.64 -15.27
C THR I 277 4.87 2.52 -14.14
N ALA I 278 4.27 1.33 -14.01
CA ALA I 278 3.22 1.11 -13.04
C ALA I 278 3.72 1.30 -11.61
N SER I 279 5.04 1.19 -11.40
CA SER I 279 5.63 1.24 -10.07
C SER I 279 5.97 2.67 -9.65
N LEU I 280 6.14 3.57 -10.63
CA LEU I 280 6.60 4.93 -10.38
C LEU I 280 5.85 5.56 -9.21
N PRO I 281 4.50 5.50 -9.15
CA PRO I 281 3.74 6.12 -8.06
C PRO I 281 4.09 5.59 -6.67
N PHE I 282 4.74 4.43 -6.63
CA PHE I 282 5.04 3.76 -5.37
C PHE I 282 6.48 3.99 -4.94
N MET I 283 7.20 4.87 -5.67
CA MET I 283 8.61 5.15 -5.43
C MET I 283 8.76 6.50 -4.72
N GLN I 284 9.62 6.54 -3.71
CA GLN I 284 10.07 7.81 -3.13
C GLN I 284 10.80 8.61 -4.20
N THR I 285 10.58 9.92 -4.22
CA THR I 285 11.15 10.78 -5.26
C THR I 285 12.63 11.03 -4.99
N ARG I 286 13.37 11.31 -6.06
CA ARG I 286 14.77 11.69 -5.98
C ARG I 286 14.95 12.81 -4.94
N GLU I 287 14.01 13.76 -4.92
CA GLU I 287 14.18 14.95 -4.10
C GLU I 287 13.99 14.62 -2.62
N ALA I 288 13.04 13.72 -2.34
CA ALA I 288 12.79 13.29 -0.96
C ALA I 288 14.00 12.53 -0.44
N LEU I 289 14.62 11.71 -1.31
CA LEU I 289 15.81 10.95 -1.02
C LEU I 289 16.94 11.92 -0.66
N TYR I 290 17.16 12.92 -1.52
CA TYR I 290 18.17 13.95 -1.30
C TYR I 290 17.95 14.65 0.05
N GLU I 291 16.67 14.87 0.38
CA GLU I 291 16.33 15.51 1.64
C GLU I 291 16.78 14.63 2.81
N VAL I 292 16.49 13.33 2.77
CA VAL I 292 16.83 12.44 3.87
C VAL I 292 18.34 12.34 4.03
N LEU I 293 19.08 12.42 2.93
CA LEU I 293 20.52 12.24 2.93
C LEU I 293 21.26 13.53 3.25
N ASN I 294 20.60 14.69 3.09
CA ASN I 294 21.19 16.00 3.26
C ASN I 294 22.14 16.24 2.11
N TYR I 295 21.74 15.80 0.90
CA TYR I 295 22.54 16.05 -0.30
C TYR I 295 22.98 17.52 -0.46
N HIS I 296 22.06 18.45 -0.18
CA HIS I 296 22.34 19.86 -0.43
C HIS I 296 23.25 20.33 0.71
N ALA I 297 23.05 19.75 1.89
CA ALA I 297 23.89 19.84 3.08
C ALA I 297 25.36 19.60 2.77
N TYR I 298 25.69 18.80 1.76
CA TYR I 298 27.06 18.53 1.36
C TYR I 298 27.65 19.63 0.49
N GLU I 299 26.90 20.05 -0.52
CA GLU I 299 27.39 21.08 -1.45
C GLU I 299 27.48 22.45 -0.74
N ASP I 300 26.66 22.64 0.29
CA ASP I 300 26.69 23.82 1.14
C ASP I 300 28.01 23.90 1.91
N LYS I 301 28.40 22.78 2.52
CA LYS I 301 29.64 22.64 3.27
C LYS I 301 30.83 22.84 2.34
N LEU I 302 30.65 22.49 1.05
CA LEU I 302 31.71 22.57 0.04
C LEU I 302 31.96 24.02 -0.38
N ASN I 303 30.89 24.85 -0.38
CA ASN I 303 30.97 26.26 -0.74
C ASN I 303 31.57 27.08 0.40
N GLN I 304 31.34 26.64 1.64
CA GLN I 304 31.89 27.26 2.85
C GLN I 304 33.41 27.00 2.93
N LEU I 305 33.85 25.87 2.37
CA LEU I 305 35.26 25.48 2.33
C LEU I 305 36.00 26.24 1.23
N PHE I 306 35.31 26.55 0.12
CA PHE I 306 35.88 27.25 -1.02
C PHE I 306 35.93 28.77 -0.81
N LYS I 307 34.98 29.35 -0.05
CA LYS I 307 34.84 30.80 0.02
C LYS I 307 35.28 31.29 1.40
N GLN J 21 26.45 -25.73 -10.61
CA GLN J 21 26.84 -25.74 -12.04
C GLN J 21 28.36 -25.64 -12.16
N SER J 22 28.89 -26.20 -13.25
CA SER J 22 30.33 -26.09 -13.51
C SER J 22 30.71 -24.75 -14.16
N MET J 23 29.73 -23.83 -14.32
CA MET J 23 29.96 -22.63 -15.12
C MET J 23 30.32 -21.43 -14.23
N SER J 24 31.33 -20.67 -14.66
CA SER J 24 31.83 -19.52 -13.91
C SER J 24 30.80 -18.39 -13.89
N PRO J 25 30.81 -17.48 -12.90
CA PRO J 25 29.84 -16.38 -12.85
C PRO J 25 29.87 -15.54 -14.13
N GLY J 26 31.07 -15.24 -14.64
CA GLY J 26 31.24 -14.51 -15.89
C GLY J 26 30.51 -15.18 -17.06
N LYS J 27 30.64 -16.51 -17.13
CA LYS J 27 30.05 -17.30 -18.19
C LYS J 27 28.53 -17.25 -18.07
N LEU J 28 28.02 -17.39 -16.85
CA LEU J 28 26.58 -17.32 -16.61
C LEU J 28 26.02 -15.98 -17.08
N PHE J 29 26.79 -14.91 -16.90
CA PHE J 29 26.33 -13.58 -17.28
C PHE J 29 26.30 -13.47 -18.80
N ARG J 30 27.38 -13.91 -19.45
CA ARG J 30 27.48 -13.86 -20.91
C ARG J 30 26.35 -14.68 -21.54
N GLN J 31 26.02 -15.81 -20.91
CA GLN J 31 24.99 -16.72 -21.41
C GLN J 31 23.62 -16.08 -21.23
N ALA J 32 23.42 -15.33 -20.14
CA ALA J 32 22.15 -14.66 -19.90
C ALA J 32 21.95 -13.53 -20.91
N VAL J 33 23.03 -12.81 -21.23
CA VAL J 33 22.99 -11.78 -22.25
C VAL J 33 22.63 -12.38 -23.61
N ALA J 34 23.16 -13.56 -23.92
CA ALA J 34 22.98 -14.16 -25.23
C ALA J 34 21.57 -14.75 -25.39
N ASN J 35 21.05 -15.40 -24.34
CA ASN J 35 19.83 -16.19 -24.44
C ASN J 35 18.58 -15.34 -24.18
N GLU J 36 18.74 -14.17 -23.57
CA GLU J 36 17.60 -13.32 -23.29
C GLU J 36 17.51 -12.21 -24.33
N HIS J 37 16.31 -11.68 -24.53
CA HIS J 37 16.12 -10.68 -25.56
C HIS J 37 15.09 -9.64 -25.08
N PRO J 38 15.52 -8.59 -24.35
CA PRO J 38 16.89 -8.46 -23.87
C PRO J 38 17.01 -9.00 -22.44
N LEU J 39 18.23 -9.05 -21.90
CA LEU J 39 18.40 -9.40 -20.50
C LEU J 39 18.03 -8.20 -19.62
N GLN J 40 17.02 -8.40 -18.78
CA GLN J 40 16.69 -7.42 -17.76
C GLN J 40 17.56 -7.69 -16.53
N ILE J 41 18.32 -6.67 -16.10
CA ILE J 41 19.13 -6.72 -14.90
C ILE J 41 18.54 -5.79 -13.85
N VAL J 42 18.08 -6.35 -12.73
CA VAL J 42 17.44 -5.56 -11.69
C VAL J 42 18.39 -5.32 -10.50
N GLY J 43 18.40 -4.09 -10.00
CA GLY J 43 19.15 -3.73 -8.81
C GLY J 43 18.58 -4.38 -7.55
N ALA J 44 19.49 -4.82 -6.68
CA ALA J 44 19.16 -5.32 -5.35
C ALA J 44 20.16 -4.73 -4.36
N ILE J 45 19.66 -4.19 -3.23
CA ILE J 45 20.56 -3.50 -2.31
C ILE J 45 21.15 -4.49 -1.31
N ASN J 46 20.49 -5.63 -1.15
CA ASN J 46 20.92 -6.63 -0.18
C ASN J 46 20.56 -8.03 -0.69
N ALA J 47 21.01 -9.05 0.03
CA ALA J 47 20.86 -10.44 -0.38
C ALA J 47 19.39 -10.81 -0.46
N TYR J 48 18.58 -10.34 0.49
CA TYR J 48 17.16 -10.71 0.49
C TYR J 48 16.46 -10.19 -0.76
N CYS J 49 16.79 -8.97 -1.19
CA CYS J 49 16.22 -8.43 -2.40
C CYS J 49 16.65 -9.26 -3.60
N ALA J 50 17.92 -9.70 -3.58
CA ALA J 50 18.43 -10.54 -4.65
C ALA J 50 17.59 -11.82 -4.71
N LEU J 51 17.19 -12.34 -3.53
CA LEU J 51 16.41 -13.56 -3.49
C LEU J 51 15.02 -13.30 -4.09
N LEU J 52 14.42 -12.15 -3.77
CA LEU J 52 13.13 -11.78 -4.31
C LEU J 52 13.20 -11.75 -5.84
N ALA J 53 14.24 -11.09 -6.37
CA ALA J 53 14.41 -10.98 -7.81
C ALA J 53 14.54 -12.36 -8.44
N GLU J 54 15.27 -13.26 -7.78
CA GLU J 54 15.51 -14.61 -8.29
C GLU J 54 14.19 -15.35 -8.37
N ASN J 55 13.38 -15.23 -7.31
CA ASN J 55 12.09 -15.87 -7.16
C ASN J 55 11.14 -15.41 -8.28
N VAL J 56 11.28 -14.15 -8.70
CA VAL J 56 10.40 -13.57 -9.72
C VAL J 56 10.84 -14.04 -11.09
N GLY J 57 12.12 -14.42 -11.24
CA GLY J 57 12.58 -15.10 -12.44
C GLY J 57 13.60 -14.32 -13.27
N PHE J 58 14.19 -13.26 -12.70
CA PHE J 58 15.24 -12.52 -13.40
C PHE J 58 16.49 -13.39 -13.51
N LYS J 59 17.29 -13.11 -14.54
CA LYS J 59 18.41 -13.98 -14.88
C LYS J 59 19.72 -13.33 -14.48
N ALA J 60 19.66 -12.05 -14.05
CA ALA J 60 20.84 -11.32 -13.60
C ALA J 60 20.44 -10.21 -12.63
N ILE J 61 21.34 -9.88 -11.69
CA ILE J 61 21.07 -8.84 -10.70
C ILE J 61 22.21 -7.83 -10.68
N TYR J 62 21.97 -6.71 -9.97
CA TYR J 62 22.87 -5.57 -10.02
C TYR J 62 23.06 -4.94 -8.64
N LEU J 63 24.32 -4.59 -8.36
CA LEU J 63 24.63 -3.83 -7.16
C LEU J 63 24.97 -2.40 -7.56
N SER J 64 24.09 -1.48 -7.16
CA SER J 64 24.18 -0.08 -7.52
C SER J 64 25.17 0.63 -6.61
N GLY J 65 26.11 1.36 -7.21
CA GLY J 65 27.08 2.15 -6.47
C GLY J 65 26.40 3.21 -5.61
N GLY J 66 25.42 3.89 -6.23
CA GLY J 66 24.63 4.88 -5.54
C GLY J 66 23.85 4.24 -4.39
N GLY J 67 23.32 3.03 -4.66
CA GLY J 67 22.65 2.23 -3.65
C GLY J 67 23.59 1.94 -2.47
N VAL J 68 24.85 1.62 -2.77
CA VAL J 68 25.77 1.24 -1.71
C VAL J 68 25.98 2.46 -0.80
N ALA J 69 26.22 3.61 -1.41
CA ALA J 69 26.42 4.85 -0.66
C ALA J 69 25.14 5.23 0.10
N ASN J 70 24.02 5.32 -0.63
CA ASN J 70 22.77 5.79 -0.06
C ASN J 70 22.35 4.90 1.10
N THR J 71 22.55 3.59 1.00
CA THR J 71 22.12 2.68 2.05
C THR J 71 22.91 2.93 3.34
N LEU J 72 24.13 3.48 3.19
CA LEU J 72 24.96 3.79 4.35
C LEU J 72 24.61 5.18 4.86
N GLY J 73 23.73 5.88 4.13
CA GLY J 73 23.35 7.25 4.46
C GLY J 73 24.35 8.26 3.92
N LEU J 74 25.07 7.89 2.85
CA LEU J 74 26.02 8.77 2.21
C LEU J 74 25.55 9.16 0.81
N PRO J 75 25.87 10.37 0.32
CA PRO J 75 25.56 10.77 -1.05
C PRO J 75 26.43 10.04 -2.07
N ASP J 76 25.93 9.94 -3.32
CA ASP J 76 26.59 9.22 -4.39
C ASP J 76 27.64 10.12 -5.04
N LEU J 77 28.75 10.30 -4.32
CA LEU J 77 29.74 11.30 -4.69
C LEU J 77 31.15 10.72 -4.62
N GLY J 78 31.28 9.39 -4.77
CA GLY J 78 32.58 8.74 -4.80
C GLY J 78 33.31 8.78 -3.45
N ILE J 79 32.54 8.91 -2.36
CA ILE J 79 33.03 8.78 -1.00
C ILE J 79 33.36 7.31 -0.70
N THR J 80 32.52 6.41 -1.22
CA THR J 80 32.67 4.98 -1.00
C THR J 80 33.95 4.46 -1.68
N ASP J 81 34.47 3.35 -1.17
CA ASP J 81 35.68 2.74 -1.67
C ASP J 81 35.41 1.28 -2.02
N LEU J 82 36.45 0.59 -2.50
CA LEU J 82 36.31 -0.79 -2.93
C LEU J 82 35.63 -1.63 -1.84
N HIS J 83 35.96 -1.35 -0.57
CA HIS J 83 35.52 -2.21 0.52
C HIS J 83 34.03 -2.05 0.78
N ASP J 84 33.52 -0.82 0.65
CA ASP J 84 32.09 -0.59 0.83
C ASP J 84 31.31 -1.45 -0.16
N VAL J 85 31.76 -1.46 -1.43
CA VAL J 85 31.03 -2.15 -2.49
C VAL J 85 31.29 -3.65 -2.37
N LEU J 86 32.53 -4.03 -2.10
CA LEU J 86 32.92 -5.42 -2.05
C LEU J 86 32.12 -6.17 -0.97
N GLU J 87 31.94 -5.51 0.19
CA GLU J 87 31.23 -6.13 1.29
C GLU J 87 29.76 -6.39 0.89
N ASP J 88 29.13 -5.42 0.22
CA ASP J 88 27.76 -5.57 -0.23
C ASP J 88 27.66 -6.68 -1.27
N ALA J 89 28.64 -6.73 -2.18
CA ALA J 89 28.63 -7.75 -3.23
C ALA J 89 28.76 -9.14 -2.63
N ARG J 90 29.67 -9.31 -1.66
CA ARG J 90 29.91 -10.62 -1.08
C ARG J 90 28.62 -11.17 -0.47
N ARG J 91 27.92 -10.30 0.27
CA ARG J 91 26.69 -10.68 0.95
C ARG J 91 25.68 -11.22 -0.05
N ILE J 92 25.61 -10.59 -1.23
CA ILE J 92 24.67 -11.01 -2.25
C ILE J 92 25.10 -12.35 -2.83
N THR J 93 26.35 -12.44 -3.32
CA THR J 93 26.78 -13.65 -4.02
C THR J 93 26.78 -14.86 -3.08
N ALA J 94 26.81 -14.63 -1.77
CA ALA J 94 26.75 -15.73 -0.82
C ALA J 94 25.37 -16.38 -0.86
N ALA J 95 24.36 -15.63 -1.28
CA ALA J 95 22.98 -16.07 -1.12
C ALA J 95 22.39 -16.59 -2.43
N THR J 96 23.05 -16.29 -3.57
CA THR J 96 22.53 -16.68 -4.87
C THR J 96 23.66 -16.80 -5.89
N HIS J 97 23.52 -17.72 -6.84
CA HIS J 97 24.47 -17.90 -7.93
C HIS J 97 24.06 -17.06 -9.15
N LEU J 98 22.91 -16.39 -9.04
CA LEU J 98 22.42 -15.52 -10.10
C LEU J 98 23.51 -14.50 -10.42
N PRO J 99 23.95 -14.40 -11.70
CA PRO J 99 25.10 -13.56 -12.03
C PRO J 99 24.87 -12.12 -11.58
N LEU J 100 25.88 -11.52 -10.94
CA LEU J 100 25.75 -10.19 -10.38
C LEU J 100 26.65 -9.21 -11.11
N LEU J 101 26.06 -8.07 -11.53
CA LEU J 101 26.81 -6.97 -12.10
C LEU J 101 27.03 -5.92 -11.01
N VAL J 102 28.28 -5.50 -10.85
CA VAL J 102 28.66 -4.60 -9.77
C VAL J 102 29.19 -3.29 -10.34
N ASP J 103 28.67 -2.19 -9.81
CA ASP J 103 29.10 -0.83 -10.11
C ASP J 103 30.41 -0.55 -9.38
N ILE J 104 31.49 -0.30 -10.14
CA ILE J 104 32.76 0.04 -9.50
C ILE J 104 33.21 1.45 -9.88
N ASP J 105 32.24 2.32 -10.22
CA ASP J 105 32.49 3.74 -10.43
C ASP J 105 33.61 3.92 -11.45
N THR J 106 34.70 4.56 -11.02
CA THR J 106 35.81 4.86 -11.91
C THR J 106 37.01 3.99 -11.56
N GLY J 107 36.80 3.01 -10.67
CA GLY J 107 37.81 2.03 -10.34
C GLY J 107 38.48 2.29 -8.99
N PHE J 108 38.03 3.34 -8.28
CA PHE J 108 38.42 3.63 -6.91
C PHE J 108 39.84 4.21 -6.81
N GLY J 109 40.54 4.32 -7.93
CA GLY J 109 41.87 4.92 -7.93
C GLY J 109 42.61 4.66 -9.23
N GLY J 110 43.94 4.62 -9.13
CA GLY J 110 44.79 4.42 -10.30
C GLY J 110 44.85 2.95 -10.70
N ALA J 111 45.81 2.66 -11.59
CA ALA J 111 45.91 1.37 -12.25
C ALA J 111 45.97 0.24 -11.22
N PHE J 112 46.61 0.49 -10.08
CA PHE J 112 46.86 -0.59 -9.14
C PHE J 112 45.57 -0.90 -8.37
N THR J 113 44.83 0.17 -8.02
CA THR J 113 43.54 0.04 -7.35
C THR J 113 42.56 -0.70 -8.25
N ILE J 114 42.57 -0.37 -9.55
CA ILE J 114 41.68 -0.99 -10.50
C ILE J 114 41.96 -2.49 -10.54
N ALA J 115 43.25 -2.83 -10.61
CA ALA J 115 43.67 -4.22 -10.63
C ALA J 115 43.14 -4.94 -9.38
N ARG J 116 43.27 -4.27 -8.22
CA ARG J 116 42.81 -4.86 -6.98
C ARG J 116 41.30 -5.04 -7.01
N ALA J 117 40.60 -4.03 -7.51
CA ALA J 117 39.14 -4.06 -7.60
C ALA J 117 38.70 -5.27 -8.42
N ILE J 118 39.36 -5.48 -9.57
CA ILE J 118 38.99 -6.57 -10.46
C ILE J 118 39.23 -7.90 -9.75
N LYS J 119 40.42 -8.07 -9.16
CA LYS J 119 40.78 -9.34 -8.54
C LYS J 119 39.82 -9.65 -7.41
N GLU J 120 39.52 -8.62 -6.62
CA GLU J 120 38.69 -8.80 -5.43
C GLU J 120 37.25 -9.14 -5.84
N MET J 121 36.78 -8.49 -6.91
CA MET J 121 35.43 -8.73 -7.36
C MET J 121 35.30 -10.16 -7.85
N GLU J 122 36.32 -10.62 -8.58
CA GLU J 122 36.33 -12.01 -9.05
C GLU J 122 36.28 -12.94 -7.84
N ARG J 123 37.10 -12.64 -6.83
CA ARG J 123 37.19 -13.47 -5.64
C ARG J 123 35.85 -13.50 -4.89
N ALA J 124 35.04 -12.45 -5.08
CA ALA J 124 33.76 -12.36 -4.43
C ALA J 124 32.65 -13.01 -5.25
N GLN J 125 33.03 -13.71 -6.33
CA GLN J 125 32.11 -14.53 -7.13
C GLN J 125 31.18 -13.65 -7.95
N VAL J 126 31.64 -12.42 -8.24
CA VAL J 126 30.91 -11.45 -9.04
C VAL J 126 31.04 -11.85 -10.50
N ALA J 127 29.98 -11.58 -11.29
CA ALA J 127 29.93 -11.97 -12.69
C ALA J 127 30.53 -10.89 -13.59
N ALA J 128 30.28 -9.62 -13.25
CA ALA J 128 30.65 -8.52 -14.14
C ALA J 128 30.73 -7.21 -13.35
N VAL J 129 31.53 -6.27 -13.86
CA VAL J 129 31.60 -4.94 -13.29
C VAL J 129 31.42 -3.90 -14.40
N HIS J 130 31.05 -2.68 -14.00
CA HIS J 130 31.07 -1.56 -14.91
C HIS J 130 31.91 -0.42 -14.34
N MET J 131 32.75 0.12 -15.21
CA MET J 131 33.70 1.17 -14.89
C MET J 131 33.51 2.27 -15.93
N GLU J 132 33.58 3.53 -15.50
CA GLU J 132 33.13 4.64 -16.34
C GLU J 132 34.24 5.66 -16.55
N ASP J 133 34.00 6.61 -17.47
CA ASP J 133 35.01 7.52 -17.97
C ASP J 133 34.91 8.90 -17.34
N GLN J 134 34.28 8.99 -16.17
CA GLN J 134 34.25 10.25 -15.43
C GLN J 134 35.58 10.47 -14.71
N VAL J 135 35.78 11.68 -14.20
CA VAL J 135 36.92 11.98 -13.34
C VAL J 135 36.66 11.37 -11.95
N ALA J 136 37.71 11.37 -11.11
CA ALA J 136 37.72 10.58 -9.89
C ALA J 136 36.50 10.86 -9.00
N GLN J 137 36.26 12.14 -8.68
CA GLN J 137 35.15 12.49 -7.79
C GLN J 137 33.86 12.58 -8.63
N LYS J 138 33.29 11.41 -8.91
CA LYS J 138 32.21 11.21 -9.86
C LYS J 138 30.84 11.52 -9.24
N ARG J 139 29.81 11.46 -10.09
CA ARG J 139 28.43 11.69 -9.65
C ARG J 139 27.49 10.83 -10.52
N CYS J 140 26.22 10.76 -10.09
CA CYS J 140 25.14 10.12 -10.84
C CYS J 140 25.17 10.56 -12.30
N GLY J 141 24.96 9.61 -13.21
CA GLY J 141 25.10 9.81 -14.65
C GLY J 141 23.99 10.65 -15.29
N HIS J 142 22.92 10.91 -14.51
CA HIS J 142 21.76 11.66 -14.99
C HIS J 142 21.70 13.05 -14.35
N ARG J 143 22.77 13.42 -13.60
CA ARG J 143 22.89 14.73 -12.98
C ARG J 143 23.70 15.67 -13.88
N PRO J 144 23.54 17.01 -13.75
CA PRO J 144 24.41 17.96 -14.45
C PRO J 144 25.75 18.18 -13.75
N GLY J 145 26.77 18.59 -14.52
CA GLY J 145 28.08 18.97 -14.01
C GLY J 145 29.09 17.84 -13.95
N LYS J 146 28.90 16.82 -14.79
CA LYS J 146 29.81 15.67 -14.88
C LYS J 146 31.04 16.11 -15.67
N GLU J 147 32.22 15.59 -15.29
CA GLU J 147 33.42 15.80 -16.07
C GLU J 147 34.01 14.45 -16.48
N LEU J 148 34.50 14.38 -17.73
CA LEU J 148 35.06 13.14 -18.25
C LEU J 148 36.59 13.23 -18.33
N VAL J 149 37.23 12.06 -18.25
CA VAL J 149 38.63 11.92 -18.61
C VAL J 149 38.71 11.77 -20.13
N ASN J 150 39.88 12.06 -20.73
CA ASN J 150 40.01 11.91 -22.17
C ASN J 150 40.03 10.43 -22.51
N THR J 151 39.90 10.11 -23.80
CA THR J 151 39.82 8.74 -24.26
C THR J 151 41.02 7.93 -23.77
N ASN J 152 42.21 8.56 -23.75
CA ASN J 152 43.44 7.88 -23.41
C ASN J 152 43.42 7.38 -21.97
N GLU J 153 42.96 8.25 -21.05
CA GLU J 153 42.95 7.96 -19.63
C GLU J 153 42.01 6.79 -19.32
N MET J 154 40.90 6.70 -20.08
CA MET J 154 39.94 5.65 -19.88
C MET J 154 40.50 4.33 -20.41
N VAL J 155 41.24 4.39 -21.52
CA VAL J 155 41.87 3.22 -22.09
C VAL J 155 42.86 2.65 -21.07
N ASP J 156 43.62 3.54 -20.42
CA ASP J 156 44.51 3.19 -19.32
C ASP J 156 43.76 2.42 -18.24
N ARG J 157 42.59 2.92 -17.84
CA ARG J 157 41.79 2.26 -16.83
C ARG J 157 41.44 0.85 -17.30
N ILE J 158 41.03 0.75 -18.57
CA ILE J 158 40.55 -0.51 -19.11
C ILE J 158 41.70 -1.52 -19.18
N LYS J 159 42.90 -1.03 -19.54
CA LYS J 159 44.07 -1.89 -19.65
C LYS J 159 44.41 -2.49 -18.30
N ALA J 160 44.43 -1.65 -17.27
CA ALA J 160 44.70 -2.07 -15.90
C ALA J 160 43.75 -3.20 -15.50
N ALA J 161 42.49 -3.08 -15.92
CA ALA J 161 41.48 -4.06 -15.55
C ALA J 161 41.67 -5.35 -16.34
N VAL J 162 41.87 -5.23 -17.66
CA VAL J 162 41.87 -6.43 -18.50
C VAL J 162 43.13 -7.25 -18.25
N ASP J 163 44.23 -6.57 -17.89
CA ASP J 163 45.51 -7.20 -17.66
C ASP J 163 45.43 -8.24 -16.55
N VAL J 164 44.42 -8.16 -15.66
CA VAL J 164 44.38 -9.04 -14.52
C VAL J 164 43.10 -9.87 -14.51
N LYS J 165 42.18 -9.60 -15.43
CA LYS J 165 40.89 -10.28 -15.33
C LYS J 165 40.94 -11.64 -16.04
N SER J 166 40.16 -12.60 -15.53
CA SER J 166 39.95 -13.86 -16.21
C SER J 166 39.17 -13.63 -17.49
N ASN J 167 39.07 -14.66 -18.34
CA ASN J 167 38.47 -14.54 -19.65
C ASN J 167 36.97 -14.35 -19.50
N ASP J 168 36.33 -15.21 -18.68
CA ASP J 168 34.88 -15.27 -18.56
C ASP J 168 34.32 -14.01 -17.92
N PHE J 169 35.12 -13.37 -17.05
CA PHE J 169 34.65 -12.24 -16.27
C PHE J 169 34.39 -11.07 -17.21
N VAL J 170 33.24 -10.41 -17.00
CA VAL J 170 32.76 -9.40 -17.93
C VAL J 170 33.10 -7.99 -17.41
N LEU J 171 33.89 -7.26 -18.22
CA LEU J 171 34.16 -5.86 -17.98
C LEU J 171 33.28 -5.02 -18.90
N ILE J 172 32.35 -4.26 -18.31
CA ILE J 172 31.49 -3.36 -19.06
C ILE J 172 32.05 -1.95 -18.92
N ALA J 173 32.54 -1.38 -20.03
CA ALA J 173 32.97 0.00 -20.02
C ALA J 173 31.75 0.90 -20.19
N ARG J 174 31.63 1.87 -19.28
CA ARG J 174 30.51 2.80 -19.25
C ARG J 174 31.01 4.16 -19.73
N THR J 175 30.27 4.75 -20.68
CA THR J 175 30.57 6.10 -21.13
C THR J 175 29.45 7.04 -20.73
N ASP J 176 29.85 8.17 -20.16
CA ASP J 176 28.94 9.18 -19.62
C ASP J 176 28.97 10.40 -20.55
N ALA J 177 29.31 10.15 -21.83
CA ALA J 177 29.81 11.20 -22.72
C ALA J 177 28.72 11.82 -23.58
N TYR J 178 27.59 11.11 -23.73
CA TYR J 178 26.51 11.53 -24.61
C TYR J 178 26.04 12.95 -24.31
N ALA J 179 25.75 13.24 -23.04
CA ALA J 179 25.17 14.52 -22.65
C ALA J 179 26.16 15.68 -22.83
N VAL J 180 27.45 15.36 -22.97
CA VAL J 180 28.50 16.38 -22.93
C VAL J 180 29.08 16.58 -24.34
N GLU J 181 29.21 15.49 -25.11
CA GLU J 181 30.02 15.49 -26.31
C GLU J 181 29.20 15.01 -27.51
N GLY J 182 28.04 14.42 -27.23
CA GLY J 182 27.11 14.05 -28.28
C GLY J 182 27.37 12.66 -28.83
N LEU J 183 26.36 12.10 -29.52
CA LEU J 183 26.30 10.69 -29.87
C LEU J 183 27.54 10.25 -30.66
N LYS J 184 27.99 11.05 -31.63
CA LYS J 184 29.07 10.62 -32.50
C LYS J 184 30.36 10.40 -31.70
N ALA J 185 30.70 11.37 -30.85
CA ALA J 185 31.91 11.33 -30.03
C ALA J 185 31.85 10.20 -29.01
N THR J 186 30.62 9.88 -28.57
CA THR J 186 30.35 8.84 -27.60
C THR J 186 30.60 7.46 -28.23
N ILE J 187 30.18 7.30 -29.49
CA ILE J 187 30.38 6.05 -30.22
C ILE J 187 31.87 5.83 -30.44
N ASP J 188 32.60 6.93 -30.65
CA ASP J 188 34.03 6.86 -30.91
C ASP J 188 34.74 6.32 -29.68
N ARG J 189 34.42 6.92 -28.52
CA ARG J 189 34.92 6.50 -27.23
C ARG J 189 34.63 5.00 -27.02
N ALA J 190 33.36 4.61 -27.17
CA ALA J 190 32.94 3.25 -26.90
C ALA J 190 33.75 2.27 -27.76
N CYS J 191 34.07 2.67 -28.98
CA CYS J 191 34.72 1.78 -29.92
C CYS J 191 36.19 1.59 -29.54
N THR J 192 36.85 2.69 -29.16
CA THR J 192 38.18 2.66 -28.59
C THR J 192 38.20 1.77 -27.34
N TYR J 193 37.14 1.87 -26.51
CA TYR J 193 37.06 1.13 -25.26
C TYR J 193 36.98 -0.37 -25.53
N VAL J 194 36.20 -0.75 -26.56
CA VAL J 194 36.06 -2.15 -26.92
C VAL J 194 37.41 -2.66 -27.41
N GLU J 195 38.11 -1.80 -28.16
CA GLU J 195 39.41 -2.10 -28.72
C GLU J 195 40.41 -2.36 -27.58
N ALA J 196 40.29 -1.58 -26.50
CA ALA J 196 41.20 -1.66 -25.37
C ALA J 196 40.93 -2.90 -24.51
N GLY J 197 39.78 -3.55 -24.69
CA GLY J 197 39.52 -4.84 -24.07
C GLY J 197 38.15 -4.97 -23.41
N ALA J 198 37.34 -3.91 -23.43
CA ALA J 198 36.01 -3.96 -22.84
C ALA J 198 35.17 -5.03 -23.53
N ASP J 199 34.37 -5.76 -22.75
CA ASP J 199 33.57 -6.87 -23.25
C ASP J 199 32.23 -6.37 -23.74
N MET J 200 31.68 -5.36 -23.04
CA MET J 200 30.34 -4.84 -23.31
C MET J 200 30.37 -3.34 -23.00
N ILE J 201 29.32 -2.62 -23.45
CA ILE J 201 29.28 -1.17 -23.28
C ILE J 201 27.98 -0.75 -22.59
N PHE J 202 28.17 0.19 -21.64
CA PHE J 202 27.09 0.80 -20.88
C PHE J 202 26.95 2.23 -21.41
N ALA J 203 25.90 2.44 -22.21
CA ALA J 203 25.62 3.72 -22.84
C ALA J 203 24.72 4.53 -21.92
N GLU J 204 25.35 5.38 -21.11
CA GLU J 204 24.67 6.08 -20.03
C GLU J 204 23.88 7.25 -20.57
N ALA J 205 22.59 7.27 -20.26
CA ALA J 205 21.73 8.44 -20.38
C ALA J 205 21.58 8.87 -21.84
N LEU J 206 21.45 7.90 -22.75
CA LEU J 206 20.96 8.18 -24.09
C LEU J 206 19.49 8.59 -23.96
N GLU J 207 19.19 9.79 -24.49
CA GLU J 207 17.93 10.47 -24.23
C GLU J 207 16.86 10.02 -25.23
N ASN J 208 17.26 9.40 -26.34
CA ASN J 208 16.33 9.10 -27.39
C ASN J 208 16.55 7.69 -27.93
N ILE J 209 15.47 6.92 -28.05
CA ILE J 209 15.58 5.52 -28.42
C ILE J 209 16.13 5.36 -29.84
N ASN J 210 16.19 6.46 -30.60
CA ASN J 210 16.60 6.36 -32.00
C ASN J 210 18.13 6.39 -32.09
N ASP J 211 18.77 6.72 -30.96
CA ASP J 211 20.22 6.72 -30.86
C ASP J 211 20.76 5.30 -30.85
N TYR J 212 19.99 4.34 -30.30
CA TYR J 212 20.51 3.04 -29.94
C TYR J 212 20.92 2.24 -31.18
N PRO J 213 20.08 2.11 -32.24
CA PRO J 213 20.39 1.20 -33.34
C PRO J 213 21.73 1.50 -34.02
N THR J 214 22.06 2.80 -34.11
CA THR J 214 23.30 3.25 -34.70
C THR J 214 24.46 3.03 -33.74
N PHE J 215 24.21 3.22 -32.44
CA PHE J 215 25.19 3.01 -31.39
C PHE J 215 25.56 1.53 -31.32
N CYS J 216 24.53 0.66 -31.25
CA CYS J 216 24.70 -0.77 -31.08
C CYS J 216 25.43 -1.39 -32.27
N LYS J 217 25.13 -0.89 -33.48
CA LYS J 217 25.73 -1.43 -34.69
C LYS J 217 27.21 -1.08 -34.74
N ALA J 218 27.56 0.13 -34.31
CA ALA J 218 28.92 0.66 -34.40
C ALA J 218 29.86 -0.01 -33.38
N VAL J 219 29.34 -0.33 -32.18
CA VAL J 219 30.21 -0.82 -31.12
C VAL J 219 30.30 -2.35 -31.14
N LYS J 220 29.28 -3.01 -31.71
CA LYS J 220 29.30 -4.43 -32.05
C LYS J 220 29.04 -5.29 -30.81
N VAL J 221 29.73 -5.00 -29.71
CA VAL J 221 29.58 -5.76 -28.47
C VAL J 221 28.24 -5.43 -27.85
N PRO J 222 27.69 -6.31 -26.96
CA PRO J 222 26.41 -6.04 -26.31
C PRO J 222 26.36 -4.69 -25.61
N VAL J 223 25.20 -4.05 -25.69
CA VAL J 223 25.02 -2.72 -25.11
C VAL J 223 23.95 -2.77 -24.02
N LEU J 224 24.24 -2.06 -22.93
CA LEU J 224 23.33 -1.94 -21.80
C LEU J 224 22.67 -0.56 -21.85
N ALA J 225 21.35 -0.55 -21.67
CA ALA J 225 20.63 0.70 -21.53
C ALA J 225 20.16 0.84 -20.08
N ASN J 226 20.34 2.04 -19.53
CA ASN J 226 20.08 2.29 -18.12
C ASN J 226 18.73 2.98 -17.96
N MET J 227 17.72 2.17 -17.61
CA MET J 227 16.35 2.65 -17.46
C MET J 227 16.11 3.05 -16.00
N THR J 228 16.80 4.12 -15.57
CA THR J 228 16.59 4.62 -14.22
C THR J 228 15.49 5.67 -14.24
N GLU J 229 14.72 5.75 -13.14
CA GLU J 229 13.62 6.71 -13.02
C GLU J 229 14.16 8.07 -12.60
N PHE J 230 13.36 9.11 -12.88
CA PHE J 230 13.64 10.47 -12.44
C PHE J 230 14.99 10.92 -12.96
N GLY J 231 15.31 10.50 -14.20
CA GLY J 231 16.54 10.92 -14.85
C GLY J 231 16.26 11.68 -16.15
N LYS J 232 17.21 11.57 -17.09
CA LYS J 232 17.13 12.30 -18.35
C LYS J 232 16.60 11.38 -19.45
N THR J 233 16.22 10.15 -19.06
CA THR J 233 15.77 9.17 -20.04
C THR J 233 14.28 8.93 -19.87
N PRO J 234 13.51 8.80 -20.98
CA PRO J 234 12.16 8.25 -20.89
C PRO J 234 12.28 6.77 -20.56
N LEU J 235 11.24 6.21 -19.95
CA LEU J 235 11.21 4.79 -19.65
C LEU J 235 10.59 4.05 -20.83
N TYR J 236 11.45 3.51 -21.71
CA TYR J 236 11.02 2.61 -22.77
C TYR J 236 10.87 1.18 -22.21
N THR J 237 10.22 0.31 -23.00
CA THR J 237 10.04 -1.08 -22.60
C THR J 237 11.25 -1.91 -23.03
N ALA J 238 11.36 -3.10 -22.44
CA ALA J 238 12.41 -4.04 -22.78
C ALA J 238 12.34 -4.36 -24.27
N ALA J 239 11.12 -4.70 -24.72
CA ALA J 239 10.85 -5.05 -26.12
C ALA J 239 11.33 -3.95 -27.06
N GLN J 240 10.95 -2.69 -26.73
CA GLN J 240 11.32 -1.55 -27.56
C GLN J 240 12.83 -1.47 -27.67
N LEU J 241 13.51 -1.59 -26.52
CA LEU J 241 14.95 -1.40 -26.46
C LEU J 241 15.64 -2.52 -27.22
N ALA J 242 15.10 -3.74 -27.11
CA ALA J 242 15.63 -4.87 -27.85
C ALA J 242 15.52 -4.63 -29.36
N ASP J 243 14.37 -4.09 -29.81
CA ASP J 243 14.12 -3.83 -31.21
C ASP J 243 15.11 -2.79 -31.75
N HIS J 244 15.66 -1.96 -30.86
CA HIS J 244 16.60 -0.92 -31.24
C HIS J 244 18.04 -1.36 -31.04
N GLY J 245 18.23 -2.66 -30.72
CA GLY J 245 19.53 -3.33 -30.76
C GLY J 245 20.20 -3.47 -29.40
N VAL J 246 19.47 -3.16 -28.33
CA VAL J 246 19.99 -3.17 -26.97
C VAL J 246 19.91 -4.60 -26.43
N LYS J 247 20.97 -5.04 -25.73
CA LYS J 247 21.06 -6.42 -25.27
C LYS J 247 20.80 -6.54 -23.76
N MET J 248 21.06 -5.47 -22.99
CA MET J 248 20.79 -5.48 -21.57
C MET J 248 20.02 -4.23 -21.17
N VAL J 249 19.05 -4.41 -20.28
CA VAL J 249 18.31 -3.29 -19.72
C VAL J 249 18.43 -3.31 -18.20
N LEU J 250 18.92 -2.20 -17.64
CA LEU J 250 19.24 -2.08 -16.22
C LEU J 250 18.15 -1.31 -15.50
N TYR J 251 17.71 -1.81 -14.34
CA TYR J 251 16.76 -1.18 -13.45
C TYR J 251 17.47 -0.95 -12.12
N PRO J 252 18.37 0.05 -12.05
CA PRO J 252 19.32 0.17 -10.95
C PRO J 252 18.77 0.36 -9.54
N ARG J 253 17.70 1.16 -9.40
CA ARG J 253 17.27 1.52 -8.05
C ARG J 253 15.78 1.29 -7.83
N SER J 254 15.11 0.72 -8.84
CA SER J 254 13.65 0.70 -8.89
C SER J 254 13.05 0.15 -7.59
N ALA J 255 13.53 -1.02 -7.15
CA ALA J 255 12.97 -1.66 -5.97
C ALA J 255 13.27 -0.81 -4.72
N ASP J 256 14.50 -0.30 -4.67
CA ASP J 256 14.98 0.44 -3.52
C ASP J 256 14.08 1.64 -3.27
N ARG J 257 13.69 2.34 -4.34
CA ARG J 257 12.88 3.54 -4.24
C ARG J 257 11.51 3.22 -3.66
N ALA J 258 10.94 2.08 -4.07
CA ALA J 258 9.66 1.64 -3.54
C ALA J 258 9.80 1.24 -2.07
N MET J 259 10.92 0.57 -1.75
CA MET J 259 11.20 0.14 -0.40
C MET J 259 11.24 1.34 0.54
N SER J 260 11.88 2.43 0.09
CA SER J 260 12.06 3.59 0.94
C SER J 260 10.70 4.24 1.26
N LYS J 261 9.87 4.41 0.21
CA LYS J 261 8.54 4.94 0.40
C LYS J 261 7.74 4.10 1.40
N ALA J 262 7.78 2.78 1.22
CA ALA J 262 7.05 1.84 2.07
C ALA J 262 7.50 1.98 3.52
N ALA J 263 8.81 2.08 3.72
CA ALA J 263 9.40 2.16 5.04
C ALA J 263 8.96 3.44 5.74
N LEU J 264 9.07 4.56 5.02
CA LEU J 264 8.69 5.85 5.56
C LEU J 264 7.23 5.82 6.00
N ALA J 265 6.38 5.20 5.16
CA ALA J 265 4.96 5.11 5.46
C ALA J 265 4.70 4.34 6.75
N VAL J 266 5.39 3.19 6.93
CA VAL J 266 5.25 2.42 8.14
C VAL J 266 5.63 3.28 9.35
N TYR J 267 6.72 4.05 9.20
CA TYR J 267 7.22 4.82 10.32
C TYR J 267 6.22 5.92 10.68
N GLU J 268 5.68 6.59 9.67
CA GLU J 268 4.67 7.63 9.86
C GLU J 268 3.46 7.02 10.59
N ASP J 269 3.02 5.85 10.11
CA ASP J 269 1.86 5.16 10.65
C ASP J 269 2.05 4.90 12.14
N ILE J 270 3.20 4.32 12.51
CA ILE J 270 3.51 3.98 13.90
C ILE J 270 3.57 5.24 14.75
N LYS J 271 4.06 6.33 14.17
CA LYS J 271 4.24 7.59 14.90
C LYS J 271 2.88 8.20 15.20
N LYS J 272 2.02 8.25 14.18
CA LYS J 272 0.74 8.94 14.27
C LYS J 272 -0.26 8.14 15.11
N HIS J 273 -0.32 6.82 14.90
CA HIS J 273 -1.42 6.02 15.42
C HIS J 273 -1.03 5.20 16.64
N GLY J 274 0.26 5.18 17.02
CA GLY J 274 0.74 4.42 18.16
C GLY J 274 0.66 2.90 17.98
N VAL J 275 0.49 2.46 16.71
CA VAL J 275 0.30 1.06 16.35
C VAL J 275 0.36 0.94 14.83
N GLN J 276 0.65 -0.27 14.32
CA GLN J 276 0.96 -0.46 12.91
C GLN J 276 -0.19 -1.09 12.15
N THR J 277 -1.40 -1.09 12.73
CA THR J 277 -2.56 -1.75 12.16
C THR J 277 -2.76 -1.35 10.70
N ALA J 278 -2.70 -0.05 10.43
CA ALA J 278 -2.96 0.49 9.10
C ALA J 278 -1.93 -0.02 8.09
N SER J 279 -0.77 -0.45 8.57
CA SER J 279 0.34 -0.86 7.71
C SER J 279 0.25 -2.34 7.34
N LEU J 280 -0.45 -3.14 8.16
CA LEU J 280 -0.48 -4.59 7.99
C LEU J 280 -0.72 -4.99 6.54
N PRO J 281 -1.72 -4.43 5.82
CA PRO J 281 -1.99 -4.83 4.44
C PRO J 281 -0.82 -4.60 3.49
N PHE J 282 0.14 -3.77 3.92
CA PHE J 282 1.25 -3.38 3.05
C PHE J 282 2.53 -4.17 3.39
N MET J 283 2.41 -5.16 4.27
CA MET J 283 3.52 -5.96 4.77
C MET J 283 3.52 -7.34 4.10
N GLN J 284 4.70 -7.80 3.69
CA GLN J 284 4.86 -9.19 3.28
C GLN J 284 4.58 -10.08 4.50
N THR J 285 3.89 -11.21 4.29
CA THR J 285 3.52 -12.07 5.41
C THR J 285 4.72 -12.89 5.88
N ARG J 286 4.68 -13.29 7.15
CA ARG J 286 5.68 -14.17 7.74
C ARG J 286 5.87 -15.41 6.84
N GLU J 287 4.76 -15.93 6.30
CA GLU J 287 4.82 -17.19 5.56
C GLU J 287 5.51 -16.99 4.21
N ALA J 288 5.27 -15.84 3.57
CA ALA J 288 5.90 -15.53 2.29
C ALA J 288 7.41 -15.35 2.49
N LEU J 289 7.78 -14.74 3.62
CA LEU J 289 9.16 -14.55 4.02
C LEU J 289 9.82 -15.92 4.20
N TYR J 290 9.16 -16.80 4.95
CA TYR J 290 9.64 -18.16 5.17
C TYR J 290 9.83 -18.87 3.83
N GLU J 291 8.93 -18.63 2.89
CA GLU J 291 9.01 -19.25 1.57
C GLU J 291 10.28 -18.80 0.86
N VAL J 292 10.56 -17.49 0.87
CA VAL J 292 11.72 -16.97 0.15
C VAL J 292 13.02 -17.51 0.76
N LEU J 293 13.03 -17.72 2.08
CA LEU J 293 14.23 -18.11 2.80
C LEU J 293 14.42 -19.63 2.82
N ASN J 294 13.34 -20.39 2.56
CA ASN J 294 13.31 -21.83 2.78
C ASN J 294 13.38 -22.15 4.28
N TYR J 295 12.76 -21.28 5.09
CA TYR J 295 12.93 -21.30 6.53
C TYR J 295 12.50 -22.64 7.12
N HIS J 296 11.41 -23.21 6.61
CA HIS J 296 10.82 -24.40 7.20
C HIS J 296 11.78 -25.59 7.12
N ALA J 297 12.49 -25.73 5.99
CA ALA J 297 13.46 -26.81 5.80
C ALA J 297 14.55 -26.80 6.88
N TYR J 298 14.85 -25.60 7.40
CA TYR J 298 15.90 -25.45 8.40
C TYR J 298 15.35 -25.74 9.80
N GLU J 299 14.18 -25.18 10.13
CA GLU J 299 13.64 -25.30 11.48
C GLU J 299 13.18 -26.74 11.74
N ASP J 300 12.81 -27.46 10.68
CA ASP J 300 12.42 -28.86 10.77
C ASP J 300 13.63 -29.71 11.16
N LYS J 301 14.77 -29.46 10.49
CA LYS J 301 16.03 -30.14 10.76
C LYS J 301 16.49 -29.84 12.19
N LEU J 302 16.12 -28.66 12.70
CA LEU J 302 16.53 -28.19 14.01
C LEU J 302 15.75 -28.89 15.12
N ASN J 303 14.49 -29.24 14.85
CA ASN J 303 13.62 -29.93 15.80
C ASN J 303 13.99 -31.42 15.88
N GLN J 304 14.48 -31.97 14.77
CA GLN J 304 14.94 -33.35 14.68
C GLN J 304 16.25 -33.54 15.45
N LEU J 305 17.05 -32.46 15.52
CA LEU J 305 18.32 -32.43 16.24
C LEU J 305 18.09 -32.29 17.75
N PHE J 306 17.02 -31.57 18.14
CA PHE J 306 16.68 -31.33 19.53
C PHE J 306 15.94 -32.53 20.14
N LYS J 307 15.45 -33.44 19.27
CA LYS J 307 14.71 -34.64 19.69
C LYS J 307 15.70 -35.79 19.86
N ARG J 308 16.96 -35.55 19.50
CA ARG J 308 18.05 -36.50 19.58
C ARG J 308 19.08 -35.95 20.58
N GLN K 21 -11.80 -12.45 31.46
CA GLN K 21 -12.48 -11.69 30.36
C GLN K 21 -11.51 -11.42 29.22
N SER K 22 -12.07 -11.44 28.01
CA SER K 22 -11.41 -11.32 26.72
C SER K 22 -10.48 -12.49 26.37
N MET K 23 -10.38 -13.46 27.27
CA MET K 23 -9.46 -14.59 27.07
C MET K 23 -10.27 -15.80 26.61
N SER K 24 -9.80 -16.46 25.53
CA SER K 24 -10.52 -17.58 24.93
C SER K 24 -10.46 -18.80 25.86
N PRO K 25 -11.42 -19.76 25.79
CA PRO K 25 -11.38 -20.92 26.68
C PRO K 25 -10.07 -21.70 26.56
N GLY K 26 -9.58 -21.86 25.32
CA GLY K 26 -8.30 -22.52 25.06
C GLY K 26 -7.14 -21.85 25.81
N LYS K 27 -7.14 -20.52 25.79
CA LYS K 27 -6.09 -19.73 26.42
C LYS K 27 -6.17 -19.91 27.94
N LEU K 28 -7.38 -19.89 28.49
CA LEU K 28 -7.58 -20.07 29.93
C LEU K 28 -7.01 -21.44 30.36
N PHE K 29 -7.19 -22.45 29.51
CA PHE K 29 -6.73 -23.78 29.85
C PHE K 29 -5.20 -23.82 29.81
N ARG K 30 -4.59 -23.25 28.76
CA ARG K 30 -3.15 -23.21 28.61
C ARG K 30 -2.51 -22.47 29.78
N GLN K 31 -3.19 -21.40 30.24
CA GLN K 31 -2.70 -20.58 31.33
C GLN K 31 -2.77 -21.36 32.65
N ALA K 32 -3.82 -22.17 32.80
CA ALA K 32 -3.97 -22.97 34.01
C ALA K 32 -2.91 -24.07 34.06
N VAL K 33 -2.60 -24.66 32.91
CA VAL K 33 -1.54 -25.65 32.81
C VAL K 33 -0.19 -25.03 33.19
N ALA K 34 0.04 -23.79 32.76
CA ALA K 34 1.34 -23.16 32.97
C ALA K 34 1.53 -22.70 34.42
N ASN K 35 0.47 -22.14 35.03
CA ASN K 35 0.59 -21.48 36.32
C ASN K 35 0.40 -22.43 37.49
N GLU K 36 -0.17 -23.63 37.24
CA GLU K 36 -0.37 -24.59 38.31
C GLU K 36 0.73 -25.64 38.22
N HIS K 37 1.02 -26.28 39.36
CA HIS K 37 2.11 -27.24 39.41
C HIS K 37 1.72 -28.38 40.36
N PRO K 38 1.02 -29.43 39.87
CA PRO K 38 0.49 -29.46 38.52
C PRO K 38 -0.97 -29.00 38.51
N LEU K 39 -1.55 -28.87 37.32
CA LEU K 39 -2.97 -28.54 37.20
C LEU K 39 -3.79 -29.81 37.50
N GLN K 40 -4.61 -29.72 38.55
CA GLN K 40 -5.57 -30.78 38.82
C GLN K 40 -6.83 -30.49 38.02
N ILE K 41 -7.24 -31.47 37.20
CA ILE K 41 -8.47 -31.40 36.43
C ILE K 41 -9.45 -32.43 36.96
N VAL K 42 -10.59 -31.96 37.50
CA VAL K 42 -11.56 -32.86 38.11
C VAL K 42 -12.77 -33.06 37.19
N GLY K 43 -13.21 -34.32 37.09
CA GLY K 43 -14.40 -34.67 36.35
C GLY K 43 -15.68 -34.15 37.00
N ALA K 44 -16.61 -33.67 36.16
CA ALA K 44 -17.94 -33.28 36.58
C ALA K 44 -18.93 -33.81 35.55
N ILE K 45 -20.00 -34.46 36.00
CA ILE K 45 -20.90 -35.10 35.05
C ILE K 45 -21.98 -34.13 34.59
N ASN K 46 -22.20 -33.08 35.38
CA ASN K 46 -23.25 -32.12 35.08
C ASN K 46 -22.81 -30.73 35.54
N ALA K 47 -23.64 -29.72 35.21
CA ALA K 47 -23.30 -28.33 35.48
C ALA K 47 -23.14 -28.08 36.98
N TYR K 48 -24.03 -28.69 37.78
CA TYR K 48 -24.00 -28.44 39.21
C TYR K 48 -22.69 -28.94 39.83
N CYS K 49 -22.22 -30.10 39.37
CA CYS K 49 -20.95 -30.63 39.85
C CYS K 49 -19.82 -29.68 39.46
N ALA K 50 -19.91 -29.14 38.25
CA ALA K 50 -18.92 -28.19 37.77
C ALA K 50 -18.89 -26.98 38.72
N LEU K 51 -20.08 -26.59 39.21
CA LEU K 51 -20.15 -25.44 40.09
C LEU K 51 -19.48 -25.77 41.43
N LEU K 52 -19.72 -26.98 41.93
CA LEU K 52 -19.10 -27.43 43.18
C LEU K 52 -17.59 -27.37 43.04
N ALA K 53 -17.06 -27.92 41.94
CA ALA K 53 -15.62 -27.92 41.71
C ALA K 53 -15.06 -26.50 41.68
N GLU K 54 -15.81 -25.59 41.05
CA GLU K 54 -15.38 -24.20 40.92
C GLU K 54 -15.29 -23.56 42.30
N ASN K 55 -16.32 -23.82 43.13
CA ASN K 55 -16.45 -23.30 44.48
C ASN K 55 -15.27 -23.77 45.33
N VAL K 56 -14.78 -24.98 45.07
CA VAL K 56 -13.71 -25.57 45.85
C VAL K 56 -12.37 -24.98 45.43
N GLY K 57 -12.30 -24.48 44.18
CA GLY K 57 -11.15 -23.69 43.75
C GLY K 57 -10.32 -24.34 42.64
N PHE K 58 -10.85 -25.38 41.98
CA PHE K 58 -10.13 -25.98 40.86
C PHE K 58 -10.09 -25.02 39.68
N LYS K 59 -9.08 -25.18 38.83
CA LYS K 59 -8.81 -24.22 37.79
C LYS K 59 -9.26 -24.77 36.44
N ALA K 60 -9.63 -26.06 36.41
CA ALA K 60 -10.07 -26.72 35.19
C ALA K 60 -10.97 -27.90 35.53
N ILE K 61 -11.92 -28.20 34.63
CA ILE K 61 -12.85 -29.31 34.84
C ILE K 61 -12.88 -30.21 33.62
N TYR K 62 -13.52 -31.37 33.76
CA TYR K 62 -13.45 -32.44 32.77
C TYR K 62 -14.79 -33.11 32.56
N LEU K 63 -15.12 -33.36 31.30
CA LEU K 63 -16.29 -34.15 30.96
C LEU K 63 -15.84 -35.53 30.47
N SER K 64 -16.17 -36.54 31.28
CA SER K 64 -15.74 -37.90 31.03
C SER K 64 -16.66 -38.56 30.01
N GLY K 65 -16.06 -39.15 28.97
CA GLY K 65 -16.80 -39.87 27.96
C GLY K 65 -17.55 -41.06 28.56
N GLY K 66 -16.84 -41.80 29.43
CA GLY K 66 -17.43 -42.90 30.16
C GLY K 66 -18.58 -42.43 31.03
N GLY K 67 -18.37 -41.27 31.67
CA GLY K 67 -19.39 -40.60 32.45
C GLY K 67 -20.62 -40.29 31.61
N VAL K 68 -20.40 -39.82 30.39
CA VAL K 68 -21.52 -39.42 29.55
C VAL K 68 -22.36 -40.66 29.26
N ALA K 69 -21.70 -41.75 28.87
CA ALA K 69 -22.37 -43.00 28.56
C ALA K 69 -23.04 -43.57 29.81
N ASN K 70 -22.26 -43.73 30.90
CA ASN K 70 -22.74 -44.37 32.11
C ASN K 70 -23.95 -43.61 32.66
N THR K 71 -23.94 -42.28 32.60
CA THR K 71 -25.05 -41.50 33.16
C THR K 71 -26.34 -41.76 32.39
N LEU K 72 -26.21 -42.15 31.12
CA LEU K 72 -27.37 -42.46 30.30
C LEU K 72 -27.77 -43.92 30.50
N GLY K 73 -26.96 -44.65 31.28
CA GLY K 73 -27.20 -46.06 31.53
C GLY K 73 -26.63 -46.93 30.43
N LEU K 74 -25.61 -46.41 29.71
CA LEU K 74 -24.97 -47.15 28.64
C LEU K 74 -23.53 -47.48 29.02
N PRO K 75 -22.97 -48.61 28.55
CA PRO K 75 -21.56 -48.94 28.76
C PRO K 75 -20.64 -48.05 27.95
N ASP K 76 -19.40 -47.90 28.41
CA ASP K 76 -18.39 -47.06 27.80
C ASP K 76 -17.73 -47.83 26.66
N LEU K 77 -18.48 -47.96 25.55
CA LEU K 77 -18.09 -48.84 24.47
C LEU K 77 -18.24 -48.13 23.12
N GLY K 78 -18.11 -46.79 23.10
CA GLY K 78 -18.21 -46.00 21.89
C GLY K 78 -19.59 -46.03 21.24
N ILE K 79 -20.64 -46.29 22.04
CA ILE K 79 -22.02 -46.22 21.60
C ILE K 79 -22.44 -44.76 21.42
N THR K 80 -21.96 -43.90 22.32
CA THR K 80 -22.30 -42.49 22.31
C THR K 80 -21.72 -41.81 21.07
N ASP K 81 -22.34 -40.69 20.67
CA ASP K 81 -21.90 -39.94 19.50
C ASP K 81 -21.61 -38.49 19.91
N LEU K 82 -21.21 -37.67 18.93
CA LEU K 82 -20.85 -36.29 19.19
C LEU K 82 -21.96 -35.59 19.98
N HIS K 83 -23.22 -35.89 19.67
CA HIS K 83 -24.34 -35.16 20.24
C HIS K 83 -24.52 -35.47 21.72
N ASP K 84 -24.30 -36.73 22.11
CA ASP K 84 -24.41 -37.10 23.51
C ASP K 84 -23.42 -36.27 24.32
N VAL K 85 -22.19 -36.16 23.82
CA VAL K 85 -21.13 -35.48 24.56
C VAL K 85 -21.34 -33.97 24.47
N LEU K 86 -21.67 -33.49 23.28
CA LEU K 86 -21.81 -32.06 23.03
C LEU K 86 -22.88 -31.46 23.93
N GLU K 87 -24.00 -32.19 24.09
CA GLU K 87 -25.12 -31.69 24.89
C GLU K 87 -24.69 -31.55 26.35
N ASP K 88 -23.94 -32.54 26.86
CA ASP K 88 -23.47 -32.49 28.24
C ASP K 88 -22.47 -31.34 28.40
N ALA K 89 -21.59 -31.16 27.41
CA ALA K 89 -20.60 -30.10 27.48
C ALA K 89 -21.26 -28.73 27.49
N ARG K 90 -22.26 -28.53 26.62
CA ARG K 90 -22.92 -27.23 26.51
C ARG K 90 -23.51 -26.83 27.85
N ARG K 91 -24.18 -27.79 28.50
CA ARG K 91 -24.84 -27.55 29.78
C ARG K 91 -23.83 -27.04 30.80
N ILE K 92 -22.62 -27.62 30.77
CA ILE K 92 -21.59 -27.24 31.71
C ILE K 92 -21.08 -25.84 31.40
N THR K 93 -20.64 -25.61 30.15
CA THR K 93 -20.01 -24.34 29.80
C THR K 93 -21.00 -23.18 29.94
N ALA K 94 -22.31 -23.47 29.93
CA ALA K 94 -23.29 -22.42 30.12
C ALA K 94 -23.24 -21.89 31.55
N ALA K 95 -22.75 -22.72 32.48
CA ALA K 95 -22.89 -22.41 33.89
C ALA K 95 -21.59 -21.90 34.49
N THR K 96 -20.46 -22.08 33.77
CA THR K 96 -19.15 -21.70 34.30
C THR K 96 -18.18 -21.45 33.16
N HIS K 97 -17.28 -20.48 33.38
CA HIS K 97 -16.24 -20.13 32.41
C HIS K 97 -14.97 -20.92 32.69
N LEU K 98 -14.99 -21.73 33.76
CA LEU K 98 -13.87 -22.59 34.11
C LEU K 98 -13.52 -23.47 32.92
N PRO K 99 -12.27 -23.44 32.43
CA PRO K 99 -11.93 -24.16 31.19
C PRO K 99 -12.28 -25.64 31.32
N LEU K 100 -12.93 -26.20 30.29
CA LEU K 100 -13.42 -27.56 30.33
C LEU K 100 -12.67 -28.41 29.31
N LEU K 101 -12.18 -29.57 29.78
CA LEU K 101 -11.58 -30.58 28.91
C LEU K 101 -12.63 -31.66 28.63
N VAL K 102 -12.81 -31.99 27.35
CA VAL K 102 -13.87 -32.89 26.94
C VAL K 102 -13.26 -34.11 26.25
N ASP K 103 -13.71 -35.29 26.71
CA ASP K 103 -13.37 -36.58 26.14
C ASP K 103 -14.15 -36.77 24.83
N ILE K 104 -13.44 -36.90 23.71
CA ILE K 104 -14.09 -37.16 22.44
C ILE K 104 -13.68 -38.51 21.85
N ASP K 105 -13.26 -39.44 22.72
CA ASP K 105 -12.99 -40.81 22.35
C ASP K 105 -12.01 -40.83 21.17
N THR K 106 -12.46 -41.41 20.05
CA THR K 106 -11.60 -41.55 18.88
C THR K 106 -12.06 -40.60 17.77
N GLY K 107 -12.97 -39.68 18.11
CA GLY K 107 -13.39 -38.62 17.20
C GLY K 107 -14.74 -38.90 16.55
N PHE K 108 -15.39 -40.01 16.90
CA PHE K 108 -16.76 -40.32 16.53
C PHE K 108 -16.89 -40.75 15.07
N GLY K 109 -15.78 -40.76 14.32
CA GLY K 109 -15.81 -41.24 12.95
C GLY K 109 -14.54 -40.86 12.19
N GLY K 110 -14.69 -40.70 10.88
CA GLY K 110 -13.57 -40.36 10.01
C GLY K 110 -13.19 -38.88 10.12
N ALA K 111 -12.32 -38.47 9.20
CA ALA K 111 -11.71 -37.14 9.20
C ALA K 111 -12.79 -36.05 9.27
N PHE K 112 -13.93 -36.27 8.62
CA PHE K 112 -14.93 -35.21 8.51
C PHE K 112 -15.69 -35.08 9.82
N THR K 113 -15.97 -36.21 10.46
CA THR K 113 -16.62 -36.25 11.76
C THR K 113 -15.72 -35.57 12.80
N ILE K 114 -14.42 -35.86 12.73
CA ILE K 114 -13.46 -35.29 13.66
C ILE K 114 -13.49 -33.76 13.53
N ALA K 115 -13.46 -33.29 12.28
CA ALA K 115 -13.52 -31.87 12.00
C ALA K 115 -14.77 -31.26 12.62
N ARG K 116 -15.91 -31.96 12.46
CA ARG K 116 -17.18 -31.48 12.99
C ARG K 116 -17.11 -31.43 14.51
N ALA K 117 -16.54 -32.49 15.11
CA ALA K 117 -16.42 -32.58 16.55
C ALA K 117 -15.64 -31.38 17.09
N ILE K 118 -14.52 -31.06 16.42
CA ILE K 118 -13.67 -29.96 16.87
C ILE K 118 -14.45 -28.65 16.77
N LYS K 119 -15.07 -28.40 15.61
CA LYS K 119 -15.75 -27.14 15.37
C LYS K 119 -16.87 -26.97 16.38
N GLU K 120 -17.62 -28.05 16.62
CA GLU K 120 -18.78 -28.00 17.49
C GLU K 120 -18.35 -27.77 18.94
N MET K 121 -17.23 -28.41 19.32
CA MET K 121 -16.75 -28.27 20.69
C MET K 121 -16.32 -26.83 20.92
N GLU K 122 -15.63 -26.25 19.93
CA GLU K 122 -15.22 -24.85 20.03
C GLU K 122 -16.47 -23.98 20.19
N ARG K 123 -17.50 -24.25 19.38
CA ARG K 123 -18.73 -23.46 19.39
C ARG K 123 -19.41 -23.59 20.76
N ALA K 124 -19.16 -24.70 21.46
CA ALA K 124 -19.78 -24.93 22.74
C ALA K 124 -18.94 -24.35 23.88
N GLN K 125 -17.90 -23.58 23.54
CA GLN K 125 -17.11 -22.81 24.50
C GLN K 125 -16.22 -23.76 25.32
N VAL K 126 -15.89 -24.92 24.76
CA VAL K 126 -15.02 -25.90 25.35
C VAL K 126 -13.58 -25.43 25.20
N ALA K 127 -12.75 -25.75 26.20
CA ALA K 127 -11.36 -25.30 26.23
C ALA K 127 -10.42 -26.27 25.51
N ALA K 128 -10.68 -27.58 25.65
CA ALA K 128 -9.76 -28.59 25.15
C ALA K 128 -10.50 -29.91 24.98
N VAL K 129 -9.97 -30.77 24.08
CA VAL K 129 -10.48 -32.12 23.94
C VAL K 129 -9.31 -33.10 23.99
N HIS K 130 -9.63 -34.38 24.26
CA HIS K 130 -8.68 -35.44 24.09
C HIS K 130 -9.24 -36.51 23.16
N MET K 131 -8.37 -36.94 22.24
CA MET K 131 -8.70 -37.92 21.24
C MET K 131 -7.61 -38.99 21.29
N GLU K 132 -7.99 -40.26 21.13
CA GLU K 132 -7.09 -41.38 21.43
C GLU K 132 -6.86 -42.27 20.21
N ASP K 133 -5.89 -43.19 20.34
CA ASP K 133 -5.39 -43.97 19.23
C ASP K 133 -5.96 -45.39 19.22
N GLN K 134 -7.11 -45.60 19.87
CA GLN K 134 -7.78 -46.88 19.82
C GLN K 134 -8.54 -47.00 18.50
N VAL K 135 -9.02 -48.22 18.22
CA VAL K 135 -9.91 -48.47 17.09
C VAL K 135 -11.30 -47.93 17.44
N ALA K 136 -12.19 -47.88 16.44
CA ALA K 136 -13.49 -47.23 16.55
C ALA K 136 -14.27 -47.71 17.78
N GLN K 137 -14.45 -49.05 17.89
CA GLN K 137 -15.19 -49.63 19.01
C GLN K 137 -14.28 -49.72 20.23
N LYS K 138 -14.12 -48.57 20.91
CA LYS K 138 -13.15 -48.36 21.97
C LYS K 138 -13.69 -48.85 23.32
N ARG K 139 -12.81 -48.83 24.33
CA ARG K 139 -13.16 -49.22 25.69
C ARG K 139 -12.34 -48.38 26.67
N CYS K 140 -12.71 -48.47 27.96
CA CYS K 140 -11.97 -47.89 29.07
C CYS K 140 -10.48 -48.22 28.95
N GLY K 141 -9.61 -47.23 29.21
CA GLY K 141 -8.17 -47.34 29.00
C GLY K 141 -7.45 -48.24 30.01
N HIS K 142 -8.17 -48.64 31.08
CA HIS K 142 -7.64 -49.45 32.16
C HIS K 142 -8.21 -50.87 32.10
N ARG K 143 -8.95 -51.19 31.04
CA ARG K 143 -9.50 -52.52 30.80
C ARG K 143 -8.56 -53.32 29.90
N PRO K 144 -8.58 -54.68 29.96
CA PRO K 144 -7.85 -55.49 28.99
C PRO K 144 -8.58 -55.66 27.66
N GLY K 145 -7.81 -55.93 26.59
CA GLY K 145 -8.35 -56.25 25.27
C GLY K 145 -8.52 -55.02 24.35
N LYS K 146 -7.72 -53.98 24.59
CA LYS K 146 -7.75 -52.76 23.81
C LYS K 146 -7.04 -53.01 22.48
N GLU K 147 -7.54 -52.39 21.41
CA GLU K 147 -6.87 -52.45 20.12
C GLU K 147 -6.56 -51.04 19.63
N LEU K 148 -5.34 -50.86 19.10
CA LEU K 148 -4.89 -49.55 18.64
C LEU K 148 -4.88 -49.49 17.11
N VAL K 149 -5.01 -48.27 16.59
CA VAL K 149 -4.70 -48.00 15.19
C VAL K 149 -3.19 -47.78 15.09
N ASN K 150 -2.63 -47.94 13.88
CA ASN K 150 -1.20 -47.73 13.71
C ASN K 150 -0.92 -46.23 13.81
N THR K 151 0.37 -45.88 13.92
CA THR K 151 0.77 -44.49 14.10
C THR K 151 0.21 -43.60 13.00
N ASN K 152 0.16 -44.12 11.75
CA ASN K 152 -0.26 -43.35 10.61
C ASN K 152 -1.72 -42.92 10.74
N GLU K 153 -2.58 -43.86 11.14
CA GLU K 153 -4.01 -43.62 11.23
C GLU K 153 -4.31 -42.56 12.29
N MET K 154 -3.51 -42.54 13.36
CA MET K 154 -3.72 -41.59 14.43
C MET K 154 -3.27 -40.20 13.99
N VAL K 155 -2.18 -40.16 13.20
CA VAL K 155 -1.68 -38.91 12.66
C VAL K 155 -2.76 -38.28 11.77
N ASP K 156 -3.40 -39.13 10.95
CA ASP K 156 -4.55 -38.73 10.14
C ASP K 156 -5.62 -38.08 11.00
N ARG K 157 -5.97 -38.72 12.12
CA ARG K 157 -6.98 -38.18 13.02
C ARG K 157 -6.55 -36.80 13.49
N ILE K 158 -5.28 -36.67 13.87
CA ILE K 158 -4.78 -35.44 14.45
C ILE K 158 -4.80 -34.33 13.40
N LYS K 159 -4.44 -34.68 12.14
CA LYS K 159 -4.40 -33.71 11.06
C LYS K 159 -5.81 -33.14 10.83
N ALA K 160 -6.81 -34.03 10.76
CA ALA K 160 -8.19 -33.65 10.56
C ALA K 160 -8.61 -32.65 11.64
N ALA K 161 -8.15 -32.86 12.87
CA ALA K 161 -8.54 -31.99 13.97
C ALA K 161 -7.81 -30.65 13.88
N VAL K 162 -6.49 -30.68 13.63
CA VAL K 162 -5.72 -29.45 13.70
C VAL K 162 -6.05 -28.53 12.54
N ASP K 163 -6.41 -29.13 11.40
CA ASP K 163 -6.73 -28.40 10.17
C ASP K 163 -7.89 -27.43 10.38
N VAL K 164 -8.74 -27.65 11.40
CA VAL K 164 -9.93 -26.83 11.55
C VAL K 164 -9.93 -26.12 12.90
N LYS K 165 -8.96 -26.42 13.77
CA LYS K 165 -9.06 -25.86 15.11
C LYS K 165 -8.41 -24.49 15.17
N SER K 166 -8.92 -23.63 16.04
CA SER K 166 -8.29 -22.35 16.35
C SER K 166 -6.95 -22.59 17.05
N ASN K 167 -6.15 -21.54 17.20
CA ASN K 167 -4.81 -21.65 17.76
C ASN K 167 -4.89 -21.98 19.24
N ASP K 168 -5.73 -21.23 19.98
CA ASP K 168 -5.79 -21.31 21.43
C ASP K 168 -6.36 -22.64 21.89
N PHE K 169 -7.23 -23.23 21.06
CA PHE K 169 -7.95 -24.44 21.45
C PHE K 169 -6.96 -25.59 21.58
N VAL K 170 -7.11 -26.36 22.66
CA VAL K 170 -6.11 -27.36 23.01
C VAL K 170 -6.55 -28.76 22.56
N LEU K 171 -5.74 -29.37 21.68
CA LEU K 171 -5.93 -30.77 21.31
C LEU K 171 -4.92 -31.63 22.08
N ILE K 172 -5.45 -32.48 22.97
CA ILE K 172 -4.64 -33.42 23.71
C ILE K 172 -4.73 -34.79 23.03
N ALA K 173 -3.62 -35.25 22.45
CA ALA K 173 -3.58 -36.60 21.89
C ALA K 173 -3.32 -37.60 23.01
N ARG K 174 -4.19 -38.61 23.08
CA ARG K 174 -4.14 -39.64 24.10
C ARG K 174 -3.63 -40.93 23.47
N THR K 175 -2.63 -41.54 24.12
CA THR K 175 -2.14 -42.83 23.67
C THR K 175 -2.45 -43.89 24.71
N ASP K 176 -3.01 -45.00 24.23
CA ASP K 176 -3.44 -46.11 25.05
C ASP K 176 -2.47 -47.28 24.86
N ALA K 177 -1.21 -46.95 24.52
CA ALA K 177 -0.29 -47.89 23.89
C ALA K 177 0.62 -48.56 24.90
N TYR K 178 0.79 -47.95 26.09
CA TYR K 178 1.71 -48.45 27.10
C TYR K 178 1.45 -49.92 27.44
N ALA K 179 0.18 -50.26 27.74
CA ALA K 179 -0.18 -51.59 28.20
C ALA K 179 -0.01 -52.63 27.10
N VAL K 180 0.08 -52.19 25.84
CA VAL K 180 0.07 -53.11 24.70
C VAL K 180 1.46 -53.23 24.08
N GLU K 181 2.20 -52.12 24.03
CA GLU K 181 3.39 -52.02 23.19
C GLU K 181 4.60 -51.58 24.02
N GLY K 182 4.34 -51.12 25.24
CA GLY K 182 5.40 -50.77 26.17
C GLY K 182 5.90 -49.33 25.99
N LEU K 183 6.64 -48.85 26.99
CA LEU K 183 6.96 -47.45 27.18
C LEU K 183 7.67 -46.86 25.96
N LYS K 184 8.64 -47.58 25.39
CA LYS K 184 9.46 -47.01 24.33
C LYS K 184 8.59 -46.72 23.11
N ALA K 185 7.74 -47.67 22.71
CA ALA K 185 6.88 -47.56 21.54
C ALA K 185 5.83 -46.46 21.74
N THR K 186 5.43 -46.27 23.01
CA THR K 186 4.43 -45.30 23.41
C THR K 186 5.02 -43.89 23.27
N ILE K 187 6.29 -43.71 23.66
CA ILE K 187 6.96 -42.43 23.55
C ILE K 187 7.12 -42.07 22.07
N ASP K 188 7.34 -43.08 21.23
CA ASP K 188 7.54 -42.88 19.81
C ASP K 188 6.26 -42.31 19.20
N ARG K 189 5.15 -42.98 19.50
CA ARG K 189 3.81 -42.55 19.09
C ARG K 189 3.57 -41.10 19.53
N ALA K 190 3.75 -40.83 20.82
CA ALA K 190 3.46 -39.52 21.39
C ALA K 190 4.23 -38.43 20.65
N CYS K 191 5.46 -38.76 20.23
CA CYS K 191 6.35 -37.78 19.64
C CYS K 191 5.90 -37.46 18.21
N THR K 192 5.53 -38.52 17.47
CA THR K 192 4.91 -38.38 16.16
C THR K 192 3.63 -37.56 16.27
N TYR K 193 2.85 -37.78 17.35
CA TYR K 193 1.58 -37.11 17.53
C TYR K 193 1.78 -35.62 17.76
N VAL K 194 2.82 -35.26 18.52
CA VAL K 194 3.13 -33.86 18.79
C VAL K 194 3.54 -33.21 17.47
N GLU K 195 4.29 -33.97 16.68
CA GLU K 195 4.80 -33.52 15.40
C GLU K 195 3.62 -33.22 14.47
N ALA K 196 2.58 -34.06 14.54
CA ALA K 196 1.41 -33.94 13.67
C ALA K 196 0.50 -32.78 14.08
N GLY K 197 0.71 -32.23 15.30
CA GLY K 197 0.05 -31.00 15.68
C GLY K 197 -0.60 -31.03 17.08
N ALA K 198 -0.48 -32.16 17.79
CA ALA K 198 -1.04 -32.25 19.13
C ALA K 198 -0.37 -31.23 20.05
N ASP K 199 -1.16 -30.61 20.93
CA ASP K 199 -0.69 -29.56 21.80
C ASP K 199 -0.12 -30.15 23.09
N MET K 200 -0.75 -31.22 23.57
CA MET K 200 -0.42 -31.87 24.83
C MET K 200 -0.65 -33.37 24.68
N ILE K 201 -0.13 -34.15 25.64
CA ILE K 201 -0.23 -35.61 25.56
C ILE K 201 -0.85 -36.18 26.82
N PHE K 202 -1.76 -37.13 26.60
CA PHE K 202 -2.46 -37.89 27.62
C PHE K 202 -1.87 -39.29 27.62
N ALA K 203 -1.01 -39.56 28.62
CA ALA K 203 -0.31 -40.83 28.75
C ALA K 203 -1.17 -41.76 29.62
N GLU K 204 -1.97 -42.59 28.93
CA GLU K 204 -2.98 -43.38 29.59
C GLU K 204 -2.35 -44.61 30.24
N ALA K 205 -2.62 -44.76 31.54
CA ALA K 205 -2.42 -46.00 32.29
C ALA K 205 -0.94 -46.38 32.34
N LEU K 206 -0.05 -45.38 32.53
CA LEU K 206 1.31 -45.65 32.94
C LEU K 206 1.27 -46.20 34.36
N GLU K 207 1.85 -47.39 34.54
CA GLU K 207 1.68 -48.19 35.74
C GLU K 207 2.69 -47.81 36.82
N ASN K 208 3.76 -47.12 36.43
CA ASN K 208 4.84 -46.83 37.37
C ASN K 208 5.28 -45.38 37.23
N ILE K 209 5.39 -44.69 38.37
CA ILE K 209 5.72 -43.28 38.37
C ILE K 209 7.11 -43.02 37.79
N ASN K 210 7.91 -44.06 37.61
CA ASN K 210 9.29 -43.88 37.15
C ASN K 210 9.31 -43.76 35.63
N ASP K 211 8.17 -44.07 35.00
CA ASP K 211 8.01 -43.95 33.56
C ASP K 211 7.90 -42.48 33.15
N TYR K 212 7.35 -41.63 34.03
CA TYR K 212 6.93 -40.30 33.63
C TYR K 212 8.11 -39.41 33.25
N PRO K 213 9.19 -39.32 34.07
CA PRO K 213 10.25 -38.34 33.80
C PRO K 213 10.89 -38.50 32.42
N THR K 214 11.01 -39.75 31.98
CA THR K 214 11.58 -40.08 30.67
C THR K 214 10.56 -39.77 29.58
N PHE K 215 9.28 -40.02 29.85
CA PHE K 215 8.19 -39.76 28.92
C PHE K 215 8.06 -38.25 28.71
N CYS K 216 8.01 -37.50 29.81
CA CYS K 216 7.78 -36.06 29.78
C CYS K 216 8.93 -35.33 29.07
N LYS K 217 10.15 -35.82 29.26
CA LYS K 217 11.34 -35.19 28.68
C LYS K 217 11.33 -35.40 27.15
N ALA K 218 10.92 -36.59 26.72
CA ALA K 218 10.96 -36.98 25.32
C ALA K 218 9.89 -36.24 24.51
N VAL K 219 8.70 -36.01 25.08
CA VAL K 219 7.59 -35.48 24.31
C VAL K 219 7.56 -33.96 24.37
N LYS K 220 8.15 -33.37 25.42
CA LYS K 220 8.41 -31.94 25.54
C LYS K 220 7.14 -31.17 25.93
N VAL K 221 6.02 -31.46 25.26
CA VAL K 221 4.76 -30.77 25.51
C VAL K 221 4.19 -31.23 26.86
N PRO K 222 3.31 -30.44 27.51
CA PRO K 222 2.70 -30.84 28.77
C PRO K 222 2.03 -32.22 28.70
N VAL K 223 2.18 -32.99 29.79
CA VAL K 223 1.68 -34.35 29.86
C VAL K 223 0.63 -34.45 30.96
N LEU K 224 -0.44 -35.19 30.65
CA LEU K 224 -1.53 -35.45 31.58
C LEU K 224 -1.38 -36.87 32.10
N ALA K 225 -1.52 -37.01 33.42
CA ALA K 225 -1.57 -38.33 34.04
C ALA K 225 -2.98 -38.57 34.55
N ASN K 226 -3.48 -39.79 34.27
CA ASN K 226 -4.86 -40.13 34.57
C ASN K 226 -4.93 -40.94 35.86
N MET K 227 -5.28 -40.26 36.95
CA MET K 227 -5.38 -40.85 38.27
C MET K 227 -6.80 -41.35 38.51
N THR K 228 -7.21 -42.37 37.74
CA THR K 228 -8.51 -42.96 37.96
C THR K 228 -8.38 -44.12 38.96
N GLU K 229 -9.43 -44.35 39.75
CA GLU K 229 -9.48 -45.41 40.74
C GLU K 229 -9.82 -46.74 40.08
N PHE K 230 -9.49 -47.83 40.77
CA PHE K 230 -9.86 -49.19 40.40
C PHE K 230 -9.35 -49.48 38.98
N GLY K 231 -8.15 -48.98 38.67
CA GLY K 231 -7.54 -49.25 37.38
C GLY K 231 -6.20 -49.96 37.52
N LYS K 232 -5.31 -49.68 36.56
CA LYS K 232 -4.01 -50.33 36.50
C LYS K 232 -2.96 -49.42 37.11
N THR K 233 -3.39 -48.25 37.62
CA THR K 233 -2.44 -47.29 38.14
C THR K 233 -2.60 -47.19 39.66
N PRO K 234 -1.47 -47.09 40.41
CA PRO K 234 -1.53 -46.67 41.81
C PRO K 234 -1.93 -45.20 41.85
N LEU K 235 -2.54 -44.78 42.96
CA LEU K 235 -2.90 -43.38 43.14
C LEU K 235 -1.73 -42.63 43.77
N TYR K 236 -0.91 -41.98 42.94
CA TYR K 236 0.12 -41.06 43.41
C TYR K 236 -0.50 -39.70 43.70
N THR K 237 0.27 -38.83 44.38
CA THR K 237 -0.17 -37.48 44.69
C THR K 237 0.17 -36.53 43.54
N ALA K 238 -0.47 -35.37 43.56
CA ALA K 238 -0.22 -34.32 42.59
C ALA K 238 1.25 -33.94 42.64
N ALA K 239 1.75 -33.69 43.86
CA ALA K 239 3.13 -33.29 44.12
C ALA K 239 4.09 -34.32 43.51
N GLN K 240 3.85 -35.61 43.79
CA GLN K 240 4.70 -36.68 43.30
C GLN K 240 4.76 -36.62 41.77
N LEU K 241 3.58 -36.49 41.14
CA LEU K 241 3.47 -36.55 39.70
C LEU K 241 4.15 -35.33 39.08
N ALA K 242 4.01 -34.17 39.75
CA ALA K 242 4.68 -32.96 39.31
C ALA K 242 6.20 -33.15 39.32
N ASP K 243 6.72 -33.76 40.40
CA ASP K 243 8.15 -33.99 40.58
C ASP K 243 8.69 -34.91 39.48
N HIS K 244 7.82 -35.72 38.89
CA HIS K 244 8.21 -36.66 37.85
C HIS K 244 7.94 -36.09 36.45
N GLY K 245 7.56 -34.80 36.40
CA GLY K 245 7.52 -34.02 35.17
C GLY K 245 6.13 -33.87 34.55
N VAL K 246 5.10 -34.30 35.29
CA VAL K 246 3.72 -34.30 34.82
C VAL K 246 3.13 -32.91 35.06
N LYS K 247 2.37 -32.40 34.08
CA LYS K 247 1.84 -31.04 34.14
C LYS K 247 0.33 -31.01 34.46
N MET K 248 -0.39 -32.09 34.13
CA MET K 248 -1.82 -32.16 34.44
C MET K 248 -2.11 -33.50 35.10
N VAL K 249 -2.98 -33.45 36.13
CA VAL K 249 -3.46 -34.66 36.77
C VAL K 249 -4.98 -34.69 36.71
N LEU K 250 -5.51 -35.79 36.14
CA LEU K 250 -6.92 -35.94 35.86
C LEU K 250 -7.57 -36.85 36.89
N TYR K 251 -8.73 -36.43 37.40
CA TYR K 251 -9.56 -37.19 38.33
C TYR K 251 -10.90 -37.43 37.64
N PRO K 252 -10.95 -38.36 36.67
CA PRO K 252 -12.07 -38.42 35.72
C PRO K 252 -13.45 -38.73 36.27
N ARG K 253 -13.53 -39.63 37.26
CA ARG K 253 -14.80 -40.16 37.69
C ARG K 253 -14.93 -40.08 39.21
N SER K 254 -13.94 -39.52 39.89
CA SER K 254 -13.84 -39.59 41.34
C SER K 254 -15.13 -39.18 42.03
N ALA K 255 -15.64 -38.01 41.67
CA ALA K 255 -16.84 -37.48 42.30
C ALA K 255 -18.04 -38.35 41.97
N ASP K 256 -18.11 -38.76 40.69
CA ASP K 256 -19.24 -39.51 40.17
C ASP K 256 -19.41 -40.81 40.97
N ARG K 257 -18.28 -41.49 41.25
CA ARG K 257 -18.29 -42.76 41.94
C ARG K 257 -18.82 -42.60 43.35
N ALA K 258 -18.45 -41.49 44.02
CA ALA K 258 -18.94 -41.20 45.35
C ALA K 258 -20.43 -40.86 45.29
N MET K 259 -20.83 -40.12 44.27
CA MET K 259 -22.22 -39.74 44.07
C MET K 259 -23.09 -40.97 43.95
N SER K 260 -22.62 -41.97 43.19
CA SER K 260 -23.41 -43.16 42.94
C SER K 260 -23.62 -43.95 44.22
N LYS K 261 -22.54 -44.13 45.00
CA LYS K 261 -22.62 -44.82 46.28
C LYS K 261 -23.63 -44.12 47.19
N ALA K 262 -23.53 -42.79 47.28
CA ALA K 262 -24.39 -41.99 48.13
C ALA K 262 -25.85 -42.16 47.72
N ALA K 263 -26.10 -42.14 46.41
CA ALA K 263 -27.45 -42.23 45.87
C ALA K 263 -28.05 -43.60 46.19
N LEU K 264 -27.28 -44.66 45.94
CA LEU K 264 -27.72 -46.02 46.20
C LEU K 264 -28.11 -46.15 47.68
N ALA K 265 -27.27 -45.58 48.55
CA ALA K 265 -27.49 -45.65 49.99
C ALA K 265 -28.80 -44.98 50.38
N VAL K 266 -29.07 -43.80 49.83
CA VAL K 266 -30.32 -43.11 50.10
C VAL K 266 -31.49 -43.99 49.67
N TYR K 267 -31.37 -44.63 48.50
CA TYR K 267 -32.46 -45.42 47.97
C TYR K 267 -32.72 -46.63 48.87
N GLU K 268 -31.64 -47.29 49.29
CA GLU K 268 -31.74 -48.44 50.19
C GLU K 268 -32.41 -48.00 51.48
N ASP K 269 -31.98 -46.85 52.02
CA ASP K 269 -32.49 -46.30 53.27
C ASP K 269 -34.00 -46.12 53.19
N ILE K 270 -34.47 -45.46 52.12
CA ILE K 270 -35.88 -45.17 51.92
C ILE K 270 -36.67 -46.47 51.77
N LYS K 271 -36.05 -47.47 51.13
CA LYS K 271 -36.71 -48.75 50.86
C LYS K 271 -36.90 -49.51 52.17
N LYS K 272 -35.84 -49.57 52.98
CA LYS K 272 -35.80 -50.40 54.18
C LYS K 272 -36.64 -49.76 55.29
N HIS K 273 -36.50 -48.44 55.49
CA HIS K 273 -36.98 -47.79 56.70
C HIS K 273 -38.27 -47.00 56.46
N GLY K 274 -38.72 -46.88 55.21
CA GLY K 274 -39.95 -46.16 54.87
C GLY K 274 -39.84 -44.65 55.07
N VAL K 275 -38.61 -44.14 55.21
CA VAL K 275 -38.33 -42.74 55.51
C VAL K 275 -36.81 -42.53 55.38
N GLN K 276 -36.40 -41.27 55.18
CA GLN K 276 -35.02 -40.96 54.81
C GLN K 276 -34.21 -40.39 55.98
N THR K 277 -34.74 -40.55 57.21
CA THR K 277 -34.16 -39.96 58.41
C THR K 277 -32.67 -40.29 58.49
N ALA K 278 -32.33 -41.56 58.29
CA ALA K 278 -30.96 -42.03 58.45
C ALA K 278 -30.02 -41.34 57.46
N SER K 279 -30.58 -40.84 56.34
CA SER K 279 -29.79 -40.27 55.27
C SER K 279 -29.52 -38.78 55.49
N LEU K 280 -30.36 -38.12 56.29
CA LEU K 280 -30.30 -36.67 56.45
C LEU K 280 -28.88 -36.17 56.67
N PRO K 281 -28.08 -36.77 57.58
CA PRO K 281 -26.72 -36.28 57.84
C PRO K 281 -25.79 -36.33 56.62
N PHE K 282 -26.20 -37.11 55.61
CA PHE K 282 -25.36 -37.32 54.44
C PHE K 282 -25.81 -36.46 53.26
N MET K 283 -26.76 -35.54 53.50
CA MET K 283 -27.34 -34.70 52.48
C MET K 283 -26.77 -33.27 52.57
N GLN K 284 -26.45 -32.68 51.42
CA GLN K 284 -26.19 -31.25 51.36
C GLN K 284 -27.46 -30.49 51.74
N THR K 285 -27.32 -29.42 52.52
CA THR K 285 -28.49 -28.69 53.00
C THR K 285 -29.05 -27.81 51.90
N ARG K 286 -30.34 -27.49 52.01
CA ARG K 286 -31.02 -26.55 51.13
C ARG K 286 -30.22 -25.25 51.05
N GLU K 287 -29.66 -24.81 52.18
CA GLU K 287 -29.01 -23.51 52.24
C GLU K 287 -27.69 -23.52 51.50
N ALA K 288 -26.96 -24.65 51.60
CA ALA K 288 -25.69 -24.79 50.91
C ALA K 288 -25.93 -24.82 49.39
N LEU K 289 -27.03 -25.48 49.00
CA LEU K 289 -27.47 -25.55 47.61
C LEU K 289 -27.74 -24.15 47.09
N TYR K 290 -28.54 -23.38 47.86
CA TYR K 290 -28.87 -22.00 47.52
C TYR K 290 -27.58 -21.18 47.38
N GLU K 291 -26.59 -21.46 48.23
CA GLU K 291 -25.33 -20.73 48.17
C GLU K 291 -24.63 -21.00 46.85
N VAL K 292 -24.55 -22.27 46.43
CA VAL K 292 -23.84 -22.62 45.22
C VAL K 292 -24.53 -21.99 44.00
N LEU K 293 -25.86 -21.87 44.04
CA LEU K 293 -26.64 -21.42 42.90
C LEU K 293 -26.76 -19.91 42.87
N ASN K 294 -26.53 -19.23 44.01
CA ASN K 294 -26.84 -17.82 44.20
C ASN K 294 -28.35 -17.60 44.20
N TYR K 295 -29.08 -18.58 44.75
CA TYR K 295 -30.53 -18.62 44.65
C TYR K 295 -31.18 -17.38 45.22
N HIS K 296 -30.66 -16.87 46.33
CA HIS K 296 -31.31 -15.79 47.07
C HIS K 296 -31.35 -14.50 46.23
N ALA K 297 -30.25 -14.23 45.48
CA ALA K 297 -30.16 -13.05 44.63
C ALA K 297 -31.28 -13.03 43.57
N TYR K 298 -31.72 -14.23 43.17
CA TYR K 298 -32.76 -14.35 42.15
C TYR K 298 -34.15 -14.21 42.76
N GLU K 299 -34.40 -14.89 43.89
CA GLU K 299 -35.74 -14.92 44.48
C GLU K 299 -36.09 -13.55 45.07
N ASP K 300 -35.05 -12.79 45.47
CA ASP K 300 -35.22 -11.44 45.99
C ASP K 300 -35.71 -10.52 44.87
N LYS K 301 -35.06 -10.62 43.70
CA LYS K 301 -35.43 -9.86 42.52
C LYS K 301 -36.84 -10.22 42.05
N LEU K 302 -37.26 -11.45 42.33
CA LEU K 302 -38.56 -11.99 41.92
C LEU K 302 -39.68 -11.42 42.79
N ASN K 303 -39.38 -11.16 44.08
CA ASN K 303 -40.35 -10.61 45.02
C ASN K 303 -40.54 -9.11 44.78
N GLN K 304 -39.47 -8.43 44.31
CA GLN K 304 -39.50 -7.02 43.98
C GLN K 304 -40.32 -6.78 42.70
N LEU K 305 -40.36 -7.79 41.82
CA LEU K 305 -41.10 -7.76 40.57
C LEU K 305 -42.59 -8.01 40.82
N PHE K 306 -42.90 -8.86 41.83
CA PHE K 306 -44.27 -9.21 42.18
C PHE K 306 -44.93 -8.12 43.03
N LYS K 307 -44.11 -7.20 43.58
CA LYS K 307 -44.58 -6.11 44.43
C LYS K 307 -44.85 -4.88 43.56
N ARG K 308 -44.55 -5.01 42.27
CA ARG K 308 -44.94 -4.04 41.25
C ARG K 308 -46.29 -4.43 40.63
N SER L 22 44.71 -22.47 -13.59
CA SER L 22 43.67 -23.35 -14.22
C SER L 22 43.10 -24.34 -13.18
N MET L 23 43.87 -24.62 -12.15
CA MET L 23 43.51 -25.65 -11.16
C MET L 23 42.89 -25.00 -9.92
N SER L 24 41.86 -25.65 -9.36
CA SER L 24 41.20 -25.16 -8.15
C SER L 24 42.12 -25.25 -6.94
N PRO L 25 41.92 -24.42 -5.88
CA PRO L 25 42.81 -24.46 -4.71
C PRO L 25 42.87 -25.85 -4.09
N GLY L 26 41.71 -26.52 -3.99
CA GLY L 26 41.64 -27.88 -3.47
C GLY L 26 42.52 -28.84 -4.26
N LYS L 27 42.50 -28.71 -5.59
CA LYS L 27 43.26 -29.56 -6.47
C LYS L 27 44.75 -29.31 -6.27
N LEU L 28 45.14 -28.04 -6.17
CA LEU L 28 46.53 -27.67 -5.94
C LEU L 28 47.03 -28.31 -4.64
N PHE L 29 46.18 -28.37 -3.63
CA PHE L 29 46.58 -28.92 -2.34
C PHE L 29 46.76 -30.43 -2.47
N ARG L 30 45.79 -31.11 -3.10
CA ARG L 30 45.85 -32.56 -3.29
C ARG L 30 47.09 -32.93 -4.09
N GLN L 31 47.45 -32.10 -5.06
CA GLN L 31 48.58 -32.34 -5.94
C GLN L 31 49.88 -32.13 -5.16
N ALA L 32 49.90 -31.17 -4.24
CA ALA L 32 51.08 -30.92 -3.42
C ALA L 32 51.29 -32.09 -2.44
N VAL L 33 50.21 -32.61 -1.89
CA VAL L 33 50.27 -33.78 -1.02
C VAL L 33 50.83 -34.98 -1.79
N ALA L 34 50.44 -35.14 -3.05
CA ALA L 34 50.83 -36.32 -3.81
C ALA L 34 52.29 -36.23 -4.28
N ASN L 35 52.74 -35.04 -4.70
CA ASN L 35 54.03 -34.87 -5.37
C ASN L 35 55.16 -34.63 -4.37
N GLU L 36 54.82 -34.24 -3.14
CA GLU L 36 55.86 -33.98 -2.14
C GLU L 36 55.96 -35.18 -1.21
N HIS L 37 57.12 -35.35 -0.59
CA HIS L 37 57.35 -36.50 0.26
C HIS L 37 58.21 -36.11 1.46
N PRO L 38 57.63 -35.58 2.55
CA PRO L 38 56.18 -35.29 2.61
C PRO L 38 55.97 -33.81 2.30
N LEU L 39 54.70 -33.40 2.21
CA LEU L 39 54.41 -31.98 2.08
C LEU L 39 54.57 -31.29 3.43
N GLN L 40 55.50 -30.34 3.49
CA GLN L 40 55.63 -29.48 4.64
C GLN L 40 54.66 -28.30 4.49
N ILE L 41 53.78 -28.13 5.49
CA ILE L 41 52.84 -27.02 5.54
C ILE L 41 53.24 -26.10 6.69
N VAL L 42 53.62 -24.85 6.37
CA VAL L 42 54.09 -23.91 7.37
C VAL L 42 53.01 -22.87 7.67
N GLY L 43 52.86 -22.57 8.97
CA GLY L 43 51.96 -21.51 9.41
C GLY L 43 52.45 -20.12 8.99
N ALA L 44 51.49 -19.26 8.60
CA ALA L 44 51.74 -17.86 8.35
C ALA L 44 50.59 -17.07 8.96
N ILE L 45 50.90 -16.01 9.72
CA ILE L 45 49.85 -15.30 10.44
C ILE L 45 49.25 -14.20 9.57
N ASN L 46 49.98 -13.79 8.53
CA ASN L 46 49.51 -12.72 7.66
C ASN L 46 50.02 -12.95 6.23
N ALA L 47 49.58 -12.10 5.30
CA ALA L 47 49.89 -12.27 3.89
C ALA L 47 51.39 -12.18 3.65
N TYR L 48 52.06 -11.24 4.33
CA TYR L 48 53.48 -11.04 4.10
C TYR L 48 54.27 -12.29 4.49
N CYS L 49 53.89 -12.92 5.59
CA CYS L 49 54.54 -14.15 6.02
C CYS L 49 54.31 -15.23 4.98
N ALA L 50 53.10 -15.28 4.43
CA ALA L 50 52.78 -16.24 3.38
C ALA L 50 53.72 -16.02 2.20
N LEU L 51 54.03 -14.75 1.91
CA LEU L 51 54.91 -14.45 0.79
C LEU L 51 56.32 -14.94 1.09
N LEU L 52 56.78 -14.74 2.32
CA LEU L 52 58.10 -15.21 2.74
C LEU L 52 58.18 -16.73 2.56
N ALA L 53 57.16 -17.45 3.02
CA ALA L 53 57.13 -18.90 2.89
C ALA L 53 57.20 -19.32 1.43
N GLU L 54 56.49 -18.60 0.56
CA GLU L 54 56.42 -18.91 -0.85
C GLU L 54 57.81 -18.74 -1.47
N ASN L 55 58.48 -17.64 -1.10
CA ASN L 55 59.80 -17.28 -1.57
C ASN L 55 60.81 -18.36 -1.19
N VAL L 56 60.61 -18.99 -0.04
CA VAL L 56 61.54 -20.00 0.47
C VAL L 56 61.29 -21.32 -0.25
N GLY L 57 60.08 -21.52 -0.77
CA GLY L 57 59.81 -22.63 -1.67
C GLY L 57 58.80 -23.64 -1.13
N PHE L 58 58.06 -23.30 -0.08
CA PHE L 58 57.05 -24.21 0.44
C PHE L 58 55.89 -24.31 -0.55
N LYS L 59 55.19 -25.45 -0.53
CA LYS L 59 54.19 -25.74 -1.53
C LYS L 59 52.79 -25.59 -0.93
N ALA L 60 52.72 -25.35 0.38
CA ALA L 60 51.44 -25.16 1.07
C ALA L 60 51.63 -24.34 2.34
N ILE L 61 50.61 -23.57 2.72
CA ILE L 61 50.68 -22.72 3.90
C ILE L 61 49.47 -22.97 4.80
N TYR L 62 49.53 -22.42 6.02
CA TYR L 62 48.55 -22.75 7.05
C TYR L 62 48.16 -21.51 7.85
N LEU L 63 46.86 -21.40 8.12
CA LEU L 63 46.35 -20.39 9.02
C LEU L 63 45.94 -21.04 10.34
N SER L 64 46.70 -20.71 11.39
CA SER L 64 46.49 -21.30 12.71
C SER L 64 45.35 -20.58 13.43
N GLY L 65 44.42 -21.37 13.96
CA GLY L 65 43.32 -20.87 14.77
C GLY L 65 43.81 -20.07 15.99
N GLY L 66 44.77 -20.69 16.69
CA GLY L 66 45.42 -20.08 17.84
C GLY L 66 46.13 -18.80 17.44
N GLY L 67 46.77 -18.85 16.26
CA GLY L 67 47.40 -17.68 15.66
C GLY L 67 46.42 -16.55 15.46
N VAL L 68 45.22 -16.90 14.98
CA VAL L 68 44.24 -15.88 14.67
C VAL L 68 43.85 -15.16 15.96
N ALA L 69 43.57 -15.95 17.00
CA ALA L 69 43.19 -15.39 18.29
C ALA L 69 44.35 -14.59 18.90
N ASN L 70 45.52 -15.24 19.00
CA ASN L 70 46.67 -14.64 19.67
C ASN L 70 47.05 -13.32 19.00
N THR L 71 46.97 -13.26 17.66
CA THR L 71 47.40 -12.05 16.95
C THR L 71 46.46 -10.89 17.28
N LEU L 72 45.22 -11.20 17.67
CA LEU L 72 44.27 -10.17 18.05
C LEU L 72 44.44 -9.83 19.52
N GLY L 73 45.31 -10.57 20.21
CA GLY L 73 45.53 -10.37 21.62
C GLY L 73 44.51 -11.14 22.46
N LEU L 74 43.92 -12.19 21.88
CA LEU L 74 42.97 -13.02 22.58
C LEU L 74 43.57 -14.41 22.83
N PRO L 75 43.19 -15.08 23.93
CA PRO L 75 43.59 -16.47 24.18
C PRO L 75 42.87 -17.43 23.25
N ASP L 76 43.47 -18.61 23.05
CA ASP L 76 42.95 -19.61 22.13
C ASP L 76 41.89 -20.44 22.83
N LEU L 77 40.73 -19.85 23.04
CA LEU L 77 39.70 -20.38 23.93
C LEU L 77 38.33 -20.24 23.28
N GLY L 78 38.27 -20.34 21.95
CA GLY L 78 37.03 -20.38 21.20
C GLY L 78 36.25 -19.07 21.26
N ILE L 79 36.93 -17.95 21.53
CA ILE L 79 36.35 -16.62 21.48
C ILE L 79 36.12 -16.21 20.03
N THR L 80 37.06 -16.59 19.17
CA THR L 80 37.02 -16.24 17.75
C THR L 80 35.85 -16.95 17.06
N ASP L 81 35.38 -16.36 15.96
CA ASP L 81 34.29 -16.92 15.17
C ASP L 81 34.74 -17.04 13.71
N LEU L 82 33.83 -17.53 12.85
CA LEU L 82 34.14 -17.73 11.45
C LEU L 82 34.75 -16.46 10.84
N HIS L 83 34.25 -15.28 11.23
CA HIS L 83 34.67 -14.05 10.59
C HIS L 83 36.11 -13.67 10.93
N ASP L 84 36.52 -13.93 12.17
CA ASP L 84 37.89 -13.65 12.57
C ASP L 84 38.83 -14.44 11.67
N VAL L 85 38.52 -15.73 11.44
CA VAL L 85 39.40 -16.62 10.70
C VAL L 85 39.29 -16.28 9.21
N LEU L 86 38.05 -16.09 8.74
CA LEU L 86 37.79 -15.86 7.33
C LEU L 86 38.53 -14.61 6.83
N GLU L 87 38.52 -13.56 7.64
CA GLU L 87 39.16 -12.31 7.27
C GLU L 87 40.68 -12.51 7.12
N ASP L 88 41.29 -13.26 8.04
CA ASP L 88 42.71 -13.54 7.97
C ASP L 88 43.02 -14.39 6.74
N ALA L 89 42.15 -15.38 6.45
CA ALA L 89 42.36 -16.24 5.30
C ALA L 89 42.29 -15.45 3.99
N ARG L 90 41.29 -14.56 3.89
CA ARG L 90 41.09 -13.79 2.66
C ARG L 90 42.34 -12.98 2.35
N ARG L 91 42.89 -12.34 3.37
CA ARG L 91 44.06 -11.48 3.22
C ARG L 91 45.22 -12.30 2.65
N ILE L 92 45.36 -13.54 3.10
CA ILE L 92 46.44 -14.39 2.63
C ILE L 92 46.18 -14.78 1.16
N THR L 93 45.00 -15.36 0.88
CA THR L 93 44.74 -15.89 -0.45
C THR L 93 44.75 -14.78 -1.50
N ALA L 94 44.57 -13.53 -1.09
CA ALA L 94 44.63 -12.41 -2.03
C ALA L 94 46.06 -12.22 -2.53
N ALA L 95 47.04 -12.68 -1.75
CA ALA L 95 48.42 -12.34 -2.02
C ALA L 95 49.17 -13.49 -2.67
N THR L 96 48.61 -14.71 -2.61
CA THR L 96 49.29 -15.89 -3.10
C THR L 96 48.30 -16.98 -3.46
N HIS L 97 48.63 -17.76 -4.50
CA HIS L 97 47.81 -18.88 -4.95
C HIS L 97 48.27 -20.16 -4.26
N LEU L 98 49.32 -20.07 -3.45
CA LEU L 98 49.84 -21.20 -2.69
C LEU L 98 48.70 -21.80 -1.86
N PRO L 99 48.40 -23.10 -2.01
CA PRO L 99 47.22 -23.67 -1.35
C PRO L 99 47.29 -23.46 0.15
N LEU L 100 46.17 -23.03 0.74
CA LEU L 100 46.14 -22.66 2.16
C LEU L 100 45.24 -23.63 2.92
N LEU L 101 45.76 -24.14 4.03
CA LEU L 101 45.00 -24.96 4.97
C LEU L 101 44.58 -24.07 6.14
N VAL L 102 43.28 -24.11 6.46
CA VAL L 102 42.73 -23.23 7.48
C VAL L 102 42.15 -24.05 8.62
N ASP L 103 42.53 -23.67 9.85
CA ASP L 103 42.02 -24.22 11.08
C ASP L 103 40.62 -23.66 11.34
N ILE L 104 39.61 -24.54 11.38
CA ILE L 104 38.25 -24.08 11.70
C ILE L 104 37.74 -24.72 13.01
N ASP L 105 38.67 -25.12 13.89
CA ASP L 105 38.33 -25.67 15.19
C ASP L 105 37.28 -26.77 15.08
N THR L 106 36.12 -26.55 15.68
CA THR L 106 35.08 -27.57 15.70
C THR L 106 33.92 -27.12 14.81
N GLY L 107 34.13 -26.08 14.02
CA GLY L 107 33.18 -25.67 12.99
C GLY L 107 32.37 -24.42 13.35
N PHE L 108 32.64 -23.85 14.54
CA PHE L 108 32.07 -22.59 14.99
C PHE L 108 30.61 -22.72 15.41
N GLY L 109 30.01 -23.91 15.28
CA GLY L 109 28.65 -24.11 15.73
C GLY L 109 28.05 -25.41 15.20
N GLY L 110 26.72 -25.41 15.06
CA GLY L 110 26.00 -26.58 14.57
C GLY L 110 26.14 -26.76 13.07
N ALA L 111 25.28 -27.64 12.55
CA ALA L 111 25.35 -28.09 11.16
C ALA L 111 25.30 -26.91 10.20
N PHE L 112 24.53 -25.88 10.55
CA PHE L 112 24.32 -24.78 9.62
C PHE L 112 25.54 -23.87 9.58
N THR L 113 26.14 -23.65 10.75
CA THR L 113 27.35 -22.87 10.87
C THR L 113 28.49 -23.56 10.11
N ILE L 114 28.57 -24.89 10.25
CA ILE L 114 29.62 -25.65 9.59
C ILE L 114 29.48 -25.48 8.08
N ALA L 115 28.25 -25.61 7.59
CA ALA L 115 27.96 -25.43 6.18
C ALA L 115 28.42 -24.04 5.73
N ARG L 116 28.12 -23.02 6.53
CA ARG L 116 28.49 -21.65 6.20
C ARG L 116 30.01 -21.53 6.16
N ALA L 117 30.66 -22.12 7.16
CA ALA L 117 32.11 -22.07 7.25
C ALA L 117 32.73 -22.65 5.98
N ILE L 118 32.23 -23.80 5.54
CA ILE L 118 32.77 -24.47 4.37
C ILE L 118 32.57 -23.58 3.14
N LYS L 119 31.33 -23.09 2.94
CA LYS L 119 31.01 -22.32 1.75
C LYS L 119 31.89 -21.07 1.70
N GLU L 120 32.03 -20.41 2.86
CA GLU L 120 32.74 -19.15 2.93
C GLU L 120 34.22 -19.37 2.69
N MET L 121 34.75 -20.48 3.22
CA MET L 121 36.17 -20.76 3.07
C MET L 121 36.45 -21.02 1.59
N GLU L 122 35.57 -21.77 0.93
CA GLU L 122 35.73 -22.00 -0.50
C GLU L 122 35.72 -20.67 -1.25
N ARG L 123 34.78 -19.78 -0.88
CA ARG L 123 34.64 -18.50 -1.55
C ARG L 123 35.89 -17.65 -1.33
N ALA L 124 36.61 -17.92 -0.24
CA ALA L 124 37.81 -17.16 0.09
C ALA L 124 39.05 -17.77 -0.58
N GLN L 125 38.85 -18.78 -1.44
CA GLN L 125 39.90 -19.36 -2.27
C GLN L 125 40.84 -20.20 -1.41
N VAL L 126 40.31 -20.71 -0.30
CA VAL L 126 41.03 -21.59 0.62
C VAL L 126 41.05 -22.99 -0.01
N ALA L 127 42.16 -23.71 0.24
CA ALA L 127 42.38 -25.02 -0.36
C ALA L 127 41.80 -26.13 0.51
N ALA L 128 41.90 -25.98 1.84
CA ALA L 128 41.55 -27.06 2.75
C ALA L 128 41.27 -26.51 4.14
N VAL L 129 40.44 -27.23 4.91
CA VAL L 129 40.23 -26.89 6.32
C VAL L 129 40.44 -28.14 7.18
N HIS L 130 40.67 -27.90 8.47
CA HIS L 130 40.65 -29.00 9.43
C HIS L 130 39.65 -28.69 10.55
N MET L 131 38.85 -29.72 10.85
CA MET L 131 37.81 -29.66 11.83
C MET L 131 38.00 -30.87 12.76
N GLU L 132 37.78 -30.67 14.07
CA GLU L 132 38.23 -31.64 15.07
C GLU L 132 37.06 -32.15 15.91
N ASP L 133 37.32 -33.20 16.70
CA ASP L 133 36.28 -33.96 17.39
C ASP L 133 36.21 -33.58 18.87
N GLN L 134 36.69 -32.39 19.22
CA GLN L 134 36.57 -31.90 20.58
C GLN L 134 35.16 -31.33 20.78
N VAL L 135 34.83 -31.08 22.05
CA VAL L 135 33.58 -30.41 22.38
C VAL L 135 33.72 -28.93 22.04
N ALA L 136 32.57 -28.22 22.05
CA ALA L 136 32.52 -26.77 21.99
C ALA L 136 32.09 -26.27 23.36
N GLN L 137 32.56 -25.07 23.68
CA GLN L 137 32.32 -24.44 24.97
C GLN L 137 30.92 -23.84 25.02
N LYS L 138 29.96 -24.73 25.30
CA LYS L 138 28.52 -24.46 25.20
C LYS L 138 27.96 -23.66 26.37
N ARG L 139 28.01 -24.19 27.60
CA ARG L 139 27.48 -23.44 28.72
C ARG L 139 28.49 -22.38 29.16
N CYS L 140 28.00 -21.41 29.96
CA CYS L 140 28.66 -20.13 30.13
C CYS L 140 30.10 -20.31 30.64
N GLY L 141 30.29 -20.94 31.81
CA GLY L 141 31.59 -20.96 32.48
C GLY L 141 32.63 -21.88 31.81
N HIS L 142 32.20 -22.69 30.84
CA HIS L 142 33.06 -23.74 30.30
C HIS L 142 34.54 -23.33 30.45
N ARG L 143 35.30 -24.06 31.29
CA ARG L 143 36.74 -23.91 31.41
C ARG L 143 37.48 -24.88 30.47
N PRO L 144 38.72 -24.53 30.03
CA PRO L 144 39.42 -25.33 29.03
C PRO L 144 40.17 -26.53 29.61
N GLY L 145 40.45 -27.53 28.78
CA GLY L 145 40.85 -28.86 29.18
C GLY L 145 40.05 -29.75 28.22
N LYS L 146 40.75 -30.54 27.40
CA LYS L 146 40.17 -31.09 26.18
C LYS L 146 39.29 -32.28 26.50
N GLU L 147 38.17 -32.41 25.80
CA GLU L 147 37.15 -33.41 25.97
C GLU L 147 36.63 -33.67 24.54
N LEU L 148 36.27 -34.92 24.22
CA LEU L 148 35.86 -35.27 22.87
C LEU L 148 34.34 -35.49 22.80
N VAL L 149 33.78 -35.27 21.60
CA VAL L 149 32.45 -35.71 21.30
C VAL L 149 32.54 -37.19 20.87
N ASN L 150 31.41 -37.92 20.95
CA ASN L 150 31.44 -39.31 20.54
C ASN L 150 31.55 -39.36 19.02
N THR L 151 31.83 -40.56 18.49
CA THR L 151 32.06 -40.75 17.08
C THR L 151 30.88 -40.22 16.25
N ASN L 152 29.66 -40.41 16.76
CA ASN L 152 28.45 -40.06 16.04
C ASN L 152 28.37 -38.56 15.80
N GLU L 153 28.67 -37.77 16.85
CA GLU L 153 28.56 -36.32 16.81
C GLU L 153 29.55 -35.75 15.79
N MET L 154 30.72 -36.39 15.69
CA MET L 154 31.75 -35.91 14.78
C MET L 154 31.35 -36.23 13.34
N VAL L 155 30.72 -37.40 13.15
CA VAL L 155 30.23 -37.80 11.84
C VAL L 155 29.21 -36.78 11.35
N ASP L 156 28.32 -36.37 12.27
CA ASP L 156 27.35 -35.31 12.02
C ASP L 156 28.04 -34.05 11.51
N ARG L 157 29.12 -33.63 12.19
CA ARG L 157 29.85 -32.45 11.78
C ARG L 157 30.37 -32.64 10.36
N ILE L 158 30.92 -33.83 10.09
CA ILE L 158 31.55 -34.10 8.81
C ILE L 158 30.49 -34.09 7.70
N LYS L 159 29.29 -34.63 8.00
CA LYS L 159 28.21 -34.69 7.03
C LYS L 159 27.80 -33.28 6.62
N ALA L 160 27.60 -32.41 7.63
CA ALA L 160 27.24 -31.03 7.40
C ALA L 160 28.24 -30.36 6.45
N ALA L 161 29.52 -30.68 6.62
CA ALA L 161 30.55 -30.06 5.82
C ALA L 161 30.55 -30.63 4.40
N VAL L 162 30.47 -31.96 4.28
CA VAL L 162 30.66 -32.60 2.97
C VAL L 162 29.45 -32.33 2.08
N ASP L 163 28.27 -32.18 2.70
CA ASP L 163 27.02 -31.93 2.00
C ASP L 163 27.09 -30.67 1.14
N VAL L 164 27.99 -29.74 1.46
CA VAL L 164 27.99 -28.46 0.76
C VAL L 164 29.34 -28.21 0.09
N LYS L 165 30.32 -29.09 0.30
CA LYS L 165 31.64 -28.78 -0.22
C LYS L 165 31.78 -29.28 -1.65
N SER L 166 32.60 -28.57 -2.44
CA SER L 166 33.00 -29.02 -3.76
C SER L 166 33.86 -30.27 -3.64
N ASN L 167 34.10 -30.95 -4.77
CA ASN L 167 34.85 -32.19 -4.78
C ASN L 167 36.32 -31.93 -4.43
N ASP L 168 36.93 -30.94 -5.09
CA ASP L 168 38.35 -30.70 -5.00
C ASP L 168 38.75 -30.22 -3.61
N PHE L 169 37.82 -29.52 -2.94
CA PHE L 169 38.12 -28.90 -1.65
C PHE L 169 38.37 -29.98 -0.62
N VAL L 170 39.42 -29.79 0.18
CA VAL L 170 39.91 -30.81 1.08
C VAL L 170 39.39 -30.56 2.50
N LEU L 171 38.63 -31.55 3.02
CA LEU L 171 38.25 -31.58 4.42
C LEU L 171 39.17 -32.54 5.17
N ILE L 172 39.97 -32.00 6.08
CA ILE L 172 40.81 -32.80 6.95
C ILE L 172 40.13 -32.95 8.30
N ALA L 173 39.70 -34.18 8.63
CA ALA L 173 39.14 -34.45 9.94
C ALA L 173 40.30 -34.68 10.91
N ARG L 174 40.24 -33.93 12.02
CA ARG L 174 41.28 -33.97 13.05
C ARG L 174 40.73 -34.70 14.26
N THR L 175 41.52 -35.67 14.75
CA THR L 175 41.14 -36.39 15.95
C THR L 175 42.13 -36.09 17.07
N ASP L 176 41.57 -35.78 18.25
CA ASP L 176 42.34 -35.44 19.42
C ASP L 176 42.33 -36.60 20.40
N ALA L 177 42.18 -37.81 19.88
CA ALA L 177 41.71 -38.96 20.66
C ALA L 177 42.85 -39.80 21.19
N TYR L 178 44.03 -39.72 20.57
CA TYR L 178 45.16 -40.57 20.91
C TYR L 178 45.49 -40.52 22.41
N ALA L 179 45.65 -39.30 22.95
CA ALA L 179 46.13 -39.13 24.32
C ALA L 179 45.07 -39.58 25.33
N VAL L 180 43.81 -39.72 24.88
CA VAL L 180 42.70 -39.95 25.79
C VAL L 180 42.22 -41.40 25.70
N GLU L 181 42.23 -41.98 24.49
CA GLU L 181 41.53 -43.23 24.20
C GLU L 181 42.48 -44.26 23.62
N GLY L 182 43.66 -43.79 23.19
CA GLY L 182 44.70 -44.71 22.73
C GLY L 182 44.58 -45.03 21.24
N LEU L 183 45.64 -45.62 20.70
CA LEU L 183 45.87 -45.77 19.27
C LEU L 183 44.70 -46.48 18.57
N LYS L 184 44.24 -47.58 19.17
CA LYS L 184 43.28 -48.43 18.49
C LYS L 184 41.96 -47.67 18.30
N ALA L 185 41.49 -47.01 19.37
CA ALA L 185 40.24 -46.27 19.37
C ALA L 185 40.31 -45.07 18.43
N THR L 186 41.52 -44.51 18.29
CA THR L 186 41.80 -43.35 17.46
C THR L 186 41.70 -43.75 15.99
N ILE L 187 42.22 -44.93 15.65
CA ILE L 187 42.17 -45.43 14.28
C ILE L 187 40.72 -45.71 13.90
N ASP L 188 39.92 -46.15 14.88
CA ASP L 188 38.52 -46.47 14.64
C ASP L 188 37.77 -45.22 14.25
N ARG L 189 37.95 -44.17 15.07
CA ARG L 189 37.38 -42.86 14.82
C ARG L 189 37.76 -42.37 13.42
N ALA L 190 39.08 -42.36 13.13
CA ALA L 190 39.58 -41.83 11.88
C ALA L 190 38.93 -42.54 10.70
N CYS L 191 38.68 -43.84 10.86
CA CYS L 191 38.19 -44.66 9.76
C CYS L 191 36.72 -44.36 9.50
N THR L 192 35.93 -44.24 10.58
CA THR L 192 34.56 -43.78 10.51
C THR L 192 34.49 -42.40 9.87
N TYR L 193 35.46 -41.52 10.21
CA TYR L 193 35.48 -40.15 9.71
C TYR L 193 35.70 -40.14 8.21
N VAL L 194 36.60 -41.01 7.73
CA VAL L 194 36.90 -41.12 6.31
C VAL L 194 35.65 -41.60 5.58
N GLU L 195 34.96 -42.54 6.23
CA GLU L 195 33.75 -43.15 5.72
C GLU L 195 32.68 -42.07 5.55
N ALA L 196 32.61 -41.15 6.52
CA ALA L 196 31.60 -40.10 6.54
C ALA L 196 31.90 -39.01 5.51
N GLY L 197 33.11 -38.97 4.96
CA GLY L 197 33.43 -38.11 3.83
C GLY L 197 34.73 -37.30 3.98
N ALA L 198 35.44 -37.47 5.10
CA ALA L 198 36.73 -36.79 5.29
C ALA L 198 37.72 -37.23 4.22
N ASP L 199 38.50 -36.28 3.72
CA ASP L 199 39.44 -36.52 2.63
C ASP L 199 40.79 -36.97 3.17
N MET L 200 41.18 -36.42 4.31
CA MET L 200 42.48 -36.62 4.93
C MET L 200 42.31 -36.59 6.44
N ILE L 201 43.33 -37.06 7.17
CA ILE L 201 43.24 -37.15 8.62
C ILE L 201 44.41 -36.44 9.29
N PHE L 202 44.06 -35.67 10.34
CA PHE L 202 44.99 -34.93 11.17
C PHE L 202 45.07 -35.68 12.49
N ALA L 203 46.16 -36.43 12.67
CA ALA L 203 46.39 -37.27 13.83
C ALA L 203 47.14 -36.44 14.87
N GLU L 204 46.38 -35.84 15.78
CA GLU L 204 46.90 -34.84 16.69
C GLU L 204 47.64 -35.53 17.84
N ALA L 205 48.91 -35.12 18.02
CA ALA L 205 49.70 -35.41 19.20
C ALA L 205 49.94 -36.91 19.38
N LEU L 206 50.20 -37.63 18.28
CA LEU L 206 50.82 -38.94 18.37
C LEU L 206 52.23 -38.76 18.93
N GLU L 207 52.49 -39.47 20.06
CA GLU L 207 53.66 -39.23 20.88
C GLU L 207 54.83 -40.08 20.37
N ASN L 208 54.56 -41.10 19.56
CA ASN L 208 55.61 -42.04 19.21
C ASN L 208 55.57 -42.34 17.73
N ILE L 209 56.72 -42.15 17.04
CA ILE L 209 56.75 -42.25 15.59
C ILE L 209 56.42 -43.67 15.13
N ASN L 210 56.41 -44.65 16.05
CA ASN L 210 56.21 -46.04 15.62
C ASN L 210 54.72 -46.32 15.46
N ASP L 211 53.90 -45.39 15.98
CA ASP L 211 52.45 -45.46 15.84
C ASP L 211 52.02 -45.15 14.41
N TYR L 212 52.78 -44.33 13.68
CA TYR L 212 52.30 -43.77 12.41
C TYR L 212 52.11 -44.86 11.35
N PRO L 213 53.07 -45.78 11.11
CA PRO L 213 52.96 -46.71 9.98
C PRO L 213 51.68 -47.57 10.04
N THR L 214 51.27 -47.93 11.25
CA THR L 214 50.07 -48.72 11.48
C THR L 214 48.83 -47.83 11.34
N PHE L 215 48.94 -46.57 11.78
CA PHE L 215 47.85 -45.61 11.67
C PHE L 215 47.59 -45.27 10.21
N CYS L 216 48.66 -44.95 9.47
CA CYS L 216 48.55 -44.51 8.08
C CYS L 216 48.01 -45.63 7.19
N LYS L 217 48.39 -46.88 7.48
CA LYS L 217 47.96 -48.03 6.69
C LYS L 217 46.46 -48.27 6.90
N ALA L 218 46.00 -48.11 8.16
CA ALA L 218 44.62 -48.39 8.53
C ALA L 218 43.64 -47.36 7.97
N VAL L 219 44.05 -46.08 7.91
CA VAL L 219 43.13 -45.01 7.54
C VAL L 219 43.15 -44.77 6.04
N LYS L 220 44.25 -45.13 5.39
CA LYS L 220 44.37 -45.19 3.93
C LYS L 220 44.59 -43.80 3.34
N VAL L 221 43.78 -42.82 3.77
CA VAL L 221 43.85 -41.47 3.23
C VAL L 221 45.11 -40.78 3.77
N PRO L 222 45.62 -39.74 3.11
CA PRO L 222 46.81 -39.02 3.60
C PRO L 222 46.67 -38.54 5.04
N VAL L 223 47.77 -38.63 5.78
CA VAL L 223 47.78 -38.28 7.20
C VAL L 223 48.72 -37.10 7.44
N LEU L 224 48.25 -36.18 8.29
CA LEU L 224 49.02 -35.01 8.68
C LEU L 224 49.57 -35.23 10.09
N ALA L 225 50.85 -34.92 10.28
CA ALA L 225 51.45 -34.92 11.60
C ALA L 225 51.76 -33.49 12.00
N ASN L 226 51.45 -33.17 13.26
CA ASN L 226 51.56 -31.81 13.77
C ASN L 226 52.84 -31.66 14.60
N MET L 227 53.87 -31.11 13.95
CA MET L 227 55.17 -30.91 14.57
C MET L 227 55.25 -29.54 15.22
N THR L 228 54.43 -29.32 16.25
CA THR L 228 54.46 -28.07 16.98
C THR L 228 55.48 -28.20 18.13
N GLU L 229 56.11 -27.05 18.47
CA GLU L 229 57.11 -27.02 19.51
C GLU L 229 56.41 -26.91 20.87
N PHE L 230 57.16 -27.28 21.92
CA PHE L 230 56.75 -27.10 23.30
C PHE L 230 55.43 -27.85 23.54
N GLY L 231 55.26 -29.01 22.88
CA GLY L 231 54.08 -29.84 23.07
C GLY L 231 54.41 -31.22 23.62
N LYS L 232 53.56 -32.21 23.30
CA LYS L 232 53.67 -33.54 23.87
C LYS L 232 54.34 -34.48 22.86
N THR L 233 54.79 -33.92 21.74
CA THR L 233 55.41 -34.70 20.68
C THR L 233 56.89 -34.36 20.64
N PRO L 234 57.76 -35.37 20.40
CA PRO L 234 59.15 -35.11 20.03
C PRO L 234 59.15 -34.47 18.64
N LEU L 235 60.19 -33.68 18.34
CA LEU L 235 60.34 -33.13 17.01
C LEU L 235 61.12 -34.10 16.13
N TYR L 236 60.37 -34.89 15.35
CA TYR L 236 60.95 -35.71 14.30
C TYR L 236 61.18 -34.86 13.05
N THR L 237 61.94 -35.40 12.10
CA THR L 237 62.18 -34.74 10.82
C THR L 237 61.08 -35.11 9.82
N ALA L 238 61.00 -34.30 8.76
CA ALA L 238 60.07 -34.55 7.67
C ALA L 238 60.35 -35.94 7.08
N ALA L 239 61.64 -36.21 6.80
CA ALA L 239 62.09 -37.46 6.22
C ALA L 239 61.63 -38.64 7.09
N GLN L 240 61.86 -38.54 8.40
CA GLN L 240 61.49 -39.59 9.34
C GLN L 240 60.00 -39.86 9.22
N LEU L 241 59.21 -38.78 9.24
CA LEU L 241 57.77 -38.90 9.29
C LEU L 241 57.26 -39.49 7.98
N ALA L 242 57.89 -39.10 6.87
CA ALA L 242 57.55 -39.66 5.56
C ALA L 242 57.81 -41.16 5.53
N ASP L 243 58.94 -41.59 6.10
CA ASP L 243 59.34 -43.00 6.12
C ASP L 243 58.35 -43.82 6.93
N HIS L 244 57.61 -43.17 7.84
CA HIS L 244 56.65 -43.85 8.70
C HIS L 244 55.23 -43.71 8.15
N GLY L 245 55.11 -43.16 6.92
CA GLY L 245 53.88 -43.18 6.15
C GLY L 245 53.06 -41.91 6.20
N VAL L 246 53.64 -40.85 6.78
CA VAL L 246 52.97 -39.57 6.96
C VAL L 246 53.12 -38.77 5.65
N LYS L 247 52.05 -38.10 5.24
CA LYS L 247 52.02 -37.40 3.95
C LYS L 247 52.13 -35.88 4.10
N MET L 248 51.70 -35.35 5.26
CA MET L 248 51.81 -33.92 5.51
C MET L 248 52.42 -33.68 6.89
N VAL L 249 53.29 -32.66 6.96
CA VAL L 249 53.88 -32.25 8.23
C VAL L 249 53.62 -30.76 8.44
N LEU L 250 53.01 -30.43 9.59
CA LEU L 250 52.52 -29.09 9.89
C LEU L 250 53.47 -28.40 10.88
N TYR L 251 53.80 -27.14 10.60
CA TYR L 251 54.60 -26.27 11.46
C TYR L 251 53.73 -25.07 11.83
N PRO L 252 52.76 -25.24 12.74
CA PRO L 252 51.69 -24.27 12.93
C PRO L 252 52.06 -22.86 13.40
N ARG L 253 53.02 -22.75 14.31
CA ARG L 253 53.27 -21.43 14.92
C ARG L 253 54.75 -21.04 14.86
N SER L 254 55.57 -21.90 14.26
CA SER L 254 57.03 -21.81 14.37
C SER L 254 57.52 -20.39 14.06
N ALA L 255 57.10 -19.83 12.92
CA ALA L 255 57.60 -18.52 12.53
C ALA L 255 57.09 -17.45 13.48
N ASP L 256 55.82 -17.58 13.88
CA ASP L 256 55.16 -16.61 14.72
C ASP L 256 55.93 -16.45 16.03
N ARG L 257 56.36 -17.57 16.61
CA ARG L 257 57.05 -17.58 17.89
C ARG L 257 58.38 -16.81 17.78
N ALA L 258 59.08 -17.00 16.65
CA ALA L 258 60.32 -16.30 16.41
C ALA L 258 60.06 -14.81 16.20
N MET L 259 58.98 -14.51 15.48
CA MET L 259 58.59 -13.13 15.20
C MET L 259 58.37 -12.37 16.51
N SER L 260 57.69 -13.02 17.45
CA SER L 260 57.34 -12.37 18.70
C SER L 260 58.60 -12.04 19.51
N LYS L 261 59.50 -13.01 19.63
CA LYS L 261 60.77 -12.80 20.31
C LYS L 261 61.52 -11.62 19.69
N ALA L 262 61.62 -11.61 18.36
CA ALA L 262 62.34 -10.57 17.64
C ALA L 262 61.74 -9.19 17.93
N ALA L 263 60.41 -9.13 17.93
CA ALA L 263 59.68 -7.88 18.12
C ALA L 263 59.94 -7.35 19.53
N LEU L 264 59.81 -8.24 20.52
CA LEU L 264 59.99 -7.88 21.92
C LEU L 264 61.40 -7.29 22.09
N ALA L 265 62.39 -7.95 21.46
CA ALA L 265 63.77 -7.52 21.58
C ALA L 265 63.96 -6.10 21.02
N VAL L 266 63.38 -5.82 19.85
CA VAL L 266 63.46 -4.49 19.28
C VAL L 266 62.86 -3.47 20.24
N TYR L 267 61.73 -3.82 20.85
CA TYR L 267 61.04 -2.89 21.73
C TYR L 267 61.89 -2.61 22.97
N GLU L 268 62.47 -3.66 23.55
CA GLU L 268 63.35 -3.52 24.70
C GLU L 268 64.53 -2.60 24.34
N ASP L 269 65.12 -2.85 23.16
CA ASP L 269 66.28 -2.11 22.67
C ASP L 269 65.95 -0.62 22.61
N ILE L 270 64.82 -0.28 21.97
CA ILE L 270 64.41 1.10 21.79
C ILE L 270 64.15 1.76 23.15
N LYS L 271 63.61 0.98 24.10
CA LYS L 271 63.24 1.51 25.40
C LYS L 271 64.50 1.83 26.20
N LYS L 272 65.46 0.89 26.19
CA LYS L 272 66.64 0.98 27.03
C LYS L 272 67.63 2.02 26.49
N HIS L 273 67.84 2.01 25.16
CA HIS L 273 68.96 2.73 24.58
C HIS L 273 68.54 4.03 23.89
N GLY L 274 67.22 4.28 23.78
CA GLY L 274 66.71 5.52 23.17
C GLY L 274 66.93 5.59 21.66
N VAL L 275 67.26 4.44 21.05
CA VAL L 275 67.58 4.31 19.63
C VAL L 275 67.68 2.82 19.29
N GLN L 276 67.52 2.49 18.01
CA GLN L 276 67.37 1.10 17.58
C GLN L 276 68.66 0.54 16.95
N THR L 277 69.78 1.24 17.16
CA THR L 277 71.04 0.91 16.50
C THR L 277 71.38 -0.58 16.71
N ALA L 278 71.24 -1.04 17.96
CA ALA L 278 71.62 -2.40 18.32
C ALA L 278 70.79 -3.43 17.56
N SER L 279 69.58 -3.02 17.11
CA SER L 279 68.64 -3.93 16.48
C SER L 279 68.88 -4.05 14.97
N LEU L 280 69.53 -3.04 14.36
CA LEU L 280 69.67 -2.96 12.92
C LEU L 280 70.10 -4.30 12.32
N PRO L 281 71.14 -4.98 12.84
CA PRO L 281 71.60 -6.23 12.23
C PRO L 281 70.55 -7.34 12.24
N PHE L 282 69.50 -7.16 13.04
CA PHE L 282 68.48 -8.19 13.20
C PHE L 282 67.24 -7.89 12.38
N MET L 283 67.31 -6.85 11.54
CA MET L 283 66.19 -6.40 10.72
C MET L 283 66.36 -6.84 9.27
N GLN L 284 65.29 -7.30 8.64
CA GLN L 284 65.29 -7.50 7.19
C GLN L 284 65.48 -6.14 6.51
N THR L 285 66.28 -6.12 5.44
CA THR L 285 66.63 -4.86 4.81
C THR L 285 65.48 -4.35 3.96
N ARG L 286 65.47 -3.03 3.74
CA ARG L 286 64.52 -2.39 2.85
C ARG L 286 64.50 -3.10 1.49
N GLU L 287 65.69 -3.49 1.01
CA GLU L 287 65.82 -4.05 -0.32
C GLU L 287 65.23 -5.44 -0.40
N ALA L 288 65.42 -6.24 0.67
CA ALA L 288 64.87 -7.58 0.72
C ALA L 288 63.34 -7.52 0.74
N LEU L 289 62.82 -6.52 1.48
CA LEU L 289 61.40 -6.26 1.58
C LEU L 289 60.85 -5.92 0.19
N TYR L 290 61.52 -4.98 -0.49
CA TYR L 290 61.15 -4.60 -1.85
C TYR L 290 61.16 -5.81 -2.77
N GLU L 291 62.11 -6.72 -2.57
CA GLU L 291 62.21 -7.91 -3.39
C GLU L 291 60.98 -8.79 -3.20
N VAL L 292 60.57 -9.01 -1.95
CA VAL L 292 59.44 -9.88 -1.66
C VAL L 292 58.16 -9.29 -2.27
N LEU L 293 58.05 -7.96 -2.28
CA LEU L 293 56.82 -7.27 -2.68
C LEU L 293 56.79 -7.02 -4.19
N ASN L 294 57.96 -7.06 -4.84
CA ASN L 294 58.13 -6.61 -6.22
C ASN L 294 57.95 -5.09 -6.32
N TYR L 295 58.39 -4.38 -5.26
CA TYR L 295 58.11 -2.98 -5.10
C TYR L 295 58.61 -2.15 -6.28
N HIS L 296 59.81 -2.49 -6.80
CA HIS L 296 60.45 -1.67 -7.82
C HIS L 296 59.64 -1.64 -9.11
N ALA L 297 59.05 -2.78 -9.49
CA ALA L 297 58.22 -2.87 -10.70
C ALA L 297 57.04 -1.89 -10.66
N TYR L 298 56.57 -1.58 -9.44
CA TYR L 298 55.43 -0.69 -9.28
C TYR L 298 55.88 0.78 -9.29
N GLU L 299 56.97 1.10 -8.56
CA GLU L 299 57.39 2.49 -8.43
C GLU L 299 57.99 2.99 -9.74
N ASP L 300 58.52 2.07 -10.55
CA ASP L 300 59.05 2.39 -11.88
C ASP L 300 57.92 2.81 -12.80
N LYS L 301 56.81 2.04 -12.78
CA LYS L 301 55.62 2.33 -13.56
C LYS L 301 55.02 3.67 -13.14
N LEU L 302 55.22 4.03 -11.87
CA LEU L 302 54.67 5.25 -11.27
C LEU L 302 55.45 6.48 -11.74
N ASN L 303 56.76 6.32 -11.96
CA ASN L 303 57.62 7.41 -12.43
C ASN L 303 57.42 7.67 -13.92
N GLN L 304 57.08 6.61 -14.67
CA GLN L 304 56.79 6.69 -16.09
C GLN L 304 55.45 7.38 -16.34
N LEU L 305 54.53 7.28 -15.36
CA LEU L 305 53.23 7.92 -15.40
C LEU L 305 53.34 9.41 -15.06
N PHE L 306 54.28 9.75 -14.17
CA PHE L 306 54.50 11.12 -13.73
C PHE L 306 55.34 11.91 -14.75
N LYS L 307 55.98 11.21 -15.69
CA LYS L 307 56.85 11.80 -16.70
C LYS L 307 56.05 12.07 -17.97
N ARG L 308 54.87 11.44 -18.08
CA ARG L 308 54.00 11.59 -19.23
C ARG L 308 52.77 12.40 -18.81
C1 ICT M . -3.27 38.04 -51.64
O1 ICT M . -2.14 38.56 -51.57
O2 ICT M . -3.83 37.31 -50.75
C2 ICT M . -4.05 38.29 -52.94
O7 ICT M . -5.45 38.31 -52.71
C3 ICT M . -3.63 37.18 -53.94
C4 ICT M . -2.36 37.57 -54.73
C5 ICT M . -1.38 36.42 -54.90
O3 ICT M . -1.61 35.31 -54.32
O4 ICT M . -0.39 36.63 -55.59
C6 ICT M . -4.78 36.72 -54.84
O5 ICT M . -5.04 37.40 -55.85
O6 ICT M . -5.40 35.69 -54.52
C1 EDO N . 11.00 59.52 -28.66
O1 EDO N . 10.66 59.86 -27.33
C2 EDO N . 9.75 58.97 -29.23
O2 EDO N . 8.93 59.95 -29.84
C1 EDO O . -13.46 53.98 -34.01
O1 EDO O . -12.07 53.98 -33.89
C2 EDO O . -13.79 52.67 -34.62
O2 EDO O . -14.71 51.89 -33.86
MG MG P . -5.83 36.83 -50.35
CL CL Q . 1.58 56.03 -34.83
C1 ICT R . -8.19 47.06 -8.25
O1 ICT R . -9.27 46.44 -8.39
O2 ICT R . -7.05 46.76 -8.74
C2 ICT R . -8.24 48.30 -7.33
O7 ICT R . -7.44 49.36 -7.84
C3 ICT R . -7.78 47.80 -5.94
C4 ICT R . -9.02 47.45 -5.13
C5 ICT R . -9.00 46.06 -4.51
O3 ICT R . -8.10 45.26 -4.87
O4 ICT R . -9.88 45.77 -3.67
C6 ICT R . -6.75 48.64 -5.16
O5 ICT R . -7.18 49.35 -4.23
O6 ICT R . -5.53 48.57 -5.48
C1 EDO S . -8.48 56.19 -31.79
O1 EDO S . -7.13 55.76 -31.88
C2 EDO S . -9.45 55.06 -31.63
O2 EDO S . -10.81 55.46 -31.59
C1 EDO T . 1.18 71.46 -18.96
O1 EDO T . 2.42 71.21 -18.30
C2 EDO T . 0.31 70.26 -19.14
O2 EDO T . 0.47 69.58 -20.39
C1 EDO U . -19.71 68.16 4.17
O1 EDO U . -18.65 67.78 5.02
C2 EDO U . -20.89 67.39 4.61
O2 EDO U . -22.07 67.85 3.99
C1 EDO V . -23.02 10.87 -3.53
O1 EDO V . -21.91 11.58 -2.98
C2 EDO V . -22.65 9.93 -4.62
O2 EDO V . -22.42 10.55 -5.88
MG MG W . -5.28 47.76 -9.16
CL CL X . -20.95 47.62 -29.42
C1 ICT Y . -21.80 24.40 -23.97
O1 ICT Y . -21.86 24.98 -22.87
O2 ICT Y . -21.25 24.84 -25.02
C2 ICT Y . -22.52 23.06 -24.07
O7 ICT Y . -21.87 22.19 -24.99
C3 ICT Y . -24.01 23.33 -24.38
C4 ICT Y . -24.75 23.41 -23.03
C5 ICT Y . -25.70 24.57 -22.81
O3 ICT Y . -25.50 25.70 -23.36
O4 ICT Y . -26.63 24.37 -22.01
C6 ICT Y . -24.64 22.31 -25.33
O5 ICT Y . -25.26 21.36 -24.82
O6 ICT Y . -24.50 22.46 -26.58
C1 EDO Z . 7.34 32.47 0.87
O1 EDO Z . 7.80 33.72 0.36
C2 EDO Z . 7.67 31.26 0.05
O2 EDO Z . 8.97 31.31 -0.54
MG MG AA . -20.88 23.97 -26.91
CL CL BA . 0.57 25.21 -13.25
C1 EDO CA . 2.60 19.31 -26.51
O1 EDO CA . 3.52 19.18 -25.44
C2 EDO CA . 3.32 19.26 -27.83
O2 EDO CA . 2.45 19.18 -28.96
C1 ICT DA . 19.10 40.41 -30.76
O1 ICT DA . 18.96 40.14 -31.98
O2 ICT DA . 18.19 40.78 -29.96
C2 ICT DA . 20.53 40.33 -30.22
O7 ICT DA . 20.55 39.98 -28.84
C3 ICT DA . 21.24 41.67 -30.49
C4 ICT DA . 21.89 41.61 -31.88
C5 ICT DA . 21.90 42.94 -32.63
O3 ICT DA . 21.22 43.92 -32.22
O4 ICT DA . 22.60 42.99 -33.67
C6 ICT DA . 22.15 42.19 -29.36
O5 ICT DA . 23.34 41.85 -29.38
O6 ICT DA . 21.64 42.92 -28.48
C1 EDO EA . 14.18 40.04 -7.75
O1 EDO EA . 12.87 39.49 -7.69
C2 EDO EA . 14.84 39.94 -9.09
O2 EDO EA . 14.85 38.62 -9.67
C1 EDO FA . 7.37 21.14 -21.17
O1 EDO FA . 7.88 21.66 -19.95
C2 EDO FA . 6.00 21.68 -21.49
O2 EDO FA . 5.46 21.19 -22.69
C1 EDO GA . 30.82 17.93 -32.12
O1 EDO GA . 31.45 17.97 -33.38
C2 EDO GA . 31.74 18.02 -30.94
O2 EDO GA . 32.43 19.26 -31.00
C1 EDO HA . 35.13 45.41 -35.11
O1 EDO HA . 34.19 46.39 -34.71
C2 EDO HA . 35.26 45.45 -36.58
O2 EDO HA . 36.41 44.77 -37.06
C1 EDO IA . 6.31 23.17 -55.58
O1 EDO IA . 6.73 24.05 -56.61
C2 EDO IA . 6.76 21.78 -55.85
O2 EDO IA . 6.69 20.96 -54.71
C1 EDO JA . -0.11 31.75 -52.08
O1 EDO JA . -1.21 32.64 -52.37
C2 EDO JA . -0.53 30.32 -52.26
O2 EDO JA . 0.02 29.42 -51.30
MG MG KA . 18.18 41.15 -27.89
CL CL LA . 5.10 21.21 -36.97
C1 ICT MA . -39.11 -30.63 42.81
O1 ICT MA . -38.03 -31.21 43.03
O2 ICT MA . -39.40 -29.94 41.79
C2 ICT MA . -40.17 -30.72 43.92
O7 ICT MA . -41.47 -30.59 43.38
C3 ICT MA . -39.84 -29.67 45.02
C4 ICT MA . -38.79 -30.24 45.98
C5 ICT MA . -37.79 -29.21 46.53
O3 ICT MA . -37.20 -28.43 45.72
O4 ICT MA . -37.59 -29.22 47.75
C6 ICT MA . -41.05 -29.03 45.73
O5 ICT MA . -41.62 -29.70 46.62
O6 ICT MA . -41.42 -27.88 45.37
C1 PEG NA . -62.80 -22.15 26.61
O1 PEG NA . -63.06 -23.54 26.73
C2 PEG NA . -61.34 -21.88 26.40
O2 PEG NA . -60.61 -22.19 27.58
C3 PEG NA . -59.42 -22.94 27.32
C4 PEG NA . -59.52 -24.30 27.97
O4 PEG NA . -58.28 -24.97 28.06
MG MG OA . -40.85 -28.67 40.92
CL CL PA . -35.47 -50.16 28.33
C1 ICT QA . -31.33 -40.20 0.11
O1 ICT QA . -31.84 -39.13 -0.27
O2 ICT QA . -30.68 -40.37 1.19
C2 ICT QA . -31.51 -41.40 -0.82
O7 ICT QA . -31.43 -42.62 -0.12
C3 ICT QA . -30.47 -41.34 -1.97
C4 ICT QA . -31.11 -40.66 -3.19
C5 ICT QA . -30.46 -39.35 -3.57
O3 ICT QA . -29.55 -38.88 -2.83
O4 ICT QA . -30.87 -38.79 -4.60
C6 ICT QA . -29.75 -42.64 -2.35
O5 ICT QA . -30.14 -43.27 -3.36
O6 ICT QA . -28.80 -43.00 -1.64
C1 EDO RA . -38.90 -62.31 8.95
O1 EDO RA . -38.44 -62.24 7.61
C2 EDO RA . -40.05 -61.42 9.17
O2 EDO RA . -41.13 -62.17 9.72
C1 EDO SA . -44.13 -57.45 -17.74
O1 EDO SA . -45.02 -56.68 -16.95
C2 EDO SA . -43.12 -58.13 -16.90
O2 EDO SA . -43.56 -58.12 -15.55
C1 EDO TA . -31.48 -2.10 -4.84
O1 EDO TA . -30.65 -1.16 -4.14
C2 EDO TA . -30.66 -3.08 -5.57
O2 EDO TA . -31.11 -3.22 -6.90
MG MG UA . -29.61 -41.89 2.16
CL CL VA . -50.36 -35.09 15.40
C1 ICT WA . 55.09 4.51 7.52
O1 ICT WA . 55.41 3.44 8.06
O2 ICT WA . 54.03 4.71 6.87
C2 ICT WA . 56.09 5.66 7.65
O7 ICT WA . 55.44 6.93 7.58
C3 ICT WA . 57.18 5.51 6.57
C4 ICT WA . 58.46 4.89 7.15
C5 ICT WA . 59.14 3.94 6.18
O3 ICT WA . 58.69 3.84 5.02
O4 ICT WA . 60.12 3.29 6.58
C6 ICT WA . 57.52 6.79 5.81
O5 ICT WA . 58.52 7.45 6.19
O6 ICT WA . 56.78 7.12 4.85
C1 EDO XA . 69.85 -17.86 12.36
O1 EDO XA . 69.48 -16.53 12.15
C2 EDO XA . 68.71 -18.64 12.88
O2 EDO XA . 68.42 -19.75 12.04
C1 EDO YA . 33.82 9.03 18.82
O1 EDO YA . 32.47 9.10 18.37
C2 EDO YA . 34.02 9.11 20.30
O2 EDO YA . 33.98 7.83 20.93
C1 EDO ZA . 66.37 24.14 -2.00
O1 EDO ZA . 66.71 24.72 -0.77
C2 EDO ZA . 66.45 22.65 -1.93
O2 EDO ZA . 65.58 22.05 -2.86
C1 EDO AB . 72.15 7.99 6.53
O1 EDO AB . 71.44 9.20 6.31
C2 EDO AB . 72.59 7.31 5.28
O2 EDO AB . 72.67 5.90 5.42
C1 EDO BB . 33.10 4.37 24.17
O1 EDO BB . 33.30 5.01 22.91
C2 EDO BB . 33.32 2.89 24.19
O2 EDO BB . 34.55 2.39 24.73
MG MG CB . 52.99 6.08 5.67
CL CL DB . 41.31 -2.90 26.36
C1 ICT EB . -41.37 -13.24 11.21
O1 ICT EB . -41.21 -13.98 10.20
O2 ICT EB . -41.36 -13.63 12.41
C2 ICT EB . -41.61 -11.75 10.95
O7 ICT EB . -41.20 -10.98 12.07
C3 ICT EB . -43.10 -11.50 10.59
C4 ICT EB . -43.36 -11.54 9.08
C5 ICT EB . -44.43 -12.53 8.62
O3 ICT EB . -44.35 -13.73 8.99
O4 ICT EB . -45.35 -12.10 7.87
C6 ICT EB . -43.79 -10.26 11.23
O5 ICT EB . -43.79 -9.20 10.56
O6 ICT EB . -44.31 -10.40 12.37
C1 EDO FB . -26.01 1.97 23.16
O1 EDO FB . -26.50 2.84 22.15
C2 EDO FB . -26.78 2.09 24.44
O2 EDO FB . -28.12 2.54 24.26
C1 EDO GB . -37.45 12.58 1.49
O1 EDO GB . -36.81 11.60 2.26
C2 EDO GB . -37.91 11.92 0.25
O2 EDO GB . -36.92 11.05 -0.27
C1 EDO HB . -12.59 -29.96 2.58
O1 EDO HB . -13.66 -29.39 3.34
C2 EDO HB . -12.67 -31.43 2.74
O2 EDO HB . -13.24 -31.95 1.56
C1 EDO IB . -15.69 -18.79 19.15
O1 EDO IB . -16.78 -18.61 20.05
C2 EDO IB . -15.72 -20.15 18.52
O2 EDO IB . -15.92 -20.15 17.11
C1 EDO JB . -19.41 -15.72 22.57
O1 EDO JB . -18.60 -16.70 21.91
C2 EDO JB . -19.25 -15.75 24.05
O2 EDO JB . -20.48 -15.85 24.78
MG MG KB . -41.79 -13.22 14.42
CL CL LB . -18.48 -22.12 8.35
C1 ICT MB . 13.90 -9.80 15.79
O1 ICT MB . 13.46 -9.05 14.88
O2 ICT MB . 14.98 -10.46 15.77
C2 ICT MB . 13.02 -9.96 17.04
O7 ICT MB . 13.79 -10.16 18.22
C3 ICT MB . 12.02 -11.09 16.76
C4 ICT MB . 10.83 -10.43 16.05
C5 ICT MB . 10.39 -11.18 14.80
O3 ICT MB . 11.27 -11.75 14.11
O4 ICT MB . 9.18 -11.17 14.52
C6 ICT MB . 11.59 -12.03 17.91
O5 ICT MB . 10.51 -11.79 18.47
O6 ICT MB . 12.32 -13.01 18.20
C1 EDO NB . 31.28 20.21 -6.85
O1 EDO NB . 32.35 21.03 -6.44
C2 EDO NB . 31.37 18.78 -6.44
O2 EDO NB . 30.21 18.04 -6.80
MG MG OB . 16.04 -11.54 17.21
CL CL PB . 25.95 11.47 12.75
C1 ICT QB . 23.81 3.49 -9.52
O1 ICT QB . 22.95 2.80 -8.95
O2 ICT QB . 24.84 3.97 -8.99
C2 ICT QB . 23.56 3.78 -11.00
O7 ICT QB . 24.71 3.54 -11.80
C3 ICT QB . 23.06 5.24 -11.08
C4 ICT QB . 21.53 5.18 -11.11
C5 ICT QB . 20.83 6.25 -10.29
O3 ICT QB . 21.45 6.80 -9.35
O4 ICT QB . 19.65 6.51 -10.59
C6 ICT QB . 23.63 6.07 -12.23
O5 ICT QB . 23.05 5.95 -13.33
O6 ICT QB . 24.63 6.84 -12.01
C1 EDO RB . 36.18 -8.18 -27.08
O1 EDO RB . 36.60 -6.85 -27.24
C2 EDO RB . 37.13 -8.82 -26.14
O2 EDO RB . 37.97 -9.74 -26.81
C1 PGE SB . 37.20 -16.65 -8.55
O1 PGE SB . 38.61 -16.70 -8.79
C2 PGE SB . 36.49 -17.89 -8.97
O2 PGE SB . 36.47 -18.82 -7.88
C3 PGE SB . 36.89 -20.13 -8.24
C4 PGE SB . 36.77 -21.07 -7.07
O4 PGE SB . 32.72 -21.24 -4.56
C6 PGE SB . 34.08 -21.60 -4.81
C5 PGE SB . 34.56 -21.16 -6.16
O3 PGE SB . 35.86 -20.56 -6.08
MG MG TB . 26.77 4.31 -9.72
CL CL UB . 24.11 -20.22 -2.75
C1 ICT VB . -13.31 -41.61 31.10
O1 ICT VB . -13.88 -41.14 32.10
O2 ICT VB . -13.82 -41.77 29.96
C2 ICT VB . -11.85 -42.03 31.28
O7 ICT VB . -11.11 -41.77 30.09
C3 ICT VB . -11.74 -43.51 31.68
C4 ICT VB . -11.98 -43.73 33.19
C5 ICT VB . -13.23 -44.53 33.54
O3 ICT VB . -14.05 -44.82 32.63
O4 ICT VB . -13.41 -44.86 34.73
C6 ICT VB . -10.39 -44.05 31.19
O5 ICT VB . -9.37 -43.81 31.87
O6 ICT VB . -10.37 -44.67 30.08
C1 EDO WB . -25.19 -45.02 54.56
O1 EDO WB . -26.12 -43.97 54.41
C2 EDO WB . -23.81 -44.51 54.39
O2 EDO WB . -23.02 -45.48 53.74
MG MG XB . -13.04 -41.83 28.04
CL CL YB . -21.54 -17.95 33.00
C1 ICT ZB . 46.94 -24.03 15.99
O1 ICT ZB . 47.89 -23.32 15.63
O2 ICT ZB . 45.78 -23.62 16.27
C2 ICT ZB . 47.20 -25.54 16.12
O7 ICT ZB . 46.03 -26.27 15.80
C3 ICT ZB . 47.67 -25.87 17.56
C4 ICT ZB . 49.20 -26.12 17.61
C5 ICT ZB . 49.91 -25.26 18.64
O3 ICT ZB . 49.22 -24.53 19.39
O4 ICT ZB . 51.16 -25.29 18.70
C6 ICT ZB . 46.82 -26.94 18.26
O5 ICT ZB . 47.04 -28.13 17.99
O6 ICT ZB . 45.91 -26.56 19.05
C1 EDO AC . 57.68 -50.82 15.57
O1 EDO AC . 58.11 -50.43 16.89
C2 EDO AC . 56.99 -52.13 15.54
O2 EDO AC . 56.85 -52.69 16.85
C1 EDO BC . 59.93 -47.53 9.32
O1 EDO BC . 60.67 -46.71 8.43
C2 EDO BC . 58.52 -47.66 8.88
O2 EDO BC . 57.83 -48.68 9.58
MG MG CC . 43.87 -24.42 16.41
CL CL DC . 60.50 -19.53 -5.26
CL CL EC . 47.54 -13.38 -6.84
#